data_8U70
#
_entry.id   8U70
#
_cell.length_a   164.513
_cell.length_b   164.513
_cell.length_c   92.276
_cell.angle_alpha   90.00
_cell.angle_beta   90.00
_cell.angle_gamma   120.00
#
_symmetry.space_group_name_H-M   'P 32'
#
loop_
_entity.id
_entity.type
_entity.pdbx_description
1 polymer 'Antibody RUPA-58 Kappa chain'
2 polymer 'Antibody RUPA-58 Heavy chain'
#
loop_
_entity_poly.entity_id
_entity_poly.type
_entity_poly.pdbx_seq_one_letter_code
_entity_poly.pdbx_strand_id
1 'polypeptide(L)'
;DIQMTQSPSSLSASVGDRVTITCRASQIISTYLNWYQHKPGKAPKLLIKSASTLQSGVPSRFSGSGSGTDFTLTITSLQP
EDFATFYCQQSYRDPITFGQGTRLEIKRTVAAPSVFIFPPSDEQLKSGTASVVCLLNNFYPREAKVQWKVDNALQSGNSQ
ESVTEQDSKDSTYSLSSTLTLSKADYEKHKVYACEVTHQGLSSPVTKSFNRGEC
;
A,C,E,I,K,G
2 'polypeptide(L)'
;QVQLVQSGPEAKKPGASVKVSCQASGYPFSGYYMHWLRQAPGQGLEWMGWMNPNSGGTKYAQRFQGRVTMTRDTSISTAH
MELRGLRSDDTAVYYCARDYCTGSSCYRTDYDYWGQGTLVTVSSASTKGPSVFPLAPSSKSTSGGTAALGCLVKDYFPEP
VTVSWNSGALTSGVHTFPAVLQSSGLYSLSSVVTVPSSSLGTQTYICNVNHKPSNTKVDKKVEPKSC
;
B,D,F,J,L,H
#
# COMPACT_ATOMS: atom_id res chain seq x y z
N ASP A 1 49.07 4.13 -9.99
CA ASP A 1 49.94 5.11 -10.66
C ASP A 1 49.31 6.49 -10.69
N ILE A 2 48.14 6.63 -10.06
CA ILE A 2 47.42 7.89 -10.04
C ILE A 2 47.53 8.49 -8.64
N GLN A 3 48.59 9.25 -8.41
CA GLN A 3 48.80 9.90 -7.12
C GLN A 3 47.71 10.94 -6.87
N MET A 4 47.20 10.97 -5.64
CA MET A 4 46.13 11.87 -5.26
C MET A 4 46.61 12.77 -4.13
N THR A 5 46.60 14.08 -4.38
CA THR A 5 47.06 15.05 -3.40
C THR A 5 45.90 15.96 -2.99
N GLN A 6 45.66 16.06 -1.70
CA GLN A 6 44.62 16.93 -1.15
C GLN A 6 45.25 18.13 -0.47
N SER A 7 44.56 19.26 -0.58
CA SER A 7 45.01 20.48 0.05
C SER A 7 43.85 21.13 0.80
N PRO A 8 44.10 21.59 2.03
CA PRO A 8 45.36 21.54 2.77
C PRO A 8 45.53 20.23 3.55
N SER A 9 46.64 20.13 4.29
CA SER A 9 46.88 18.97 5.14
C SER A 9 45.90 18.93 6.32
N SER A 10 45.65 20.08 6.95
CA SER A 10 44.72 20.15 8.07
C SER A 10 44.24 21.59 8.19
N LEU A 11 42.98 21.76 8.61
CA LEU A 11 42.44 23.10 8.75
C LEU A 11 41.48 23.09 9.94
N SER A 12 41.24 24.28 10.48
CA SER A 12 40.28 24.48 11.57
C SER A 12 39.20 25.47 11.13
N ALA A 13 37.95 25.17 11.48
CA ALA A 13 36.84 26.06 11.16
C ALA A 13 35.75 25.93 12.22
N SER A 14 34.84 26.91 12.24
CA SER A 14 33.78 26.96 13.24
C SER A 14 32.47 26.37 12.70
N VAL A 15 31.45 26.37 13.55
CA VAL A 15 30.15 25.83 13.20
C VAL A 15 29.39 26.87 12.40
N GLY A 16 28.93 26.48 11.21
CA GLY A 16 28.25 27.38 10.31
C GLY A 16 29.12 27.97 9.22
N ASP A 17 30.44 27.80 9.30
CA ASP A 17 31.33 28.35 8.29
C ASP A 17 31.32 27.50 7.04
N ARG A 18 31.58 28.15 5.90
CA ARG A 18 31.78 27.44 4.65
C ARG A 18 33.27 27.21 4.42
N VAL A 19 33.63 25.97 4.12
CA VAL A 19 35.01 25.61 3.83
C VAL A 19 35.05 24.73 2.58
N THR A 20 36.08 24.90 1.77
CA THR A 20 36.33 24.09 0.60
C THR A 20 37.68 23.40 0.73
N ILE A 21 37.76 22.13 0.33
CA ILE A 21 39.03 21.43 0.28
C ILE A 21 39.22 20.93 -1.14
N THR A 22 40.47 20.93 -1.61
CA THR A 22 40.77 20.52 -2.97
C THR A 22 41.37 19.12 -3.00
N CYS A 23 41.26 18.49 -4.17
CA CYS A 23 41.79 17.15 -4.41
C CYS A 23 42.33 17.10 -5.84
N ARG A 24 43.63 16.89 -5.97
CA ARG A 24 44.32 16.92 -7.24
C ARG A 24 44.72 15.52 -7.67
N ALA A 25 44.43 15.18 -8.93
CA ALA A 25 44.83 13.91 -9.51
C ALA A 25 46.10 14.09 -10.34
N SER A 26 46.97 13.08 -10.32
CA SER A 26 48.22 13.15 -11.05
C SER A 26 48.01 13.10 -12.57
N GLN A 27 46.94 12.43 -13.01
CA GLN A 27 46.63 12.35 -14.44
C GLN A 27 45.11 12.47 -14.59
N ILE A 28 44.65 12.36 -15.83
CA ILE A 28 43.24 12.66 -16.13
C ILE A 28 42.34 11.53 -15.65
N ILE A 29 41.44 11.88 -14.74
CA ILE A 29 40.32 11.07 -14.30
C ILE A 29 39.09 11.98 -14.47
N SER A 30 38.18 11.62 -15.37
CA SER A 30 37.13 12.58 -15.73
C SER A 30 36.18 12.95 -14.59
N THR A 31 35.32 12.01 -14.19
CA THR A 31 34.43 12.20 -13.05
C THR A 31 34.45 10.95 -12.16
N TYR A 32 35.48 10.14 -12.26
CA TYR A 32 35.59 8.89 -11.52
C TYR A 32 36.25 9.10 -10.17
N LEU A 33 35.70 10.04 -9.40
CA LEU A 33 36.26 10.43 -8.11
C LEU A 33 35.16 10.42 -7.06
N ASN A 34 35.48 9.86 -5.89
CA ASN A 34 34.55 9.79 -4.78
C ASN A 34 35.14 10.44 -3.53
N TRP A 35 34.26 11.04 -2.74
CA TRP A 35 34.62 11.72 -1.50
C TRP A 35 34.11 10.91 -0.30
N TYR A 36 34.99 10.69 0.67
CA TYR A 36 34.66 9.88 1.84
C TYR A 36 34.88 10.69 3.12
N GLN A 37 33.99 10.51 4.09
CA GLN A 37 34.14 11.05 5.43
C GLN A 37 34.61 9.94 6.36
N HIS A 38 35.60 10.23 7.19
CA HIS A 38 36.21 9.20 8.05
C HIS A 38 36.47 9.76 9.44
N LYS A 39 35.59 9.41 10.40
CA LYS A 39 35.81 9.70 11.80
C LYS A 39 36.70 8.62 12.42
N PRO A 40 37.52 8.97 13.42
CA PRO A 40 38.48 7.99 13.96
C PRO A 40 37.78 6.88 14.75
N GLY A 41 38.23 5.65 14.52
CA GLY A 41 37.66 4.47 15.14
C GLY A 41 36.46 3.89 14.43
N LYS A 42 35.82 4.64 13.55
CA LYS A 42 34.61 4.19 12.87
C LYS A 42 34.91 3.91 11.40
N ALA A 43 33.90 3.41 10.71
CA ALA A 43 34.03 3.13 9.29
C ALA A 43 33.97 4.42 8.47
N PRO A 44 34.61 4.44 7.30
CA PRO A 44 34.40 5.55 6.37
C PRO A 44 32.99 5.53 5.80
N LYS A 45 32.47 6.72 5.50
CA LYS A 45 31.15 6.89 4.93
C LYS A 45 31.27 7.57 3.57
N LEU A 46 30.59 7.04 2.57
CA LEU A 46 30.62 7.63 1.24
C LEU A 46 29.72 8.86 1.22
N LEU A 47 30.28 9.98 0.77
CA LEU A 47 29.59 11.27 0.76
C LEU A 47 29.20 11.73 -0.63
N ILE A 48 30.14 11.69 -1.57
CA ILE A 48 29.95 12.21 -2.92
C ILE A 48 30.45 11.13 -3.87
N LYS A 49 29.60 10.71 -4.79
CA LYS A 49 30.02 9.82 -5.87
C LYS A 49 29.94 10.55 -7.19
N SER A 50 30.75 10.08 -8.16
CA SER A 50 30.89 10.65 -9.50
C SER A 50 31.31 12.12 -9.49
N ALA A 51 31.99 12.53 -8.41
CA ALA A 51 32.65 13.82 -8.18
C ALA A 51 31.69 15.00 -8.02
N SER A 52 30.40 14.80 -8.30
CA SER A 52 29.41 15.86 -8.12
C SER A 52 28.07 15.39 -7.60
N THR A 53 27.83 14.09 -7.46
CA THR A 53 26.51 13.57 -7.09
C THR A 53 26.50 13.17 -5.62
N LEU A 54 25.46 13.59 -4.91
CA LEU A 54 25.38 13.37 -3.47
C LEU A 54 24.89 11.95 -3.19
N GLN A 55 25.47 11.33 -2.17
CA GLN A 55 25.07 10.00 -1.75
C GLN A 55 23.79 10.06 -0.94
N SER A 56 23.02 8.96 -0.96
CA SER A 56 21.77 8.88 -0.23
C SER A 56 22.00 8.97 1.27
N GLY A 57 21.23 9.84 1.93
CA GLY A 57 21.37 10.06 3.35
C GLY A 57 22.31 11.20 3.70
N VAL A 58 23.14 11.65 2.77
CA VAL A 58 24.07 12.75 3.04
C VAL A 58 23.29 14.05 2.98
N PRO A 59 23.43 14.94 3.97
CA PRO A 59 22.69 16.19 3.97
C PRO A 59 23.10 17.13 2.85
N SER A 60 22.22 18.09 2.59
CA SER A 60 22.32 18.99 1.44
C SER A 60 23.46 20.00 1.54
N ARG A 61 24.11 20.13 2.71
CA ARG A 61 25.17 21.12 2.87
C ARG A 61 26.46 20.69 2.17
N PHE A 62 26.61 19.41 1.85
CA PHE A 62 27.77 18.91 1.12
C PHE A 62 27.60 19.13 -0.36
N SER A 63 28.69 19.55 -1.03
CA SER A 63 28.67 19.77 -2.47
C SER A 63 30.05 19.49 -3.04
N GLY A 64 30.06 19.02 -4.28
CA GLY A 64 31.30 18.68 -4.95
C GLY A 64 31.30 19.16 -6.38
N SER A 65 32.50 19.47 -6.87
CA SER A 65 32.66 19.96 -8.23
C SER A 65 34.01 19.53 -8.77
N GLY A 66 34.19 19.67 -10.08
CA GLY A 66 35.47 19.39 -10.71
C GLY A 66 35.47 18.27 -11.72
N SER A 67 36.34 18.39 -12.72
CA SER A 67 36.59 17.32 -13.68
C SER A 67 38.05 17.39 -14.09
N GLY A 68 38.54 16.32 -14.71
CA GLY A 68 39.92 16.29 -15.15
C GLY A 68 40.91 15.99 -14.05
N THR A 69 41.60 17.01 -13.56
CA THR A 69 42.58 16.82 -12.51
C THR A 69 42.23 17.50 -11.20
N ASP A 70 41.44 18.58 -11.23
CA ASP A 70 41.18 19.40 -10.05
C ASP A 70 39.75 19.18 -9.59
N PHE A 71 39.58 18.85 -8.31
CA PHE A 71 38.28 18.56 -7.73
C PHE A 71 38.17 19.26 -6.38
N THR A 72 36.94 19.65 -6.03
CA THR A 72 36.67 20.34 -4.77
C THR A 72 35.52 19.67 -4.04
N LEU A 73 35.57 19.73 -2.71
CA LEU A 73 34.44 19.36 -1.85
C LEU A 73 34.13 20.54 -0.95
N THR A 74 32.86 20.94 -0.90
CA THR A 74 32.45 22.13 -0.19
C THR A 74 31.36 21.77 0.82
N ILE A 75 31.55 22.19 2.07
CA ILE A 75 30.51 22.12 3.09
C ILE A 75 30.14 23.56 3.44
N THR A 76 28.85 23.88 3.33
CA THR A 76 28.40 25.28 3.36
C THR A 76 28.07 25.77 4.77
N SER A 77 27.20 25.06 5.48
CA SER A 77 26.84 25.40 6.85
C SER A 77 27.36 24.28 7.74
N LEU A 78 28.55 24.48 8.30
CA LEU A 78 29.25 23.42 9.01
C LEU A 78 28.52 23.03 10.29
N GLN A 79 28.51 21.73 10.57
CA GLN A 79 27.83 21.15 11.72
C GLN A 79 28.81 20.29 12.49
N PRO A 80 28.62 20.13 13.82
CA PRO A 80 29.57 19.34 14.62
C PRO A 80 29.61 17.85 14.27
N GLU A 81 28.62 17.35 13.53
CA GLU A 81 28.60 15.97 13.07
C GLU A 81 29.22 15.82 11.69
N ASP A 82 29.97 16.81 11.22
CA ASP A 82 30.66 16.74 9.93
C ASP A 82 32.17 16.77 10.06
N PHE A 83 32.71 16.92 11.27
CA PHE A 83 34.15 17.11 11.46
C PHE A 83 34.85 15.76 11.50
N ALA A 84 35.65 15.48 10.47
CA ALA A 84 36.34 14.20 10.35
C ALA A 84 37.55 14.40 9.45
N THR A 85 38.18 13.29 9.05
CA THR A 85 39.23 13.32 8.04
C THR A 85 38.63 12.89 6.71
N PHE A 86 38.82 13.71 5.69
CA PHE A 86 38.18 13.53 4.39
C PHE A 86 39.17 13.02 3.36
N TYR A 87 38.75 12.03 2.58
CA TYR A 87 39.56 11.43 1.53
C TYR A 87 38.87 11.58 0.18
N CYS A 88 39.68 11.76 -0.87
CA CYS A 88 39.20 11.59 -2.23
C CYS A 88 39.83 10.35 -2.84
N GLN A 89 39.09 9.68 -3.72
CA GLN A 89 39.49 8.38 -4.23
C GLN A 89 39.19 8.29 -5.72
N GLN A 90 40.21 7.97 -6.51
CA GLN A 90 40.01 7.75 -7.93
C GLN A 90 39.52 6.33 -8.20
N SER A 91 38.73 6.16 -9.27
CA SER A 91 38.25 4.85 -9.69
C SER A 91 38.37 4.66 -11.21
N TYR A 92 39.24 5.41 -11.86
CA TYR A 92 39.36 5.33 -13.31
C TYR A 92 40.21 4.15 -13.73
N ARG A 93 41.43 4.06 -13.21
CA ARG A 93 42.36 2.99 -13.57
C ARG A 93 42.91 2.32 -12.32
N ASP A 94 43.09 1.00 -12.41
CA ASP A 94 43.75 0.27 -11.34
C ASP A 94 45.25 0.56 -11.34
N PRO A 95 45.89 0.67 -10.17
CA PRO A 95 45.36 0.49 -8.81
C PRO A 95 44.57 1.69 -8.29
N ILE A 96 43.54 1.40 -7.50
CA ILE A 96 42.74 2.44 -6.86
C ILE A 96 43.57 3.14 -5.80
N THR A 97 43.60 4.47 -5.83
CA THR A 97 44.41 5.25 -4.91
C THR A 97 43.58 6.33 -4.24
N PHE A 98 44.01 6.72 -3.05
CA PHE A 98 43.33 7.69 -2.21
C PHE A 98 44.21 8.90 -1.97
N GLY A 99 43.61 9.95 -1.42
CA GLY A 99 44.37 11.06 -0.90
C GLY A 99 44.90 10.75 0.49
N GLN A 100 45.83 11.59 0.95
CA GLN A 100 46.42 11.37 2.27
C GLN A 100 45.44 11.68 3.41
N GLY A 101 44.45 12.52 3.16
CA GLY A 101 43.49 12.90 4.18
C GLY A 101 43.53 14.40 4.44
N THR A 102 42.48 14.87 5.11
CA THR A 102 42.39 16.28 5.51
C THR A 102 41.61 16.33 6.83
N ARG A 103 42.33 16.55 7.94
CA ARG A 103 41.68 16.64 9.24
C ARG A 103 40.90 17.95 9.36
N LEU A 104 39.63 17.82 9.73
CA LEU A 104 38.72 18.96 9.92
C LEU A 104 38.51 19.14 11.41
N GLU A 105 38.81 20.34 11.90
CA GLU A 105 38.83 20.64 13.33
C GLU A 105 37.79 21.70 13.64
N ILE A 106 37.28 21.66 14.87
CA ILE A 106 36.23 22.58 15.30
C ILE A 106 36.88 23.78 15.95
N LYS A 107 36.66 24.97 15.40
CA LYS A 107 37.08 26.17 16.09
C LYS A 107 36.07 26.56 17.16
N ARG A 108 36.59 26.94 18.31
CA ARG A 108 35.81 27.33 19.47
C ARG A 108 36.56 28.44 20.20
N THR A 109 35.93 28.97 21.23
CA THR A 109 36.62 29.92 22.08
C THR A 109 37.77 29.23 22.81
N VAL A 110 38.85 29.96 22.99
CA VAL A 110 40.11 29.39 23.46
C VAL A 110 39.97 29.13 24.95
N ALA A 111 40.35 27.92 25.38
CA ALA A 111 40.12 27.48 26.75
C ALA A 111 41.43 27.09 27.42
N ALA A 112 41.59 27.50 28.67
CA ALA A 112 42.80 27.23 29.44
C ALA A 112 42.78 25.78 29.94
N PRO A 113 43.95 25.13 29.98
CA PRO A 113 44.01 23.75 30.48
C PRO A 113 44.02 23.69 32.01
N SER A 114 43.22 22.78 32.55
CA SER A 114 43.29 22.43 33.96
C SER A 114 44.43 21.45 34.17
N VAL A 115 45.42 21.84 34.98
CA VAL A 115 46.68 21.10 35.09
C VAL A 115 46.66 20.30 36.39
N PHE A 116 46.80 18.97 36.27
CA PHE A 116 46.89 18.08 37.41
C PHE A 116 48.16 17.25 37.27
N ILE A 117 48.78 16.93 38.40
CA ILE A 117 50.01 16.13 38.43
C ILE A 117 49.81 14.93 39.35
N PHE A 118 50.33 13.78 38.97
CA PHE A 118 50.06 12.56 39.73
C PHE A 118 51.36 11.90 40.15
N PRO A 119 51.61 11.75 41.45
CA PRO A 119 52.77 10.99 41.92
C PRO A 119 52.58 9.51 41.62
N PRO A 120 53.66 8.74 41.51
CA PRO A 120 53.53 7.31 41.23
C PRO A 120 52.96 6.56 42.43
N SER A 121 52.10 5.59 42.13
CA SER A 121 51.45 4.78 43.16
C SER A 121 52.49 3.97 43.96
N ASP A 122 52.17 3.79 45.24
CA ASP A 122 53.00 2.96 46.12
C ASP A 122 53.03 1.51 45.65
N GLU A 123 51.96 1.05 44.98
CA GLU A 123 51.95 -0.29 44.39
C GLU A 123 52.97 -0.41 43.26
N GLN A 124 53.20 0.67 42.51
CA GLN A 124 54.22 0.66 41.47
C GLN A 124 55.63 0.75 42.05
N LEU A 125 55.80 1.47 43.15
CA LEU A 125 57.14 1.61 43.73
C LEU A 125 57.64 0.31 44.34
N LYS A 126 56.75 -0.54 44.86
CA LYS A 126 57.18 -1.86 45.32
C LYS A 126 57.53 -2.77 44.15
N SER A 127 57.04 -2.47 42.94
CA SER A 127 57.45 -3.17 41.72
C SER A 127 58.74 -2.60 41.14
N GLY A 128 59.31 -1.57 41.74
CA GLY A 128 60.61 -1.06 41.34
C GLY A 128 60.62 0.00 40.26
N THR A 129 59.45 0.48 39.82
CA THR A 129 59.38 1.51 38.80
C THR A 129 58.52 2.66 39.29
N ALA A 130 58.64 3.80 38.61
CA ALA A 130 57.93 5.02 38.98
C ALA A 130 57.52 5.79 37.74
N SER A 131 56.25 6.16 37.66
CA SER A 131 55.72 6.95 36.56
C SER A 131 54.97 8.15 37.14
N VAL A 132 55.47 9.35 36.87
CA VAL A 132 54.82 10.59 37.26
C VAL A 132 54.00 11.09 36.09
N VAL A 133 52.75 11.47 36.35
CA VAL A 133 51.77 11.75 35.31
C VAL A 133 51.27 13.18 35.45
N CYS A 134 51.35 13.96 34.37
CA CYS A 134 50.77 15.29 34.31
C CYS A 134 49.57 15.29 33.38
N LEU A 135 48.45 15.84 33.84
CA LEU A 135 47.21 15.86 33.08
C LEU A 135 46.85 17.28 32.71
N LEU A 136 46.58 17.50 31.43
CA LEU A 136 46.08 18.76 30.90
C LEU A 136 44.65 18.52 30.43
N ASN A 137 43.71 19.31 30.93
CA ASN A 137 42.29 19.00 30.76
C ASN A 137 41.53 20.15 30.12
N ASN A 138 40.76 19.83 29.07
CA ASN A 138 39.73 20.68 28.48
C ASN A 138 40.29 22.01 27.97
N PHE A 139 41.16 21.91 26.97
CA PHE A 139 41.77 23.09 26.36
C PHE A 139 41.56 23.08 24.85
N TYR A 140 41.77 24.26 24.26
CA TYR A 140 41.71 24.51 22.84
C TYR A 140 42.66 25.66 22.61
N PRO A 141 43.53 25.60 21.58
CA PRO A 141 43.69 24.53 20.59
C PRO A 141 44.56 23.37 21.03
N ARG A 142 44.86 22.48 20.08
CA ARG A 142 45.55 21.23 20.37
C ARG A 142 47.00 21.45 20.77
N GLU A 143 47.62 22.51 20.28
CA GLU A 143 49.04 22.73 20.56
C GLU A 143 49.24 23.24 21.99
N ALA A 144 49.94 22.43 22.78
CA ALA A 144 50.38 22.80 24.11
C ALA A 144 51.70 22.09 24.36
N LYS A 145 52.61 22.78 25.04
CA LYS A 145 53.96 22.25 25.28
C LYS A 145 54.13 21.98 26.77
N VAL A 146 54.57 20.76 27.09
CA VAL A 146 54.77 20.32 28.47
C VAL A 146 56.25 20.05 28.68
N GLN A 147 56.78 20.53 29.80
CA GLN A 147 58.18 20.33 30.14
C GLN A 147 58.28 19.89 31.59
N TRP A 148 59.02 18.80 31.82
CA TRP A 148 59.26 18.28 33.17
C TRP A 148 60.56 18.84 33.70
N LYS A 149 60.54 19.31 34.94
CA LYS A 149 61.76 19.72 35.63
C LYS A 149 61.77 19.09 37.01
N VAL A 150 62.91 18.53 37.41
CA VAL A 150 63.07 18.03 38.77
C VAL A 150 64.22 18.80 39.42
N ASP A 151 63.91 19.45 40.54
CA ASP A 151 64.83 20.33 41.28
C ASP A 151 65.42 21.42 40.39
N ASN A 152 64.55 22.00 39.55
CA ASN A 152 64.89 22.99 38.53
C ASN A 152 65.97 22.49 37.56
N ALA A 153 65.95 21.19 37.28
CA ALA A 153 66.75 20.60 36.21
C ALA A 153 65.78 19.91 35.27
N LEU A 154 65.58 20.51 34.09
CA LEU A 154 64.60 20.00 33.15
C LEU A 154 65.07 18.69 32.52
N GLN A 155 64.13 17.77 32.34
CA GLN A 155 64.42 16.45 31.83
C GLN A 155 64.30 16.41 30.31
N SER A 156 64.89 15.38 29.71
CA SER A 156 64.94 15.26 28.26
C SER A 156 65.14 13.80 27.89
N GLY A 157 64.29 13.30 27.00
CA GLY A 157 64.43 11.94 26.51
C GLY A 157 63.94 10.87 27.45
N ASN A 158 63.11 11.22 28.43
CA ASN A 158 62.55 10.22 29.33
C ASN A 158 61.06 10.43 29.59
N SER A 159 60.39 11.23 28.77
CA SER A 159 58.98 11.54 28.97
C SER A 159 58.21 11.31 27.67
N GLN A 160 57.03 10.71 27.80
CA GLN A 160 56.16 10.43 26.66
C GLN A 160 54.81 11.06 26.89
N GLU A 161 54.25 11.65 25.85
CA GLU A 161 52.98 12.36 25.93
C GLU A 161 52.00 11.86 24.89
N SER A 162 50.71 11.90 25.26
CA SER A 162 49.61 11.54 24.37
C SER A 162 48.49 12.55 24.55
N VAL A 163 47.79 12.82 23.45
CA VAL A 163 46.68 13.78 23.45
C VAL A 163 45.43 13.06 22.94
N THR A 164 44.30 13.33 23.59
CA THR A 164 43.03 12.71 23.21
C THR A 164 42.55 13.24 21.87
N GLU A 165 41.56 12.55 21.32
CA GLU A 165 40.81 13.11 20.21
C GLU A 165 39.96 14.29 20.67
N GLN A 166 39.56 15.12 19.72
CA GLN A 166 38.70 16.25 20.00
C GLN A 166 37.34 15.78 20.51
N ASP A 167 36.94 16.32 21.65
CA ASP A 167 35.68 15.96 22.29
C ASP A 167 34.49 16.37 21.44
N SER A 168 33.36 15.68 21.65
CA SER A 168 32.17 15.91 20.85
C SER A 168 31.19 16.88 21.49
N LYS A 169 31.30 17.12 22.80
CA LYS A 169 30.43 18.08 23.47
C LYS A 169 31.01 19.49 23.47
N ASP A 170 32.21 19.67 24.04
CA ASP A 170 32.81 20.99 24.17
C ASP A 170 33.94 21.26 23.19
N SER A 171 34.26 20.31 22.30
CA SER A 171 35.28 20.45 21.25
C SER A 171 36.67 20.79 21.82
N THR A 172 36.99 20.19 22.97
CA THR A 172 38.25 20.44 23.65
C THR A 172 39.17 19.23 23.53
N TYR A 173 40.41 19.41 23.98
CA TYR A 173 41.42 18.37 23.99
C TYR A 173 41.86 18.09 25.41
N SER A 174 42.52 16.95 25.58
CA SER A 174 43.15 16.60 26.85
C SER A 174 44.48 15.91 26.54
N LEU A 175 45.50 16.24 27.33
CA LEU A 175 46.84 15.74 27.10
C LEU A 175 47.39 15.13 28.39
N SER A 176 48.11 14.02 28.26
CA SER A 176 48.76 13.36 29.38
C SER A 176 50.21 13.09 29.03
N SER A 177 51.12 13.76 29.73
CA SER A 177 52.56 13.54 29.61
C SER A 177 53.04 12.74 30.81
N THR A 178 53.77 11.67 30.56
CA THR A 178 54.16 10.71 31.60
C THR A 178 55.67 10.60 31.66
N LEU A 179 56.25 11.06 32.76
CA LEU A 179 57.69 10.94 33.01
C LEU A 179 57.97 9.64 33.75
N THR A 180 58.89 8.84 33.22
CA THR A 180 59.17 7.50 33.73
C THR A 180 60.59 7.43 34.26
N LEU A 181 60.72 7.01 35.52
CA LEU A 181 62.01 6.84 36.18
C LEU A 181 62.07 5.46 36.81
N SER A 182 63.24 5.13 37.36
CA SER A 182 63.39 3.97 38.22
C SER A 182 63.03 4.34 39.66
N LYS A 183 63.00 3.33 40.53
CA LYS A 183 62.68 3.58 41.94
C LYS A 183 63.81 4.34 42.62
N ALA A 184 65.06 4.02 42.29
CA ALA A 184 66.19 4.71 42.88
C ALA A 184 66.28 6.15 42.37
N ASP A 185 65.93 6.37 41.10
CA ASP A 185 65.87 7.73 40.57
C ASP A 185 64.73 8.54 41.19
N TYR A 186 63.60 7.89 41.51
CA TYR A 186 62.45 8.61 42.04
C TYR A 186 62.69 9.05 43.48
N GLU A 187 63.22 8.15 44.31
CA GLU A 187 63.43 8.46 45.72
C GLU A 187 64.71 9.24 45.96
N LYS A 188 65.41 9.64 44.91
CA LYS A 188 66.61 10.46 45.00
C LYS A 188 66.33 11.96 44.96
N HIS A 189 65.17 12.38 44.48
CA HIS A 189 64.86 13.79 44.33
C HIS A 189 63.60 14.16 45.12
N LYS A 190 63.42 15.46 45.33
CA LYS A 190 62.27 15.98 46.07
C LYS A 190 61.23 16.65 45.18
N VAL A 191 61.62 17.65 44.40
CA VAL A 191 60.65 18.46 43.67
C VAL A 191 60.42 17.84 42.31
N TYR A 192 59.16 17.63 41.96
CA TYR A 192 58.76 17.06 40.68
C TYR A 192 57.71 18.00 40.10
N ALA A 193 58.06 18.71 39.03
CA ALA A 193 57.25 19.81 38.55
C ALA A 193 56.90 19.60 37.07
N CYS A 194 55.74 20.15 36.69
CA CYS A 194 55.21 20.04 35.33
C CYS A 194 54.86 21.43 34.85
N GLU A 195 55.60 21.92 33.85
CA GLU A 195 55.40 23.25 33.30
C GLU A 195 54.58 23.15 32.02
N VAL A 196 53.59 24.03 31.89
CA VAL A 196 52.64 24.00 30.78
C VAL A 196 52.69 25.34 30.05
N THR A 197 52.85 25.29 28.73
CA THR A 197 52.75 26.47 27.88
C THR A 197 51.61 26.21 26.90
N HIS A 198 50.57 27.02 26.99
CA HIS A 198 49.40 26.91 26.13
C HIS A 198 49.04 28.29 25.59
N GLN A 199 48.34 28.32 24.46
CA GLN A 199 47.99 29.59 23.82
C GLN A 199 46.98 30.38 24.67
N GLY A 200 46.10 29.69 25.39
CA GLY A 200 45.18 30.37 26.28
C GLY A 200 45.69 30.45 27.70
N LEU A 201 46.98 30.78 27.85
CA LEU A 201 47.63 30.71 29.15
C LEU A 201 48.66 31.85 29.18
N SER A 202 48.42 32.83 30.06
CA SER A 202 49.26 34.02 30.15
C SER A 202 50.69 33.72 30.57
N SER A 203 50.87 33.26 31.80
CA SER A 203 52.13 32.82 32.33
C SER A 203 52.15 31.29 32.39
N PRO A 204 53.29 30.66 32.11
CA PRO A 204 53.37 29.20 32.17
C PRO A 204 53.14 28.67 33.57
N VAL A 205 52.12 27.82 33.71
CA VAL A 205 51.72 27.27 35.00
C VAL A 205 52.63 26.10 35.35
N THR A 206 53.15 26.10 36.57
CA THR A 206 53.99 25.01 37.07
C THR A 206 53.26 24.35 38.22
N LYS A 207 52.86 23.09 38.03
CA LYS A 207 52.22 22.29 39.06
C LYS A 207 53.24 21.29 39.58
N SER A 208 53.33 21.13 40.89
CA SER A 208 54.41 20.33 41.46
C SER A 208 53.98 19.64 42.74
N PHE A 209 54.83 18.70 43.19
CA PHE A 209 54.68 18.02 44.46
C PHE A 209 56.06 17.65 44.97
N ASN A 210 56.12 17.25 46.25
CA ASN A 210 57.39 17.04 46.95
C ASN A 210 57.40 15.68 47.65
N ARG A 211 57.18 14.62 46.88
CA ARG A 211 57.36 13.26 47.39
C ARG A 211 58.05 12.37 46.35
N ASP B 1 -21.34 28.59 29.33
CA ASP B 1 -21.02 27.52 30.29
C ASP B 1 -21.76 26.24 29.94
N ILE B 2 -22.48 26.24 28.83
CA ILE B 2 -23.24 25.06 28.40
C ILE B 2 -22.54 24.40 27.22
N GLN B 3 -21.60 23.50 27.51
CA GLN B 3 -20.91 22.76 26.47
C GLN B 3 -21.85 21.82 25.71
N MET B 4 -21.67 21.75 24.40
CA MET B 4 -22.46 20.89 23.52
C MET B 4 -21.50 19.93 22.84
N THR B 5 -21.72 18.64 23.04
CA THR B 5 -20.87 17.59 22.49
C THR B 5 -21.66 16.76 21.51
N GLN B 6 -21.14 16.62 20.29
CA GLN B 6 -21.78 15.82 19.27
C GLN B 6 -21.02 14.52 19.07
N SER B 7 -21.75 13.44 18.81
CA SER B 7 -21.14 12.15 18.56
C SER B 7 -21.77 11.54 17.31
N PRO B 8 -20.96 10.98 16.39
CA PRO B 8 -19.50 10.89 16.42
C PRO B 8 -18.81 12.15 15.90
N SER B 9 -17.48 12.15 15.87
CA SER B 9 -16.75 13.25 15.27
C SER B 9 -16.98 13.34 13.77
N SER B 10 -17.04 12.19 13.10
CA SER B 10 -17.26 12.12 11.67
C SER B 10 -17.82 10.74 11.35
N LEU B 11 -18.63 10.67 10.30
CA LEU B 11 -19.28 9.42 9.92
C LEU B 11 -19.33 9.31 8.40
N SER B 12 -19.32 8.06 7.91
CA SER B 12 -19.41 7.75 6.50
C SER B 12 -20.63 6.88 6.25
N ALA B 13 -21.37 7.19 5.18
CA ALA B 13 -22.52 6.38 4.81
C ALA B 13 -22.78 6.50 3.30
N SER B 14 -23.59 5.58 2.80
CA SER B 14 -23.92 5.54 1.39
C SER B 14 -25.26 6.23 1.16
N VAL B 15 -25.69 6.24 -0.10
CA VAL B 15 -26.92 6.93 -0.47
C VAL B 15 -28.10 6.01 -0.17
N GLY B 16 -29.06 6.52 0.61
CA GLY B 16 -30.21 5.75 1.03
C GLY B 16 -30.10 5.15 2.42
N ASP B 17 -28.92 5.18 3.03
CA ASP B 17 -28.74 4.60 4.36
C ASP B 17 -29.33 5.51 5.43
N ARG B 18 -29.74 4.89 6.53
CA ARG B 18 -30.25 5.61 7.68
C ARG B 18 -29.11 5.89 8.66
N VAL B 19 -28.95 7.15 9.07
CA VAL B 19 -27.91 7.54 10.00
C VAL B 19 -28.52 8.39 11.11
N THR B 20 -28.02 8.20 12.32
CA THR B 20 -28.37 9.02 13.47
C THR B 20 -27.09 9.58 14.09
N ILE B 21 -27.12 10.86 14.47
CA ILE B 21 -26.02 11.46 15.20
C ILE B 21 -26.59 12.03 16.49
N THR B 22 -25.82 11.96 17.57
CA THR B 22 -26.29 12.41 18.87
C THR B 22 -25.66 13.75 19.24
N CYS B 23 -26.32 14.46 20.14
CA CYS B 23 -25.86 15.75 20.65
C CYS B 23 -26.21 15.82 22.13
N ARG B 24 -25.19 15.85 22.98
CA ARG B 24 -25.37 15.85 24.43
C ARG B 24 -25.08 17.24 24.99
N ALA B 25 -25.98 17.72 25.84
CA ALA B 25 -25.83 19.01 26.50
C ALA B 25 -25.22 18.81 27.88
N SER B 26 -24.40 19.78 28.30
CA SER B 26 -23.71 19.69 29.58
C SER B 26 -24.69 19.80 30.75
N GLN B 27 -25.80 20.51 30.58
CA GLN B 27 -26.83 20.62 31.59
C GLN B 27 -28.18 20.59 30.91
N ILE B 28 -29.24 20.69 31.70
CA ILE B 28 -30.59 20.48 31.18
C ILE B 28 -31.05 21.69 30.39
N ILE B 29 -31.45 21.44 29.15
CA ILE B 29 -32.17 22.38 28.30
C ILE B 29 -33.43 21.60 27.93
N SER B 30 -34.57 22.27 27.79
CA SER B 30 -35.78 21.47 27.66
C SER B 30 -35.94 20.88 26.26
N THR B 31 -36.25 21.74 25.29
CA THR B 31 -36.32 21.44 23.87
C THR B 31 -35.77 22.61 23.08
N TYR B 32 -34.93 23.42 23.73
CA TYR B 32 -34.39 24.64 23.16
C TYR B 32 -33.13 24.35 22.35
N LEU B 33 -33.24 23.43 21.41
CA LEU B 33 -32.11 22.98 20.61
C LEU B 33 -32.49 23.04 19.13
N ASN B 34 -31.58 23.54 18.31
CA ASN B 34 -31.78 23.65 16.88
C ASN B 34 -30.65 22.92 16.14
N TRP B 35 -30.99 22.35 14.99
CA TRP B 35 -30.05 21.62 14.15
C TRP B 35 -29.76 22.42 12.89
N TYR B 36 -28.48 22.56 12.56
CA TYR B 36 -28.03 23.32 11.41
C TYR B 36 -27.21 22.44 10.47
N GLN B 37 -27.41 22.63 9.17
CA GLN B 37 -26.56 22.04 8.14
C GLN B 37 -25.61 23.10 7.62
N HIS B 38 -24.33 22.73 7.48
CA HIS B 38 -23.28 23.67 7.09
C HIS B 38 -22.39 23.01 6.05
N LYS B 39 -22.60 23.37 4.79
CA LYS B 39 -21.73 22.97 3.70
C LYS B 39 -20.53 23.91 3.64
N PRO B 40 -19.36 23.42 3.23
CA PRO B 40 -18.17 24.27 3.27
C PRO B 40 -18.22 25.38 2.22
N GLY B 41 -17.85 26.59 2.64
CA GLY B 41 -17.93 27.75 1.78
C GLY B 41 -19.27 28.44 1.75
N LYS B 42 -20.32 27.79 2.23
CA LYS B 42 -21.69 28.30 2.17
C LYS B 42 -22.16 28.72 3.55
N ALA B 43 -23.34 29.33 3.59
CA ALA B 43 -23.96 29.73 4.84
C ALA B 43 -24.57 28.51 5.55
N PRO B 44 -24.68 28.57 6.88
CA PRO B 44 -25.46 27.53 7.58
C PRO B 44 -26.94 27.59 7.26
N LYS B 45 -27.57 26.43 7.27
CA LYS B 45 -28.99 26.27 6.96
C LYS B 45 -29.70 25.67 8.17
N LEU B 46 -30.81 26.29 8.59
CA LEU B 46 -31.58 25.78 9.72
C LEU B 46 -32.41 24.59 9.28
N LEU B 47 -32.30 23.48 10.02
CA LEU B 47 -32.96 22.24 9.65
C LEU B 47 -34.12 21.87 10.55
N ILE B 48 -33.91 21.85 11.86
CA ILE B 48 -34.93 21.45 12.83
C ILE B 48 -34.91 22.45 13.97
N LYS B 49 -36.07 23.01 14.29
CA LYS B 49 -36.23 23.87 15.47
C LYS B 49 -37.07 23.14 16.51
N SER B 50 -36.91 23.56 17.77
CA SER B 50 -37.56 22.99 18.96
C SER B 50 -37.26 21.50 19.15
N ALA B 51 -36.13 21.04 18.60
CA ALA B 51 -35.50 19.73 18.76
C ALA B 51 -36.27 18.58 18.10
N SER B 52 -37.50 18.83 17.65
CA SER B 52 -38.27 17.82 16.95
C SER B 52 -39.11 18.35 15.79
N THR B 53 -39.19 19.66 15.58
CA THR B 53 -40.07 20.24 14.58
C THR B 53 -39.26 20.64 13.35
N LEU B 54 -39.76 20.27 12.17
CA LEU B 54 -39.04 20.47 10.93
C LEU B 54 -39.18 21.90 10.42
N GLN B 55 -38.10 22.44 9.88
CA GLN B 55 -38.10 23.78 9.31
C GLN B 55 -38.75 23.76 7.93
N SER B 56 -39.32 24.90 7.54
CA SER B 56 -39.97 25.03 6.24
C SER B 56 -38.93 24.93 5.12
N GLY B 57 -39.23 24.12 4.11
CA GLY B 57 -38.34 23.86 3.00
C GLY B 57 -37.44 22.65 3.18
N VAL B 58 -37.31 22.15 4.40
CA VAL B 58 -36.50 20.96 4.67
C VAL B 58 -37.32 19.73 4.33
N PRO B 59 -36.78 18.77 3.57
CA PRO B 59 -37.55 17.58 3.21
C PRO B 59 -37.85 16.69 4.41
N SER B 60 -38.83 15.80 4.21
CA SER B 60 -39.43 14.98 5.25
C SER B 60 -38.51 13.91 5.81
N ARG B 61 -37.36 13.63 5.19
CA ARG B 61 -36.50 12.57 5.68
C ARG B 61 -35.75 12.96 6.94
N PHE B 62 -35.64 14.26 7.23
CA PHE B 62 -34.98 14.71 8.44
C PHE B 62 -35.96 14.65 9.60
N SER B 63 -35.48 14.20 10.76
CA SER B 63 -36.30 14.09 11.95
C SER B 63 -35.41 14.25 13.17
N GLY B 64 -35.99 14.78 14.24
CA GLY B 64 -35.25 15.03 15.46
C GLY B 64 -36.04 14.58 16.67
N SER B 65 -35.30 14.18 17.70
CA SER B 65 -35.91 13.71 18.93
C SER B 65 -34.99 14.05 20.09
N GLY B 66 -35.54 13.94 21.30
CA GLY B 66 -34.77 14.14 22.50
C GLY B 66 -35.22 15.33 23.34
N SER B 67 -35.07 15.20 24.65
CA SER B 67 -35.30 16.32 25.56
C SER B 67 -34.32 16.17 26.71
N GLY B 68 -34.16 17.25 27.48
CA GLY B 68 -33.26 17.22 28.60
C GLY B 68 -31.81 17.40 28.22
N THR B 69 -31.03 16.31 28.21
CA THR B 69 -29.62 16.42 27.89
C THR B 69 -29.23 15.72 26.60
N ASP B 70 -29.96 14.68 26.19
CA ASP B 70 -29.57 13.86 25.06
C ASP B 70 -30.53 14.12 23.90
N PHE B 71 -29.96 14.42 22.73
CA PHE B 71 -30.73 14.75 21.54
C PHE B 71 -30.15 14.00 20.34
N THR B 72 -31.02 13.68 19.38
CA THR B 72 -30.64 12.95 18.18
C THR B 72 -31.14 13.66 16.94
N LEU B 73 -30.39 13.50 15.85
CA LEU B 73 -30.79 13.91 14.51
C LEU B 73 -30.75 12.70 13.60
N THR B 74 -31.84 12.45 12.88
CA THR B 74 -31.99 11.25 12.06
C THR B 74 -32.33 11.62 10.62
N ILE B 75 -31.55 11.10 9.67
CA ILE B 75 -31.89 11.12 8.24
C ILE B 75 -32.09 9.68 7.79
N THR B 76 -33.24 9.41 7.18
CA THR B 76 -33.73 8.05 6.93
C THR B 76 -33.25 7.52 5.58
N SER B 77 -33.53 8.24 4.50
CA SER B 77 -33.08 7.87 3.16
C SER B 77 -32.11 8.93 2.68
N LEU B 78 -30.82 8.67 2.84
CA LEU B 78 -29.77 9.66 2.60
C LEU B 78 -29.68 10.02 1.12
N GLN B 79 -29.45 11.32 0.87
CA GLN B 79 -29.40 11.93 -0.45
C GLN B 79 -28.09 12.68 -0.62
N PRO B 80 -27.61 12.85 -1.86
CA PRO B 80 -26.32 13.55 -2.05
C PRO B 80 -26.35 15.03 -1.70
N GLU B 81 -27.53 15.63 -1.53
CA GLU B 81 -27.60 17.03 -1.09
C GLU B 81 -27.74 17.16 0.42
N ASP B 82 -27.42 16.11 1.17
CA ASP B 82 -27.48 16.15 2.63
C ASP B 82 -26.12 15.99 3.29
N PHE B 83 -25.05 15.76 2.53
CA PHE B 83 -23.75 15.48 3.12
C PHE B 83 -23.03 16.78 3.43
N ALA B 84 -22.90 17.10 4.72
CA ALA B 84 -22.30 18.34 5.18
C ALA B 84 -21.81 18.13 6.61
N THR B 85 -21.42 19.22 7.26
CA THR B 85 -21.13 19.21 8.69
C THR B 85 -22.33 19.76 9.45
N PHE B 86 -22.81 19.00 10.43
CA PHE B 86 -24.04 19.29 11.14
C PHE B 86 -23.73 19.82 12.53
N TYR B 87 -24.46 20.86 12.93
CA TYR B 87 -24.30 21.47 14.24
C TYR B 87 -25.61 21.43 15.02
N CYS B 88 -25.51 21.25 16.33
CA CYS B 88 -26.61 21.48 17.25
C CYS B 88 -26.32 22.72 18.08
N GLN B 89 -27.39 23.45 18.42
CA GLN B 89 -27.26 24.75 19.09
C GLN B 89 -28.33 24.90 20.15
N GLN B 90 -27.90 25.15 21.38
CA GLN B 90 -28.83 25.43 22.46
C GLN B 90 -29.24 26.91 22.44
N SER B 91 -30.44 27.17 22.95
CA SER B 91 -30.95 28.54 23.07
C SER B 91 -31.59 28.77 24.44
N TYR B 92 -31.21 27.98 25.44
CA TYR B 92 -31.83 28.06 26.75
C TYR B 92 -31.27 29.23 27.56
N ARG B 93 -29.95 29.28 27.72
CA ARG B 93 -29.28 30.31 28.50
C ARG B 93 -28.13 30.92 27.71
N ASP B 94 -27.94 32.22 27.92
CA ASP B 94 -26.78 32.89 27.35
C ASP B 94 -25.52 32.45 28.10
N PRO B 95 -24.39 32.29 27.39
CA PRO B 95 -24.13 32.49 25.96
C PRO B 95 -24.65 31.36 25.08
N ILE B 96 -25.05 31.69 23.86
CA ILE B 96 -25.48 30.68 22.90
C ILE B 96 -24.27 29.83 22.50
N THR B 97 -24.41 28.52 22.58
CA THR B 97 -23.28 27.65 22.30
C THR B 97 -23.68 26.58 21.30
N PHE B 98 -22.68 26.12 20.55
CA PHE B 98 -22.86 25.14 19.49
C PHE B 98 -22.06 23.89 19.79
N GLY B 99 -22.35 22.83 19.04
CA GLY B 99 -21.50 21.66 19.05
C GLY B 99 -20.30 21.83 18.15
N GLN B 100 -19.34 20.92 18.30
CA GLN B 100 -18.12 20.99 17.49
C GLN B 100 -18.38 20.59 16.04
N GLY B 101 -19.42 19.79 15.78
CA GLY B 101 -19.76 19.38 14.44
C GLY B 101 -19.64 17.88 14.25
N THR B 102 -20.19 17.43 13.12
CA THR B 102 -20.12 16.03 12.71
C THR B 102 -20.05 16.01 11.19
N ARG B 103 -18.86 15.78 10.64
CA ARG B 103 -18.69 15.72 9.21
C ARG B 103 -19.32 14.43 8.67
N LEU B 104 -20.18 14.58 7.66
CA LEU B 104 -20.85 13.45 7.03
C LEU B 104 -20.23 13.19 5.67
N GLU B 105 -19.78 11.96 5.44
CA GLU B 105 -19.02 11.58 4.27
C GLU B 105 -19.81 10.59 3.44
N ILE B 106 -19.54 10.56 2.14
CA ILE B 106 -20.26 9.68 1.21
C ILE B 106 -19.44 8.41 1.06
N LYS B 107 -20.04 7.27 1.42
CA LYS B 107 -19.39 6.00 1.17
C LYS B 107 -19.64 5.56 -0.27
N ARG B 108 -18.59 5.07 -0.92
CA ARG B 108 -18.63 4.64 -2.31
C ARG B 108 -17.67 3.48 -2.51
N THR B 109 -17.63 2.99 -3.74
CA THR B 109 -16.68 1.96 -4.14
C THR B 109 -15.26 2.51 -4.02
N VAL B 110 -14.33 1.64 -3.62
CA VAL B 110 -12.97 2.06 -3.30
C VAL B 110 -12.24 2.38 -4.60
N ALA B 111 -11.60 3.54 -4.66
CA ALA B 111 -11.01 4.03 -5.90
C ALA B 111 -9.52 4.30 -5.70
N ALA B 112 -8.71 3.85 -6.66
CA ALA B 112 -7.26 4.03 -6.64
C ALA B 112 -6.90 5.45 -7.08
N PRO B 113 -5.87 6.06 -6.48
CA PRO B 113 -5.46 7.41 -6.89
C PRO B 113 -4.63 7.38 -8.17
N SER B 114 -4.95 8.31 -9.05
CA SER B 114 -4.12 8.56 -10.22
C SER B 114 -2.93 9.41 -9.80
N VAL B 115 -1.72 8.86 -9.94
CA VAL B 115 -0.53 9.47 -9.37
C VAL B 115 0.23 10.18 -10.48
N PHE B 116 0.39 11.50 -10.32
CA PHE B 116 1.15 12.35 -11.22
C PHE B 116 2.25 13.06 -10.45
N ILE B 117 3.39 13.25 -11.09
CA ILE B 117 4.51 13.95 -10.50
C ILE B 117 4.93 15.05 -11.47
N PHE B 118 5.33 16.20 -10.92
CA PHE B 118 5.64 17.38 -11.70
C PHE B 118 7.04 17.84 -11.31
N PRO B 119 8.00 17.86 -12.24
CA PRO B 119 9.30 18.48 -11.95
C PRO B 119 9.13 19.98 -11.77
N PRO B 120 10.05 20.65 -11.06
CA PRO B 120 9.88 22.10 -10.85
C PRO B 120 10.12 22.86 -12.14
N SER B 121 9.29 23.88 -12.35
CA SER B 121 9.37 24.71 -13.54
C SER B 121 10.70 25.44 -13.62
N ASP B 122 11.21 25.60 -14.85
CA ASP B 122 12.44 26.36 -15.06
C ASP B 122 12.27 27.83 -14.69
N GLU B 123 11.04 28.35 -14.78
CA GLU B 123 10.77 29.71 -14.33
C GLU B 123 10.96 29.85 -12.82
N GLN B 124 10.63 28.80 -12.06
CA GLN B 124 10.88 28.82 -10.62
C GLN B 124 12.36 28.61 -10.31
N LEU B 125 13.03 27.76 -11.10
CA LEU B 125 14.43 27.46 -10.87
C LEU B 125 15.33 28.65 -11.16
N LYS B 126 14.97 29.50 -12.12
CA LYS B 126 15.73 30.73 -12.33
C LYS B 126 15.50 31.74 -11.22
N SER B 127 14.42 31.60 -10.45
CA SER B 127 14.19 32.40 -9.26
C SER B 127 14.90 31.84 -8.04
N GLY B 128 15.62 30.73 -8.17
CA GLY B 128 16.45 30.19 -7.12
C GLY B 128 15.78 29.19 -6.19
N THR B 129 14.55 28.79 -6.46
CA THR B 129 13.85 27.80 -5.65
C THR B 129 13.31 26.69 -6.53
N ALA B 130 12.96 25.57 -5.91
CA ALA B 130 12.47 24.40 -6.63
C ALA B 130 11.38 23.72 -5.84
N SER B 131 10.25 23.45 -6.49
CA SER B 131 9.13 22.76 -5.86
C SER B 131 8.70 21.60 -6.74
N VAL B 132 8.86 20.38 -6.22
CA VAL B 132 8.38 19.18 -6.88
C VAL B 132 7.01 18.82 -6.31
N VAL B 133 6.04 18.54 -7.19
CA VAL B 133 4.65 18.40 -6.80
C VAL B 133 4.17 17.00 -7.19
N CYS B 134 3.59 16.28 -6.23
CA CYS B 134 2.98 14.99 -6.48
C CYS B 134 1.46 15.11 -6.36
N LEU B 135 0.74 14.64 -7.37
CA LEU B 135 -0.72 14.75 -7.43
C LEU B 135 -1.35 13.37 -7.35
N LEU B 136 -2.30 13.22 -6.44
CA LEU B 136 -3.14 12.03 -6.33
C LEU B 136 -4.55 12.45 -6.72
N ASN B 137 -5.15 11.75 -7.67
CA ASN B 137 -6.38 12.21 -8.29
C ASN B 137 -7.47 11.15 -8.20
N ASN B 138 -8.65 11.58 -7.72
CA ASN B 138 -9.91 10.84 -7.79
C ASN B 138 -9.84 9.48 -7.08
N PHE B 139 -9.65 9.51 -5.76
CA PHE B 139 -9.57 8.30 -4.97
C PHE B 139 -10.56 8.34 -3.83
N TYR B 140 -10.81 7.14 -3.26
CA TYR B 140 -11.65 6.94 -2.08
C TYR B 140 -11.13 5.66 -1.42
N PRO B 141 -10.97 5.63 -0.09
CA PRO B 141 -11.29 6.67 0.91
C PRO B 141 -10.20 7.70 1.12
N ARG B 142 -10.41 8.55 2.14
CA ARG B 142 -9.59 9.73 2.36
C ARG B 142 -8.19 9.36 2.87
N GLU B 143 -8.03 8.20 3.50
CA GLU B 143 -6.75 7.80 4.07
C GLU B 143 -5.77 7.45 2.96
N ALA B 144 -4.71 8.25 2.84
CA ALA B 144 -3.62 7.95 1.92
C ALA B 144 -2.33 8.56 2.48
N LYS B 145 -1.22 7.83 2.30
CA LYS B 145 0.10 8.26 2.77
C LYS B 145 1.00 8.56 1.59
N VAL B 146 1.58 9.76 1.59
CA VAL B 146 2.53 10.17 0.57
C VAL B 146 3.88 10.31 1.25
N GLN B 147 4.92 9.75 0.64
CA GLN B 147 6.25 9.83 1.21
C GLN B 147 7.22 10.17 0.09
N TRP B 148 8.03 11.20 0.32
CA TRP B 148 9.02 11.62 -0.65
C TRP B 148 10.34 10.95 -0.34
N LYS B 149 10.99 10.39 -1.35
CA LYS B 149 12.34 9.87 -1.20
C LYS B 149 13.17 10.40 -2.36
N VAL B 150 14.37 10.89 -2.03
CA VAL B 150 15.31 11.41 -3.01
C VAL B 150 16.55 10.54 -2.98
N ASP B 151 16.87 9.93 -4.13
CA ASP B 151 17.91 8.90 -4.26
C ASP B 151 17.71 7.77 -3.26
N ASN B 152 16.44 7.36 -3.11
CA ASN B 152 16.00 6.35 -2.13
C ASN B 152 16.36 6.72 -0.69
N ALA B 153 16.33 8.02 -0.38
CA ALA B 153 16.46 8.50 0.99
C ALA B 153 15.20 9.30 1.30
N LEU B 154 14.36 8.76 2.19
CA LEU B 154 13.06 9.37 2.47
C LEU B 154 13.20 10.71 3.18
N GLN B 155 12.36 11.66 2.77
CA GLN B 155 12.39 13.02 3.27
C GLN B 155 11.43 13.17 4.46
N SER B 156 11.63 14.23 5.24
CA SER B 156 10.83 14.47 6.43
C SER B 156 10.92 15.94 6.81
N GLY B 157 9.77 16.57 7.00
CA GLY B 157 9.74 17.95 7.47
C GLY B 157 10.04 19.00 6.43
N ASN B 158 9.92 18.69 5.15
CA ASN B 158 10.14 19.67 4.09
C ASN B 158 9.06 19.60 3.01
N SER B 159 7.94 18.94 3.30
CA SER B 159 6.88 18.74 2.33
C SER B 159 5.55 19.14 2.95
N GLN B 160 4.71 19.81 2.16
CA GLN B 160 3.40 20.26 2.61
C GLN B 160 2.34 19.68 1.68
N GLU B 161 1.24 19.20 2.26
CA GLU B 161 0.20 18.54 1.49
C GLU B 161 -1.16 19.18 1.78
N SER B 162 -2.03 19.17 0.78
CA SER B 162 -3.38 19.68 0.89
C SER B 162 -4.36 18.71 0.23
N VAL B 163 -5.56 18.62 0.79
CA VAL B 163 -6.59 17.70 0.32
C VAL B 163 -7.81 18.51 -0.10
N THR B 164 -8.38 18.15 -1.25
CA THR B 164 -9.59 18.80 -1.74
C THR B 164 -10.79 18.41 -0.87
N GLU B 165 -11.87 19.15 -1.04
CA GLU B 165 -13.15 18.69 -0.53
C GLU B 165 -13.62 17.49 -1.34
N GLN B 166 -14.54 16.73 -0.74
CA GLN B 166 -15.14 15.59 -1.43
C GLN B 166 -15.94 16.07 -2.63
N ASP B 167 -15.65 15.47 -3.79
CA ASP B 167 -16.29 15.83 -5.04
C ASP B 167 -17.78 15.52 -4.99
N SER B 168 -18.54 16.22 -5.84
CA SER B 168 -20.00 16.10 -5.77
C SER B 168 -20.57 15.08 -6.75
N LYS B 169 -19.83 14.70 -7.79
CA LYS B 169 -20.32 13.69 -8.73
C LYS B 169 -19.86 12.28 -8.36
N ASP B 170 -18.56 12.07 -8.23
CA ASP B 170 -18.02 10.74 -7.95
C ASP B 170 -17.62 10.52 -6.51
N SER B 171 -17.79 11.53 -5.64
CA SER B 171 -17.53 11.45 -4.20
C SER B 171 -16.08 11.05 -3.90
N THR B 172 -15.14 11.56 -4.69
CA THR B 172 -13.74 11.23 -4.55
C THR B 172 -12.95 12.40 -3.96
N TYR B 173 -11.71 12.11 -3.61
CA TYR B 173 -10.78 13.09 -3.06
C TYR B 173 -9.58 13.26 -3.98
N SER B 174 -8.84 14.34 -3.76
CA SER B 174 -7.58 14.58 -4.45
C SER B 174 -6.56 15.19 -3.50
N LEU B 175 -5.31 14.76 -3.63
CA LEU B 175 -4.21 15.14 -2.75
C LEU B 175 -3.07 15.71 -3.58
N SER B 176 -2.47 16.79 -3.09
CA SER B 176 -1.29 17.39 -3.69
C SER B 176 -0.26 17.63 -2.59
N SER B 177 0.84 16.89 -2.64
CA SER B 177 1.95 17.08 -1.72
C SER B 177 3.08 17.78 -2.46
N THR B 178 3.62 18.83 -1.86
CA THR B 178 4.58 19.70 -2.52
C THR B 178 5.88 19.72 -1.72
N LEU B 179 6.93 19.14 -2.30
CA LEU B 179 8.26 19.15 -1.70
C LEU B 179 9.01 20.38 -2.21
N THR B 180 9.48 21.22 -1.28
CA THR B 180 10.14 22.47 -1.63
C THR B 180 11.56 22.45 -1.11
N LEU B 181 12.52 22.68 -2.01
CA LEU B 181 13.94 22.74 -1.70
C LEU B 181 14.51 24.01 -2.32
N SER B 182 15.79 24.25 -2.07
CA SER B 182 16.48 25.31 -2.79
C SER B 182 16.98 24.79 -4.14
N LYS B 183 17.50 25.72 -4.95
CA LYS B 183 18.01 25.33 -6.27
C LYS B 183 19.26 24.49 -6.15
N ALA B 184 20.12 24.81 -5.18
CA ALA B 184 21.31 24.01 -4.96
C ALA B 184 20.97 22.62 -4.42
N ASP B 185 19.93 22.53 -3.60
CA ASP B 185 19.48 21.22 -3.14
C ASP B 185 18.88 20.40 -4.28
N TYR B 186 18.25 21.06 -5.25
CA TYR B 186 17.60 20.32 -6.33
C TYR B 186 18.61 19.72 -7.30
N GLU B 187 19.61 20.50 -7.71
CA GLU B 187 20.59 20.02 -8.69
C GLU B 187 21.72 19.20 -8.08
N LYS B 188 21.67 18.88 -6.79
CA LYS B 188 22.65 18.01 -6.19
C LYS B 188 22.27 16.54 -6.29
N HIS B 189 21.01 16.26 -6.61
CA HIS B 189 20.50 14.89 -6.69
C HIS B 189 19.99 14.61 -8.10
N LYS B 190 19.78 13.32 -8.37
CA LYS B 190 19.27 12.88 -9.66
C LYS B 190 17.84 12.37 -9.57
N VAL B 191 17.58 11.40 -8.70
CA VAL B 191 16.29 10.72 -8.64
C VAL B 191 15.39 11.42 -7.63
N TYR B 192 14.16 11.73 -8.04
CA TYR B 192 13.16 12.36 -7.17
C TYR B 192 11.88 11.54 -7.28
N ALA B 193 11.50 10.88 -6.18
CA ALA B 193 10.45 9.88 -6.21
C ALA B 193 9.36 10.22 -5.20
N CYS B 194 8.13 9.80 -5.53
CA CYS B 194 6.94 10.03 -4.71
C CYS B 194 6.23 8.71 -4.51
N GLU B 195 6.21 8.21 -3.27
CA GLU B 195 5.61 6.94 -2.94
C GLU B 195 4.20 7.13 -2.37
N VAL B 196 3.25 6.34 -2.86
CA VAL B 196 1.84 6.46 -2.49
C VAL B 196 1.35 5.10 -2.00
N THR B 197 0.72 5.08 -0.83
CA THR B 197 0.06 3.89 -0.30
C THR B 197 -1.42 4.18 -0.09
N HIS B 198 -2.28 3.43 -0.79
CA HIS B 198 -3.72 3.56 -0.70
C HIS B 198 -4.33 2.17 -0.51
N GLN B 199 -5.53 2.14 0.06
CA GLN B 199 -6.20 0.86 0.32
C GLN B 199 -6.61 0.17 -0.97
N GLY B 200 -6.92 0.94 -2.02
CA GLY B 200 -7.22 0.35 -3.31
C GLY B 200 -5.99 0.24 -4.19
N LEU B 201 -4.88 -0.18 -3.59
CA LEU B 201 -3.58 -0.19 -4.25
C LEU B 201 -2.80 -1.37 -3.69
N SER B 202 -2.49 -2.35 -4.54
CA SER B 202 -1.85 -3.59 -4.11
C SER B 202 -0.45 -3.35 -3.55
N SER B 203 0.48 -2.90 -4.39
CA SER B 203 1.84 -2.50 -4.03
C SER B 203 1.96 -0.98 -4.01
N PRO B 204 2.74 -0.41 -3.10
CA PRO B 204 2.92 1.05 -3.07
C PRO B 204 3.59 1.58 -4.33
N VAL B 205 2.87 2.47 -5.02
CA VAL B 205 3.33 3.03 -6.30
C VAL B 205 4.33 4.15 -6.06
N THR B 206 5.45 4.08 -6.78
CA THR B 206 6.49 5.11 -6.74
C THR B 206 6.61 5.73 -8.13
N LYS B 207 6.32 7.03 -8.22
CA LYS B 207 6.47 7.81 -9.45
C LYS B 207 7.74 8.64 -9.33
N SER B 208 8.55 8.67 -10.38
CA SER B 208 9.86 9.31 -10.28
C SER B 208 10.29 9.91 -11.62
N PHE B 209 11.33 10.74 -11.54
CA PHE B 209 11.97 11.35 -12.69
C PHE B 209 13.44 11.58 -12.34
N ASN B 210 14.25 11.92 -13.36
CA ASN B 210 15.71 11.96 -13.19
C ASN B 210 16.28 13.30 -13.68
N ARG B 211 16.10 14.36 -12.88
CA ARG B 211 16.77 15.64 -13.13
C ARG B 211 17.31 16.22 -11.82
N ASP C 1 31.36 -49.20 18.35
CA ASP C 1 31.07 -50.61 18.62
C ASP C 1 30.16 -50.77 19.84
N ILE C 2 29.71 -49.66 20.41
CA ILE C 2 28.86 -49.69 21.59
C ILE C 2 27.43 -49.35 21.19
N GLN C 3 26.67 -50.37 20.81
CA GLN C 3 25.26 -50.19 20.47
C GLN C 3 24.47 -49.78 21.70
N MET C 4 23.57 -48.81 21.51
CA MET C 4 22.72 -48.32 22.59
C MET C 4 21.28 -48.51 22.16
N THR C 5 20.53 -49.29 22.92
CA THR C 5 19.13 -49.59 22.61
C THR C 5 18.26 -49.03 23.72
N GLN C 6 17.25 -48.24 23.34
CA GLN C 6 16.34 -47.66 24.30
C GLN C 6 14.99 -48.37 24.25
N SER C 7 14.36 -48.50 25.41
CA SER C 7 13.06 -49.13 25.48
C SER C 7 12.13 -48.27 26.32
N PRO C 8 10.89 -48.06 25.86
CA PRO C 8 10.30 -48.55 24.61
C PRO C 8 10.57 -47.62 23.45
N SER C 9 10.03 -47.96 22.27
CA SER C 9 10.13 -47.08 21.12
C SER C 9 9.30 -45.81 21.31
N SER C 10 8.10 -45.94 21.87
CA SER C 10 7.24 -44.78 22.12
C SER C 10 6.26 -45.13 23.22
N LEU C 11 5.90 -44.13 24.03
CA LEU C 11 4.96 -44.35 25.11
C LEU C 11 4.10 -43.10 25.27
N SER C 12 2.91 -43.27 25.84
CA SER C 12 1.99 -42.17 26.09
C SER C 12 1.67 -42.06 27.58
N ALA C 13 1.62 -40.82 28.06
CA ALA C 13 1.22 -40.55 29.44
C ALA C 13 0.60 -39.16 29.51
N SER C 14 -0.12 -38.90 30.60
CA SER C 14 -0.82 -37.63 30.77
C SER C 14 0.05 -36.67 31.59
N VAL C 15 -0.50 -35.48 31.82
CA VAL C 15 0.25 -34.44 32.53
C VAL C 15 0.21 -34.74 34.02
N GLY C 16 1.39 -34.81 34.65
CA GLY C 16 1.51 -35.17 36.03
C GLY C 16 1.89 -36.63 36.28
N ASP C 17 1.92 -37.45 35.24
CA ASP C 17 2.22 -38.87 35.38
C ASP C 17 3.71 -39.12 35.57
N ARG C 18 4.01 -40.26 36.20
CA ARG C 18 5.37 -40.77 36.35
C ARG C 18 5.70 -41.69 35.18
N VAL C 19 6.85 -41.44 34.54
CA VAL C 19 7.31 -42.25 33.41
C VAL C 19 8.77 -42.63 33.62
N THR C 20 9.11 -43.87 33.26
CA THR C 20 10.48 -44.35 33.26
C THR C 20 10.80 -44.90 31.86
N ILE C 21 11.98 -44.57 31.34
CA ILE C 21 12.47 -45.16 30.10
C ILE C 21 13.85 -45.75 30.39
N THR C 22 14.15 -46.89 29.78
CA THR C 22 15.42 -47.57 29.99
C THR C 22 16.32 -47.41 28.77
N CYS C 23 17.62 -47.58 29.00
CA CYS C 23 18.64 -47.51 27.95
C CYS C 23 19.70 -48.55 28.27
N ARG C 24 19.82 -49.58 27.43
CA ARG C 24 20.75 -50.67 27.66
C ARG C 24 21.92 -50.58 26.69
N ALA C 25 23.13 -50.70 27.23
CA ALA C 25 24.37 -50.64 26.47
C ALA C 25 24.87 -52.04 26.13
N SER C 26 25.51 -52.16 24.95
CA SER C 26 26.02 -53.44 24.48
C SER C 26 27.18 -53.94 25.32
N GLN C 27 27.97 -53.04 25.91
CA GLN C 27 29.05 -53.44 26.79
C GLN C 27 29.11 -52.48 27.97
N ILE C 28 30.07 -52.71 28.86
CA ILE C 28 30.09 -52.02 30.15
C ILE C 28 30.53 -50.57 29.99
N ILE C 29 29.68 -49.65 30.42
CA ILE C 29 29.98 -48.23 30.55
C ILE C 29 29.62 -47.85 31.99
N SER C 30 30.61 -47.40 32.77
CA SER C 30 30.44 -47.24 34.22
C SER C 30 29.33 -46.27 34.61
N THR C 31 29.54 -44.97 34.37
CA THR C 31 28.54 -43.93 34.56
C THR C 31 28.68 -42.89 33.46
N TYR C 32 29.30 -43.26 32.35
CA TYR C 32 29.62 -42.35 31.25
C TYR C 32 28.47 -42.24 30.25
N LEU C 33 27.29 -41.90 30.78
CA LEU C 33 26.06 -41.83 30.02
C LEU C 33 25.40 -40.48 30.24
N ASN C 34 24.92 -39.87 29.16
CA ASN C 34 24.22 -38.60 29.24
C ASN C 34 22.82 -38.74 28.61
N TRP C 35 21.87 -38.02 29.17
CA TRP C 35 20.49 -38.02 28.70
C TRP C 35 20.18 -36.68 28.04
N TYR C 36 19.58 -36.74 26.84
CA TYR C 36 19.28 -35.54 26.08
C TYR C 36 17.79 -35.46 25.77
N GLN C 37 17.23 -34.25 25.84
CA GLN C 37 15.88 -33.97 25.39
C GLN C 37 15.96 -33.28 24.04
N HIS C 38 15.14 -33.71 23.09
CA HIS C 38 15.19 -33.16 21.73
C HIS C 38 13.76 -32.96 21.23
N LYS C 39 13.31 -31.71 21.24
CA LYS C 39 12.05 -31.37 20.61
C LYS C 39 12.28 -31.20 19.11
N PRO C 40 11.28 -31.50 18.27
CA PRO C 40 11.52 -31.47 16.82
C PRO C 40 11.67 -30.06 16.30
N GLY C 41 12.65 -29.88 15.40
CA GLY C 41 13.00 -28.59 14.87
C GLY C 41 13.97 -27.79 15.69
N LYS C 42 14.18 -28.15 16.95
CA LYS C 42 15.03 -27.42 17.88
C LYS C 42 16.29 -28.21 18.16
N ALA C 43 17.21 -27.58 18.91
CA ALA C 43 18.43 -28.22 19.31
C ALA C 43 18.17 -29.22 20.44
N PRO C 44 19.00 -30.26 20.56
CA PRO C 44 18.95 -31.11 21.75
C PRO C 44 19.39 -30.36 23.00
N LYS C 45 18.79 -30.74 24.13
CA LYS C 45 19.08 -30.12 25.42
C LYS C 45 19.61 -31.20 26.37
N LEU C 46 20.72 -30.91 27.02
CA LEU C 46 21.31 -31.87 27.96
C LEU C 46 20.54 -31.84 29.27
N LEU C 47 20.11 -33.02 29.72
CA LEU C 47 19.27 -33.16 30.90
C LEU C 47 20.01 -33.76 32.08
N ILE C 48 20.69 -34.88 31.87
CA ILE C 48 21.36 -35.63 32.93
C ILE C 48 22.76 -35.96 32.41
N LYS C 49 23.78 -35.57 33.17
CA LYS C 49 25.14 -35.99 32.90
C LYS C 49 25.62 -36.90 34.04
N SER C 50 26.62 -37.74 33.71
CA SER C 50 27.18 -38.77 34.60
C SER C 50 26.14 -39.77 35.09
N ALA C 51 25.05 -39.92 34.31
CA ALA C 51 23.97 -40.91 34.42
C ALA C 51 23.08 -40.74 35.65
N SER C 52 23.46 -39.86 36.59
CA SER C 52 22.66 -39.58 37.77
C SER C 52 22.66 -38.11 38.19
N THR C 53 23.50 -37.25 37.59
CA THR C 53 23.65 -35.87 38.03
C THR C 53 22.89 -34.95 37.09
N LEU C 54 22.13 -34.03 37.68
CA LEU C 54 21.26 -33.15 36.92
C LEU C 54 22.05 -31.99 36.33
N GLN C 55 21.68 -31.60 35.11
CA GLN C 55 22.30 -30.46 34.46
C GLN C 55 21.71 -29.18 35.05
N SER C 56 22.52 -28.11 35.04
CA SER C 56 22.08 -26.82 35.56
C SER C 56 20.96 -26.26 34.71
N GLY C 57 19.90 -25.79 35.37
CA GLY C 57 18.73 -25.29 34.70
C GLY C 57 17.63 -26.32 34.48
N VAL C 58 17.95 -27.60 34.60
CA VAL C 58 16.94 -28.65 34.46
C VAL C 58 16.16 -28.77 35.75
N PRO C 59 14.83 -28.81 35.71
CA PRO C 59 14.04 -28.90 36.95
C PRO C 59 14.22 -30.24 37.66
N SER C 60 13.84 -30.23 38.94
CA SER C 60 14.09 -31.34 39.85
C SER C 60 13.26 -32.59 39.55
N ARG C 61 12.25 -32.51 38.67
CA ARG C 61 11.41 -33.67 38.41
C ARG C 61 12.12 -34.73 37.58
N PHE C 62 13.19 -34.36 36.87
CA PHE C 62 13.97 -35.33 36.12
C PHE C 62 14.93 -36.06 37.04
N SER C 63 15.08 -37.37 36.82
CA SER C 63 15.95 -38.18 37.64
C SER C 63 16.57 -39.29 36.80
N GLY C 64 17.79 -39.66 37.15
CA GLY C 64 18.50 -40.69 36.42
C GLY C 64 19.20 -41.63 37.37
N SER C 65 19.33 -42.88 36.94
CA SER C 65 19.97 -43.92 37.74
C SER C 65 20.59 -44.95 36.81
N GLY C 66 21.44 -45.80 37.39
CA GLY C 66 22.01 -46.89 36.64
C GLY C 66 23.53 -46.88 36.50
N SER C 67 24.12 -48.07 36.44
CA SER C 67 25.53 -48.24 36.15
C SER C 67 25.70 -49.52 35.35
N GLY C 68 26.88 -49.68 34.74
CA GLY C 68 27.14 -50.88 33.98
C GLY C 68 26.53 -50.89 32.59
N THR C 69 25.44 -51.63 32.42
CA THR C 69 24.78 -51.70 31.13
C THR C 69 23.38 -51.13 31.12
N ASP C 70 22.68 -51.14 32.25
CA ASP C 70 21.27 -50.75 32.32
C ASP C 70 21.13 -49.41 33.03
N PHE C 71 20.43 -48.48 32.39
CA PHE C 71 20.26 -47.12 32.90
C PHE C 71 18.80 -46.72 32.76
N THR C 72 18.32 -45.86 33.66
CA THR C 72 16.95 -45.39 33.64
C THR C 72 16.90 -43.87 33.70
N LEU C 73 15.88 -43.29 33.07
CA LEU C 73 15.54 -41.88 33.19
C LEU C 73 14.09 -41.76 33.63
N THR C 74 13.84 -40.99 34.69
CA THR C 74 12.52 -40.90 35.30
C THR C 74 12.07 -39.44 35.36
N ILE C 75 10.85 -39.19 34.89
CA ILE C 75 10.17 -37.91 35.08
C ILE C 75 8.97 -38.17 35.99
N THR C 76 8.90 -37.44 37.10
CA THR C 76 7.95 -37.80 38.16
C THR C 76 6.60 -37.07 38.02
N SER C 77 6.62 -35.75 37.93
CA SER C 77 5.40 -34.95 37.77
C SER C 77 5.47 -34.32 36.38
N LEU C 78 4.84 -34.97 35.42
CA LEU C 78 4.96 -34.61 34.01
C LEU C 78 4.33 -33.25 33.71
N GLN C 79 4.99 -32.49 32.84
CA GLN C 79 4.63 -31.15 32.43
C GLN C 79 4.53 -31.12 30.91
N PRO C 80 3.71 -30.23 30.34
CA PRO C 80 3.58 -30.18 28.87
C PRO C 80 4.84 -29.73 28.15
N GLU C 81 5.80 -29.15 28.86
CA GLU C 81 7.08 -28.74 28.30
C GLU C 81 8.15 -29.83 28.43
N ASP C 82 7.75 -31.07 28.68
CA ASP C 82 8.69 -32.18 28.77
C ASP C 82 8.49 -33.23 27.69
N PHE C 83 7.49 -33.08 26.83
CA PHE C 83 7.16 -34.11 25.84
C PHE C 83 8.04 -33.92 24.61
N ALA C 84 8.97 -34.84 24.39
CA ALA C 84 9.92 -34.74 23.29
C ALA C 84 10.44 -36.14 22.97
N THR C 85 11.47 -36.21 22.14
CA THR C 85 12.21 -37.44 21.90
C THR C 85 13.49 -37.43 22.72
N PHE C 86 13.69 -38.49 23.50
CA PHE C 86 14.78 -38.57 24.47
C PHE C 86 15.86 -39.52 23.98
N TYR C 87 17.11 -39.11 24.14
CA TYR C 87 18.26 -39.89 23.73
C TYR C 87 19.18 -40.16 24.92
N CYS C 88 19.79 -41.34 24.93
CA CYS C 88 20.91 -41.64 25.80
C CYS C 88 22.18 -41.75 24.97
N GLN C 89 23.31 -41.34 25.56
CA GLN C 89 24.55 -41.23 24.82
C GLN C 89 25.69 -41.73 25.70
N GLN C 90 26.44 -42.70 25.21
CA GLN C 90 27.64 -43.16 25.90
C GLN C 90 28.81 -42.24 25.58
N SER C 91 29.73 -42.13 26.54
CA SER C 91 30.94 -41.34 26.36
C SER C 91 32.17 -42.06 26.86
N TYR C 92 32.12 -43.40 26.94
CA TYR C 92 33.24 -44.16 27.47
C TYR C 92 34.33 -44.35 26.42
N ARG C 93 33.96 -44.91 25.27
CA ARG C 93 34.92 -45.22 24.21
C ARG C 93 34.45 -44.68 22.87
N ASP C 94 35.40 -44.24 22.06
CA ASP C 94 35.10 -43.85 20.69
C ASP C 94 34.83 -45.10 19.86
N PRO C 95 33.87 -45.07 18.93
CA PRO C 95 33.02 -43.93 18.53
C PRO C 95 31.87 -43.67 19.49
N ILE C 96 31.51 -42.40 19.65
CA ILE C 96 30.37 -42.02 20.48
C ILE C 96 29.09 -42.44 19.77
N THR C 97 28.21 -43.13 20.49
CA THR C 97 26.98 -43.65 19.91
C THR C 97 25.79 -43.25 20.77
N PHE C 98 24.64 -43.17 20.11
CA PHE C 98 23.39 -42.74 20.73
C PHE C 98 22.36 -43.86 20.65
N GLY C 99 21.28 -43.68 21.40
CA GLY C 99 20.11 -44.52 21.22
C GLY C 99 19.28 -44.03 20.05
N GLN C 100 18.34 -44.87 19.63
CA GLN C 100 17.47 -44.50 18.51
C GLN C 100 16.48 -43.40 18.89
N GLY C 101 16.19 -43.24 20.16
CA GLY C 101 15.23 -42.27 20.64
C GLY C 101 14.06 -42.92 21.35
N THR C 102 13.30 -42.08 22.04
CA THR C 102 12.09 -42.53 22.73
C THR C 102 11.09 -41.39 22.67
N ARG C 103 10.07 -41.53 21.83
CA ARG C 103 9.04 -40.51 21.68
C ARG C 103 8.17 -40.45 22.94
N LEU C 104 8.04 -39.25 23.51
CA LEU C 104 7.18 -39.03 24.67
C LEU C 104 5.94 -38.27 24.20
N GLU C 105 4.78 -38.88 24.42
CA GLU C 105 3.52 -38.42 23.87
C GLU C 105 2.52 -38.15 24.99
N ILE C 106 1.56 -37.27 24.71
CA ILE C 106 0.53 -36.93 25.69
C ILE C 106 -0.65 -37.87 25.51
N LYS C 107 -0.99 -38.61 26.58
CA LYS C 107 -2.15 -39.47 26.60
C LYS C 107 -3.41 -38.66 26.88
N ARG C 108 -4.47 -38.96 26.15
CA ARG C 108 -5.73 -38.25 26.28
C ARG C 108 -6.85 -39.23 25.96
N THR C 109 -8.10 -38.76 26.08
CA THR C 109 -9.24 -39.57 25.68
C THR C 109 -9.22 -39.85 24.18
N VAL C 110 -9.66 -41.04 23.83
CA VAL C 110 -9.55 -41.54 22.46
C VAL C 110 -10.64 -40.87 21.62
N ALA C 111 -10.26 -40.31 20.47
CA ALA C 111 -11.17 -39.51 19.66
C ALA C 111 -11.26 -40.07 18.24
N ALA C 112 -12.49 -40.11 17.72
CA ALA C 112 -12.73 -40.61 16.37
C ALA C 112 -12.30 -39.58 15.33
N PRO C 113 -11.75 -40.02 14.20
CA PRO C 113 -11.35 -39.08 13.16
C PRO C 113 -12.54 -38.63 12.31
N SER C 114 -12.61 -37.32 12.06
CA SER C 114 -13.54 -36.79 11.07
C SER C 114 -12.92 -36.97 9.69
N VAL C 115 -13.58 -37.72 8.83
CA VAL C 115 -13.01 -38.16 7.56
C VAL C 115 -13.57 -37.29 6.45
N PHE C 116 -12.68 -36.62 5.72
CA PHE C 116 -13.06 -35.79 4.59
C PHE C 116 -12.30 -36.26 3.35
N ILE C 117 -12.95 -36.16 2.19
CA ILE C 117 -12.36 -36.58 0.93
C ILE C 117 -12.44 -35.42 -0.07
N PHE C 118 -11.41 -35.27 -0.90
CA PHE C 118 -11.29 -34.13 -1.81
C PHE C 118 -11.08 -34.65 -3.23
N PRO C 119 -12.00 -34.40 -4.16
CA PRO C 119 -11.75 -34.74 -5.57
C PRO C 119 -10.66 -33.85 -6.16
N PRO C 120 -9.96 -34.32 -7.20
CA PRO C 120 -8.87 -33.51 -7.76
C PRO C 120 -9.40 -32.30 -8.52
N SER C 121 -8.68 -31.19 -8.35
CA SER C 121 -9.03 -29.92 -8.99
C SER C 121 -8.96 -30.01 -10.51
N ASP C 122 -9.86 -29.27 -11.17
CA ASP C 122 -9.88 -29.18 -12.63
C ASP C 122 -8.60 -28.54 -13.18
N GLU C 123 -7.96 -27.67 -12.40
CA GLU C 123 -6.66 -27.11 -12.80
C GLU C 123 -5.59 -28.18 -12.86
N GLN C 124 -5.65 -29.17 -11.97
CA GLN C 124 -4.69 -30.28 -12.02
C GLN C 124 -5.02 -31.27 -13.14
N LEU C 125 -6.31 -31.51 -13.43
CA LEU C 125 -6.64 -32.41 -14.53
C LEU C 125 -6.26 -31.83 -15.88
N LYS C 126 -6.27 -30.50 -16.01
CA LYS C 126 -5.75 -29.91 -17.24
C LYS C 126 -4.24 -30.06 -17.32
N SER C 127 -3.58 -30.24 -16.17
CA SER C 127 -2.14 -30.50 -16.12
C SER C 127 -1.81 -31.98 -16.33
N GLY C 128 -2.80 -32.84 -16.51
CA GLY C 128 -2.57 -34.23 -16.87
C GLY C 128 -2.34 -35.18 -15.71
N THR C 129 -2.48 -34.70 -14.47
CA THR C 129 -2.35 -35.54 -13.29
C THR C 129 -3.58 -35.36 -12.42
N ALA C 130 -3.77 -36.30 -11.49
CA ALA C 130 -4.93 -36.26 -10.60
C ALA C 130 -4.52 -36.74 -9.23
N SER C 131 -4.85 -35.96 -8.21
CA SER C 131 -4.55 -36.31 -6.83
C SER C 131 -5.82 -36.18 -6.01
N VAL C 132 -6.34 -37.30 -5.52
CA VAL C 132 -7.45 -37.30 -4.58
C VAL C 132 -6.86 -37.41 -3.17
N VAL C 133 -7.34 -36.58 -2.26
CA VAL C 133 -6.75 -36.43 -0.94
C VAL C 133 -7.81 -36.75 0.10
N CYS C 134 -7.47 -37.64 1.04
CA CYS C 134 -8.33 -37.99 2.16
C CYS C 134 -7.79 -37.38 3.43
N LEU C 135 -8.65 -36.68 4.18
CA LEU C 135 -8.25 -35.97 5.38
C LEU C 135 -8.90 -36.61 6.60
N LEU C 136 -8.08 -36.95 7.58
CA LEU C 136 -8.53 -37.43 8.88
C LEU C 136 -8.15 -36.34 9.87
N ASN C 137 -9.12 -35.85 10.62
CA ASN C 137 -8.91 -34.64 11.41
C ASN C 137 -9.26 -34.88 12.88
N ASN C 138 -8.34 -34.48 13.77
CA ASN C 138 -8.55 -34.37 15.22
C ASN C 138 -8.94 -35.72 15.84
N PHE C 139 -7.99 -36.65 15.77
CA PHE C 139 -8.17 -37.99 16.31
C PHE C 139 -7.02 -38.33 17.26
N TYR C 140 -7.25 -39.38 18.05
CA TYR C 140 -6.24 -39.89 18.97
C TYR C 140 -6.51 -41.37 19.15
N PRO C 141 -5.48 -42.24 19.12
CA PRO C 141 -4.04 -41.97 18.94
C PRO C 141 -3.58 -41.89 17.49
N ARG C 142 -2.26 -41.83 17.32
CA ARG C 142 -1.65 -41.53 16.02
C ARG C 142 -1.81 -42.68 15.02
N GLU C 143 -1.85 -43.92 15.48
CA GLU C 143 -1.92 -45.05 14.55
C GLU C 143 -3.35 -45.20 14.02
N ALA C 144 -3.48 -45.05 12.70
CA ALA C 144 -4.73 -45.30 11.99
C ALA C 144 -4.36 -45.78 10.60
N LYS C 145 -5.16 -46.70 10.07
CA LYS C 145 -4.91 -47.32 8.78
C LYS C 145 -5.92 -46.81 7.77
N VAL C 146 -5.40 -46.28 6.65
CA VAL C 146 -6.19 -45.72 5.56
C VAL C 146 -5.95 -46.60 4.34
N GLN C 147 -7.03 -46.95 3.64
CA GLN C 147 -6.94 -47.78 2.44
C GLN C 147 -7.78 -47.17 1.35
N TRP C 148 -7.19 -47.08 0.15
CA TRP C 148 -7.85 -46.55 -1.02
C TRP C 148 -8.49 -47.69 -1.82
N LYS C 149 -9.73 -47.46 -2.27
CA LYS C 149 -10.42 -48.38 -3.15
C LYS C 149 -10.93 -47.61 -4.35
N VAL C 150 -10.69 -48.14 -5.54
CA VAL C 150 -11.24 -47.59 -6.77
C VAL C 150 -12.10 -48.69 -7.38
N ASP C 151 -13.41 -48.43 -7.48
CA ASP C 151 -14.43 -49.44 -7.85
C ASP C 151 -14.32 -50.69 -6.98
N ASN C 152 -14.09 -50.47 -5.68
CA ASN C 152 -13.87 -51.52 -4.68
C ASN C 152 -12.71 -52.46 -5.03
N ALA C 153 -11.65 -51.90 -5.61
CA ALA C 153 -10.39 -52.60 -5.86
C ALA C 153 -9.31 -51.84 -5.10
N LEU C 154 -8.74 -52.51 -4.10
CA LEU C 154 -7.79 -51.85 -3.20
C LEU C 154 -6.51 -51.49 -3.95
N GLN C 155 -6.01 -50.28 -3.70
CA GLN C 155 -4.83 -49.73 -4.35
C GLN C 155 -3.61 -50.00 -3.49
N SER C 156 -2.44 -49.96 -4.13
CA SER C 156 -1.18 -50.26 -3.45
C SER C 156 -0.05 -49.65 -4.26
N GLY C 157 0.84 -48.92 -3.58
CA GLY C 157 2.00 -48.36 -4.23
C GLY C 157 1.78 -47.12 -5.07
N ASN C 158 0.66 -46.42 -4.87
CA ASN C 158 0.45 -45.16 -5.56
C ASN C 158 -0.10 -44.09 -4.62
N SER C 159 -0.03 -44.31 -3.30
CA SER C 159 -0.58 -43.39 -2.32
C SER C 159 0.45 -43.11 -1.24
N GLN C 160 0.56 -41.84 -0.85
CA GLN C 160 1.47 -41.40 0.19
C GLN C 160 0.70 -40.63 1.25
N GLU C 161 1.07 -40.83 2.51
CA GLU C 161 0.39 -40.20 3.62
C GLU C 161 1.37 -39.39 4.45
N SER C 162 0.83 -38.36 5.11
CA SER C 162 1.60 -37.54 6.03
C SER C 162 0.78 -37.38 7.30
N VAL C 163 1.48 -37.34 8.44
CA VAL C 163 0.85 -37.21 9.75
C VAL C 163 1.38 -35.95 10.39
N THR C 164 0.49 -35.17 11.00
CA THR C 164 0.91 -33.93 11.64
C THR C 164 1.69 -34.24 12.90
N GLU C 165 2.37 -33.21 13.41
CA GLU C 165 2.85 -33.28 14.77
C GLU C 165 1.66 -33.23 15.72
N GLN C 166 1.89 -33.71 16.94
CA GLN C 166 0.87 -33.66 17.97
C GLN C 166 0.55 -32.21 18.34
N ASP C 167 -0.74 -31.88 18.28
CA ASP C 167 -1.22 -30.55 18.60
C ASP C 167 -0.98 -30.25 20.08
N SER C 168 -0.88 -28.97 20.41
CA SER C 168 -0.53 -28.61 21.78
C SER C 168 -1.71 -28.29 22.68
N LYS C 169 -2.87 -27.94 22.13
CA LYS C 169 -4.00 -27.68 23.01
C LYS C 169 -4.85 -28.94 23.23
N ASP C 170 -5.32 -29.58 22.15
CA ASP C 170 -6.20 -30.72 22.29
C ASP C 170 -5.48 -32.06 22.16
N SER C 171 -4.17 -32.04 21.89
CA SER C 171 -3.30 -33.23 21.81
C SER C 171 -3.79 -34.28 20.82
N THR C 172 -4.34 -33.82 19.70
CA THR C 172 -4.87 -34.70 18.67
C THR C 172 -3.96 -34.70 17.45
N TYR C 173 -4.26 -35.60 16.51
CA TYR C 173 -3.50 -35.72 15.28
C TYR C 173 -4.38 -35.44 14.07
N SER C 174 -3.72 -35.21 12.94
CA SER C 174 -4.38 -35.08 11.65
C SER C 174 -3.53 -35.78 10.60
N LEU C 175 -4.19 -36.49 9.69
CA LEU C 175 -3.53 -37.30 8.67
C LEU C 175 -4.09 -36.95 7.30
N SER C 176 -3.21 -36.89 6.30
CA SER C 176 -3.62 -36.66 4.91
C SER C 176 -2.94 -37.71 4.03
N SER C 177 -3.75 -38.59 3.45
CA SER C 177 -3.28 -39.59 2.49
C SER C 177 -3.68 -39.17 1.09
N THR C 178 -2.72 -39.21 0.16
CA THR C 178 -2.89 -38.64 -1.18
C THR C 178 -2.66 -39.73 -2.22
N LEU C 179 -3.73 -40.12 -2.92
CA LEU C 179 -3.66 -41.07 -4.02
C LEU C 179 -3.43 -40.33 -5.33
N THR C 180 -2.41 -40.74 -6.07
CA THR C 180 -1.98 -40.05 -7.28
C THR C 180 -2.16 -40.97 -8.49
N LEU C 181 -2.89 -40.50 -9.49
CA LEU C 181 -3.14 -41.22 -10.73
C LEU C 181 -2.84 -40.31 -11.91
N SER C 182 -2.92 -40.87 -13.12
CA SER C 182 -2.91 -40.09 -14.34
C SER C 182 -4.33 -39.62 -14.67
N LYS C 183 -4.44 -38.76 -15.69
CA LYS C 183 -5.74 -38.25 -16.10
C LYS C 183 -6.56 -39.34 -16.77
N ALA C 184 -5.92 -40.17 -17.61
CA ALA C 184 -6.63 -41.25 -18.28
C ALA C 184 -7.02 -42.35 -17.29
N ASP C 185 -6.17 -42.62 -16.31
CA ASP C 185 -6.53 -43.56 -15.24
C ASP C 185 -7.67 -43.02 -14.38
N TYR C 186 -7.73 -41.69 -14.20
CA TYR C 186 -8.78 -41.12 -13.37
C TYR C 186 -10.13 -41.15 -14.08
N GLU C 187 -10.16 -40.80 -15.37
CA GLU C 187 -11.40 -40.72 -16.12
C GLU C 187 -11.90 -42.06 -16.64
N LYS C 188 -11.22 -43.16 -16.32
CA LYS C 188 -11.69 -44.49 -16.69
C LYS C 188 -12.55 -45.14 -15.63
N HIS C 189 -12.55 -44.61 -14.40
CA HIS C 189 -13.29 -45.20 -13.30
C HIS C 189 -14.33 -44.20 -12.78
N LYS C 190 -15.28 -44.72 -12.00
CA LYS C 190 -16.35 -43.93 -11.42
C LYS C 190 -16.20 -43.73 -9.92
N VAL C 191 -16.10 -44.82 -9.15
CA VAL C 191 -16.15 -44.77 -7.70
C VAL C 191 -14.72 -44.63 -7.15
N TYR C 192 -14.52 -43.66 -6.26
CA TYR C 192 -13.23 -43.43 -5.61
C TYR C 192 -13.49 -43.31 -4.12
N ALA C 193 -13.00 -44.28 -3.35
CA ALA C 193 -13.35 -44.42 -1.96
C ALA C 193 -12.12 -44.44 -1.07
N CYS C 194 -12.30 -43.93 0.15
CA CYS C 194 -11.24 -43.85 1.17
C CYS C 194 -11.81 -44.41 2.46
N GLU C 195 -11.33 -45.59 2.88
CA GLU C 195 -11.81 -46.21 4.10
C GLU C 195 -10.80 -46.02 5.22
N VAL C 196 -11.31 -45.76 6.42
CA VAL C 196 -10.50 -45.46 7.60
C VAL C 196 -10.84 -46.45 8.69
N THR C 197 -9.80 -47.07 9.27
CA THR C 197 -9.94 -47.93 10.44
C THR C 197 -9.14 -47.31 11.56
N HIS C 198 -9.82 -46.94 12.64
CA HIS C 198 -9.21 -46.30 13.79
C HIS C 198 -9.69 -47.00 15.06
N GLN C 199 -8.90 -46.87 16.13
CA GLN C 199 -9.23 -47.52 17.40
C GLN C 199 -10.48 -46.94 18.04
N GLY C 200 -10.75 -45.66 17.85
CA GLY C 200 -11.98 -45.07 18.36
C GLY C 200 -13.08 -45.10 17.32
N LEU C 201 -13.19 -46.21 16.61
CA LEU C 201 -14.10 -46.30 15.46
C LEU C 201 -14.61 -47.74 15.41
N SER C 202 -15.91 -47.92 15.63
CA SER C 202 -16.50 -49.27 15.68
C SER C 202 -16.39 -49.97 14.33
N SER C 203 -17.08 -49.44 13.33
CA SER C 203 -17.02 -49.93 11.96
C SER C 203 -16.18 -48.99 11.10
N PRO C 204 -15.41 -49.53 10.16
CA PRO C 204 -14.60 -48.68 9.28
C PRO C 204 -15.46 -47.79 8.40
N VAL C 205 -15.27 -46.49 8.52
CA VAL C 205 -16.04 -45.49 7.78
C VAL C 205 -15.47 -45.37 6.37
N THR C 206 -16.36 -45.39 5.36
CA THR C 206 -15.96 -45.27 3.96
C THR C 206 -16.54 -43.99 3.38
N LYS C 207 -15.64 -43.08 2.97
CA LYS C 207 -15.99 -41.83 2.30
C LYS C 207 -15.73 -41.99 0.80
N SER C 208 -16.69 -41.53 -0.02
CA SER C 208 -16.61 -41.80 -1.45
C SER C 208 -17.20 -40.64 -2.25
N PHE C 209 -16.92 -40.67 -3.55
CA PHE C 209 -17.52 -39.75 -4.52
C PHE C 209 -17.53 -40.46 -5.88
N ASN C 210 -18.28 -39.88 -6.82
CA ASN C 210 -18.57 -40.50 -8.12
C ASN C 210 -18.25 -39.51 -9.24
N ARG C 211 -16.99 -39.52 -9.69
CA ARG C 211 -16.57 -38.76 -10.86
C ARG C 211 -15.74 -39.65 -11.79
N ASP D 1 -34.61 -24.95 -37.21
CA ASP D 1 -34.17 -24.33 -38.45
C ASP D 1 -33.41 -23.02 -38.21
N ILE D 2 -33.13 -22.72 -36.95
CA ILE D 2 -32.40 -21.50 -36.57
C ILE D 2 -30.98 -21.95 -36.26
N GLN D 3 -30.17 -22.04 -37.30
CA GLN D 3 -28.79 -22.51 -37.22
C GLN D 3 -27.89 -21.55 -36.44
N MET D 4 -26.97 -22.11 -35.66
CA MET D 4 -26.01 -21.37 -34.85
C MET D 4 -24.59 -21.65 -35.31
N THR D 5 -23.88 -20.61 -35.73
CA THR D 5 -22.50 -20.72 -36.20
C THR D 5 -21.60 -19.91 -35.26
N GLN D 6 -20.56 -20.55 -34.73
CA GLN D 6 -19.60 -19.89 -33.85
C GLN D 6 -18.29 -19.67 -34.60
N SER D 7 -17.63 -18.56 -34.29
CA SER D 7 -16.35 -18.26 -34.90
C SER D 7 -15.37 -17.83 -33.82
N PRO D 8 -14.14 -18.35 -33.81
CA PRO D 8 -13.59 -19.34 -34.75
C PRO D 8 -13.93 -20.77 -34.35
N SER D 9 -13.49 -21.73 -35.16
CA SER D 9 -13.63 -23.15 -34.79
C SER D 9 -12.76 -23.48 -33.59
N SER D 10 -11.55 -22.93 -33.55
CA SER D 10 -10.60 -23.16 -32.48
C SER D 10 -9.63 -21.99 -32.44
N LEU D 11 -9.14 -21.68 -31.24
CA LEU D 11 -8.21 -20.58 -31.03
C LEU D 11 -7.19 -20.98 -29.99
N SER D 12 -6.00 -20.40 -30.09
CA SER D 12 -4.92 -20.64 -29.15
C SER D 12 -4.54 -19.34 -28.46
N ALA D 13 -4.39 -19.39 -27.15
CA ALA D 13 -3.93 -18.25 -26.37
C ALA D 13 -3.26 -18.74 -25.09
N SER D 14 -2.50 -17.86 -24.48
CA SER D 14 -1.79 -18.16 -23.24
C SER D 14 -2.58 -17.61 -22.05
N VAL D 15 -2.02 -17.77 -20.86
CA VAL D 15 -2.69 -17.36 -19.63
C VAL D 15 -2.54 -15.85 -19.47
N GLY D 16 -3.66 -15.15 -19.27
CA GLY D 16 -3.69 -13.71 -19.17
C GLY D 16 -4.13 -12.99 -20.44
N ASP D 17 -4.29 -13.69 -21.55
CA ASP D 17 -4.68 -13.05 -22.80
C ASP D 17 -6.17 -12.72 -22.82
N ARG D 18 -6.52 -11.69 -23.58
CA ARG D 18 -7.90 -11.35 -23.87
C ARG D 18 -8.34 -12.06 -25.13
N VAL D 19 -9.46 -12.78 -25.05
CA VAL D 19 -10.00 -13.51 -26.19
C VAL D 19 -11.49 -13.20 -26.31
N THR D 20 -11.95 -13.07 -27.55
CA THR D 20 -13.36 -12.91 -27.84
C THR D 20 -13.80 -14.01 -28.80
N ILE D 21 -15.00 -14.55 -28.59
CA ILE D 21 -15.59 -15.54 -29.47
C ILE D 21 -16.94 -15.00 -29.93
N THR D 22 -17.25 -15.19 -31.20
CA THR D 22 -18.50 -14.70 -31.77
C THR D 22 -19.47 -15.85 -32.00
N CYS D 23 -20.75 -15.51 -32.07
CA CYS D 23 -21.81 -16.47 -32.31
C CYS D 23 -22.87 -15.79 -33.17
N ARG D 24 -23.08 -16.30 -34.38
CA ARG D 24 -24.01 -15.70 -35.33
C ARG D 24 -25.29 -16.52 -35.39
N ALA D 25 -26.43 -15.84 -35.30
CA ALA D 25 -27.74 -16.47 -35.35
C ALA D 25 -28.30 -16.43 -36.77
N SER D 26 -29.06 -17.47 -37.12
CA SER D 26 -29.63 -17.59 -38.46
C SER D 26 -30.70 -16.54 -38.73
N GLN D 27 -31.46 -16.16 -37.70
CA GLN D 27 -32.43 -15.09 -37.81
C GLN D 27 -32.40 -14.34 -36.49
N ILE D 28 -33.32 -13.38 -36.34
CA ILE D 28 -33.27 -12.50 -35.19
C ILE D 28 -33.71 -13.26 -33.94
N ILE D 29 -32.83 -13.27 -32.94
CA ILE D 29 -33.12 -13.74 -31.59
C ILE D 29 -32.75 -12.56 -30.71
N SER D 30 -33.71 -12.07 -29.93
CA SER D 30 -33.53 -10.80 -29.23
C SER D 30 -32.36 -10.80 -28.25
N THR D 31 -32.52 -11.51 -27.14
CA THR D 31 -31.47 -11.77 -26.17
C THR D 31 -31.62 -13.20 -25.67
N TYR D 32 -32.28 -14.06 -26.44
CA TYR D 32 -32.59 -15.42 -26.01
C TYR D 32 -31.44 -16.37 -26.32
N LEU D 33 -30.25 -15.99 -25.87
CA LEU D 33 -29.02 -16.71 -26.12
C LEU D 33 -28.29 -16.91 -24.81
N ASN D 34 -27.80 -18.14 -24.60
CA ASN D 34 -27.04 -18.48 -23.41
C ASN D 34 -25.68 -19.03 -23.81
N TRP D 35 -24.68 -18.77 -22.96
CA TRP D 35 -23.31 -19.22 -23.18
C TRP D 35 -22.98 -20.33 -22.20
N TYR D 36 -22.44 -21.43 -22.71
CA TYR D 36 -22.11 -22.60 -21.89
C TYR D 36 -20.64 -22.95 -22.04
N GLN D 37 -20.02 -23.34 -20.92
CA GLN D 37 -18.67 -23.89 -20.92
C GLN D 37 -18.75 -25.40 -20.76
N HIS D 38 -17.98 -26.14 -21.57
CA HIS D 38 -18.05 -27.60 -21.56
C HIS D 38 -16.65 -28.18 -21.62
N LYS D 39 -16.15 -28.64 -20.48
CA LYS D 39 -14.91 -29.40 -20.42
C LYS D 39 -15.19 -30.87 -20.75
N PRO D 40 -14.23 -31.57 -21.37
CA PRO D 40 -14.50 -32.95 -21.79
C PRO D 40 -14.60 -33.91 -20.61
N GLY D 41 -15.57 -34.81 -20.69
CA GLY D 41 -15.87 -35.75 -19.63
C GLY D 41 -16.84 -35.24 -18.58
N LYS D 42 -17.05 -33.93 -18.51
CA LYS D 42 -17.95 -33.33 -17.53
C LYS D 42 -19.17 -32.76 -18.23
N ALA D 43 -20.12 -32.31 -17.41
CA ALA D 43 -21.33 -31.67 -17.91
C ALA D 43 -21.04 -30.25 -18.40
N PRO D 44 -21.83 -29.74 -19.33
CA PRO D 44 -21.75 -28.31 -19.65
C PRO D 44 -22.24 -27.47 -18.48
N LYS D 45 -21.62 -26.31 -18.31
CA LYS D 45 -21.99 -25.39 -17.24
C LYS D 45 -22.35 -24.04 -17.82
N LEU D 46 -23.46 -23.47 -17.33
CA LEU D 46 -23.98 -22.20 -17.83
C LEU D 46 -23.14 -21.03 -17.32
N LEU D 47 -22.71 -20.17 -18.24
CA LEU D 47 -21.84 -19.03 -17.95
C LEU D 47 -22.57 -17.69 -18.01
N ILE D 48 -23.28 -17.44 -19.10
CA ILE D 48 -23.98 -16.16 -19.32
C ILE D 48 -25.37 -16.47 -19.82
N LYS D 49 -26.39 -15.92 -19.15
CA LYS D 49 -27.76 -16.01 -19.61
C LYS D 49 -28.23 -14.65 -20.09
N SER D 50 -29.23 -14.67 -20.98
CA SER D 50 -29.82 -13.48 -21.63
C SER D 50 -28.78 -12.66 -22.41
N ALA D 51 -27.70 -13.32 -22.83
CA ALA D 51 -26.63 -12.85 -23.72
C ALA D 51 -25.73 -11.77 -23.12
N SER D 52 -26.10 -11.21 -21.97
CA SER D 52 -25.25 -10.22 -21.31
C SER D 52 -25.23 -10.33 -19.80
N THR D 53 -26.02 -11.19 -19.18
CA THR D 53 -26.14 -11.28 -17.73
C THR D 53 -25.35 -12.47 -17.23
N LEU D 54 -24.54 -12.26 -16.19
CA LEU D 54 -23.64 -13.28 -15.70
C LEU D 54 -24.37 -14.25 -14.77
N GLN D 55 -24.03 -15.53 -14.89
CA GLN D 55 -24.59 -16.58 -14.04
C GLN D 55 -23.91 -16.58 -12.68
N SER D 56 -24.63 -17.06 -11.66
CA SER D 56 -24.10 -17.14 -10.31
C SER D 56 -22.94 -18.12 -10.25
N GLY D 57 -21.85 -17.69 -9.60
CA GLY D 57 -20.64 -18.49 -9.50
C GLY D 57 -19.62 -18.23 -10.59
N VAL D 58 -20.01 -17.58 -11.68
CA VAL D 58 -19.08 -17.27 -12.77
C VAL D 58 -18.27 -16.03 -12.39
N PRO D 59 -16.95 -16.07 -12.54
CA PRO D 59 -16.13 -14.89 -12.18
C PRO D 59 -16.37 -13.71 -13.11
N SER D 60 -15.95 -12.53 -12.63
CA SER D 60 -16.26 -11.26 -13.28
C SER D 60 -15.54 -11.05 -14.60
N ARG D 61 -14.52 -11.86 -14.92
CA ARG D 61 -13.78 -11.68 -16.16
C ARG D 61 -14.53 -12.18 -17.39
N PHE D 62 -15.56 -12.99 -17.23
CA PHE D 62 -16.40 -13.38 -18.36
C PHE D 62 -17.42 -12.27 -18.63
N SER D 63 -17.64 -11.97 -19.92
CA SER D 63 -18.58 -10.93 -20.30
C SER D 63 -19.20 -11.28 -21.65
N GLY D 64 -20.45 -10.85 -21.83
CA GLY D 64 -21.16 -11.12 -23.06
C GLY D 64 -21.94 -9.90 -23.51
N SER D 65 -22.09 -9.78 -24.83
CA SER D 65 -22.82 -8.67 -25.43
C SER D 65 -23.45 -9.14 -26.74
N GLY D 66 -24.35 -8.31 -27.27
CA GLY D 66 -24.95 -8.59 -28.55
C GLY D 66 -26.46 -8.78 -28.53
N SER D 67 -27.11 -8.39 -29.63
CA SER D 67 -28.54 -8.65 -29.83
C SER D 67 -28.78 -8.89 -31.31
N GLY D 68 -29.96 -9.42 -31.62
CA GLY D 68 -30.32 -9.69 -33.00
C GLY D 68 -29.74 -10.99 -33.54
N THR D 69 -28.69 -10.89 -34.34
CA THR D 69 -28.07 -12.08 -34.90
C THR D 69 -26.64 -12.30 -34.42
N ASP D 70 -25.93 -11.24 -34.05
CA ASP D 70 -24.51 -11.31 -33.73
C ASP D 70 -24.31 -11.15 -32.23
N PHE D 71 -23.60 -12.10 -31.62
CA PHE D 71 -23.36 -12.13 -30.19
C PHE D 71 -21.88 -12.45 -29.95
N THR D 72 -21.33 -11.91 -28.86
CA THR D 72 -19.93 -12.15 -28.52
C THR D 72 -19.80 -12.60 -27.07
N LEU D 73 -18.78 -13.41 -26.82
CA LEU D 73 -18.36 -13.79 -25.47
C LEU D 73 -16.89 -13.42 -25.31
N THR D 74 -16.58 -12.70 -24.23
CA THR D 74 -15.24 -12.17 -24.02
C THR D 74 -14.70 -12.62 -22.67
N ILE D 75 -13.48 -13.15 -22.67
CA ILE D 75 -12.72 -13.43 -21.45
C ILE D 75 -11.52 -12.51 -21.45
N THR D 76 -11.36 -11.74 -20.36
CA THR D 76 -10.39 -10.64 -20.36
C THR D 76 -9.00 -11.09 -19.91
N SER D 77 -8.90 -11.73 -18.76
CA SER D 77 -7.63 -12.27 -18.27
C SER D 77 -7.79 -13.78 -18.16
N LEU D 78 -7.30 -14.50 -19.18
CA LEU D 78 -7.50 -15.94 -19.27
C LEU D 78 -6.79 -16.68 -18.15
N GLN D 79 -7.43 -17.73 -17.65
CA GLN D 79 -6.98 -18.56 -16.54
C GLN D 79 -6.92 -20.02 -16.97
N PRO D 80 -6.06 -20.84 -16.35
CA PRO D 80 -5.93 -22.24 -16.79
C PRO D 80 -7.17 -23.11 -16.58
N GLU D 81 -8.13 -22.69 -15.76
CA GLU D 81 -9.37 -23.43 -15.60
C GLU D 81 -10.46 -22.94 -16.54
N ASP D 82 -10.10 -22.25 -17.61
CA ASP D 82 -11.07 -21.76 -18.59
C ASP D 82 -10.93 -22.41 -19.95
N PHE D 83 -9.96 -23.30 -20.15
CA PHE D 83 -9.71 -23.86 -21.47
C PHE D 83 -10.68 -25.01 -21.68
N ALA D 84 -11.66 -24.80 -22.54
CA ALA D 84 -12.73 -25.78 -22.77
C ALA D 84 -13.33 -25.52 -24.15
N THR D 85 -14.43 -26.21 -24.42
CA THR D 85 -15.26 -25.94 -25.59
C THR D 85 -16.48 -25.13 -25.16
N PHE D 86 -16.69 -23.99 -25.82
CA PHE D 86 -17.73 -23.04 -25.45
C PHE D 86 -18.88 -23.11 -26.46
N TYR D 87 -20.10 -23.11 -25.95
CA TYR D 87 -21.30 -23.19 -26.78
C TYR D 87 -22.20 -21.97 -26.57
N CYS D 88 -22.84 -21.54 -27.66
CA CYS D 88 -23.97 -20.63 -27.60
C CYS D 88 -25.24 -21.37 -27.97
N GLN D 89 -26.35 -20.98 -27.35
CA GLN D 89 -27.61 -21.71 -27.48
C GLN D 89 -28.76 -20.72 -27.60
N GLN D 90 -29.53 -20.82 -28.69
CA GLN D 90 -30.72 -19.99 -28.81
C GLN D 90 -31.89 -20.62 -28.07
N SER D 91 -32.78 -19.78 -27.57
CA SER D 91 -34.00 -20.22 -26.88
C SER D 91 -35.22 -19.45 -27.35
N TYR D 92 -35.18 -18.89 -28.55
CA TYR D 92 -36.28 -18.07 -29.05
C TYR D 92 -37.43 -18.95 -29.55
N ARG D 93 -37.14 -19.81 -30.52
CA ARG D 93 -38.15 -20.68 -31.13
C ARG D 93 -37.66 -22.11 -31.15
N ASP D 94 -38.59 -23.04 -30.97
CA ASP D 94 -38.28 -24.46 -31.08
C ASP D 94 -38.01 -24.82 -32.54
N PRO D 95 -37.05 -25.73 -32.80
CA PRO D 95 -36.20 -26.47 -31.86
C PRO D 95 -35.04 -25.67 -31.29
N ILE D 96 -34.66 -25.97 -30.04
CA ILE D 96 -33.51 -25.36 -29.42
C ILE D 96 -32.25 -25.89 -30.10
N THR D 97 -31.37 -24.97 -30.52
CA THR D 97 -30.18 -25.36 -31.26
C THR D 97 -28.95 -24.71 -30.63
N PHE D 98 -27.81 -25.36 -30.82
CA PHE D 98 -26.54 -24.94 -30.26
C PHE D 98 -25.56 -24.64 -31.39
N GLY D 99 -24.45 -24.01 -31.03
CA GLY D 99 -23.36 -23.86 -31.97
C GLY D 99 -22.51 -25.11 -32.05
N GLN D 100 -21.64 -25.14 -33.06
CA GLN D 100 -20.76 -26.30 -33.24
C GLN D 100 -19.68 -26.37 -32.17
N GLY D 101 -19.35 -25.25 -31.54
CA GLY D 101 -18.33 -25.22 -30.50
C GLY D 101 -17.16 -24.33 -30.86
N THR D 102 -16.35 -24.07 -29.85
CA THR D 102 -15.12 -23.29 -30.00
C THR D 102 -14.09 -23.86 -29.05
N ARG D 103 -13.12 -24.59 -29.61
CA ARG D 103 -12.04 -25.18 -28.83
C ARG D 103 -11.10 -24.09 -28.34
N LEU D 104 -10.81 -24.08 -27.05
CA LEU D 104 -9.86 -23.12 -26.49
C LEU D 104 -8.58 -23.88 -26.17
N GLU D 105 -7.49 -23.44 -26.79
CA GLU D 105 -6.22 -24.14 -26.82
C GLU D 105 -5.14 -23.29 -26.16
N ILE D 106 -4.09 -23.94 -25.67
CA ILE D 106 -2.98 -23.26 -25.03
C ILE D 106 -1.94 -23.01 -26.12
N LYS D 107 -1.62 -21.74 -26.36
CA LYS D 107 -0.63 -21.37 -27.37
C LYS D 107 0.79 -21.51 -26.86
N ARG D 108 1.66 -22.07 -27.71
CA ARG D 108 3.06 -22.24 -27.37
C ARG D 108 3.87 -22.16 -28.66
N THR D 109 5.20 -22.19 -28.52
CA THR D 109 6.10 -22.23 -29.66
C THR D 109 5.97 -23.54 -30.44
N VAL D 110 6.20 -23.44 -31.76
CA VAL D 110 5.93 -24.54 -32.69
C VAL D 110 7.01 -25.62 -32.54
N ALA D 111 6.58 -26.88 -32.42
CA ALA D 111 7.47 -28.01 -32.21
C ALA D 111 7.23 -29.09 -33.26
N ALA D 112 8.33 -29.67 -33.79
CA ALA D 112 8.29 -30.70 -34.82
C ALA D 112 7.91 -32.06 -34.21
N PRO D 113 7.14 -32.87 -34.94
CA PRO D 113 6.79 -34.21 -34.43
C PRO D 113 7.91 -35.22 -34.62
N SER D 114 8.14 -36.02 -33.58
CA SER D 114 9.00 -37.19 -33.70
C SER D 114 8.19 -38.32 -34.32
N VAL D 115 8.61 -38.80 -35.48
CA VAL D 115 7.83 -39.73 -36.29
C VAL D 115 8.38 -41.14 -36.11
N PHE D 116 7.54 -42.05 -35.62
CA PHE D 116 7.89 -43.46 -35.48
C PHE D 116 6.87 -44.31 -36.21
N ILE D 117 7.34 -45.42 -36.80
CA ILE D 117 6.49 -46.35 -37.53
C ILE D 117 6.71 -47.76 -36.98
N PHE D 118 5.64 -48.55 -36.90
CA PHE D 118 5.70 -49.88 -36.28
C PHE D 118 5.18 -50.93 -37.25
N PRO D 119 6.00 -51.91 -37.62
CA PRO D 119 5.53 -53.04 -38.41
C PRO D 119 4.60 -53.92 -37.59
N PRO D 120 3.71 -54.69 -38.24
CA PRO D 120 2.78 -55.52 -37.47
C PRO D 120 3.51 -56.71 -36.84
N SER D 121 3.11 -57.02 -35.60
CA SER D 121 3.67 -58.15 -34.88
C SER D 121 3.36 -59.47 -35.59
N ASP D 122 4.30 -60.40 -35.50
CA ASP D 122 4.09 -61.76 -36.03
C ASP D 122 2.96 -62.46 -35.28
N GLU D 123 2.73 -62.09 -34.02
CA GLU D 123 1.60 -62.61 -33.25
C GLU D 123 0.27 -62.17 -33.85
N GLN D 124 0.22 -60.95 -34.40
CA GLN D 124 -0.99 -60.50 -35.09
C GLN D 124 -1.14 -61.18 -36.44
N LEU D 125 -0.01 -61.45 -37.11
CA LEU D 125 -0.04 -62.07 -38.43
C LEU D 125 -0.54 -63.51 -38.36
N LYS D 126 -0.35 -64.20 -37.23
CA LYS D 126 -0.94 -65.52 -37.04
C LYS D 126 -2.45 -65.47 -36.87
N SER D 127 -2.99 -64.33 -36.45
CA SER D 127 -4.44 -64.15 -36.34
C SER D 127 -5.09 -63.73 -37.66
N GLY D 128 -4.32 -63.56 -38.73
CA GLY D 128 -4.87 -63.29 -40.03
C GLY D 128 -5.11 -61.83 -40.37
N THR D 129 -4.70 -60.92 -39.49
CA THR D 129 -4.82 -59.49 -39.74
C THR D 129 -3.48 -58.81 -39.50
N ALA D 130 -3.34 -57.60 -40.02
CA ALA D 130 -2.10 -56.86 -39.90
C ALA D 130 -2.39 -55.37 -39.74
N SER D 131 -1.77 -54.75 -38.74
CA SER D 131 -1.94 -53.32 -38.47
C SER D 131 -0.59 -52.65 -38.40
N VAL D 132 -0.33 -51.72 -39.32
CA VAL D 132 0.87 -50.88 -39.28
C VAL D 132 0.50 -49.57 -38.59
N VAL D 133 1.33 -49.14 -37.65
CA VAL D 133 1.02 -48.02 -36.77
C VAL D 133 2.11 -46.97 -36.94
N CYS D 134 1.70 -45.73 -37.21
CA CYS D 134 2.61 -44.60 -37.29
C CYS D 134 2.38 -43.71 -36.07
N LEU D 135 3.45 -43.35 -35.39
CA LEU D 135 3.37 -42.59 -34.15
C LEU D 135 3.95 -41.20 -34.35
N LEU D 136 3.18 -40.18 -33.96
CA LEU D 136 3.62 -38.80 -33.95
C LEU D 136 3.69 -38.33 -32.50
N ASN D 137 4.85 -37.81 -32.10
CA ASN D 137 5.09 -37.52 -30.69
C ASN D 137 5.53 -36.07 -30.49
N ASN D 138 4.88 -35.39 -29.54
CA ASN D 138 5.31 -34.10 -28.97
C ASN D 138 5.44 -33.01 -30.03
N PHE D 139 4.31 -32.65 -30.63
CA PHE D 139 4.29 -31.59 -31.63
C PHE D 139 3.26 -30.53 -31.28
N TYR D 140 3.41 -29.36 -31.91
CA TYR D 140 2.51 -28.25 -31.80
C TYR D 140 2.63 -27.49 -33.12
N PRO D 141 1.52 -27.08 -33.75
CA PRO D 141 0.12 -27.21 -33.30
C PRO D 141 -0.53 -28.53 -33.67
N ARG D 142 -1.84 -28.60 -33.43
CA ARG D 142 -2.59 -29.85 -33.54
C ARG D 142 -2.74 -30.30 -34.98
N GLU D 143 -2.74 -29.35 -35.92
CA GLU D 143 -2.95 -29.69 -37.33
C GLU D 143 -1.69 -30.30 -37.94
N ALA D 144 -1.81 -31.57 -38.32
CA ALA D 144 -0.80 -32.28 -39.09
C ALA D 144 -1.54 -33.33 -39.90
N LYS D 145 -1.10 -33.53 -41.14
CA LYS D 145 -1.76 -34.48 -42.02
C LYS D 145 -0.83 -35.65 -42.29
N VAL D 146 -1.30 -36.86 -41.97
CA VAL D 146 -0.55 -38.09 -42.15
C VAL D 146 -1.30 -38.96 -43.16
N GLN D 147 -0.57 -39.53 -44.11
CA GLN D 147 -1.18 -40.41 -45.09
C GLN D 147 -0.29 -41.61 -45.33
N TRP D 148 -0.91 -42.79 -45.43
CA TRP D 148 -0.19 -44.03 -45.66
C TRP D 148 -0.05 -44.26 -47.16
N LYS D 149 1.16 -44.65 -47.59
CA LYS D 149 1.39 -45.03 -48.97
C LYS D 149 2.06 -46.40 -48.99
N VAL D 150 1.56 -47.29 -49.84
CA VAL D 150 2.09 -48.64 -50.01
C VAL D 150 2.52 -48.85 -51.46
N ASP D 151 3.81 -49.15 -51.66
CA ASP D 151 4.47 -49.25 -52.98
C ASP D 151 4.27 -48.00 -53.85
N ASN D 152 4.39 -46.83 -53.21
CA ASN D 152 4.13 -45.51 -53.82
C ASN D 152 2.71 -45.42 -54.40
N ALA D 153 1.76 -46.01 -53.69
CA ALA D 153 0.32 -45.87 -53.96
C ALA D 153 -0.35 -45.43 -52.68
N LEU D 154 -0.89 -44.20 -52.68
CA LEU D 154 -1.52 -43.62 -51.51
C LEU D 154 -2.77 -44.39 -51.12
N GLN D 155 -2.96 -44.57 -49.81
CA GLN D 155 -4.12 -45.31 -49.35
C GLN D 155 -5.24 -44.35 -49.00
N SER D 156 -6.46 -44.89 -48.95
CA SER D 156 -7.62 -44.06 -48.67
C SER D 156 -8.76 -44.93 -48.17
N GLY D 157 -9.34 -44.55 -47.04
CA GLY D 157 -10.49 -45.26 -46.51
C GLY D 157 -10.16 -46.57 -45.81
N ASN D 158 -8.91 -46.74 -45.39
CA ASN D 158 -8.51 -47.94 -44.65
C ASN D 158 -7.63 -47.61 -43.46
N SER D 159 -7.58 -46.35 -43.04
CA SER D 159 -6.72 -45.90 -41.94
C SER D 159 -7.52 -45.07 -40.95
N GLN D 160 -7.26 -45.31 -39.67
CA GLN D 160 -7.89 -44.58 -38.58
C GLN D 160 -6.82 -43.96 -37.69
N GLU D 161 -7.06 -42.73 -37.25
CA GLU D 161 -6.10 -42.00 -36.45
C GLU D 161 -6.74 -41.53 -35.15
N SER D 162 -5.90 -41.42 -34.12
CA SER D 162 -6.32 -40.92 -32.82
C SER D 162 -5.31 -39.91 -32.32
N VAL D 163 -5.79 -38.86 -31.64
CA VAL D 163 -4.95 -37.80 -31.12
C VAL D 163 -5.22 -37.65 -29.62
N THR D 164 -4.16 -37.43 -28.85
CA THR D 164 -4.27 -37.26 -27.40
C THR D 164 -4.91 -35.92 -27.05
N GLU D 165 -5.31 -35.80 -25.78
CA GLU D 165 -5.66 -34.50 -25.23
C GLU D 165 -4.42 -33.63 -25.10
N GLN D 166 -4.64 -32.32 -25.07
CA GLN D 166 -3.55 -31.36 -24.90
C GLN D 166 -2.92 -31.43 -23.51
N ASP D 167 -1.61 -31.64 -23.48
CA ASP D 167 -0.82 -31.60 -22.25
C ASP D 167 -0.72 -30.16 -21.75
N SER D 168 -0.48 -29.99 -20.46
CA SER D 168 -0.15 -28.68 -19.92
C SER D 168 1.31 -28.51 -19.52
N LYS D 169 2.07 -29.60 -19.44
CA LYS D 169 3.48 -29.47 -19.07
C LYS D 169 4.28 -28.92 -20.25
N ASP D 170 4.26 -29.64 -21.37
CA ASP D 170 4.94 -29.16 -22.57
C ASP D 170 3.96 -28.65 -23.61
N SER D 171 2.65 -28.75 -23.34
CA SER D 171 1.56 -28.25 -24.20
C SER D 171 1.62 -28.80 -25.62
N THR D 172 2.02 -30.06 -25.75
CA THR D 172 2.17 -30.70 -27.05
C THR D 172 1.08 -31.75 -27.26
N TYR D 173 1.03 -32.27 -28.48
CA TYR D 173 0.08 -33.29 -28.87
C TYR D 173 0.82 -34.56 -29.28
N SER D 174 0.06 -35.65 -29.35
CA SER D 174 0.56 -36.91 -29.89
C SER D 174 -0.53 -37.56 -30.72
N LEU D 175 -0.15 -38.09 -31.88
CA LEU D 175 -1.09 -38.67 -32.82
C LEU D 175 -0.61 -40.06 -33.24
N SER D 176 -1.55 -40.99 -33.37
CA SER D 176 -1.25 -42.34 -33.84
C SER D 176 -2.23 -42.68 -34.96
N SER D 177 -1.71 -42.86 -36.17
CA SER D 177 -2.50 -43.29 -37.30
C SER D 177 -2.24 -44.76 -37.56
N THR D 178 -3.32 -45.54 -37.71
CA THR D 178 -3.23 -46.98 -37.81
C THR D 178 -3.87 -47.44 -39.11
N LEU D 179 -3.05 -47.94 -40.02
CA LEU D 179 -3.52 -48.52 -41.26
C LEU D 179 -3.71 -50.02 -41.04
N THR D 180 -4.91 -50.51 -41.33
CA THR D 180 -5.28 -51.88 -41.02
C THR D 180 -5.58 -52.63 -42.32
N LEU D 181 -4.92 -53.77 -42.49
CA LEU D 181 -5.09 -54.61 -43.66
C LEU D 181 -5.37 -56.03 -43.21
N SER D 182 -5.68 -56.89 -44.18
CA SER D 182 -5.73 -58.32 -43.95
C SER D 182 -4.34 -58.92 -44.10
N LYS D 183 -4.22 -60.21 -43.77
CA LYS D 183 -2.93 -60.88 -43.90
C LYS D 183 -2.54 -61.02 -45.36
N ALA D 184 -3.51 -61.34 -46.22
CA ALA D 184 -3.24 -61.43 -47.65
C ALA D 184 -2.98 -60.06 -48.26
N ASP D 185 -3.68 -59.04 -47.79
CA ASP D 185 -3.43 -57.67 -48.25
C ASP D 185 -2.07 -57.15 -47.80
N TYR D 186 -1.61 -57.54 -46.60
CA TYR D 186 -0.34 -57.02 -46.10
C TYR D 186 0.86 -57.64 -46.82
N GLU D 187 0.87 -58.96 -46.96
CA GLU D 187 2.02 -59.63 -47.59
C GLU D 187 1.95 -59.64 -49.11
N LYS D 188 1.00 -58.89 -49.68
CA LYS D 188 0.90 -58.70 -51.13
C LYS D 188 1.85 -57.62 -51.59
N HIS D 189 2.35 -56.81 -50.66
CA HIS D 189 3.21 -55.67 -50.93
C HIS D 189 4.53 -55.76 -50.17
N LYS D 190 5.47 -54.92 -50.60
CA LYS D 190 6.78 -54.81 -50.00
C LYS D 190 6.96 -53.52 -49.19
N VAL D 191 6.77 -52.37 -49.82
CA VAL D 191 7.09 -51.07 -49.21
C VAL D 191 5.87 -50.54 -48.48
N TYR D 192 6.05 -50.17 -47.21
CA TYR D 192 4.99 -49.60 -46.38
C TYR D 192 5.50 -48.33 -45.73
N ALA D 193 4.95 -47.19 -46.14
CA ALA D 193 5.49 -45.89 -45.80
C ALA D 193 4.43 -45.01 -45.16
N CYS D 194 4.91 -44.10 -44.30
CA CYS D 194 4.06 -43.16 -43.57
C CYS D 194 4.58 -41.75 -43.80
N GLU D 195 3.82 -40.93 -44.53
CA GLU D 195 4.21 -39.57 -44.86
C GLU D 195 3.52 -38.61 -43.91
N VAL D 196 4.28 -37.67 -43.35
CA VAL D 196 3.79 -36.72 -42.36
C VAL D 196 4.10 -35.31 -42.85
N THR D 197 3.09 -34.44 -42.84
CA THR D 197 3.27 -33.02 -43.15
C THR D 197 2.84 -32.21 -41.95
N HIS D 198 3.78 -31.45 -41.38
CA HIS D 198 3.53 -30.64 -40.20
C HIS D 198 4.05 -29.21 -40.45
N GLN D 199 3.49 -28.25 -39.70
CA GLN D 199 3.87 -26.85 -39.88
C GLN D 199 5.30 -26.58 -39.43
N GLY D 200 5.78 -27.26 -38.40
CA GLY D 200 7.15 -27.11 -37.96
C GLY D 200 8.08 -28.12 -38.59
N LEU D 201 7.88 -28.37 -39.88
CA LEU D 201 8.58 -29.45 -40.58
C LEU D 201 8.84 -28.96 -42.01
N SER D 202 10.11 -28.75 -42.34
CA SER D 202 10.46 -28.22 -43.66
C SER D 202 10.13 -29.21 -44.76
N SER D 203 10.78 -30.37 -44.75
CA SER D 203 10.39 -31.38 -45.72
C SER D 203 9.53 -32.45 -45.05
N PRO D 204 8.51 -32.94 -45.75
CA PRO D 204 7.65 -34.00 -45.18
C PRO D 204 8.42 -35.29 -44.93
N VAL D 205 8.37 -35.75 -43.68
CA VAL D 205 9.10 -36.93 -43.25
C VAL D 205 8.36 -38.19 -43.69
N THR D 206 9.09 -39.11 -44.32
CA THR D 206 8.56 -40.40 -44.73
C THR D 206 9.33 -41.47 -43.97
N LYS D 207 8.64 -42.17 -43.06
CA LYS D 207 9.19 -43.30 -42.32
C LYS D 207 8.64 -44.57 -42.94
N SER D 208 9.50 -45.55 -43.17
CA SER D 208 9.06 -46.74 -43.90
C SER D 208 9.84 -47.97 -43.47
N PHE D 209 9.33 -49.12 -43.89
CA PHE D 209 9.98 -50.42 -43.74
C PHE D 209 9.54 -51.27 -44.92
N ASN D 210 10.27 -52.36 -45.17
CA ASN D 210 10.05 -53.11 -46.41
C ASN D 210 9.88 -54.61 -46.17
N ARG D 211 8.70 -55.00 -45.68
CA ARG D 211 8.30 -56.42 -45.65
C ARG D 211 6.82 -56.55 -46.02
N ASP E 1 -35.39 4.40 -49.07
CA ASP E 1 -36.39 3.56 -48.44
C ASP E 1 -35.90 2.99 -47.10
N ILE E 2 -34.71 3.40 -46.68
CA ILE E 2 -34.10 2.88 -45.46
C ILE E 2 -34.19 3.98 -44.40
N GLN E 3 -35.30 4.00 -43.66
CA GLN E 3 -35.46 4.96 -42.57
C GLN E 3 -34.46 4.68 -41.46
N MET E 4 -33.86 5.74 -40.95
CA MET E 4 -32.84 5.65 -39.89
C MET E 4 -33.34 6.43 -38.69
N THR E 5 -33.45 5.75 -37.56
CA THR E 5 -33.98 6.33 -36.33
C THR E 5 -32.87 6.37 -35.30
N GLN E 6 -32.65 7.54 -34.71
CA GLN E 6 -31.64 7.72 -33.68
C GLN E 6 -32.31 7.83 -32.32
N SER E 7 -31.66 7.29 -31.30
CA SER E 7 -32.18 7.36 -29.96
C SER E 7 -31.06 7.80 -29.02
N PRO E 8 -31.32 8.74 -28.12
CA PRO E 8 -32.59 9.45 -27.89
C PRO E 8 -32.73 10.68 -28.77
N SER E 9 -33.81 11.45 -28.58
CA SER E 9 -33.99 12.70 -29.31
C SER E 9 -32.95 13.74 -28.89
N SER E 10 -32.71 13.87 -27.58
CA SER E 10 -31.73 14.81 -27.05
C SER E 10 -31.35 14.31 -25.66
N LEU E 11 -30.08 14.53 -25.26
CA LEU E 11 -29.62 14.09 -23.96
C LEU E 11 -28.63 15.11 -23.39
N SER E 12 -28.54 15.14 -22.06
CA SER E 12 -27.57 15.98 -21.36
C SER E 12 -26.70 15.10 -20.47
N ALA E 13 -25.40 15.38 -20.46
CA ALA E 13 -24.44 14.67 -19.62
C ALA E 13 -23.28 15.61 -19.32
N SER E 14 -22.44 15.26 -18.35
CA SER E 14 -21.38 16.18 -17.97
C SER E 14 -20.08 15.89 -18.71
N VAL E 15 -19.07 16.71 -18.42
CA VAL E 15 -17.76 16.61 -19.06
C VAL E 15 -16.96 15.51 -18.38
N GLY E 16 -16.48 14.55 -19.17
CA GLY E 16 -15.81 13.39 -18.65
C GLY E 16 -16.69 12.16 -18.59
N ASP E 17 -17.99 12.32 -18.79
CA ASP E 17 -18.93 11.20 -18.76
C ASP E 17 -18.84 10.38 -20.03
N ARG E 18 -19.19 9.11 -19.91
CA ARG E 18 -19.29 8.22 -21.06
C ARG E 18 -20.71 8.27 -21.58
N VAL E 19 -20.86 8.52 -22.88
CA VAL E 19 -22.16 8.65 -23.52
C VAL E 19 -22.21 7.75 -24.74
N THR E 20 -23.33 7.05 -24.92
CA THR E 20 -23.60 6.26 -26.11
C THR E 20 -24.91 6.73 -26.72
N ILE E 21 -24.95 6.83 -28.05
CA ILE E 21 -26.19 7.09 -28.78
C ILE E 21 -26.37 5.99 -29.79
N THR E 22 -27.61 5.56 -29.98
CA THR E 22 -27.89 4.46 -30.88
C THR E 22 -28.48 4.96 -32.18
N CYS E 23 -28.33 4.15 -33.23
CA CYS E 23 -28.88 4.42 -34.55
C CYS E 23 -29.34 3.08 -35.10
N ARG E 24 -30.65 2.93 -35.27
CA ARG E 24 -31.22 1.67 -35.73
C ARG E 24 -31.66 1.84 -37.17
N ALA E 25 -31.27 0.90 -38.02
CA ALA E 25 -31.63 0.92 -39.42
C ALA E 25 -32.86 0.06 -39.66
N SER E 26 -33.68 0.50 -40.61
CA SER E 26 -34.92 -0.21 -40.93
C SER E 26 -34.62 -1.58 -41.55
N GLN E 27 -33.49 -1.71 -42.26
CA GLN E 27 -33.12 -2.99 -42.85
C GLN E 27 -31.60 -3.14 -42.72
N ILE E 28 -31.09 -4.29 -43.17
CA ILE E 28 -29.68 -4.62 -42.98
C ILE E 28 -28.83 -3.82 -43.97
N ILE E 29 -27.82 -3.10 -43.45
CA ILE E 29 -26.89 -2.30 -44.25
C ILE E 29 -25.43 -2.67 -44.02
N SER E 30 -25.14 -3.69 -43.20
CA SER E 30 -23.81 -4.31 -42.97
C SER E 30 -22.65 -3.31 -42.80
N THR E 31 -22.84 -2.30 -41.93
CA THR E 31 -21.91 -1.25 -41.50
C THR E 31 -21.72 -0.16 -42.54
N TYR E 32 -22.54 -0.08 -43.58
CA TYR E 32 -22.33 1.02 -44.54
C TYR E 32 -22.99 2.29 -43.99
N LEU E 33 -22.49 2.73 -42.84
CA LEU E 33 -23.03 3.79 -42.03
C LEU E 33 -21.91 4.75 -41.69
N ASN E 34 -22.19 6.04 -41.77
CA ASN E 34 -21.23 7.06 -41.39
C ASN E 34 -21.85 7.93 -40.31
N TRP E 35 -21.00 8.43 -39.41
CA TRP E 35 -21.43 9.29 -38.32
C TRP E 35 -20.95 10.71 -38.61
N TYR E 36 -21.84 11.68 -38.47
CA TYR E 36 -21.52 13.07 -38.76
C TYR E 36 -21.74 13.94 -37.54
N GLN E 37 -20.83 14.91 -37.36
CA GLN E 37 -20.96 15.96 -36.38
C GLN E 37 -21.44 17.22 -37.08
N HIS E 38 -22.44 17.89 -36.49
CA HIS E 38 -23.02 19.07 -37.12
C HIS E 38 -23.21 20.11 -36.01
N LYS E 39 -22.26 21.02 -35.90
CA LYS E 39 -22.31 22.17 -35.02
C LYS E 39 -23.08 23.31 -35.70
N PRO E 40 -23.77 24.15 -34.93
CA PRO E 40 -24.60 25.19 -35.56
C PRO E 40 -23.77 26.26 -36.23
N GLY E 41 -24.22 26.68 -37.42
CA GLY E 41 -23.52 27.64 -38.24
C GLY E 41 -22.48 27.06 -39.18
N LYS E 42 -22.03 25.83 -38.96
CA LYS E 42 -20.98 25.24 -39.78
C LYS E 42 -21.55 24.13 -40.66
N ALA E 43 -20.68 23.60 -41.50
CA ALA E 43 -20.98 22.45 -42.32
C ALA E 43 -20.96 21.20 -41.44
N PRO E 44 -21.64 20.13 -41.85
CA PRO E 44 -21.47 18.85 -41.15
C PRO E 44 -20.05 18.32 -41.31
N LYS E 45 -19.58 17.66 -40.25
CA LYS E 45 -18.23 17.11 -40.21
C LYS E 45 -18.31 15.60 -40.05
N LEU E 46 -17.58 14.88 -40.90
CA LEU E 46 -17.59 13.43 -40.84
C LEU E 46 -16.74 12.95 -39.69
N LEU E 47 -17.29 12.06 -38.86
CA LEU E 47 -16.64 11.58 -37.65
C LEU E 47 -16.13 10.17 -37.77
N ILE E 48 -16.97 9.24 -38.23
CA ILE E 48 -16.63 7.83 -38.34
C ILE E 48 -17.17 7.31 -39.67
N LYS E 49 -16.33 6.63 -40.45
CA LYS E 49 -16.80 5.96 -41.66
C LYS E 49 -16.84 4.46 -41.40
N SER E 50 -17.71 3.77 -42.16
CA SER E 50 -17.92 2.32 -42.07
C SER E 50 -18.31 1.85 -40.67
N ALA E 51 -18.91 2.76 -39.88
CA ALA E 51 -19.51 2.56 -38.56
C ALA E 51 -18.49 2.28 -37.45
N SER E 52 -17.22 2.06 -37.79
CA SER E 52 -16.20 1.85 -36.76
C SER E 52 -14.84 2.48 -37.04
N THR E 53 -14.59 3.09 -38.19
CA THR E 53 -13.27 3.61 -38.54
C THR E 53 -13.25 5.11 -38.32
N LEU E 54 -12.23 5.60 -37.62
CA LEU E 54 -12.22 6.99 -37.20
C LEU E 54 -11.73 7.92 -38.32
N GLN E 55 -12.43 9.03 -38.50
CA GLN E 55 -12.11 10.07 -39.48
C GLN E 55 -11.12 11.10 -38.94
N SER E 56 -10.58 11.88 -39.87
CA SER E 56 -9.59 12.92 -39.59
C SER E 56 -10.11 14.02 -38.70
N GLY E 57 -9.31 14.38 -37.69
CA GLY E 57 -9.66 15.44 -36.76
C GLY E 57 -10.42 14.98 -35.55
N VAL E 58 -10.98 13.77 -35.60
CA VAL E 58 -11.80 13.25 -34.50
C VAL E 58 -10.88 12.68 -33.44
N PRO E 59 -11.03 13.07 -32.17
CA PRO E 59 -10.16 12.54 -31.12
C PRO E 59 -10.45 11.07 -30.83
N SER E 60 -9.51 10.44 -30.13
CA SER E 60 -9.54 9.00 -29.89
C SER E 60 -10.66 8.58 -28.94
N ARG E 61 -11.29 9.54 -28.26
CA ARG E 61 -12.39 9.26 -27.34
C ARG E 61 -13.68 8.93 -28.05
N PHE E 62 -13.80 9.24 -29.34
CA PHE E 62 -14.96 8.82 -30.12
C PHE E 62 -14.76 7.38 -30.60
N SER E 63 -15.83 6.59 -30.55
CA SER E 63 -15.77 5.21 -31.00
C SER E 63 -17.13 4.78 -31.51
N GLY E 64 -17.12 3.85 -32.46
CA GLY E 64 -18.34 3.35 -33.06
C GLY E 64 -18.30 1.84 -33.20
N SER E 65 -19.47 1.23 -33.11
CA SER E 65 -19.60 -0.22 -33.21
C SER E 65 -20.96 -0.55 -33.80
N GLY E 66 -21.13 -1.81 -34.18
CA GLY E 66 -22.40 -2.28 -34.68
C GLY E 66 -22.34 -2.80 -36.10
N SER E 67 -23.19 -3.77 -36.41
CA SER E 67 -23.33 -4.28 -37.76
C SER E 67 -24.80 -4.63 -37.99
N GLY E 68 -25.16 -4.79 -39.27
CA GLY E 68 -26.52 -5.15 -39.58
C GLY E 68 -27.50 -3.99 -39.50
N THR E 69 -28.29 -3.96 -38.42
CA THR E 69 -29.31 -2.93 -38.24
C THR E 69 -29.05 -2.01 -37.07
N ASP E 70 -28.33 -2.47 -36.04
CA ASP E 70 -28.14 -1.72 -34.80
C ASP E 70 -26.72 -1.20 -34.71
N PHE E 71 -26.58 0.11 -34.48
CA PHE E 71 -25.28 0.78 -34.42
C PHE E 71 -25.25 1.73 -33.24
N THR E 72 -24.05 1.90 -32.68
CA THR E 72 -23.84 2.81 -31.56
C THR E 72 -22.67 3.74 -31.85
N LEU E 73 -22.73 4.94 -31.28
CA LEU E 73 -21.62 5.89 -31.27
C LEU E 73 -21.33 6.23 -29.81
N THR E 74 -20.06 6.11 -29.41
CA THR E 74 -19.66 6.26 -28.03
C THR E 74 -18.60 7.33 -27.90
N ILE E 75 -18.81 8.27 -26.98
CA ILE E 75 -17.81 9.22 -26.55
C ILE E 75 -17.48 8.90 -25.10
N THR E 76 -16.19 8.69 -24.81
CA THR E 76 -15.80 8.14 -23.52
C THR E 76 -15.59 9.23 -22.48
N SER E 77 -14.78 10.23 -22.82
CA SER E 77 -14.55 11.39 -21.94
C SER E 77 -15.09 12.61 -22.67
N LEU E 78 -16.31 13.02 -22.34
CA LEU E 78 -16.97 14.11 -23.05
C LEU E 78 -16.22 15.41 -22.80
N GLN E 79 -16.09 16.22 -23.85
CA GLN E 79 -15.36 17.48 -23.81
C GLN E 79 -16.21 18.60 -24.38
N PRO E 80 -15.95 19.86 -23.98
CA PRO E 80 -16.77 20.99 -24.47
C PRO E 80 -16.68 21.28 -25.97
N GLU E 81 -15.73 20.71 -26.72
CA GLU E 81 -15.73 20.93 -28.17
C GLU E 81 -16.53 19.87 -28.92
N ASP E 82 -17.48 19.21 -28.25
CA ASP E 82 -18.31 18.18 -28.83
C ASP E 82 -19.79 18.57 -28.95
N PHE E 83 -20.10 19.88 -28.93
CA PHE E 83 -21.49 20.33 -28.95
C PHE E 83 -22.05 20.27 -30.36
N ALA E 84 -22.92 19.31 -30.63
CA ALA E 84 -23.48 19.22 -31.98
C ALA E 84 -24.78 18.43 -31.96
N THR E 85 -25.35 18.30 -33.15
CA THR E 85 -26.39 17.35 -33.46
C THR E 85 -25.72 16.25 -34.27
N PHE E 86 -25.88 15.00 -33.86
CA PHE E 86 -25.14 13.91 -34.45
C PHE E 86 -26.05 13.14 -35.39
N TYR E 87 -25.54 12.83 -36.58
CA TYR E 87 -26.30 12.12 -37.59
C TYR E 87 -25.63 10.81 -37.94
N CYS E 88 -26.44 9.79 -38.21
CA CYS E 88 -25.99 8.58 -38.86
C CYS E 88 -26.58 8.53 -40.26
N GLN E 89 -25.81 7.97 -41.19
CA GLN E 89 -26.15 8.02 -42.61
C GLN E 89 -25.84 6.68 -43.25
N GLN E 90 -26.83 6.04 -43.85
CA GLN E 90 -26.58 4.83 -44.58
C GLN E 90 -26.07 5.15 -45.99
N SER E 91 -25.24 4.25 -46.51
CA SER E 91 -24.72 4.36 -47.86
C SER E 91 -24.80 3.02 -48.59
N TYR E 92 -25.72 2.16 -48.16
CA TYR E 92 -25.86 0.83 -48.73
C TYR E 92 -26.59 0.88 -50.07
N ARG E 93 -27.80 1.42 -50.07
CA ARG E 93 -28.62 1.48 -51.27
C ARG E 93 -29.15 2.89 -51.45
N ASP E 94 -29.26 3.32 -52.69
CA ASP E 94 -29.91 4.59 -52.98
C ASP E 94 -31.41 4.45 -52.77
N PRO E 95 -32.09 5.49 -52.24
CA PRO E 95 -31.59 6.81 -51.84
C PRO E 95 -30.86 6.82 -50.50
N ILE E 96 -29.84 7.69 -50.41
CA ILE E 96 -29.12 7.89 -49.16
C ILE E 96 -30.02 8.59 -48.16
N THR E 97 -30.12 8.02 -46.95
CA THR E 97 -30.99 8.57 -45.93
C THR E 97 -30.21 8.77 -44.64
N PHE E 98 -30.68 9.71 -43.83
CA PHE E 98 -30.02 10.10 -42.60
C PHE E 98 -30.95 9.84 -41.42
N GLY E 99 -30.37 9.93 -40.22
CA GLY E 99 -31.19 9.95 -39.01
C GLY E 99 -31.74 11.33 -38.74
N GLN E 100 -32.69 11.38 -37.81
CA GLN E 100 -33.31 12.66 -37.46
C GLN E 100 -32.37 13.58 -36.68
N GLY E 101 -31.38 13.02 -35.99
CA GLY E 101 -30.43 13.80 -35.22
C GLY E 101 -30.50 13.48 -33.73
N THR E 102 -29.47 13.96 -33.03
CA THR E 102 -29.40 13.82 -31.58
C THR E 102 -28.68 15.05 -31.03
N ARG E 103 -29.42 15.97 -30.43
CA ARG E 103 -28.80 17.15 -29.84
C ARG E 103 -28.03 16.77 -28.58
N LEU E 104 -26.77 17.19 -28.49
CA LEU E 104 -25.92 16.90 -27.35
C LEU E 104 -25.73 18.15 -26.50
N GLU E 105 -26.10 18.05 -25.22
CA GLU E 105 -26.02 19.16 -24.28
C GLU E 105 -25.08 18.71 -23.16
N ILE E 106 -24.35 19.67 -22.59
CA ILE E 106 -23.40 19.40 -21.53
C ILE E 106 -23.85 20.04 -20.23
N LYS E 107 -23.89 19.23 -19.16
CA LYS E 107 -24.13 19.72 -17.83
C LYS E 107 -22.85 20.40 -17.33
N ARG E 108 -23.01 21.55 -16.67
CA ARG E 108 -21.87 22.35 -16.26
C ARG E 108 -22.18 22.97 -14.91
N THR E 109 -21.14 23.54 -14.29
CA THR E 109 -21.33 24.33 -13.09
C THR E 109 -22.15 25.59 -13.40
N VAL E 110 -22.96 25.98 -12.43
CA VAL E 110 -23.96 27.02 -12.64
C VAL E 110 -23.29 28.40 -12.61
N ALA E 111 -23.61 29.22 -13.62
CA ALA E 111 -23.02 30.53 -13.80
C ALA E 111 -24.12 31.57 -13.89
N ALA E 112 -23.93 32.70 -13.19
CA ALA E 112 -24.91 33.78 -13.16
C ALA E 112 -24.84 34.63 -14.44
N PRO E 113 -25.98 35.10 -14.95
CA PRO E 113 -25.95 35.98 -16.12
C PRO E 113 -25.62 37.42 -15.77
N SER E 114 -24.74 38.02 -16.56
CA SER E 114 -24.50 39.46 -16.50
C SER E 114 -25.60 40.16 -17.29
N VAL E 115 -26.36 41.03 -16.63
CA VAL E 115 -27.59 41.57 -17.17
C VAL E 115 -27.37 42.98 -17.70
N PHE E 116 -27.67 43.19 -18.98
CA PHE E 116 -27.59 44.48 -19.63
C PHE E 116 -28.94 44.84 -20.25
N ILE E 117 -29.26 46.14 -20.22
CA ILE E 117 -30.50 46.66 -20.79
C ILE E 117 -30.15 47.77 -21.76
N PHE E 118 -30.90 47.87 -22.86
CA PHE E 118 -30.60 48.80 -23.94
C PHE E 118 -31.82 49.66 -24.22
N PRO E 119 -31.74 50.97 -24.06
CA PRO E 119 -32.85 51.86 -24.45
C PRO E 119 -33.02 51.90 -25.96
N PRO E 120 -34.22 52.22 -26.46
CA PRO E 120 -34.42 52.25 -27.91
C PRO E 120 -33.72 53.43 -28.57
N SER E 121 -33.16 53.17 -29.76
CA SER E 121 -32.42 54.17 -30.52
C SER E 121 -33.29 55.34 -30.94
N ASP E 122 -32.68 56.54 -30.97
CA ASP E 122 -33.36 57.73 -31.49
C ASP E 122 -33.66 57.59 -32.98
N GLU E 123 -32.83 56.83 -33.70
CA GLU E 123 -33.09 56.53 -35.10
C GLU E 123 -34.32 55.67 -35.27
N GLN E 124 -34.60 54.81 -34.30
CA GLN E 124 -35.80 53.96 -34.37
C GLN E 124 -37.07 54.74 -34.06
N LEU E 125 -37.00 55.68 -33.09
CA LEU E 125 -38.18 56.47 -32.73
C LEU E 125 -38.57 57.49 -33.80
N LYS E 126 -37.62 57.96 -34.62
CA LYS E 126 -38.03 58.83 -35.72
C LYS E 126 -38.80 58.06 -36.79
N SER E 127 -38.64 56.74 -36.85
CA SER E 127 -39.46 55.90 -37.71
C SER E 127 -40.76 55.47 -37.04
N GLY E 128 -40.99 55.87 -35.80
CA GLY E 128 -42.26 55.65 -35.13
C GLY E 128 -42.41 54.38 -34.32
N THR E 129 -41.34 53.60 -34.12
CA THR E 129 -41.42 52.41 -33.27
C THR E 129 -40.27 52.44 -32.25
N ALA E 130 -40.39 51.62 -31.22
CA ALA E 130 -39.41 51.58 -30.14
C ALA E 130 -39.22 50.15 -29.65
N SER E 131 -37.96 49.72 -29.55
CA SER E 131 -37.62 48.38 -29.07
C SER E 131 -36.58 48.50 -27.96
N VAL E 132 -36.96 48.10 -26.75
CA VAL E 132 -36.05 48.00 -25.62
C VAL E 132 -35.57 46.56 -25.49
N VAL E 133 -34.26 46.37 -25.30
CA VAL E 133 -33.62 45.06 -25.37
C VAL E 133 -32.96 44.75 -24.04
N CYS E 134 -33.26 43.58 -23.48
CA CYS E 134 -32.61 43.08 -22.26
C CYS E 134 -31.68 41.93 -22.63
N LEU E 135 -30.43 42.01 -22.17
CA LEU E 135 -29.40 41.05 -22.50
C LEU E 135 -28.95 40.27 -21.26
N LEU E 136 -28.96 38.95 -21.36
CA LEU E 136 -28.41 38.06 -20.35
C LEU E 136 -27.23 37.32 -20.97
N ASN E 137 -26.08 37.40 -20.32
CA ASN E 137 -24.84 36.98 -20.95
C ASN E 137 -24.10 35.94 -20.11
N ASN E 138 -23.69 34.85 -20.78
CA ASN E 138 -22.75 33.85 -20.27
C ASN E 138 -23.25 33.21 -18.98
N PHE E 139 -24.37 32.51 -19.10
CA PHE E 139 -24.96 31.84 -17.97
C PHE E 139 -25.18 30.39 -18.32
N TYR E 140 -25.34 29.58 -17.27
CA TYR E 140 -25.65 28.19 -17.39
C TYR E 140 -26.43 27.98 -16.09
N PRO E 141 -27.57 27.28 -16.14
CA PRO E 141 -28.14 26.60 -17.30
C PRO E 141 -29.08 27.44 -18.18
N ARG E 142 -29.69 26.77 -19.17
CA ARG E 142 -30.49 27.41 -20.22
C ARG E 142 -31.80 27.97 -19.68
N GLU E 143 -32.29 27.43 -18.57
CA GLU E 143 -33.53 27.88 -17.97
C GLU E 143 -33.27 29.23 -17.30
N ALA E 144 -33.93 30.27 -17.79
CA ALA E 144 -33.87 31.61 -17.21
C ALA E 144 -35.19 32.31 -17.46
N LYS E 145 -35.63 33.11 -16.51
CA LYS E 145 -36.92 33.78 -16.64
C LYS E 145 -36.68 35.27 -16.79
N VAL E 146 -37.17 35.85 -17.89
CA VAL E 146 -37.05 37.27 -18.14
C VAL E 146 -38.45 37.85 -18.23
N GLN E 147 -38.71 38.92 -17.49
CA GLN E 147 -40.01 39.54 -17.55
C GLN E 147 -39.86 41.05 -17.52
N TRP E 148 -40.62 41.73 -18.38
CA TRP E 148 -40.59 43.18 -18.48
C TRP E 148 -41.58 43.81 -17.52
N LYS E 149 -41.18 44.91 -16.89
CA LYS E 149 -42.05 45.69 -16.03
C LYS E 149 -42.05 47.14 -16.51
N VAL E 150 -43.24 47.69 -16.70
CA VAL E 150 -43.43 49.08 -17.06
C VAL E 150 -44.31 49.72 -16.00
N ASP E 151 -43.77 50.71 -15.28
CA ASP E 151 -44.42 51.34 -14.11
C ASP E 151 -44.85 50.31 -13.08
N ASN E 152 -43.99 49.31 -12.86
CA ASN E 152 -44.24 48.14 -11.99
C ASN E 152 -45.51 47.40 -12.38
N ALA E 153 -45.80 47.36 -13.68
CA ALA E 153 -46.89 46.58 -14.25
C ALA E 153 -46.31 45.59 -15.25
N LEU E 154 -46.46 44.30 -14.95
CA LEU E 154 -45.88 43.26 -15.79
C LEU E 154 -46.57 43.25 -17.15
N GLN E 155 -45.78 43.19 -18.22
CA GLN E 155 -46.32 43.17 -19.56
C GLN E 155 -46.41 41.72 -20.04
N SER E 156 -47.22 41.51 -21.07
CA SER E 156 -47.47 40.15 -21.56
C SER E 156 -47.95 40.21 -23.00
N GLY E 157 -47.34 39.38 -23.85
CA GLY E 157 -47.75 39.28 -25.24
C GLY E 157 -47.26 40.36 -26.16
N ASN E 158 -46.21 41.09 -25.75
CA ASN E 158 -45.61 42.09 -26.64
C ASN E 158 -44.08 42.02 -26.60
N SER E 159 -43.50 40.95 -26.08
CA SER E 159 -42.06 40.79 -25.96
C SER E 159 -41.66 39.43 -26.49
N GLN E 160 -40.56 39.40 -27.25
CA GLN E 160 -40.05 38.17 -27.84
C GLN E 160 -38.61 37.97 -27.41
N GLU E 161 -38.25 36.73 -27.14
CA GLU E 161 -36.92 36.39 -26.65
C GLU E 161 -36.28 35.34 -27.53
N SER E 162 -34.95 35.41 -27.61
CA SER E 162 -34.14 34.44 -28.32
C SER E 162 -32.95 34.08 -27.44
N VAL E 163 -32.57 32.82 -27.50
CA VAL E 163 -31.43 32.31 -26.74
C VAL E 163 -30.47 31.69 -27.75
N THR E 164 -29.18 31.94 -27.57
CA THR E 164 -28.17 31.42 -28.48
C THR E 164 -28.06 29.91 -28.33
N GLU E 165 -27.37 29.29 -29.29
CA GLU E 165 -26.94 27.94 -29.08
C GLU E 165 -25.88 27.92 -27.97
N GLN E 166 -25.70 26.74 -27.38
CA GLN E 166 -24.72 26.60 -26.31
C GLN E 166 -23.32 26.84 -26.84
N ASP E 167 -22.59 27.74 -26.17
CA ASP E 167 -21.24 28.10 -26.59
C ASP E 167 -20.33 26.89 -26.45
N SER E 168 -19.28 26.85 -27.27
CA SER E 168 -18.42 25.68 -27.33
C SER E 168 -17.20 25.78 -26.42
N LYS E 169 -16.86 26.97 -25.95
CA LYS E 169 -15.71 27.14 -25.07
C LYS E 169 -16.07 26.98 -23.60
N ASP E 170 -17.01 27.80 -23.11
CA ASP E 170 -17.38 27.82 -21.70
C ASP E 170 -18.71 27.13 -21.40
N SER E 171 -19.37 26.55 -22.41
CA SER E 171 -20.63 25.82 -22.28
C SER E 171 -21.75 26.67 -21.67
N THR E 172 -21.77 27.96 -22.02
CA THR E 172 -22.75 28.89 -21.50
C THR E 172 -23.75 29.27 -22.58
N TYR E 173 -24.81 29.95 -22.14
CA TYR E 173 -25.86 30.45 -23.01
C TYR E 173 -25.93 31.97 -22.92
N SER E 174 -26.60 32.57 -23.90
CA SER E 174 -26.90 33.99 -23.85
C SER E 174 -28.31 34.20 -24.39
N LEU E 175 -29.06 35.08 -23.74
CA LEU E 175 -30.46 35.30 -24.10
C LEU E 175 -30.69 36.79 -24.29
N SER E 176 -31.51 37.12 -25.29
CA SER E 176 -31.89 38.50 -25.57
C SER E 176 -33.41 38.55 -25.68
N SER E 177 -34.05 39.24 -24.74
CA SER E 177 -35.49 39.47 -24.79
C SER E 177 -35.74 40.90 -25.24
N THR E 178 -36.61 41.07 -26.23
CA THR E 178 -36.81 42.35 -26.89
C THR E 178 -38.28 42.72 -26.76
N LEU E 179 -38.56 43.76 -25.99
CA LEU E 179 -39.91 44.29 -25.87
C LEU E 179 -40.09 45.39 -26.92
N THR E 180 -41.09 45.24 -27.76
CA THR E 180 -41.33 46.15 -28.87
C THR E 180 -42.70 46.78 -28.69
N LEU E 181 -42.74 48.11 -28.70
CA LEU E 181 -43.97 48.87 -28.57
C LEU E 181 -44.03 49.86 -29.72
N SER E 182 -45.15 50.58 -29.80
CA SER E 182 -45.19 51.71 -30.70
C SER E 182 -44.60 52.94 -30.01
N LYS E 183 -44.42 54.01 -30.80
CA LYS E 183 -43.87 55.25 -30.26
C LYS E 183 -44.84 55.90 -29.27
N ALA E 184 -46.14 55.81 -29.56
CA ALA E 184 -47.15 56.36 -28.67
C ALA E 184 -47.25 55.59 -27.37
N ASP E 185 -47.12 54.26 -27.42
CA ASP E 185 -47.10 53.46 -26.20
C ASP E 185 -45.83 53.70 -25.39
N TYR E 186 -44.71 53.95 -26.06
CA TYR E 186 -43.44 54.15 -25.36
C TYR E 186 -43.41 55.48 -24.63
N GLU E 187 -43.92 56.54 -25.27
CA GLU E 187 -43.90 57.88 -24.71
C GLU E 187 -44.99 58.13 -23.68
N LYS E 188 -45.75 57.10 -23.30
CA LYS E 188 -46.76 57.22 -22.26
C LYS E 188 -46.21 56.90 -20.88
N HIS E 189 -45.09 56.20 -20.80
CA HIS E 189 -44.53 55.75 -19.53
C HIS E 189 -43.13 56.30 -19.32
N LYS E 190 -42.67 56.20 -18.06
CA LYS E 190 -41.35 56.69 -17.70
C LYS E 190 -40.38 55.56 -17.38
N VAL E 191 -40.71 54.68 -16.44
CA VAL E 191 -39.77 53.67 -15.97
C VAL E 191 -39.98 52.37 -16.76
N TYR E 192 -38.88 51.78 -17.23
CA TYR E 192 -38.91 50.53 -17.98
C TYR E 192 -37.89 49.57 -17.41
N ALA E 193 -38.36 48.46 -16.82
CA ALA E 193 -37.51 47.58 -16.03
C ALA E 193 -37.56 46.15 -16.55
N CYS E 194 -36.45 45.43 -16.35
CA CYS E 194 -36.29 44.04 -16.78
C CYS E 194 -35.82 43.21 -15.60
N GLU E 195 -36.68 42.34 -15.09
CA GLU E 195 -36.37 41.49 -13.94
C GLU E 195 -35.99 40.10 -14.41
N VAL E 196 -34.91 39.55 -13.85
CA VAL E 196 -34.40 38.24 -14.23
C VAL E 196 -34.25 37.38 -12.98
N THR E 197 -34.76 36.16 -13.04
CA THR E 197 -34.56 35.16 -12.01
C THR E 197 -33.88 33.96 -12.64
N HIS E 198 -32.70 33.61 -12.14
CA HIS E 198 -31.90 32.51 -12.65
C HIS E 198 -31.58 31.59 -11.48
N GLN E 199 -31.29 30.33 -11.79
CA GLN E 199 -31.04 29.36 -10.73
C GLN E 199 -29.74 29.66 -9.98
N GLY E 200 -28.76 30.23 -10.67
CA GLY E 200 -27.52 30.68 -10.05
C GLY E 200 -27.55 32.15 -9.70
N LEU E 201 -28.68 32.61 -9.16
CA LEU E 201 -28.88 34.04 -8.93
C LEU E 201 -29.65 34.18 -7.64
N SER E 202 -28.99 34.73 -6.63
CA SER E 202 -29.59 34.86 -5.31
C SER E 202 -30.76 35.86 -5.32
N SER E 203 -30.47 37.11 -5.65
CA SER E 203 -31.53 38.10 -5.75
C SER E 203 -31.89 38.36 -7.21
N PRO E 204 -33.18 38.55 -7.49
CA PRO E 204 -33.61 38.89 -8.85
C PRO E 204 -33.05 40.24 -9.27
N VAL E 205 -32.25 40.23 -10.34
CA VAL E 205 -31.60 41.45 -10.80
C VAL E 205 -32.59 42.25 -11.63
N THR E 206 -32.74 43.53 -11.30
CA THR E 206 -33.62 44.44 -12.02
C THR E 206 -32.81 45.58 -12.62
N LYS E 207 -32.76 45.65 -13.94
CA LYS E 207 -32.16 46.75 -14.67
C LYS E 207 -33.24 47.66 -15.24
N SER E 208 -33.07 48.97 -15.10
CA SER E 208 -34.10 49.89 -15.52
C SER E 208 -33.50 51.19 -16.01
N PHE E 209 -34.32 51.96 -16.72
CA PHE E 209 -33.96 53.30 -17.18
C PHE E 209 -35.25 54.11 -17.27
N ASN E 210 -35.09 55.43 -17.42
CA ASN E 210 -36.22 56.34 -17.32
C ASN E 210 -36.23 57.24 -18.55
N ARG E 211 -36.72 56.71 -19.67
CA ARG E 211 -36.90 57.55 -20.85
C ARG E 211 -38.25 57.28 -21.49
N GLN F 1 20.16 -1.65 7.38
CA GLN F 1 20.19 -2.71 6.38
C GLN F 1 21.56 -3.35 6.25
N VAL F 2 22.37 -2.85 5.33
CA VAL F 2 23.67 -3.44 5.05
C VAL F 2 24.68 -3.02 6.11
N GLN F 3 25.40 -4.00 6.67
CA GLN F 3 26.49 -3.75 7.59
C GLN F 3 27.53 -4.85 7.40
N LEU F 4 28.80 -4.46 7.43
CA LEU F 4 29.92 -5.39 7.31
C LEU F 4 30.65 -5.45 8.64
N VAL F 5 30.66 -6.63 9.26
CA VAL F 5 31.31 -6.85 10.54
C VAL F 5 32.57 -7.66 10.29
N GLN F 6 33.71 -7.13 10.74
CA GLN F 6 35.00 -7.73 10.51
C GLN F 6 35.46 -8.56 11.70
N SER F 7 36.59 -9.24 11.50
CA SER F 7 37.29 -9.93 12.56
C SER F 7 37.80 -8.95 13.62
N GLY F 8 38.08 -9.49 14.80
CA GLY F 8 38.65 -8.71 15.88
C GLY F 8 40.12 -8.42 15.62
N PRO F 9 40.71 -7.59 16.47
CA PRO F 9 42.12 -7.20 16.25
C PRO F 9 43.07 -8.35 16.56
N GLU F 10 44.15 -8.42 15.77
CA GLU F 10 45.10 -9.51 15.86
C GLU F 10 46.51 -8.94 15.98
N ALA F 11 47.44 -9.79 16.41
CA ALA F 11 48.84 -9.41 16.58
C ALA F 11 49.72 -10.58 16.19
N LYS F 12 50.50 -10.41 15.12
CA LYS F 12 51.32 -11.48 14.59
C LYS F 12 52.80 -11.10 14.70
N LYS F 13 53.65 -12.11 14.76
CA LYS F 13 55.09 -11.89 14.75
C LYS F 13 55.54 -11.62 13.31
N PRO F 14 56.68 -10.95 13.13
CA PRO F 14 57.18 -10.69 11.77
C PRO F 14 57.56 -11.97 11.05
N GLY F 15 57.05 -12.12 9.82
CA GLY F 15 57.24 -13.31 9.02
C GLY F 15 56.03 -14.21 8.94
N ALA F 16 55.11 -14.10 9.89
CA ALA F 16 53.93 -14.97 9.93
C ALA F 16 52.85 -14.43 8.99
N SER F 17 51.64 -14.98 9.10
CA SER F 17 50.51 -14.56 8.30
C SER F 17 49.32 -14.25 9.21
N VAL F 18 48.38 -13.49 8.66
CA VAL F 18 47.15 -13.13 9.36
C VAL F 18 45.98 -13.36 8.42
N LYS F 19 44.87 -13.88 8.96
CA LYS F 19 43.65 -14.08 8.19
C LYS F 19 42.57 -13.18 8.78
N VAL F 20 42.36 -12.02 8.15
CA VAL F 20 41.31 -11.10 8.56
C VAL F 20 40.04 -11.47 7.81
N SER F 21 38.92 -11.48 8.53
CA SER F 21 37.63 -11.84 7.97
C SER F 21 36.69 -10.64 7.99
N CYS F 22 35.57 -10.76 7.28
CA CYS F 22 34.60 -9.68 7.15
C CYS F 22 33.28 -10.30 6.73
N GLN F 23 32.25 -10.15 7.57
CA GLN F 23 30.98 -10.83 7.40
C GLN F 23 29.90 -9.85 6.95
N ALA F 24 29.24 -10.17 5.85
CA ALA F 24 28.24 -9.30 5.24
C ALA F 24 26.84 -9.69 5.66
N SER F 25 26.01 -8.68 5.94
CA SER F 25 24.61 -8.90 6.30
C SER F 25 23.74 -7.85 5.63
N GLY F 26 22.55 -8.26 5.21
CA GLY F 26 21.54 -7.33 4.73
C GLY F 26 21.40 -7.21 3.22
N TYR F 27 22.07 -8.04 2.44
CA TYR F 27 22.03 -7.95 0.99
C TYR F 27 22.51 -9.28 0.42
N PRO F 28 22.17 -9.60 -0.83
CA PRO F 28 22.73 -10.81 -1.46
C PRO F 28 24.23 -10.72 -1.62
N PHE F 29 24.94 -11.60 -0.91
CA PHE F 29 26.40 -11.54 -0.79
C PHE F 29 27.08 -11.77 -2.14
N SER F 30 26.63 -12.77 -2.89
CA SER F 30 27.05 -12.90 -4.28
C SER F 30 26.46 -11.75 -5.11
N GLY F 31 27.25 -11.25 -6.04
CA GLY F 31 26.81 -10.17 -6.92
C GLY F 31 27.26 -8.79 -6.52
N TYR F 32 28.06 -8.65 -5.46
CA TYR F 32 28.73 -7.40 -5.12
C TYR F 32 30.18 -7.72 -4.80
N TYR F 33 31.10 -7.02 -5.46
CA TYR F 33 32.52 -7.29 -5.27
C TYR F 33 32.96 -6.80 -3.90
N MET F 34 33.85 -7.56 -3.27
CA MET F 34 34.35 -7.23 -1.95
C MET F 34 35.79 -6.75 -2.10
N HIS F 35 36.02 -5.47 -1.83
CA HIS F 35 37.36 -4.91 -1.89
C HIS F 35 37.97 -4.89 -0.49
N TRP F 36 39.28 -5.13 -0.42
CA TRP F 36 40.04 -5.05 0.82
C TRP F 36 41.04 -3.91 0.76
N LEU F 37 41.05 -3.09 1.82
CA LEU F 37 41.91 -1.92 1.91
C LEU F 37 42.60 -1.90 3.27
N ARG F 38 43.61 -1.05 3.39
CA ARG F 38 44.35 -0.93 4.64
C ARG F 38 44.83 0.51 4.79
N GLN F 39 45.10 0.88 6.04
CA GLN F 39 45.56 2.23 6.37
C GLN F 39 46.73 2.11 7.33
N ALA F 40 47.94 2.37 6.81
CA ALA F 40 49.14 2.49 7.62
C ALA F 40 49.00 3.68 8.58
N PRO F 41 49.66 3.65 9.74
CA PRO F 41 49.40 4.66 10.78
C PRO F 41 49.83 6.06 10.33
N GLY F 42 48.85 6.95 10.23
CA GLY F 42 49.06 8.30 9.74
C GLY F 42 49.52 8.39 8.30
N GLN F 43 48.97 7.55 7.41
CA GLN F 43 49.43 7.52 6.03
C GLN F 43 48.31 7.50 5.00
N GLY F 44 47.05 7.42 5.39
CA GLY F 44 45.98 7.30 4.42
C GLY F 44 45.81 5.86 3.96
N LEU F 45 44.81 5.67 3.09
CA LEU F 45 44.37 4.34 2.72
C LEU F 45 45.17 3.79 1.54
N GLU F 46 45.47 2.50 1.60
CA GLU F 46 46.01 1.74 0.49
C GLU F 46 45.01 0.69 0.05
N TRP F 47 44.83 0.55 -1.26
CA TRP F 47 44.00 -0.50 -1.82
C TRP F 47 44.84 -1.74 -2.06
N MET F 48 44.27 -2.91 -1.78
CA MET F 48 44.98 -4.17 -1.89
C MET F 48 44.43 -5.10 -2.96
N GLY F 49 43.13 -5.26 -3.04
CA GLY F 49 42.54 -6.11 -4.06
C GLY F 49 41.04 -6.21 -3.88
N TRP F 50 40.40 -6.79 -4.90
CA TRP F 50 38.97 -7.09 -4.85
C TRP F 50 38.73 -8.57 -5.10
N MET F 51 37.63 -9.08 -4.54
CA MET F 51 37.24 -10.47 -4.71
C MET F 51 35.81 -10.53 -5.22
N ASN F 52 35.59 -11.32 -6.28
CA ASN F 52 34.26 -11.65 -6.76
C ASN F 52 33.74 -12.83 -5.95
N PRO F 53 32.71 -12.64 -5.12
CA PRO F 53 32.20 -13.76 -4.32
C PRO F 53 31.37 -14.76 -5.13
N ASN F 54 31.01 -14.45 -6.37
CA ASN F 54 30.29 -15.42 -7.18
C ASN F 54 31.23 -16.41 -7.86
N SER F 55 32.44 -15.97 -8.21
CA SER F 55 33.39 -16.82 -8.92
C SER F 55 34.60 -17.21 -8.09
N GLY F 56 34.96 -16.41 -7.09
CA GLY F 56 36.23 -16.59 -6.41
C GLY F 56 37.42 -15.96 -7.10
N GLY F 57 37.20 -15.35 -8.27
CA GLY F 57 38.28 -14.69 -8.95
C GLY F 57 38.67 -13.39 -8.28
N THR F 58 39.95 -13.07 -8.35
CA THR F 58 40.50 -11.91 -7.65
C THR F 58 41.38 -11.11 -8.59
N LYS F 59 41.62 -9.87 -8.20
CA LYS F 59 42.69 -9.05 -8.77
C LYS F 59 43.36 -8.32 -7.62
N TYR F 60 44.59 -8.69 -7.32
CA TYR F 60 45.37 -8.04 -6.27
C TYR F 60 46.21 -6.93 -6.87
N ALA F 61 46.58 -5.98 -6.02
CA ALA F 61 47.57 -4.98 -6.42
C ALA F 61 48.91 -5.66 -6.66
N GLN F 62 49.69 -5.08 -7.58
CA GLN F 62 50.98 -5.67 -7.99
C GLN F 62 51.97 -5.72 -6.83
N ARG F 63 51.81 -4.84 -5.85
CA ARG F 63 52.63 -4.83 -4.65
C ARG F 63 52.33 -6.01 -3.73
N PHE F 64 51.16 -6.64 -3.86
CA PHE F 64 50.67 -7.61 -2.90
C PHE F 64 50.49 -9.02 -3.46
N GLN F 65 50.81 -9.25 -4.74
CA GLN F 65 50.34 -10.45 -5.44
C GLN F 65 51.01 -11.72 -4.92
N GLY F 66 52.27 -11.65 -4.52
CA GLY F 66 52.93 -12.80 -3.93
C GLY F 66 52.49 -13.10 -2.50
N ARG F 67 51.86 -12.14 -1.83
CA ARG F 67 51.64 -12.24 -0.39
C ARG F 67 50.19 -12.38 0.04
N VAL F 68 49.22 -11.91 -0.75
CA VAL F 68 47.86 -11.80 -0.26
C VAL F 68 46.98 -12.82 -0.98
N THR F 69 45.95 -13.30 -0.26
CA THR F 69 44.95 -14.21 -0.80
C THR F 69 43.59 -13.86 -0.21
N MET F 70 42.61 -13.63 -1.07
CA MET F 70 41.26 -13.30 -0.65
C MET F 70 40.32 -14.44 -1.05
N THR F 71 39.73 -15.07 -0.05
CA THR F 71 38.88 -16.24 -0.22
C THR F 71 37.49 -15.96 0.33
N ARG F 72 36.51 -16.73 -0.13
CA ARG F 72 35.13 -16.56 0.26
C ARG F 72 34.65 -17.80 1.02
N ASP F 73 33.58 -17.60 1.77
CA ASP F 73 32.79 -18.68 2.36
C ASP F 73 31.34 -18.24 2.15
N THR F 74 30.73 -18.73 1.06
CA THR F 74 29.51 -18.14 0.52
C THR F 74 28.30 -18.36 1.43
N SER F 75 28.24 -19.49 2.13
CA SER F 75 27.03 -19.82 2.89
C SER F 75 26.91 -19.01 4.18
N ILE F 76 28.03 -18.63 4.79
CA ILE F 76 28.01 -17.80 5.99
C ILE F 76 28.20 -16.32 5.62
N SER F 77 28.35 -16.03 4.32
CA SER F 77 28.45 -14.67 3.76
C SER F 77 29.63 -13.90 4.36
N THR F 78 30.79 -14.54 4.37
CA THR F 78 31.99 -13.99 5.00
C THR F 78 33.11 -13.94 3.96
N ALA F 79 33.73 -12.79 3.84
CA ALA F 79 34.91 -12.62 3.00
C ALA F 79 36.16 -12.73 3.85
N HIS F 80 37.13 -13.50 3.38
CA HIS F 80 38.41 -13.60 4.07
C HIS F 80 39.52 -12.99 3.25
N MET F 81 40.57 -12.60 3.96
CA MET F 81 41.83 -12.12 3.39
C MET F 81 43.02 -12.63 4.18
N GLU F 82 43.98 -13.22 3.50
CA GLU F 82 45.16 -13.80 4.13
C GLU F 82 46.41 -13.11 3.58
N LEU F 83 47.04 -12.27 4.40
CA LEU F 83 48.28 -11.59 4.01
C LEU F 83 49.46 -12.29 4.68
N ARG F 84 50.37 -12.80 3.87
CA ARG F 84 51.53 -13.53 4.37
C ARG F 84 52.79 -12.67 4.32
N GLY F 85 53.85 -13.16 4.98
CA GLY F 85 55.13 -12.49 5.02
C GLY F 85 55.08 -11.14 5.70
N LEU F 86 54.46 -11.09 6.88
CA LEU F 86 54.19 -9.84 7.56
C LEU F 86 55.47 -9.16 8.03
N ARG F 87 55.60 -7.89 7.67
CA ARG F 87 56.70 -7.03 8.10
C ARG F 87 56.13 -5.94 9.02
N SER F 88 57.05 -5.15 9.60
CA SER F 88 56.63 -4.03 10.44
C SER F 88 55.92 -2.94 9.65
N ASP F 89 56.12 -2.89 8.33
CA ASP F 89 55.35 -1.99 7.46
C ASP F 89 53.87 -2.38 7.44
N ASP F 90 53.57 -3.66 7.62
CA ASP F 90 52.20 -4.17 7.46
C ASP F 90 51.32 -3.91 8.66
N THR F 91 51.82 -3.24 9.69
CA THR F 91 50.99 -2.83 10.83
C THR F 91 50.02 -1.76 10.36
N ALA F 92 48.73 -2.10 10.32
CA ALA F 92 47.73 -1.20 9.75
C ALA F 92 46.35 -1.61 10.25
N VAL F 93 45.38 -0.72 10.01
CA VAL F 93 43.97 -1.02 10.20
C VAL F 93 43.40 -1.42 8.85
N TYR F 94 42.76 -2.58 8.79
CA TYR F 94 42.36 -3.19 7.53
C TYR F 94 40.85 -3.11 7.36
N TYR F 95 40.41 -2.66 6.20
CA TYR F 95 39.00 -2.42 5.91
C TYR F 95 38.52 -3.25 4.74
N CYS F 96 37.35 -3.85 4.88
CA CYS F 96 36.61 -4.42 3.76
C CYS F 96 35.53 -3.44 3.33
N ALA F 97 35.19 -3.47 2.05
CA ALA F 97 34.23 -2.53 1.51
C ALA F 97 33.50 -3.17 0.34
N ARG F 98 32.25 -2.76 0.15
CA ARG F 98 31.40 -3.29 -0.91
C ARG F 98 31.44 -2.36 -2.11
N ASP F 99 31.77 -2.92 -3.28
CA ASP F 99 31.69 -2.18 -4.53
C ASP F 99 30.25 -2.23 -5.02
N TYR F 100 29.55 -1.09 -4.91
CA TYR F 100 28.15 -1.02 -5.28
C TYR F 100 27.96 -1.13 -6.79
N CYS F 101 28.91 -0.65 -7.57
CA CYS F 101 28.75 -0.58 -9.02
C CYS F 101 28.95 -1.92 -9.73
N THR F 102 29.35 -2.97 -9.02
CA THR F 102 29.30 -4.32 -9.57
C THR F 102 27.97 -5.00 -9.30
N GLY F 103 26.92 -4.24 -9.07
CA GLY F 103 25.60 -4.76 -8.78
C GLY F 103 24.58 -3.71 -9.19
N SER F 104 25.06 -2.66 -9.84
CA SER F 104 24.22 -1.61 -10.38
C SER F 104 24.79 -1.18 -11.73
N SER F 105 24.23 -0.10 -12.28
CA SER F 105 24.50 0.31 -13.65
C SER F 105 25.61 1.35 -13.76
N CYS F 106 26.40 1.55 -12.72
CA CYS F 106 27.50 2.51 -12.78
C CYS F 106 28.82 1.80 -13.08
N TYR F 107 29.79 2.60 -13.50
CA TYR F 107 31.08 2.10 -13.97
C TYR F 107 32.23 2.45 -13.05
N ARG F 108 31.99 3.19 -11.98
CA ARG F 108 33.01 3.56 -11.02
C ARG F 108 33.25 2.38 -10.06
N THR F 109 34.00 2.63 -8.98
CA THR F 109 34.00 1.74 -7.83
C THR F 109 33.68 2.59 -6.60
N ASP F 110 32.46 2.46 -6.10
CA ASP F 110 31.98 3.24 -4.96
C ASP F 110 31.87 2.31 -3.75
N TYR F 111 32.53 2.71 -2.66
CA TYR F 111 32.47 1.98 -1.40
C TYR F 111 31.42 2.65 -0.52
N ASP F 112 30.15 2.27 -0.71
CA ASP F 112 29.07 2.86 0.08
C ASP F 112 29.07 2.32 1.50
N TYR F 113 29.39 1.04 1.69
CA TYR F 113 29.42 0.41 3.00
C TYR F 113 30.82 -0.13 3.27
N TRP F 114 31.33 0.17 4.46
CA TRP F 114 32.65 -0.28 4.90
C TRP F 114 32.50 -1.12 6.15
N GLY F 115 33.54 -1.91 6.44
CA GLY F 115 33.63 -2.55 7.73
C GLY F 115 34.19 -1.62 8.79
N GLN F 116 34.14 -2.07 10.04
CA GLN F 116 34.56 -1.22 11.16
C GLN F 116 36.07 -1.11 11.29
N GLY F 117 36.85 -1.92 10.58
CA GLY F 117 38.28 -1.87 10.72
C GLY F 117 38.81 -2.98 11.61
N THR F 118 40.01 -3.46 11.27
CA THR F 118 40.70 -4.49 12.06
C THR F 118 42.14 -4.05 12.26
N LEU F 119 42.52 -3.83 13.52
CA LEU F 119 43.89 -3.44 13.81
C LEU F 119 44.77 -4.69 13.82
N VAL F 120 45.80 -4.69 12.98
CA VAL F 120 46.75 -5.79 12.89
C VAL F 120 48.11 -5.22 13.23
N THR F 121 48.69 -5.66 14.35
CA THR F 121 49.98 -5.19 14.81
C THR F 121 51.04 -6.24 14.53
N VAL F 122 52.10 -5.85 13.83
CA VAL F 122 53.22 -6.75 13.55
C VAL F 122 54.41 -6.25 14.37
N SER F 123 54.76 -7.01 15.41
CA SER F 123 55.90 -6.67 16.25
C SER F 123 56.51 -7.96 16.80
N SER F 124 57.78 -7.87 17.16
CA SER F 124 58.50 -9.02 17.70
C SER F 124 58.24 -9.24 19.19
N ALA F 125 57.54 -8.32 19.86
CA ALA F 125 57.27 -8.48 21.28
C ALA F 125 56.20 -9.54 21.50
N SER F 126 56.39 -10.35 22.55
CA SER F 126 55.38 -11.32 22.91
C SER F 126 54.25 -10.65 23.68
N THR F 127 53.13 -11.37 23.81
CA THR F 127 51.96 -10.85 24.49
C THR F 127 52.21 -10.78 25.99
N LYS F 128 51.98 -9.60 26.58
CA LYS F 128 52.20 -9.42 28.01
C LYS F 128 51.00 -8.68 28.60
N GLY F 129 50.53 -9.16 29.75
CA GLY F 129 49.39 -8.59 30.43
C GLY F 129 49.66 -7.30 31.17
N PRO F 130 48.67 -6.42 31.23
CA PRO F 130 48.89 -5.08 31.80
C PRO F 130 48.96 -5.08 33.31
N SER F 131 49.74 -4.12 33.82
CA SER F 131 49.78 -3.79 35.24
C SER F 131 49.03 -2.47 35.44
N VAL F 132 48.04 -2.48 36.32
CA VAL F 132 47.15 -1.35 36.51
C VAL F 132 47.45 -0.70 37.86
N PHE F 133 47.71 0.60 37.84
CA PHE F 133 48.10 1.38 39.00
C PHE F 133 47.17 2.57 39.15
N PRO F 134 46.78 2.91 40.37
CA PRO F 134 45.89 4.05 40.57
C PRO F 134 46.62 5.38 40.41
N LEU F 135 45.85 6.39 40.01
CA LEU F 135 46.33 7.77 39.96
C LEU F 135 45.46 8.49 40.98
N ALA F 136 45.96 8.56 42.21
CA ALA F 136 45.15 8.95 43.35
C ALA F 136 44.90 10.45 43.34
N PRO F 137 43.70 10.88 43.72
CA PRO F 137 43.45 12.32 43.90
C PRO F 137 44.15 12.86 45.14
N SER F 138 44.38 14.16 45.10
CA SER F 138 45.13 14.91 46.10
C SER F 138 44.50 16.29 46.16
N SER F 139 45.25 17.28 46.66
CA SER F 139 44.77 18.67 46.65
C SER F 139 44.82 19.17 45.20
N LYS F 140 43.82 18.74 44.43
CA LYS F 140 43.73 18.98 42.99
C LYS F 140 42.35 19.54 42.72
N SER F 141 42.19 20.85 42.86
CA SER F 141 40.85 21.41 42.65
C SER F 141 40.97 22.72 41.88
N THR F 142 40.96 22.62 40.56
CA THR F 142 40.70 23.75 39.68
C THR F 142 39.20 23.90 39.60
N SER F 143 38.71 24.97 38.95
CA SER F 143 37.28 25.22 38.72
C SER F 143 36.44 25.23 40.00
N GLY F 144 37.05 25.35 41.17
CA GLY F 144 36.35 25.22 42.45
C GLY F 144 36.43 23.79 42.98
N GLY F 145 35.27 23.15 43.10
CA GLY F 145 35.17 21.78 43.60
C GLY F 145 35.30 20.74 42.51
N THR F 146 36.48 20.59 41.91
CA THR F 146 36.63 19.75 40.71
C THR F 146 37.92 18.94 40.80
N ALA F 147 37.83 17.71 41.30
CA ALA F 147 38.96 16.80 41.45
C ALA F 147 39.16 15.90 40.23
N ALA F 148 40.39 15.44 40.04
CA ALA F 148 40.72 14.51 38.97
C ALA F 148 41.40 13.27 39.54
N LEU F 149 40.97 12.11 39.06
CA LEU F 149 41.55 10.83 39.43
C LEU F 149 41.68 9.98 38.17
N GLY F 150 42.50 8.95 38.26
CA GLY F 150 42.78 8.19 37.06
C GLY F 150 43.29 6.79 37.32
N CYS F 151 43.71 6.15 36.23
CA CYS F 151 44.17 4.77 36.22
C CYS F 151 45.20 4.61 35.12
N LEU F 152 46.38 4.10 35.47
CA LEU F 152 47.48 3.96 34.53
C LEU F 152 47.61 2.49 34.14
N VAL F 153 47.40 2.21 32.86
CA VAL F 153 47.54 0.88 32.30
C VAL F 153 48.87 0.88 31.57
N LYS F 154 49.89 0.30 32.20
CA LYS F 154 51.26 0.41 31.74
C LYS F 154 51.80 -0.96 31.37
N ASP F 155 52.61 -0.99 30.30
CA ASP F 155 53.42 -2.14 29.87
C ASP F 155 52.53 -3.35 29.55
N TYR F 156 51.75 -3.19 28.48
CA TYR F 156 50.98 -4.29 27.92
C TYR F 156 51.25 -4.43 26.43
N PHE F 157 50.93 -5.61 25.91
CA PHE F 157 51.03 -5.89 24.49
C PHE F 157 50.05 -7.02 24.18
N PRO F 158 49.29 -6.92 23.09
CA PRO F 158 49.18 -5.81 22.15
C PRO F 158 48.01 -4.90 22.47
N GLU F 159 47.76 -3.93 21.60
CA GLU F 159 46.52 -3.17 21.69
C GLU F 159 45.37 -4.06 21.20
N PRO F 160 44.13 -3.81 21.67
CA PRO F 160 43.69 -2.82 22.66
C PRO F 160 43.39 -3.35 24.06
N VAL F 161 43.21 -2.41 24.98
CA VAL F 161 42.57 -2.65 26.26
C VAL F 161 41.34 -1.75 26.33
N THR F 162 40.27 -2.23 26.93
CA THR F 162 39.09 -1.41 27.15
C THR F 162 39.02 -1.04 28.63
N VAL F 163 38.77 0.24 28.89
CA VAL F 163 38.68 0.75 30.26
C VAL F 163 37.29 1.34 30.45
N SER F 164 36.68 1.04 31.60
CA SER F 164 35.41 1.64 32.00
C SER F 164 35.47 1.91 33.50
N TRP F 165 34.60 2.80 33.95
CA TRP F 165 34.60 3.25 35.34
C TRP F 165 33.27 2.87 35.98
N ASN F 166 33.35 2.14 37.10
CA ASN F 166 32.21 1.64 37.87
C ASN F 166 31.26 0.82 37.00
N SER F 167 31.85 -0.15 36.29
CA SER F 167 31.15 -1.08 35.37
C SER F 167 30.40 -0.35 34.27
N GLY F 168 30.91 0.81 33.85
CA GLY F 168 30.26 1.61 32.83
C GLY F 168 29.22 2.58 33.33
N ALA F 169 29.07 2.75 34.65
CA ALA F 169 28.13 3.70 35.22
C ALA F 169 28.75 5.08 35.43
N LEU F 170 29.88 5.37 34.78
CA LEU F 170 30.52 6.68 34.84
C LEU F 170 31.09 6.96 33.45
N THR F 171 30.31 7.68 32.63
CA THR F 171 30.71 8.05 31.28
C THR F 171 30.92 9.55 31.11
N SER F 172 30.56 10.36 32.10
CA SER F 172 30.60 11.81 31.97
C SER F 172 31.93 12.34 32.47
N GLY F 173 32.61 13.13 31.64
CA GLY F 173 33.88 13.71 32.01
C GLY F 173 35.05 12.77 32.04
N VAL F 174 35.00 11.65 31.31
CA VAL F 174 36.06 10.66 31.30
C VAL F 174 36.89 10.86 30.02
N HIS F 175 38.21 10.88 30.17
CA HIS F 175 39.12 10.93 29.04
C HIS F 175 40.04 9.72 29.11
N THR F 176 39.90 8.81 28.16
CA THR F 176 40.80 7.66 28.03
C THR F 176 41.77 7.97 26.90
N PHE F 177 43.04 7.93 27.20
CA PHE F 177 44.04 8.40 26.25
C PHE F 177 44.46 7.31 25.28
N PRO F 178 44.84 7.68 24.06
CA PRO F 178 45.46 6.72 23.14
C PRO F 178 46.75 6.18 23.71
N ALA F 179 46.99 4.90 23.50
CA ALA F 179 48.20 4.26 24.00
C ALA F 179 49.42 4.77 23.24
N VAL F 180 50.55 4.84 23.93
CA VAL F 180 51.78 5.31 23.31
C VAL F 180 52.76 4.13 23.32
N LEU F 181 53.31 3.82 22.15
CA LEU F 181 54.31 2.75 22.06
C LEU F 181 55.62 3.22 22.67
N GLN F 182 56.23 2.37 23.50
CA GLN F 182 57.42 2.73 24.25
C GLN F 182 58.68 2.20 23.57
N SER F 183 59.82 2.55 24.15
CA SER F 183 61.10 2.02 23.70
C SER F 183 61.26 0.54 24.04
N SER F 184 60.54 0.07 25.06
CA SER F 184 60.57 -1.35 25.41
C SER F 184 59.80 -2.21 24.41
N GLY F 185 58.92 -1.62 23.60
CA GLY F 185 58.04 -2.36 22.72
C GLY F 185 56.66 -2.61 23.27
N LEU F 186 56.35 -2.07 24.45
CA LEU F 186 55.09 -2.32 25.13
C LEU F 186 54.25 -1.05 25.12
N TYR F 187 52.93 -1.21 25.12
CA TYR F 187 52.05 -0.06 25.11
C TYR F 187 51.71 0.37 26.53
N SER F 188 51.35 1.64 26.66
CA SER F 188 50.86 2.18 27.92
C SER F 188 49.88 3.32 27.62
N LEU F 189 48.77 3.33 28.34
CA LEU F 189 47.82 4.42 28.27
C LEU F 189 47.38 4.79 29.69
N SER F 190 46.64 5.89 29.77
CA SER F 190 46.05 6.32 31.02
C SER F 190 44.62 6.72 30.75
N SER F 191 43.75 6.47 31.73
CA SER F 191 42.35 6.86 31.65
C SER F 191 42.04 7.73 32.85
N VAL F 192 41.54 8.94 32.61
CA VAL F 192 41.24 9.85 33.70
C VAL F 192 39.76 10.20 33.62
N VAL F 193 39.22 10.56 34.78
CA VAL F 193 37.85 11.03 34.86
C VAL F 193 37.83 12.14 35.90
N THR F 194 37.17 13.22 35.56
CA THR F 194 37.01 14.35 36.44
C THR F 194 35.64 14.27 37.14
N VAL F 195 35.66 14.39 38.47
CA VAL F 195 34.46 14.34 39.31
C VAL F 195 34.53 15.51 40.28
N PRO F 196 33.41 15.90 40.88
CA PRO F 196 33.47 16.92 41.92
C PRO F 196 34.27 16.43 43.13
N SER F 197 35.04 17.34 43.72
CA SER F 197 35.88 17.00 44.87
C SER F 197 35.06 16.76 46.13
N SER F 198 33.81 17.22 46.14
CA SER F 198 32.89 16.96 47.26
C SER F 198 32.55 15.48 47.37
N SER F 199 32.56 14.77 46.25
CA SER F 199 32.18 13.36 46.19
C SER F 199 33.34 12.43 46.52
N LEU F 200 34.50 12.98 46.87
CA LEU F 200 35.68 12.19 47.19
C LEU F 200 35.50 11.53 48.55
N GLY F 201 35.47 10.20 48.57
CA GLY F 201 35.31 9.45 49.78
C GLY F 201 33.88 9.02 50.04
N THR F 202 32.92 9.80 49.56
CA THR F 202 31.52 9.40 49.62
C THR F 202 31.22 8.38 48.54
N GLN F 203 31.75 8.63 47.35
CA GLN F 203 31.59 7.74 46.21
C GLN F 203 32.92 7.03 45.94
N THR F 204 32.86 5.72 45.80
CA THR F 204 34.02 4.90 45.50
C THR F 204 34.14 4.72 43.99
N TYR F 205 35.34 4.91 43.45
CA TYR F 205 35.59 4.87 42.02
C TYR F 205 36.52 3.71 41.69
N ILE F 206 36.05 2.83 40.79
CA ILE F 206 36.79 1.66 40.34
C ILE F 206 36.87 1.70 38.82
N CYS F 207 38.08 1.54 38.29
CA CYS F 207 38.31 1.44 36.86
C CYS F 207 38.39 -0.04 36.50
N ASN F 208 37.68 -0.42 35.45
CA ASN F 208 37.61 -1.81 34.99
C ASN F 208 38.42 -1.92 33.71
N VAL F 209 39.58 -2.58 33.80
CA VAL F 209 40.49 -2.76 32.69
C VAL F 209 40.42 -4.21 32.24
N ASN F 210 40.30 -4.42 30.94
CA ASN F 210 40.19 -5.75 30.36
C ASN F 210 41.12 -5.83 29.16
N HIS F 211 41.98 -6.85 29.16
CA HIS F 211 42.92 -7.12 28.07
C HIS F 211 42.61 -8.50 27.52
N LYS F 212 41.85 -8.54 26.42
CA LYS F 212 41.41 -9.77 25.78
C LYS F 212 42.52 -10.66 25.20
N PRO F 213 43.58 -10.15 24.54
CA PRO F 213 44.65 -11.07 24.10
C PRO F 213 45.38 -11.80 25.22
N SER F 214 45.49 -11.22 26.41
CA SER F 214 46.18 -11.88 27.52
C SER F 214 45.24 -12.53 28.51
N ASN F 215 43.92 -12.41 28.31
CA ASN F 215 42.87 -12.86 29.23
C ASN F 215 43.10 -12.28 30.62
N THR F 216 43.13 -10.96 30.68
CA THR F 216 43.37 -10.23 31.92
C THR F 216 42.24 -9.24 32.15
N LYS F 217 41.56 -9.36 33.29
CA LYS F 217 40.60 -8.38 33.75
C LYS F 217 40.87 -8.10 35.22
N VAL F 218 41.20 -6.86 35.55
CA VAL F 218 41.51 -6.46 36.91
C VAL F 218 40.68 -5.23 37.23
N ASP F 219 40.16 -5.19 38.46
CA ASP F 219 39.39 -4.06 38.94
C ASP F 219 40.11 -3.50 40.16
N LYS F 220 40.52 -2.24 40.09
CA LYS F 220 41.25 -1.64 41.18
C LYS F 220 40.56 -0.34 41.57
N LYS F 221 40.39 -0.15 42.87
CA LYS F 221 39.72 1.03 43.37
C LYS F 221 40.75 2.13 43.63
N VAL F 222 40.47 3.34 43.15
CA VAL F 222 41.36 4.47 43.29
C VAL F 222 40.91 5.30 44.47
N GLU F 223 41.78 5.45 45.46
CA GLU F 223 41.38 6.16 46.66
C GLU F 223 42.42 7.22 47.00
N PRO F 224 41.99 8.37 47.56
CA PRO F 224 42.89 9.46 47.98
C PRO F 224 43.90 9.05 49.04
N GLN G 1 -37.11 35.75 -0.14
CA GLN G 1 -36.63 37.07 -0.49
C GLN G 1 -35.58 37.57 0.50
N VAL G 2 -35.49 36.92 1.65
CA VAL G 2 -34.56 37.35 2.69
C VAL G 2 -33.15 36.87 2.34
N GLN G 3 -32.20 37.81 2.36
CA GLN G 3 -30.78 37.48 2.19
C GLN G 3 -29.96 38.47 2.98
N LEU G 4 -28.88 37.99 3.59
CA LEU G 4 -27.94 38.82 4.32
C LEU G 4 -26.61 38.82 3.58
N VAL G 5 -26.19 39.98 3.09
CA VAL G 5 -24.96 40.14 2.33
C VAL G 5 -23.95 40.87 3.19
N GLN G 6 -22.79 40.24 3.40
CA GLN G 6 -21.76 40.79 4.25
C GLN G 6 -20.68 41.51 3.43
N SER G 7 -19.80 42.19 4.15
CA SER G 7 -18.60 42.80 3.55
C SER G 7 -17.66 41.73 3.01
N GLY G 8 -16.76 42.16 2.13
CA GLY G 8 -15.76 41.28 1.56
C GLY G 8 -14.67 40.92 2.54
N PRO G 9 -13.76 40.02 2.14
CA PRO G 9 -12.74 39.54 3.09
C PRO G 9 -11.70 40.61 3.36
N GLU G 10 -11.22 40.64 4.61
CA GLU G 10 -10.30 41.66 5.07
C GLU G 10 -9.11 41.00 5.73
N ALA G 11 -8.03 41.77 5.88
CA ALA G 11 -6.81 41.30 6.52
C ALA G 11 -6.19 42.44 7.31
N LYS G 12 -6.13 42.28 8.62
CA LYS G 12 -5.64 43.33 9.50
C LYS G 12 -4.37 42.86 10.20
N LYS G 13 -3.54 43.81 10.60
CA LYS G 13 -2.35 43.50 11.37
C LYS G 13 -2.75 43.24 12.82
N PRO G 14 -1.93 42.48 13.58
CA PRO G 14 -2.27 42.23 14.99
C PRO G 14 -2.24 43.51 15.81
N GLY G 15 -3.32 43.74 16.54
CA GLY G 15 -3.49 44.96 17.31
C GLY G 15 -4.47 45.94 16.72
N ALA G 16 -4.75 45.85 15.43
CA ALA G 16 -5.66 46.78 14.76
C ALA G 16 -7.10 46.35 15.01
N SER G 17 -8.03 46.97 14.30
CA SER G 17 -9.44 46.64 14.41
C SER G 17 -10.01 46.38 13.03
N VAL G 18 -11.15 45.68 13.01
CA VAL G 18 -11.86 45.37 11.77
C VAL G 18 -13.34 45.68 12.00
N LYS G 19 -13.99 46.24 10.98
CA LYS G 19 -15.43 46.49 11.03
C LYS G 19 -16.09 45.63 9.95
N VAL G 20 -16.65 44.49 10.36
CA VAL G 20 -17.37 43.61 9.45
C VAL G 20 -18.81 44.10 9.38
N SER G 21 -19.34 44.14 8.17
CA SER G 21 -20.68 44.65 7.90
C SER G 21 -21.58 43.52 7.40
N CYS G 22 -22.89 43.78 7.40
CA CYS G 22 -23.89 42.81 6.98
C CYS G 22 -25.18 43.54 6.65
N GLN G 23 -25.63 43.45 5.41
CA GLN G 23 -26.77 44.22 4.90
C GLN G 23 -27.96 43.30 4.68
N ALA G 24 -29.10 43.67 5.26
CA ALA G 24 -30.31 42.87 5.22
C ALA G 24 -31.25 43.34 4.11
N SER G 25 -31.86 42.38 3.42
CA SER G 25 -32.83 42.65 2.38
C SER G 25 -33.96 41.63 2.48
N GLY G 26 -35.19 42.07 2.22
CA GLY G 26 -36.31 41.17 2.10
C GLY G 26 -37.25 41.09 3.29
N TYR G 27 -37.06 41.91 4.31
CA TYR G 27 -37.88 41.88 5.51
C TYR G 27 -37.70 43.21 6.24
N PRO G 28 -38.65 43.60 7.10
CA PRO G 28 -38.45 44.80 7.93
C PRO G 28 -37.26 44.67 8.86
N PHE G 29 -36.25 45.52 8.64
CA PHE G 29 -34.95 45.38 9.30
C PHE G 29 -35.07 45.61 10.80
N SER G 30 -35.79 46.65 11.22
CA SER G 30 -36.17 46.78 12.62
C SER G 30 -37.19 45.71 12.98
N GLY G 31 -37.06 45.18 14.19
CA GLY G 31 -37.97 44.16 14.68
C GLY G 31 -37.48 42.73 14.56
N TYR G 32 -36.25 42.52 14.12
CA TYR G 32 -35.60 41.22 14.18
C TYR G 32 -34.18 41.42 14.70
N TYR G 33 -33.81 40.65 15.73
CA TYR G 33 -32.50 40.82 16.33
C TYR G 33 -31.42 40.28 15.41
N MET G 34 -30.28 40.97 15.40
CA MET G 34 -29.15 40.57 14.56
C MET G 34 -28.07 40.00 15.47
N HIS G 35 -27.82 38.71 15.34
CA HIS G 35 -26.76 38.04 16.09
C HIS G 35 -25.51 37.97 15.23
N TRP G 36 -24.35 38.12 15.88
CA TRP G 36 -23.05 37.97 15.23
C TRP G 36 -22.33 36.77 15.81
N LEU G 37 -21.79 35.92 14.94
CA LEU G 37 -21.08 34.70 15.31
C LEU G 37 -19.78 34.62 14.51
N ARG G 38 -18.91 33.71 14.93
CA ARG G 38 -17.65 33.48 14.21
C ARG G 38 -17.26 32.03 14.38
N GLN G 39 -16.43 31.56 13.46
CA GLN G 39 -15.93 30.19 13.47
C GLN G 39 -14.43 30.21 13.21
N ALA G 40 -13.66 29.94 14.26
CA ALA G 40 -12.22 29.74 14.14
C ALA G 40 -11.96 28.51 13.27
N PRO G 41 -10.82 28.44 12.56
CA PRO G 41 -10.63 27.40 11.54
C PRO G 41 -10.58 26.00 12.12
N GLY G 42 -11.57 25.19 11.76
CA GLY G 42 -11.73 23.84 12.29
C GLY G 42 -11.99 23.80 13.78
N GLN G 43 -12.82 24.72 14.29
CA GLN G 43 -13.04 24.82 15.72
C GLN G 43 -14.52 24.95 16.12
N GLY G 44 -15.43 25.06 15.16
CA GLY G 44 -16.82 25.25 15.48
C GLY G 44 -17.16 26.69 15.81
N LEU G 45 -18.45 26.93 16.04
CA LEU G 45 -18.96 28.28 16.18
C LEU G 45 -18.95 28.75 17.63
N GLU G 46 -18.56 30.00 17.84
CA GLU G 46 -18.75 30.69 19.11
C GLU G 46 -19.61 31.91 18.85
N TRP G 47 -20.52 32.18 19.79
CA TRP G 47 -21.41 33.33 19.74
C TRP G 47 -20.75 34.56 20.36
N MET G 48 -21.04 35.72 19.76
CA MET G 48 -20.39 36.97 20.12
C MET G 48 -21.36 38.01 20.69
N GLY G 49 -22.53 38.19 20.09
CA GLY G 49 -23.49 39.11 20.66
C GLY G 49 -24.71 39.23 19.76
N TRP G 50 -25.75 39.85 20.32
CA TRP G 50 -26.93 40.19 19.54
C TRP G 50 -27.21 41.67 19.63
N MET G 51 -27.80 42.20 18.57
CA MET G 51 -28.07 43.62 18.47
C MET G 51 -29.54 43.86 18.12
N ASN G 52 -30.19 44.73 18.90
CA ASN G 52 -31.54 45.18 18.60
C ASN G 52 -31.45 46.37 17.65
N PRO G 53 -31.86 46.23 16.38
CA PRO G 53 -31.77 47.36 15.44
C PRO G 53 -32.84 48.41 15.66
N ASN G 54 -33.84 48.14 16.49
CA ASN G 54 -34.87 49.13 16.78
C ASN G 54 -34.41 50.10 17.88
N SER G 55 -33.60 49.62 18.82
CA SER G 55 -33.15 50.44 19.93
C SER G 55 -31.67 50.75 19.89
N GLY G 56 -30.86 49.93 19.24
CA GLY G 56 -29.41 50.03 19.34
C GLY G 56 -28.83 49.34 20.55
N GLY G 57 -29.67 48.76 21.41
CA GLY G 57 -29.17 48.05 22.57
C GLY G 57 -28.55 46.72 22.19
N THR G 58 -27.53 46.33 22.94
CA THR G 58 -26.75 45.13 22.64
C THR G 58 -26.57 44.33 23.92
N LYS G 59 -26.20 43.06 23.72
CA LYS G 59 -25.66 42.24 24.79
C LYS G 59 -24.50 41.46 24.19
N TYR G 60 -23.29 41.78 24.61
CA TYR G 60 -22.11 41.10 24.12
C TYR G 60 -21.79 39.92 25.02
N ALA G 61 -21.11 38.93 24.45
CA ALA G 61 -20.54 37.85 25.26
C ALA G 61 -19.46 38.41 26.17
N GLN G 62 -19.32 37.79 27.35
CA GLN G 62 -18.36 38.25 28.36
C GLN G 62 -16.92 38.12 27.88
N ARG G 63 -16.66 37.26 26.92
CA ARG G 63 -15.33 37.14 26.33
C ARG G 63 -14.97 38.36 25.48
N PHE G 64 -15.97 39.11 25.01
CA PHE G 64 -15.74 40.10 23.97
C PHE G 64 -16.06 41.53 24.37
N GLN G 65 -16.49 41.79 25.62
CA GLN G 65 -17.14 43.06 25.96
C GLN G 65 -16.20 44.26 25.93
N GLY G 66 -14.92 44.06 26.28
CA GLY G 66 -13.98 45.15 26.16
C GLY G 66 -13.57 45.48 24.74
N ARG G 67 -13.83 44.57 23.80
CA ARG G 67 -13.27 44.64 22.47
C ARG G 67 -14.26 44.88 21.35
N VAL G 68 -15.54 44.56 21.54
CA VAL G 68 -16.47 44.51 20.42
C VAL G 68 -17.52 45.64 20.54
N THR G 69 -17.96 46.11 19.37
CA THR G 69 -19.05 47.08 19.21
C THR G 69 -19.84 46.73 17.97
N MET G 70 -21.16 46.57 18.13
CA MET G 70 -22.06 46.25 17.02
C MET G 70 -22.98 47.45 16.79
N THR G 71 -22.97 47.99 15.57
CA THR G 71 -23.65 49.23 15.22
C THR G 71 -24.67 48.96 14.11
N ARG G 72 -25.70 49.81 14.05
CA ARG G 72 -26.75 49.73 13.05
C ARG G 72 -26.74 50.99 12.18
N ASP G 73 -27.29 50.84 10.98
CA ASP G 73 -27.66 51.97 10.12
C ASP G 73 -28.98 51.58 9.48
N THR G 74 -30.09 52.04 10.07
CA THR G 74 -31.41 51.47 9.80
C THR G 74 -31.90 51.78 8.40
N SER G 75 -31.50 52.93 7.85
CA SER G 75 -32.04 53.35 6.55
C SER G 75 -31.45 52.55 5.41
N ILE G 76 -30.20 52.10 5.54
CA ILE G 76 -29.58 51.21 4.57
C ILE G 76 -29.72 49.75 4.98
N SER G 77 -30.37 49.48 6.13
CA SER G 77 -30.69 48.15 6.65
C SER G 77 -29.43 47.30 6.83
N THR G 78 -28.44 47.90 7.48
CA THR G 78 -27.12 47.31 7.61
C THR G 78 -26.72 47.24 9.08
N ALA G 79 -26.31 46.05 9.52
CA ALA G 79 -25.71 45.87 10.82
C ALA G 79 -24.19 45.85 10.67
N HIS G 80 -23.52 46.56 11.56
CA HIS G 80 -22.06 46.58 11.61
C HIS G 80 -21.59 45.85 12.85
N MET G 81 -20.35 45.36 12.77
CA MET G 81 -19.67 44.75 13.91
C MET G 81 -18.21 45.17 13.90
N GLU G 82 -17.73 45.76 14.99
CA GLU G 82 -16.37 46.29 15.03
C GLU G 82 -15.62 45.68 16.20
N LEU G 83 -14.68 44.77 15.89
CA LEU G 83 -13.87 44.08 16.89
C LEU G 83 -12.47 44.71 16.95
N ARG G 84 -12.09 45.18 18.13
CA ARG G 84 -10.81 45.83 18.35
C ARG G 84 -9.83 44.87 19.03
N GLY G 85 -8.56 45.27 19.02
CA GLY G 85 -7.49 44.50 19.66
C GLY G 85 -7.30 43.12 19.06
N LEU G 86 -7.20 43.06 17.74
CA LEU G 86 -7.19 41.78 17.03
C LEU G 86 -5.94 40.98 17.34
N ARG G 87 -6.16 39.72 17.71
CA ARG G 87 -5.09 38.75 17.95
C ARG G 87 -5.15 37.70 16.85
N SER G 88 -4.12 36.84 16.81
CA SER G 88 -4.09 35.76 15.83
C SER G 88 -5.15 34.69 16.10
N ASP G 89 -5.67 34.62 17.33
CA ASP G 89 -6.81 33.77 17.64
C ASP G 89 -8.07 34.23 16.91
N ASP G 90 -8.17 35.53 16.60
CA ASP G 90 -9.37 36.11 16.02
C ASP G 90 -9.47 35.85 14.51
N THR G 91 -8.52 35.14 13.91
CA THR G 91 -8.63 34.73 12.52
C THR G 91 -9.78 33.74 12.40
N ALA G 92 -10.86 34.14 11.74
CA ALA G 92 -12.07 33.35 11.69
C ALA G 92 -12.93 33.82 10.52
N VAL G 93 -13.95 33.03 10.22
CA VAL G 93 -15.01 33.43 9.30
C VAL G 93 -16.17 33.94 10.15
N TYR G 94 -16.63 35.15 9.86
CA TYR G 94 -17.58 35.86 10.72
C TYR G 94 -18.95 35.87 10.05
N TYR G 95 -19.97 35.50 10.82
CA TYR G 95 -21.33 35.34 10.31
C TYR G 95 -22.29 36.25 11.06
N CYS G 96 -23.18 36.90 10.31
CA CYS G 96 -24.35 37.55 10.87
C CYS G 96 -25.56 36.65 10.70
N ALA G 97 -26.51 36.76 11.63
CA ALA G 97 -27.68 35.89 11.60
C ALA G 97 -28.87 36.61 12.20
N ARG G 98 -30.06 36.26 11.72
CA ARG G 98 -31.31 36.87 12.16
C ARG G 98 -31.97 35.98 13.19
N ASP G 99 -32.30 36.57 14.35
CA ASP G 99 -33.10 35.87 15.36
C ASP G 99 -34.56 36.02 14.97
N TYR G 100 -35.16 34.92 14.49
CA TYR G 100 -36.54 34.96 14.03
C TYR G 100 -37.53 35.13 15.19
N CYS G 101 -37.20 34.60 16.36
CA CYS G 101 -38.16 34.57 17.45
C CYS G 101 -38.29 35.92 18.18
N THR G 102 -37.47 36.90 17.85
CA THR G 102 -37.73 38.26 18.29
C THR G 102 -38.57 39.05 17.29
N GLY G 103 -39.44 38.35 16.56
CA GLY G 103 -40.30 38.96 15.56
C GLY G 103 -41.47 38.03 15.32
N SER G 104 -41.51 36.97 16.13
CA SER G 104 -42.60 36.01 16.13
C SER G 104 -42.85 35.57 17.57
N SER G 105 -43.71 34.58 17.74
CA SER G 105 -44.22 34.17 19.03
C SER G 105 -43.46 33.00 19.65
N CYS G 106 -42.26 32.70 19.16
CA CYS G 106 -41.49 31.58 19.70
C CYS G 106 -40.49 32.09 20.75
N TYR G 107 -39.99 31.14 21.54
CA TYR G 107 -39.20 31.47 22.72
C TYR G 107 -37.73 31.10 22.57
N ARG G 108 -37.37 30.43 21.48
CA ARG G 108 -36.00 30.02 21.21
C ARG G 108 -35.22 31.19 20.62
N THR G 109 -34.01 30.91 20.11
CA THR G 109 -33.33 31.80 19.18
C THR G 109 -32.94 30.96 17.96
N ASP G 110 -33.65 31.15 16.86
CA ASP G 110 -33.45 30.39 15.64
C ASP G 110 -32.80 31.27 14.58
N TYR G 111 -31.68 30.82 14.04
CA TYR G 111 -30.98 31.53 12.97
C TYR G 111 -31.41 30.90 11.65
N ASP G 112 -32.55 31.35 11.13
CA ASP G 112 -33.06 30.82 9.88
C ASP G 112 -32.28 31.34 8.67
N TYR G 113 -31.86 32.60 8.73
CA TYR G 113 -31.09 33.20 7.64
C TYR G 113 -29.74 33.67 8.15
N TRP G 114 -28.69 33.31 7.41
CA TRP G 114 -27.32 33.67 7.74
C TRP G 114 -26.73 34.50 6.60
N GLY G 115 -25.66 35.20 6.92
CA GLY G 115 -24.85 35.79 5.88
C GLY G 115 -23.90 34.77 5.28
N GLN G 116 -23.24 35.16 4.19
CA GLN G 116 -22.36 34.23 3.49
C GLN G 116 -21.04 34.01 4.20
N GLY G 117 -20.71 34.82 5.20
CA GLY G 117 -19.44 34.69 5.89
C GLY G 117 -18.44 35.72 5.40
N THR G 118 -17.58 36.16 6.31
CA THR G 118 -16.50 37.10 6.00
C THR G 118 -15.22 36.58 6.62
N LEU G 119 -14.23 36.27 5.78
CA LEU G 119 -12.94 35.81 6.26
C LEU G 119 -12.10 36.99 6.71
N VAL G 120 -11.67 36.97 7.96
CA VAL G 120 -10.81 38.01 8.54
C VAL G 120 -9.52 37.34 9.00
N THR G 121 -8.41 37.71 8.36
CA THR G 121 -7.11 37.14 8.69
C THR G 121 -6.30 38.14 9.49
N VAL G 122 -5.82 37.71 10.66
CA VAL G 122 -4.96 38.52 11.50
C VAL G 122 -3.58 37.88 11.51
N SER G 123 -2.64 38.53 10.82
CA SER G 123 -1.26 38.07 10.77
C SER G 123 -0.35 39.28 10.60
N SER G 124 0.90 39.12 11.02
CA SER G 124 1.88 40.21 10.95
C SER G 124 2.50 40.38 9.57
N ALA G 125 2.24 39.48 8.63
CA ALA G 125 2.81 39.58 7.29
C ALA G 125 2.09 40.66 6.49
N SER G 126 2.86 41.42 5.72
CA SER G 126 2.29 42.41 4.82
C SER G 126 1.75 41.74 3.55
N THR G 127 0.98 42.51 2.79
CA THR G 127 0.35 42.01 1.58
C THR G 127 1.38 41.77 0.48
N LYS G 128 1.38 40.57 -0.11
CA LYS G 128 2.31 40.24 -1.18
C LYS G 128 1.58 39.56 -2.32
N GLY G 129 1.91 39.97 -3.55
CA GLY G 129 1.34 39.39 -4.73
C GLY G 129 1.97 38.05 -5.06
N PRO G 130 1.20 37.14 -5.63
CA PRO G 130 1.68 35.78 -5.84
C PRO G 130 2.66 35.63 -6.99
N SER G 131 3.52 34.63 -6.86
CA SER G 131 4.38 34.17 -7.95
C SER G 131 3.77 32.89 -8.50
N VAL G 132 3.48 32.87 -9.79
CA VAL G 132 2.71 31.81 -10.43
C VAL G 132 3.63 31.02 -11.36
N PHE G 133 3.63 29.69 -11.19
CA PHE G 133 4.52 28.84 -11.94
C PHE G 133 3.73 27.73 -12.63
N PRO G 134 4.07 27.39 -13.87
CA PRO G 134 3.37 26.31 -14.56
C PRO G 134 3.79 24.94 -14.07
N LEU G 135 2.87 24.01 -14.16
CA LEU G 135 3.10 22.60 -13.88
C LEU G 135 2.83 21.83 -15.17
N ALA G 136 3.89 21.60 -15.95
CA ALA G 136 3.80 21.14 -17.32
C ALA G 136 3.45 19.65 -17.38
N PRO G 137 2.63 19.23 -18.34
CA PRO G 137 2.40 17.80 -18.54
C PRO G 137 3.64 17.13 -19.12
N SER G 138 3.74 15.83 -18.90
CA SER G 138 4.90 15.06 -19.31
C SER G 138 4.39 13.69 -19.73
N SER G 139 5.26 12.68 -19.69
CA SER G 139 4.85 11.31 -19.97
C SER G 139 3.99 10.79 -18.80
N LYS G 140 2.75 11.27 -18.67
CA LYS G 140 2.04 10.98 -17.44
C LYS G 140 0.56 10.65 -17.56
N SER G 141 0.07 10.26 -18.73
CA SER G 141 -1.37 10.12 -18.80
C SER G 141 -1.62 8.73 -18.23
N THR G 142 -1.87 8.69 -16.92
CA THR G 142 -1.84 7.43 -16.22
C THR G 142 -3.06 6.58 -16.51
N SER G 143 -2.79 5.30 -16.80
CA SER G 143 -3.72 4.21 -17.07
C SER G 143 -4.48 4.41 -18.38
N GLY G 144 -4.19 5.48 -19.10
CA GLY G 144 -4.90 5.75 -20.33
C GLY G 144 -4.86 7.22 -20.66
N GLY G 145 -5.76 7.61 -21.57
CA GLY G 145 -5.72 8.94 -22.15
C GLY G 145 -6.29 10.09 -21.36
N THR G 146 -5.71 10.34 -20.18
CA THR G 146 -6.15 11.40 -19.27
C THR G 146 -4.89 12.05 -18.69
N ALA G 147 -4.46 13.15 -19.31
CA ALA G 147 -3.28 13.87 -18.85
C ALA G 147 -3.66 14.94 -17.83
N ALA G 148 -2.69 15.30 -16.97
CA ALA G 148 -2.88 16.30 -15.96
C ALA G 148 -1.86 17.42 -16.07
N LEU G 149 -2.32 18.66 -15.94
CA LEU G 149 -1.47 19.85 -15.93
C LEU G 149 -1.97 20.77 -14.84
N GLY G 150 -1.13 21.74 -14.45
CA GLY G 150 -1.51 22.56 -13.33
C GLY G 150 -0.80 23.89 -13.28
N CYS G 151 -1.02 24.59 -12.16
CA CYS G 151 -0.53 25.94 -11.93
C CYS G 151 -0.34 26.12 -10.43
N LEU G 152 0.87 26.53 -10.01
CA LEU G 152 1.22 26.67 -8.61
C LEU G 152 1.24 28.15 -8.26
N VAL G 153 0.37 28.54 -7.33
CA VAL G 153 0.28 29.91 -6.84
C VAL G 153 0.96 29.91 -5.48
N LYS G 154 2.20 30.42 -5.45
CA LYS G 154 3.07 30.31 -4.30
C LYS G 154 3.37 31.68 -3.73
N ASP G 155 3.42 31.77 -2.39
CA ASP G 155 3.89 32.92 -1.62
C ASP G 155 3.06 34.17 -1.91
N TYR G 156 1.81 34.12 -1.48
CA TYR G 156 0.93 35.27 -1.50
C TYR G 156 0.35 35.50 -0.12
N PHE G 157 -0.10 36.73 0.12
CA PHE G 157 -0.78 37.09 1.34
C PHE G 157 -1.65 38.30 1.04
N PRO G 158 -2.90 38.34 1.50
CA PRO G 158 -3.63 37.30 2.23
C PRO G 158 -4.51 36.45 1.33
N GLU G 159 -5.27 35.56 1.94
CA GLU G 159 -6.30 34.82 1.24
C GLU G 159 -7.49 35.76 1.00
N PRO G 160 -8.28 35.53 -0.07
CA PRO G 160 -8.17 34.49 -1.10
C PRO G 160 -7.61 34.96 -2.42
N VAL G 161 -7.29 33.99 -3.27
CA VAL G 161 -7.07 34.20 -4.69
C VAL G 161 -8.09 33.36 -5.45
N THR G 162 -8.53 33.88 -6.58
CA THR G 162 -9.43 33.16 -7.45
C THR G 162 -8.64 32.66 -8.65
N VAL G 163 -8.80 31.37 -8.97
CA VAL G 163 -8.12 30.76 -10.09
C VAL G 163 -9.17 30.26 -11.08
N SER G 164 -8.90 30.45 -12.36
CA SER G 164 -9.74 29.93 -13.42
C SER G 164 -8.85 29.51 -14.58
N TRP G 165 -9.40 28.66 -15.45
CA TRP G 165 -8.65 28.11 -16.57
C TRP G 165 -9.32 28.57 -17.87
N ASN G 166 -8.54 29.23 -18.73
CA ASN G 166 -8.98 29.78 -20.02
C ASN G 166 -10.15 30.75 -19.83
N SER G 167 -9.95 31.73 -18.93
CA SER G 167 -10.92 32.76 -18.56
C SER G 167 -12.21 32.17 -17.99
N GLY G 168 -12.10 31.03 -17.32
CA GLY G 168 -13.27 30.36 -16.77
C GLY G 168 -13.98 29.41 -17.69
N ALA G 169 -13.43 29.12 -18.87
CA ALA G 169 -14.04 28.20 -19.81
C ALA G 169 -13.59 26.75 -19.61
N LEU G 170 -13.03 26.44 -18.44
CA LEU G 170 -12.65 25.06 -18.10
C LEU G 170 -12.88 24.88 -16.60
N THR G 171 -14.05 24.36 -16.23
CA THR G 171 -14.38 24.14 -14.83
C THR G 171 -14.48 22.67 -14.44
N SER G 172 -14.50 21.76 -15.40
CA SER G 172 -14.73 20.35 -15.12
C SER G 172 -13.43 19.60 -14.97
N GLY G 173 -13.32 18.81 -13.90
CA GLY G 173 -12.11 18.09 -13.61
C GLY G 173 -11.02 18.99 -13.08
N VAL G 174 -11.40 20.15 -12.55
CA VAL G 174 -10.48 21.11 -11.98
C VAL G 174 -10.52 20.95 -10.47
N HIS G 175 -9.37 20.81 -9.85
CA HIS G 175 -9.28 20.75 -8.40
C HIS G 175 -8.34 21.86 -7.95
N THR G 176 -8.89 22.81 -7.21
CA THR G 176 -8.12 23.88 -6.59
C THR G 176 -7.91 23.50 -5.14
N PHE G 177 -6.70 23.40 -4.76
CA PHE G 177 -6.46 22.86 -3.43
C PHE G 177 -6.53 23.97 -2.39
N PRO G 178 -6.93 23.64 -1.16
CA PRO G 178 -6.86 24.63 -0.08
C PRO G 178 -5.42 25.08 0.19
N ALA G 179 -5.28 26.38 0.47
CA ALA G 179 -3.97 26.95 0.71
C ALA G 179 -3.39 26.47 2.04
N VAL G 180 -2.06 26.37 2.08
CA VAL G 180 -1.32 25.93 3.25
C VAL G 180 -0.46 27.08 3.74
N LEU G 181 -0.58 27.39 5.03
CA LEU G 181 0.26 28.42 5.62
C LEU G 181 1.69 27.91 5.77
N GLN G 182 2.66 28.72 5.35
CA GLN G 182 4.06 28.32 5.33
C GLN G 182 4.82 28.93 6.51
N SER G 183 6.11 28.59 6.56
CA SER G 183 7.00 29.13 7.58
C SER G 183 7.26 30.62 7.39
N SER G 184 7.13 31.13 6.16
CA SER G 184 7.27 32.56 5.91
C SER G 184 6.08 33.36 6.43
N GLY G 185 4.95 32.71 6.66
CA GLY G 185 3.71 33.41 6.98
C GLY G 185 2.81 33.62 5.79
N LEU G 186 3.17 33.09 4.62
CA LEU G 186 2.47 33.31 3.38
C LEU G 186 1.80 32.02 2.91
N TYR G 187 0.72 32.17 2.16
CA TYR G 187 -0.06 31.03 1.68
C TYR G 187 0.46 30.55 0.32
N SER G 188 0.16 29.29 0.03
CA SER G 188 0.40 28.71 -1.28
C SER G 188 -0.63 27.62 -1.53
N LEU G 189 -1.16 27.59 -2.74
CA LEU G 189 -2.07 26.54 -3.17
C LEU G 189 -1.67 26.11 -4.57
N SER G 190 -2.32 25.06 -5.05
CA SER G 190 -2.12 24.59 -6.42
C SER G 190 -3.47 24.30 -7.04
N SER G 191 -3.58 24.57 -8.33
CA SER G 191 -4.79 24.26 -9.08
C SER G 191 -4.40 23.37 -10.25
N VAL G 192 -5.02 22.20 -10.35
CA VAL G 192 -4.73 21.25 -11.40
C VAL G 192 -6.01 20.93 -12.15
N VAL G 193 -5.85 20.47 -13.38
CA VAL G 193 -6.97 20.03 -14.19
C VAL G 193 -6.51 18.80 -14.98
N THR G 194 -7.34 17.76 -14.98
CA THR G 194 -7.10 16.59 -15.80
C THR G 194 -7.88 16.74 -17.10
N VAL G 195 -7.20 16.53 -18.22
CA VAL G 195 -7.78 16.65 -19.55
C VAL G 195 -7.40 15.41 -20.37
N PRO G 196 -8.11 15.11 -21.46
CA PRO G 196 -7.66 14.01 -22.33
C PRO G 196 -6.32 14.35 -22.97
N SER G 197 -5.49 13.32 -23.15
CA SER G 197 -4.17 13.50 -23.74
C SER G 197 -4.25 13.83 -25.22
N SER G 198 -5.39 13.57 -25.86
CA SER G 198 -5.61 13.96 -27.24
C SER G 198 -5.68 15.48 -27.40
N SER G 199 -6.09 16.20 -26.37
CA SER G 199 -6.29 17.64 -26.42
C SER G 199 -5.02 18.44 -26.14
N LEU G 200 -3.90 17.77 -25.87
CA LEU G 200 -2.62 18.44 -25.66
C LEU G 200 -2.03 18.89 -27.00
N GLY G 201 -1.83 20.20 -27.14
CA GLY G 201 -1.28 20.79 -28.34
C GLY G 201 -2.32 21.32 -29.29
N THR G 202 -3.49 20.69 -29.32
CA THR G 202 -4.62 21.20 -30.08
C THR G 202 -5.33 22.31 -29.32
N GLN G 203 -5.49 22.12 -28.02
CA GLN G 203 -6.17 23.07 -27.15
C GLN G 203 -5.16 23.80 -26.26
N THR G 204 -5.31 25.11 -26.19
CA THR G 204 -4.44 25.98 -25.40
C THR G 204 -4.98 26.13 -23.99
N TYR G 205 -4.12 25.94 -22.99
CA TYR G 205 -4.52 26.01 -21.59
C TYR G 205 -3.77 27.14 -20.90
N ILE G 206 -4.54 28.10 -20.35
CA ILE G 206 -4.02 29.24 -19.60
C ILE G 206 -4.77 29.31 -18.28
N CYS G 207 -4.03 29.43 -17.17
CA CYS G 207 -4.63 29.62 -15.86
C CYS G 207 -4.67 31.10 -15.53
N ASN G 208 -5.84 31.57 -15.07
CA ASN G 208 -6.08 32.98 -14.77
C ASN G 208 -6.18 33.15 -13.27
N VAL G 209 -5.17 33.76 -12.68
CA VAL G 209 -5.09 33.97 -11.24
C VAL G 209 -5.24 35.46 -10.92
N ASN G 210 -6.06 35.77 -9.92
CA ASN G 210 -6.29 37.15 -9.51
C ASN G 210 -6.22 37.26 -8.00
N HIS G 211 -5.41 38.20 -7.52
CA HIS G 211 -5.27 38.50 -6.10
C HIS G 211 -5.68 39.96 -5.90
N LYS G 212 -6.92 40.17 -5.46
CA LYS G 212 -7.48 41.51 -5.26
C LYS G 212 -6.79 42.36 -4.19
N PRO G 213 -6.38 41.86 -3.01
CA PRO G 213 -5.64 42.74 -2.07
C PRO G 213 -4.32 43.28 -2.59
N SER G 214 -3.63 42.55 -3.47
CA SER G 214 -2.36 43.03 -4.00
C SER G 214 -2.49 43.65 -5.39
N ASN G 215 -3.69 43.64 -5.96
CA ASN G 215 -4.00 44.14 -7.31
C ASN G 215 -3.09 43.51 -8.36
N THR G 216 -3.08 42.19 -8.41
CA THR G 216 -2.25 41.43 -9.34
C THR G 216 -3.13 40.49 -10.14
N LYS G 217 -3.06 40.60 -11.46
CA LYS G 217 -3.72 39.65 -12.36
C LYS G 217 -2.69 39.25 -13.41
N VAL G 218 -2.32 37.97 -13.42
CA VAL G 218 -1.31 37.46 -14.34
C VAL G 218 -1.85 36.19 -15.00
N ASP G 219 -1.55 36.03 -16.28
CA ASP G 219 -1.95 34.86 -17.05
C ASP G 219 -0.70 34.16 -17.57
N LYS G 220 -0.58 32.87 -17.27
CA LYS G 220 0.56 32.06 -17.67
C LYS G 220 0.06 30.85 -18.42
N LYS G 221 0.70 30.54 -19.55
CA LYS G 221 0.33 29.41 -20.39
C LYS G 221 1.13 28.18 -19.98
N VAL G 222 0.44 27.07 -19.82
CA VAL G 222 1.08 25.80 -19.51
C VAL G 222 1.26 25.04 -20.81
N GLU G 223 2.50 24.66 -21.11
CA GLU G 223 2.89 24.02 -22.35
C GLU G 223 3.52 22.68 -22.06
N PRO G 224 3.26 21.64 -22.89
CA PRO G 224 3.86 20.31 -22.72
C PRO G 224 5.38 20.33 -22.91
N GLN H 1 23.43 -16.37 26.93
CA GLN H 1 24.47 -17.27 27.39
C GLN H 1 25.33 -17.74 26.22
N VAL H 2 25.67 -19.03 26.25
CA VAL H 2 26.47 -19.66 25.20
C VAL H 2 25.55 -19.89 24.01
N GLN H 3 26.02 -19.57 22.81
CA GLN H 3 25.17 -19.73 21.64
C GLN H 3 25.99 -20.26 20.46
N LEU H 4 25.47 -21.28 19.81
CA LEU H 4 26.07 -21.85 18.60
C LEU H 4 25.06 -21.67 17.46
N VAL H 5 25.43 -20.85 16.48
CA VAL H 5 24.59 -20.59 15.32
C VAL H 5 25.24 -21.24 14.11
N GLN H 6 24.51 -22.12 13.43
CA GLN H 6 25.06 -22.84 12.29
C GLN H 6 24.71 -22.15 10.98
N SER H 7 25.31 -22.68 9.91
CA SER H 7 25.00 -22.27 8.55
C SER H 7 23.56 -22.62 8.20
N GLY H 8 23.04 -21.94 7.17
CA GLY H 8 21.71 -22.20 6.68
C GLY H 8 21.62 -23.50 5.89
N PRO H 9 20.41 -23.89 5.52
CA PRO H 9 20.23 -25.19 4.83
C PRO H 9 20.74 -25.13 3.40
N GLU H 10 21.30 -26.25 2.96
CA GLU H 10 21.91 -26.35 1.64
C GLU H 10 21.36 -27.58 0.92
N ALA H 11 21.54 -27.60 -0.40
CA ALA H 11 21.07 -28.70 -1.24
C ALA H 11 22.11 -28.94 -2.32
N LYS H 12 22.75 -30.11 -2.29
CA LYS H 12 23.84 -30.42 -3.19
C LYS H 12 23.47 -31.62 -4.07
N LYS H 13 24.11 -31.69 -5.23
CA LYS H 13 23.96 -32.81 -6.15
C LYS H 13 24.83 -33.98 -5.67
N PRO H 14 24.50 -35.22 -6.05
CA PRO H 14 25.35 -36.36 -5.67
C PRO H 14 26.72 -36.28 -6.31
N GLY H 15 27.76 -36.42 -5.50
CA GLY H 15 29.12 -36.28 -5.92
C GLY H 15 29.79 -34.99 -5.48
N ALA H 16 29.01 -33.97 -5.14
CA ALA H 16 29.55 -32.68 -4.74
C ALA H 16 29.94 -32.71 -3.26
N SER H 17 30.27 -31.54 -2.70
CA SER H 17 30.62 -31.39 -1.31
C SER H 17 29.82 -30.27 -0.67
N VAL H 18 29.77 -30.26 0.66
CA VAL H 18 29.09 -29.22 1.41
C VAL H 18 30.01 -28.77 2.54
N LYS H 19 30.06 -27.46 2.80
CA LYS H 19 30.82 -26.89 3.91
C LYS H 19 29.83 -26.26 4.88
N VAL H 20 29.52 -26.98 5.95
CA VAL H 20 28.63 -26.49 7.00
C VAL H 20 29.46 -25.73 8.02
N SER H 21 28.95 -24.58 8.45
CA SER H 21 29.64 -23.72 9.41
C SER H 21 28.86 -23.68 10.72
N CYS H 22 29.53 -23.18 11.77
CA CYS H 22 28.95 -23.11 13.10
C CYS H 22 29.74 -22.09 13.90
N GLN H 23 29.09 -21.01 14.33
CA GLN H 23 29.76 -19.88 14.97
C GLN H 23 29.43 -19.85 16.46
N ALA H 24 30.47 -19.81 17.28
CA ALA H 24 30.33 -19.88 18.73
C ALA H 24 30.37 -18.50 19.36
N SER H 25 29.51 -18.29 20.37
CA SER H 25 29.46 -17.05 21.11
C SER H 25 29.23 -17.35 22.58
N GLY H 26 29.86 -16.55 23.45
CA GLY H 26 29.60 -16.60 24.88
C GLY H 26 30.63 -17.33 25.73
N TYR H 27 31.75 -17.74 25.15
CA TYR H 27 32.79 -18.48 25.87
C TYR H 27 34.08 -18.38 25.06
N PRO H 28 35.23 -18.58 25.71
CA PRO H 28 36.50 -18.65 24.94
C PRO H 28 36.50 -19.82 23.98
N PHE H 29 36.55 -19.50 22.68
CA PHE H 29 36.35 -20.50 21.62
C PHE H 29 37.45 -21.54 21.64
N SER H 30 38.70 -21.11 21.78
CA SER H 30 39.78 -22.03 22.08
C SER H 30 39.60 -22.60 23.48
N GLY H 31 39.87 -23.90 23.63
CA GLY H 31 39.75 -24.56 24.91
C GLY H 31 38.48 -25.34 25.14
N TYR H 32 37.59 -25.42 24.15
CA TYR H 32 36.46 -26.34 24.16
C TYR H 32 36.38 -27.04 22.82
N TYR H 33 36.31 -28.37 22.85
CA TYR H 33 36.30 -29.14 21.61
C TYR H 33 34.96 -29.04 20.91
N MET H 34 34.99 -28.99 19.59
CA MET H 34 33.79 -28.91 18.78
C MET H 34 33.54 -30.27 18.14
N HIS H 35 32.47 -30.92 18.56
CA HIS H 35 32.05 -32.20 18.00
C HIS H 35 30.99 -31.93 16.94
N TRP H 36 31.02 -32.72 15.86
CA TRP H 36 30.03 -32.65 14.80
C TRP H 36 29.24 -33.95 14.76
N LEU H 37 27.92 -33.82 14.68
CA LEU H 37 27.02 -34.95 14.67
C LEU H 37 26.01 -34.75 13.55
N ARG H 38 25.29 -35.82 13.22
CA ARG H 38 24.27 -35.73 12.18
C ARG H 38 23.15 -36.71 12.50
N GLN H 39 21.97 -36.42 11.94
CA GLN H 39 20.78 -37.25 12.12
C GLN H 39 20.11 -37.43 10.76
N ALA H 40 20.25 -38.62 10.19
CA ALA H 40 19.49 -39.01 9.02
C ALA H 40 18.01 -39.07 9.38
N PRO H 41 17.09 -38.85 8.42
CA PRO H 41 15.67 -38.67 8.76
C PRO H 41 15.04 -39.92 9.36
N GLY H 42 14.59 -39.81 10.60
CA GLY H 42 14.05 -40.93 11.34
C GLY H 42 15.04 -42.04 11.59
N GLN H 43 16.28 -41.68 11.96
CA GLN H 43 17.36 -42.66 12.08
C GLN H 43 18.20 -42.51 13.34
N GLY H 44 17.98 -41.48 14.15
CA GLY H 44 18.83 -41.26 15.32
C GLY H 44 20.12 -40.58 14.93
N LEU H 45 20.92 -40.27 15.95
CA LEU H 45 22.11 -39.45 15.76
C LEU H 45 23.32 -40.30 15.42
N GLU H 46 24.14 -39.79 14.49
CA GLU H 46 25.44 -40.36 14.17
C GLU H 46 26.52 -39.35 14.56
N TRP H 47 27.58 -39.84 15.18
CA TRP H 47 28.73 -39.02 15.51
C TRP H 47 29.71 -39.04 14.34
N MET H 48 30.32 -37.88 14.07
CA MET H 48 31.20 -37.74 12.91
C MET H 48 32.65 -37.47 13.30
N GLY H 49 32.89 -36.57 14.24
CA GLY H 49 34.24 -36.29 14.68
C GLY H 49 34.26 -35.12 15.63
N TRP H 50 35.42 -34.91 16.24
CA TRP H 50 35.67 -33.72 17.05
C TRP H 50 36.91 -33.00 16.56
N MET H 51 36.92 -31.68 16.73
CA MET H 51 38.03 -30.83 16.33
C MET H 51 38.46 -29.96 17.51
N ASN H 52 39.77 -29.95 17.78
CA ASN H 52 40.36 -29.03 18.76
C ASN H 52 40.60 -27.68 18.10
N PRO H 53 39.88 -26.63 18.52
CA PRO H 53 40.09 -25.31 17.90
C PRO H 53 41.38 -24.62 18.32
N ASN H 54 42.08 -25.11 19.34
CA ASN H 54 43.36 -24.51 19.71
C ASN H 54 44.51 -25.02 18.86
N SER H 55 44.45 -26.28 18.43
CA SER H 55 45.51 -26.89 17.66
C SER H 55 45.14 -27.17 16.21
N GLY H 56 43.86 -27.33 15.91
CA GLY H 56 43.44 -27.83 14.62
C GLY H 56 43.47 -29.34 14.50
N GLY H 57 43.88 -30.05 15.55
CA GLY H 57 43.88 -31.50 15.50
C GLY H 57 42.49 -32.07 15.59
N THR H 58 42.28 -33.20 14.91
CA THR H 58 40.98 -33.81 14.78
C THR H 58 41.06 -35.30 15.05
N LYS H 59 39.89 -35.88 15.31
CA LYS H 59 39.69 -37.34 15.26
C LYS H 59 38.36 -37.57 14.59
N TYR H 60 38.39 -38.13 13.39
CA TYR H 60 37.18 -38.44 12.65
C TYR H 60 36.71 -39.86 12.92
N ALA H 61 35.42 -40.08 12.71
CA ALA H 61 34.88 -41.44 12.71
C ALA H 61 35.47 -42.23 11.55
N GLN H 62 35.56 -43.56 11.75
CA GLN H 62 36.20 -44.44 10.76
C GLN H 62 35.47 -44.47 9.43
N ARG H 63 34.15 -44.21 9.43
CA ARG H 63 33.38 -44.16 8.20
C ARG H 63 33.64 -42.90 7.37
N PHE H 64 34.20 -41.85 7.98
CA PHE H 64 34.22 -40.53 7.34
C PHE H 64 35.62 -40.01 7.01
N GLN H 65 36.68 -40.77 7.27
CA GLN H 65 38.02 -40.18 7.29
C GLN H 65 38.52 -39.77 5.91
N GLY H 66 38.14 -40.51 4.86
CA GLY H 66 38.50 -40.10 3.52
C GLY H 66 37.72 -38.90 3.00
N ARG H 67 36.59 -38.57 3.63
CA ARG H 67 35.64 -37.63 3.06
C ARG H 67 35.48 -36.32 3.83
N VAL H 68 35.79 -36.29 5.13
CA VAL H 68 35.42 -35.15 5.96
C VAL H 68 36.68 -34.37 6.36
N THR H 69 36.49 -33.05 6.52
CA THR H 69 37.51 -32.12 6.99
C THR H 69 36.85 -31.08 7.88
N MET H 70 37.38 -30.91 9.08
CA MET H 70 36.86 -29.98 10.08
C MET H 70 37.87 -28.84 10.24
N THR H 71 37.41 -27.62 10.00
CA THR H 71 38.27 -26.45 9.93
C THR H 71 37.89 -25.48 11.03
N ARG H 72 38.87 -24.69 11.48
CA ARG H 72 38.68 -23.68 12.50
C ARG H 72 38.92 -22.32 11.86
N ASP H 73 38.30 -21.30 12.44
CA ASP H 73 38.62 -19.90 12.14
C ASP H 73 38.47 -19.17 13.48
N THR H 74 39.60 -19.02 14.18
CA THR H 74 39.58 -18.65 15.59
C THR H 74 39.09 -17.21 15.81
N SER H 75 39.39 -16.32 14.87
CA SER H 75 39.10 -14.90 15.07
C SER H 75 37.61 -14.57 14.90
N ILE H 76 36.90 -15.30 14.05
CA ILE H 76 35.45 -15.12 13.91
C ILE H 76 34.70 -16.15 14.78
N SER H 77 35.45 -17.02 15.47
CA SER H 77 34.93 -18.04 16.39
C SER H 77 33.96 -18.99 15.69
N THR H 78 34.38 -19.48 14.53
CA THR H 78 33.58 -20.33 13.67
C THR H 78 34.31 -21.64 13.40
N ALA H 79 33.61 -22.74 13.64
CA ALA H 79 34.06 -24.06 13.29
C ALA H 79 33.41 -24.48 11.99
N HIS H 80 34.21 -25.04 11.09
CA HIS H 80 33.71 -25.55 9.82
C HIS H 80 33.81 -27.06 9.79
N MET H 81 32.96 -27.66 8.95
CA MET H 81 33.02 -29.07 8.60
C MET H 81 32.70 -29.22 7.12
N GLU H 82 33.59 -29.89 6.39
CA GLU H 82 33.45 -30.04 4.96
C GLU H 82 33.45 -31.52 4.60
N LEU H 83 32.28 -32.03 4.20
CA LEU H 83 32.12 -33.42 3.82
C LEU H 83 32.09 -33.51 2.30
N ARG H 84 33.02 -34.28 1.74
CA ARG H 84 33.13 -34.45 0.30
C ARG H 84 32.54 -35.78 -0.12
N GLY H 85 32.34 -35.94 -1.43
CA GLY H 85 31.80 -37.16 -2.01
C GLY H 85 30.39 -37.47 -1.54
N LEU H 86 29.50 -36.49 -1.59
CA LEU H 86 28.16 -36.62 -1.03
C LEU H 86 27.33 -37.64 -1.78
N ARG H 87 26.73 -38.56 -1.03
CA ARG H 87 25.81 -39.56 -1.55
C ARG H 87 24.40 -39.23 -1.08
N SER H 88 23.43 -39.96 -1.62
CA SER H 88 22.04 -39.80 -1.17
C SER H 88 21.85 -40.31 0.24
N ASP H 89 22.77 -41.15 0.74
CA ASP H 89 22.78 -41.55 2.14
C ASP H 89 23.06 -40.38 3.08
N ASP H 90 23.77 -39.36 2.62
CA ASP H 90 24.24 -38.26 3.46
C ASP H 90 23.18 -37.19 3.74
N THR H 91 21.95 -37.37 3.27
CA THR H 91 20.87 -36.45 3.58
C THR H 91 20.54 -36.52 5.07
N ALA H 92 20.85 -35.46 5.80
CA ALA H 92 20.73 -35.44 7.25
C ALA H 92 20.69 -34.00 7.74
N VAL H 93 20.31 -33.84 9.02
CA VAL H 93 20.44 -32.58 9.73
C VAL H 93 21.72 -32.63 10.54
N TYR H 94 22.58 -31.63 10.36
CA TYR H 94 23.94 -31.67 10.88
C TYR H 94 24.08 -30.71 12.05
N TYR H 95 24.65 -31.20 13.15
CA TYR H 95 24.76 -30.45 14.41
C TYR H 95 26.21 -30.30 14.83
N CYS H 96 26.56 -29.10 15.29
CA CYS H 96 27.78 -28.87 16.05
C CYS H 96 27.46 -28.83 17.53
N ALA H 97 28.41 -29.24 18.35
CA ALA H 97 28.18 -29.31 19.78
C ALA H 97 29.49 -29.08 20.52
N ARG H 98 29.37 -28.50 21.71
CA ARG H 98 30.52 -28.18 22.55
C ARG H 98 30.74 -29.26 23.59
N ASP H 99 31.96 -29.81 23.63
CA ASP H 99 32.36 -30.75 24.66
C ASP H 99 32.78 -29.96 25.89
N TYR H 100 31.96 -30.00 26.93
CA TYR H 100 32.24 -29.25 28.15
C TYR H 100 33.43 -29.81 28.92
N CYS H 101 33.63 -31.14 28.88
CA CYS H 101 34.65 -31.75 29.72
C CYS H 101 36.06 -31.59 29.19
N THR H 102 36.22 -31.08 27.97
CA THR H 102 37.52 -30.60 27.49
C THR H 102 37.58 -29.13 27.89
N GLY H 103 38.21 -28.85 29.01
CA GLY H 103 38.28 -27.49 29.52
C GLY H 103 37.67 -27.43 30.91
N SER H 104 37.33 -28.61 31.43
CA SER H 104 36.80 -28.77 32.78
C SER H 104 37.39 -30.03 33.38
N SER H 105 36.93 -30.39 34.58
CA SER H 105 37.55 -31.45 35.36
C SER H 105 36.87 -32.80 35.20
N CYS H 106 35.98 -32.96 34.24
CA CYS H 106 35.32 -34.23 34.02
C CYS H 106 35.96 -34.99 32.85
N TYR H 107 35.65 -36.29 32.80
CA TYR H 107 36.26 -37.21 31.86
C TYR H 107 35.30 -37.72 30.78
N ARG H 108 34.03 -37.32 30.84
CA ARG H 108 33.02 -37.72 29.86
C ARG H 108 33.15 -36.88 28.60
N THR H 109 32.18 -36.98 27.70
CA THR H 109 31.97 -35.99 26.63
C THR H 109 30.51 -35.56 26.74
N ASP H 110 30.28 -34.36 27.25
CA ASP H 110 28.94 -33.82 27.46
C ASP H 110 28.69 -32.69 26.48
N TYR H 111 27.58 -32.78 25.74
CA TYR H 111 27.18 -31.75 24.80
C TYR H 111 26.15 -30.86 25.49
N ASP H 112 26.63 -29.87 26.23
CA ASP H 112 25.72 -28.97 26.94
C ASP H 112 25.04 -27.99 25.99
N TYR H 113 25.76 -27.51 24.98
CA TYR H 113 25.23 -26.56 24.02
C TYR H 113 25.33 -27.12 22.61
N TRP H 114 24.24 -27.00 21.87
CA TRP H 114 24.15 -27.46 20.49
C TRP H 114 23.84 -26.29 19.57
N GLY H 115 24.13 -26.48 18.28
CA GLY H 115 23.62 -25.59 17.27
C GLY H 115 22.19 -25.93 16.90
N GLN H 116 21.58 -25.06 16.10
CA GLN H 116 20.17 -25.26 15.74
C GLN H 116 19.97 -26.34 14.69
N GLY H 117 21.03 -26.82 14.07
CA GLY H 117 20.90 -27.82 13.02
C GLY H 117 20.98 -27.22 11.63
N THR H 118 21.54 -27.98 10.71
CA THR H 118 21.64 -27.61 9.30
C THR H 118 21.18 -28.76 8.44
N LEU H 119 20.11 -28.55 7.69
CA LEU H 119 19.58 -29.57 6.79
C LEU H 119 20.40 -29.56 5.50
N VAL H 120 20.96 -30.71 5.15
CA VAL H 120 21.71 -30.88 3.91
C VAL H 120 20.99 -31.96 3.11
N THR H 121 20.43 -31.56 1.97
CA THR H 121 19.67 -32.47 1.11
C THR H 121 20.53 -32.84 -0.08
N VAL H 122 20.72 -34.14 -0.30
CA VAL H 122 21.47 -34.64 -1.44
C VAL H 122 20.49 -35.35 -2.36
N SER H 123 20.22 -34.74 -3.52
CA SER H 123 19.35 -35.32 -4.51
C SER H 123 19.81 -34.88 -5.89
N SER H 124 19.48 -35.68 -6.90
CA SER H 124 19.85 -35.37 -8.27
C SER H 124 18.91 -34.37 -8.93
N ALA H 125 17.78 -34.05 -8.30
CA ALA H 125 16.83 -33.11 -8.87
C ALA H 125 17.30 -31.68 -8.71
N SER H 126 17.11 -30.89 -9.76
CA SER H 126 17.33 -29.44 -9.73
C SER H 126 16.13 -28.74 -9.11
N THR H 127 16.30 -27.44 -8.84
CA THR H 127 15.26 -26.65 -8.20
C THR H 127 14.06 -26.44 -9.13
N LYS H 128 12.87 -26.72 -8.61
CA LYS H 128 11.62 -26.58 -9.36
C LYS H 128 10.60 -25.80 -8.54
N GLY H 129 9.93 -24.86 -9.19
CA GLY H 129 8.88 -24.11 -8.55
C GLY H 129 7.60 -24.94 -8.45
N PRO H 130 6.85 -24.74 -7.37
CA PRO H 130 5.69 -25.59 -7.11
C PRO H 130 4.48 -25.25 -7.96
N SER H 131 3.65 -26.26 -8.19
CA SER H 131 2.33 -26.10 -8.78
C SER H 131 1.28 -26.20 -7.67
N VAL H 132 0.43 -25.18 -7.59
CA VAL H 132 -0.51 -25.02 -6.49
C VAL H 132 -1.91 -25.32 -7.00
N PHE H 133 -2.61 -26.22 -6.31
CA PHE H 133 -3.92 -26.66 -6.77
C PHE H 133 -4.97 -26.54 -5.67
N PRO H 134 -6.19 -26.14 -6.02
CA PRO H 134 -7.25 -26.00 -5.02
C PRO H 134 -7.81 -27.33 -4.54
N LEU H 135 -8.25 -27.33 -3.27
CA LEU H 135 -8.96 -28.46 -2.65
C LEU H 135 -10.35 -27.96 -2.25
N ALA H 136 -11.33 -28.19 -3.11
CA ALA H 136 -12.62 -27.53 -2.97
C ALA H 136 -13.42 -28.18 -1.85
N PRO H 137 -14.17 -27.39 -1.08
CA PRO H 137 -15.07 -27.97 -0.07
C PRO H 137 -16.27 -28.66 -0.72
N SER H 138 -16.83 -29.60 0.03
CA SER H 138 -17.91 -30.45 -0.48
C SER H 138 -18.84 -30.79 0.69
N SER H 139 -19.62 -31.85 0.52
CA SER H 139 -20.50 -32.37 1.57
C SER H 139 -19.67 -33.10 2.62
N LYS H 140 -19.03 -32.31 3.48
CA LYS H 140 -18.10 -32.84 4.49
C LYS H 140 -18.46 -32.32 5.89
N SER H 141 -19.43 -32.98 6.52
CA SER H 141 -19.89 -32.59 7.84
C SER H 141 -20.62 -33.74 8.51
N THR H 142 -20.48 -33.85 9.83
CA THR H 142 -21.33 -34.74 10.63
C THR H 142 -22.66 -34.03 10.90
N SER H 143 -23.43 -33.86 9.80
CA SER H 143 -24.74 -33.22 9.76
C SER H 143 -24.76 -31.76 10.30
N GLY H 144 -23.61 -31.10 10.46
CA GLY H 144 -23.61 -29.75 11.01
C GLY H 144 -22.90 -28.70 10.17
N GLY H 145 -22.62 -27.53 10.73
CA GLY H 145 -22.00 -26.45 9.98
C GLY H 145 -20.49 -26.30 10.04
N THR H 146 -19.71 -27.29 9.58
CA THR H 146 -18.24 -27.21 9.66
C THR H 146 -17.63 -27.76 8.38
N ALA H 147 -17.31 -26.87 7.44
CA ALA H 147 -16.68 -27.24 6.18
C ALA H 147 -15.15 -27.18 6.28
N ALA H 148 -14.50 -27.97 5.42
CA ALA H 148 -13.05 -27.95 5.31
C ALA H 148 -12.64 -27.69 3.86
N LEU H 149 -11.64 -26.84 3.68
CA LEU H 149 -11.09 -26.55 2.37
C LEU H 149 -9.57 -26.51 2.48
N GLY H 150 -8.89 -26.59 1.35
CA GLY H 150 -7.46 -26.74 1.42
C GLY H 150 -6.72 -26.24 0.21
N CYS H 151 -5.42 -26.54 0.20
CA CYS H 151 -4.50 -26.03 -0.80
C CYS H 151 -3.40 -27.07 -0.98
N LEU H 152 -3.21 -27.55 -2.20
CA LEU H 152 -2.28 -28.63 -2.48
C LEU H 152 -1.05 -28.09 -3.21
N VAL H 153 0.11 -28.22 -2.58
CA VAL H 153 1.38 -27.80 -3.12
C VAL H 153 2.15 -29.06 -3.53
N LYS H 154 2.17 -29.35 -4.82
CA LYS H 154 2.70 -30.61 -5.35
C LYS H 154 3.91 -30.33 -6.24
N ASP H 155 4.89 -31.24 -6.20
CA ASP H 155 6.05 -31.30 -7.11
C ASP H 155 6.91 -30.04 -7.03
N TYR H 156 7.55 -29.86 -5.88
CA TYR H 156 8.56 -28.82 -5.73
C TYR H 156 9.85 -29.41 -5.19
N PHE H 157 10.94 -28.68 -5.41
CA PHE H 157 12.25 -29.01 -4.89
C PHE H 157 13.05 -27.72 -4.85
N PRO H 158 13.78 -27.44 -3.77
CA PRO H 158 13.84 -28.19 -2.52
C PRO H 158 12.88 -27.64 -1.48
N GLU H 159 12.92 -28.18 -0.27
CA GLU H 159 12.17 -27.66 0.84
C GLU H 159 12.80 -26.35 1.32
N PRO H 160 12.02 -25.44 1.96
CA PRO H 160 10.58 -25.47 2.28
C PRO H 160 9.68 -24.59 1.43
N VAL H 161 8.37 -24.75 1.59
CA VAL H 161 7.37 -23.78 1.14
C VAL H 161 6.58 -23.30 2.35
N THR H 162 6.22 -22.01 2.34
CA THR H 162 5.41 -21.40 3.40
C THR H 162 4.00 -21.16 2.87
N VAL H 163 3.00 -21.57 3.66
CA VAL H 163 1.60 -21.41 3.29
C VAL H 163 0.91 -20.55 4.35
N SER H 164 0.05 -19.64 3.89
CA SER H 164 -0.80 -18.83 4.77
C SER H 164 -2.16 -18.66 4.11
N TRP H 165 -3.15 -18.30 4.91
CA TRP H 165 -4.54 -18.21 4.46
C TRP H 165 -5.06 -16.79 4.61
N ASN H 166 -5.53 -16.20 3.49
CA ASN H 166 -6.10 -14.86 3.42
C ASN H 166 -5.15 -13.80 3.97
N SER H 167 -3.91 -13.82 3.48
CA SER H 167 -2.83 -12.90 3.87
C SER H 167 -2.54 -12.94 5.37
N GLY H 168 -2.76 -14.09 5.99
CA GLY H 168 -2.56 -14.25 7.41
C GLY H 168 -3.74 -13.92 8.31
N ALA H 169 -4.90 -13.65 7.75
CA ALA H 169 -6.09 -13.33 8.53
C ALA H 169 -6.94 -14.57 8.87
N LEU H 170 -6.36 -15.76 8.78
CA LEU H 170 -7.06 -17.00 9.13
C LEU H 170 -6.06 -17.95 9.77
N THR H 171 -6.05 -17.98 11.11
CA THR H 171 -5.13 -18.83 11.87
C THR H 171 -5.80 -19.99 12.56
N SER H 172 -7.11 -19.99 12.68
CA SER H 172 -7.83 -20.95 13.51
C SER H 172 -8.28 -22.15 12.69
N GLY H 173 -7.96 -23.34 13.20
CA GLY H 173 -8.32 -24.56 12.50
C GLY H 173 -7.48 -24.87 11.28
N VAL H 174 -6.25 -24.38 11.23
CA VAL H 174 -5.36 -24.59 10.09
C VAL H 174 -4.41 -25.73 10.44
N HIS H 175 -4.31 -26.72 9.54
CA HIS H 175 -3.36 -27.81 9.67
C HIS H 175 -2.53 -27.88 8.40
N THR H 176 -1.23 -27.61 8.53
CA THR H 176 -0.28 -27.72 7.43
C THR H 176 0.50 -29.02 7.58
N PHE H 177 0.44 -29.87 6.55
CA PHE H 177 1.05 -31.18 6.68
C PHE H 177 2.52 -31.15 6.30
N PRO H 178 3.33 -32.01 6.92
CA PRO H 178 4.72 -32.18 6.48
C PRO H 178 4.79 -32.71 5.04
N ALA H 179 5.78 -32.21 4.30
CA ALA H 179 5.95 -32.62 2.92
C ALA H 179 6.41 -34.08 2.82
N VAL H 180 5.97 -34.75 1.76
CA VAL H 180 6.30 -36.15 1.53
C VAL H 180 7.11 -36.26 0.24
N LEU H 181 8.25 -36.93 0.31
CA LEU H 181 9.04 -37.18 -0.88
C LEU H 181 8.38 -38.26 -1.72
N GLN H 182 8.20 -37.99 -3.01
CA GLN H 182 7.55 -38.92 -3.93
C GLN H 182 8.59 -39.60 -4.81
N SER H 183 8.10 -40.46 -5.72
CA SER H 183 8.96 -41.21 -6.63
C SER H 183 9.71 -40.34 -7.64
N SER H 184 9.22 -39.14 -7.96
CA SER H 184 9.94 -38.27 -8.88
C SER H 184 11.20 -37.67 -8.25
N GLY H 185 11.31 -37.69 -6.93
CA GLY H 185 12.38 -36.99 -6.24
C GLY H 185 11.98 -35.64 -5.70
N LEU H 186 10.71 -35.27 -5.84
CA LEU H 186 10.20 -33.96 -5.49
C LEU H 186 9.26 -34.04 -4.29
N TYR H 187 9.13 -32.93 -3.56
CA TYR H 187 8.30 -32.89 -2.37
C TYR H 187 6.87 -32.46 -2.72
N SER H 188 5.94 -32.83 -1.84
CA SER H 188 4.54 -32.40 -1.96
C SER H 188 3.92 -32.33 -0.57
N LEU H 189 3.17 -31.25 -0.32
CA LEU H 189 2.40 -31.13 0.92
C LEU H 189 1.02 -30.57 0.63
N SER H 190 0.17 -30.60 1.65
CA SER H 190 -1.16 -30.00 1.59
C SER H 190 -1.41 -29.26 2.89
N SER H 191 -2.14 -28.15 2.80
CA SER H 191 -2.54 -27.36 3.96
C SER H 191 -4.05 -27.19 3.93
N VAL H 192 -4.72 -27.53 5.04
CA VAL H 192 -6.18 -27.49 5.11
C VAL H 192 -6.60 -26.56 6.24
N VAL H 193 -7.84 -26.09 6.14
CA VAL H 193 -8.46 -25.24 7.15
C VAL H 193 -9.94 -25.61 7.27
N THR H 194 -10.42 -25.72 8.52
CA THR H 194 -11.84 -25.93 8.80
C THR H 194 -12.51 -24.58 9.07
N VAL H 195 -13.62 -24.32 8.38
CA VAL H 195 -14.37 -23.06 8.45
C VAL H 195 -15.86 -23.38 8.56
N PRO H 196 -16.69 -22.44 9.04
CA PRO H 196 -18.14 -22.69 9.06
C PRO H 196 -18.79 -22.79 7.68
N SER H 197 -19.83 -23.64 7.59
CA SER H 197 -20.56 -23.82 6.34
C SER H 197 -21.44 -22.62 6.01
N SER H 198 -21.83 -21.85 7.04
CA SER H 198 -22.61 -20.65 6.78
C SER H 198 -21.77 -19.58 6.10
N SER H 199 -20.46 -19.57 6.30
CA SER H 199 -19.65 -18.54 5.67
C SER H 199 -19.21 -18.93 4.26
N LEU H 200 -19.55 -20.14 3.81
CA LEU H 200 -19.18 -20.55 2.46
C LEU H 200 -19.93 -19.75 1.40
N GLY H 201 -19.19 -19.00 0.59
CA GLY H 201 -19.74 -18.10 -0.40
C GLY H 201 -19.75 -16.66 0.04
N THR H 202 -19.87 -16.40 1.35
CA THR H 202 -19.78 -15.02 1.80
C THR H 202 -18.34 -14.54 1.93
N GLN H 203 -17.45 -15.38 2.46
CA GLN H 203 -16.05 -15.00 2.67
C GLN H 203 -15.18 -15.70 1.64
N THR H 204 -14.23 -14.97 1.06
CA THR H 204 -13.32 -15.51 0.06
C THR H 204 -12.07 -16.10 0.73
N TYR H 205 -11.69 -17.30 0.31
CA TYR H 205 -10.56 -18.01 0.92
C TYR H 205 -9.49 -18.25 -0.14
N ILE H 206 -8.29 -17.70 0.09
CA ILE H 206 -7.13 -17.80 -0.80
C ILE H 206 -5.93 -18.27 0.01
N CYS H 207 -5.22 -19.26 -0.52
CA CYS H 207 -3.99 -19.75 0.08
C CYS H 207 -2.78 -19.09 -0.57
N ASN H 208 -1.84 -18.63 0.25
CA ASN H 208 -0.64 -17.91 -0.20
C ASN H 208 0.56 -18.84 -0.07
N VAL H 209 1.11 -19.28 -1.19
CA VAL H 209 2.25 -20.20 -1.22
C VAL H 209 3.49 -19.43 -1.66
N ASN H 210 4.59 -19.64 -0.94
CA ASN H 210 5.86 -18.99 -1.21
C ASN H 210 6.98 -20.01 -1.19
N HIS H 211 7.76 -20.05 -2.28
CA HIS H 211 8.91 -20.94 -2.40
C HIS H 211 10.16 -20.09 -2.62
N LYS H 212 10.93 -19.89 -1.56
CA LYS H 212 12.13 -19.05 -1.65
C LYS H 212 13.24 -19.55 -2.58
N PRO H 213 13.60 -20.86 -2.63
CA PRO H 213 14.66 -21.27 -3.59
C PRO H 213 14.32 -21.03 -5.07
N SER H 214 13.05 -21.05 -5.45
CA SER H 214 12.68 -20.81 -6.84
C SER H 214 12.15 -19.40 -7.09
N ASN H 215 12.07 -18.57 -6.04
CA ASN H 215 11.48 -17.22 -6.07
C ASN H 215 10.07 -17.26 -6.66
N THR H 216 9.21 -18.02 -6.01
CA THR H 216 7.84 -18.25 -6.46
C THR H 216 6.86 -17.86 -5.37
N LYS H 217 5.93 -16.97 -5.71
CA LYS H 217 4.82 -16.62 -4.84
C LYS H 217 3.55 -16.64 -5.68
N VAL H 218 2.63 -17.54 -5.36
CA VAL H 218 1.41 -17.76 -6.12
C VAL H 218 0.23 -17.72 -5.16
N ASP H 219 -0.86 -17.07 -5.58
CA ASP H 219 -2.08 -16.95 -4.81
C ASP H 219 -3.22 -17.57 -5.61
N LYS H 220 -3.89 -18.58 -5.04
CA LYS H 220 -4.99 -19.26 -5.74
C LYS H 220 -6.26 -19.34 -4.89
N LYS H 221 -7.39 -19.10 -5.56
CA LYS H 221 -8.73 -19.08 -5.00
C LYS H 221 -9.37 -20.46 -5.03
N VAL H 222 -10.00 -20.82 -3.90
CA VAL H 222 -10.68 -22.10 -3.77
C VAL H 222 -12.18 -21.85 -3.66
N GLU H 223 -12.96 -22.48 -4.55
CA GLU H 223 -14.41 -22.35 -4.58
C GLU H 223 -15.08 -23.72 -4.65
N PRO H 224 -16.25 -23.88 -3.99
CA PRO H 224 -17.02 -25.14 -4.06
C PRO H 224 -17.50 -25.47 -5.47
N GLN I 1 -26.57 -27.86 -3.93
CA GLN I 1 -27.87 -28.39 -3.51
C GLN I 1 -28.47 -29.23 -4.63
N VAL I 2 -28.69 -28.60 -5.77
CA VAL I 2 -29.32 -29.25 -6.91
C VAL I 2 -28.30 -30.11 -7.63
N GLN I 3 -28.65 -31.38 -7.89
CA GLN I 3 -27.82 -32.26 -8.69
C GLN I 3 -28.71 -33.25 -9.43
N LEU I 4 -28.38 -33.50 -10.69
CA LEU I 4 -29.09 -34.48 -11.52
C LEU I 4 -28.15 -35.65 -11.77
N VAL I 5 -28.52 -36.83 -11.28
CA VAL I 5 -27.71 -38.03 -11.43
C VAL I 5 -28.42 -38.97 -12.40
N GLN I 6 -27.70 -39.40 -13.42
CA GLN I 6 -28.24 -40.22 -14.49
C GLN I 6 -27.91 -41.71 -14.28
N SER I 7 -28.54 -42.54 -15.11
CA SER I 7 -28.19 -43.95 -15.17
C SER I 7 -26.78 -44.14 -15.71
N GLY I 8 -26.22 -45.33 -15.47
CA GLY I 8 -24.89 -45.65 -15.95
C GLY I 8 -24.86 -45.87 -17.45
N PRO I 9 -23.66 -46.01 -18.00
CA PRO I 9 -23.52 -46.14 -19.46
C PRO I 9 -23.95 -47.51 -19.96
N GLU I 10 -24.54 -47.51 -21.16
CA GLU I 10 -25.09 -48.71 -21.77
C GLU I 10 -24.55 -48.88 -23.18
N ALA I 11 -24.74 -50.10 -23.70
CA ALA I 11 -24.35 -50.45 -25.05
C ALA I 11 -25.44 -51.36 -25.60
N LYS I 12 -26.15 -50.89 -26.63
CA LYS I 12 -27.28 -51.61 -27.19
C LYS I 12 -26.98 -52.01 -28.62
N LYS I 13 -27.65 -53.08 -29.06
CA LYS I 13 -27.52 -53.55 -30.42
C LYS I 13 -28.34 -52.67 -31.37
N PRO I 14 -27.98 -52.63 -32.66
CA PRO I 14 -28.75 -51.81 -33.61
C PRO I 14 -30.15 -52.37 -33.80
N GLY I 15 -31.14 -51.49 -33.67
CA GLY I 15 -32.53 -51.85 -33.74
C GLY I 15 -33.23 -51.91 -32.40
N ALA I 16 -32.49 -52.09 -31.32
CA ALA I 16 -33.05 -52.21 -29.98
C ALA I 16 -33.33 -50.82 -29.42
N SER I 17 -33.64 -50.74 -28.13
CA SER I 17 -33.90 -49.48 -27.48
C SER I 17 -33.09 -49.37 -26.20
N VAL I 18 -32.98 -48.13 -25.71
CA VAL I 18 -32.32 -47.82 -24.46
C VAL I 18 -33.24 -46.88 -23.68
N LYS I 19 -33.34 -47.10 -22.37
CA LYS I 19 -34.11 -46.23 -21.50
C LYS I 19 -33.15 -45.60 -20.50
N VAL I 20 -32.74 -44.37 -20.79
CA VAL I 20 -31.85 -43.62 -19.91
C VAL I 20 -32.69 -42.87 -18.88
N SER I 21 -32.24 -42.92 -17.63
CA SER I 21 -32.92 -42.28 -16.52
C SER I 21 -32.07 -41.13 -15.98
N CYS I 22 -32.69 -40.30 -15.16
CA CYS I 22 -32.02 -39.13 -14.58
C CYS I 22 -32.81 -38.70 -13.36
N GLN I 23 -32.16 -38.73 -12.19
CA GLN I 23 -32.82 -38.54 -10.92
C GLN I 23 -32.44 -37.18 -10.33
N ALA I 24 -33.45 -36.39 -9.97
CA ALA I 24 -33.27 -35.04 -9.50
C ALA I 24 -33.25 -34.98 -7.98
N SER I 25 -32.36 -34.15 -7.43
CA SER I 25 -32.25 -33.96 -5.99
C SER I 25 -32.02 -32.48 -5.69
N GLY I 26 -32.61 -32.01 -4.59
CA GLY I 26 -32.33 -30.68 -4.08
C GLY I 26 -33.34 -29.60 -4.39
N TYR I 27 -34.47 -29.94 -4.99
CA TYR I 27 -35.48 -28.96 -5.39
C TYR I 27 -36.79 -29.70 -5.62
N PRO I 28 -37.93 -28.99 -5.57
CA PRO I 28 -39.21 -29.63 -5.91
C PRO I 28 -39.23 -30.10 -7.36
N PHE I 29 -39.33 -31.42 -7.55
CA PHE I 29 -39.16 -32.04 -8.86
C PHE I 29 -40.25 -31.63 -9.84
N SER I 30 -41.51 -31.67 -9.40
CA SER I 30 -42.59 -31.07 -10.17
C SER I 30 -42.44 -29.55 -10.17
N GLY I 31 -42.75 -28.93 -11.31
CA GLY I 31 -42.67 -27.49 -11.45
C GLY I 31 -41.42 -26.96 -12.12
N TYR I 32 -40.54 -27.84 -12.60
CA TYR I 32 -39.43 -27.47 -13.47
C TYR I 32 -39.39 -28.45 -14.63
N TYR I 33 -39.36 -27.94 -15.85
CA TYR I 33 -39.40 -28.80 -17.03
C TYR I 33 -38.05 -29.50 -17.19
N MET I 34 -38.10 -30.76 -17.63
CA MET I 34 -36.90 -31.57 -17.79
C MET I 34 -36.59 -31.72 -19.28
N HIS I 35 -35.48 -31.13 -19.71
CA HIS I 35 -35.03 -31.23 -21.08
C HIS I 35 -33.98 -32.33 -21.20
N TRP I 36 -34.02 -33.05 -22.32
CA TRP I 36 -33.03 -34.07 -22.64
C TRP I 36 -32.25 -33.65 -23.87
N LEU I 37 -30.93 -33.80 -23.82
CA LEU I 37 -30.07 -33.40 -24.92
C LEU I 37 -29.07 -34.53 -25.20
N ARG I 38 -28.40 -34.45 -26.36
CA ARG I 38 -27.41 -35.46 -26.70
C ARG I 38 -26.32 -34.82 -27.56
N GLN I 39 -25.15 -35.46 -27.56
CA GLN I 39 -24.01 -34.99 -28.34
C GLN I 39 -23.36 -36.18 -29.04
N ALA I 40 -23.56 -36.27 -30.36
CA ALA I 40 -22.83 -37.22 -31.18
C ALA I 40 -21.33 -36.90 -31.16
N PRO I 41 -20.45 -37.89 -31.35
CA PRO I 41 -19.01 -37.67 -31.10
C PRO I 41 -18.38 -36.69 -32.07
N GLY I 42 -17.90 -35.57 -31.53
CA GLY I 42 -17.35 -34.49 -32.33
C GLY I 42 -18.36 -33.85 -33.26
N GLN I 43 -19.59 -33.64 -32.78
CA GLN I 43 -20.67 -33.16 -33.63
C GLN I 43 -21.49 -32.04 -33.00
N GLY I 44 -21.23 -31.67 -31.75
CA GLY I 44 -22.02 -30.67 -31.08
C GLY I 44 -23.31 -31.23 -30.50
N LEU I 45 -24.04 -30.37 -29.80
CA LEU I 45 -25.19 -30.79 -29.02
C LEU I 45 -26.46 -30.80 -29.87
N GLU I 46 -27.28 -31.82 -29.67
CA GLU I 46 -28.62 -31.89 -30.25
C GLU I 46 -29.66 -31.87 -29.12
N TRP I 47 -30.73 -31.10 -29.34
CA TRP I 47 -31.85 -31.10 -28.41
C TRP I 47 -32.86 -32.15 -28.83
N MET I 48 -33.45 -32.82 -27.84
CA MET I 48 -34.36 -33.94 -28.10
C MET I 48 -35.79 -33.65 -27.68
N GLY I 49 -35.99 -33.10 -26.49
CA GLY I 49 -37.34 -32.78 -26.04
C GLY I 49 -37.33 -32.28 -24.61
N TRP I 50 -38.49 -31.77 -24.19
CA TRP I 50 -38.71 -31.38 -22.80
C TRP I 50 -39.92 -32.11 -22.24
N MET I 51 -39.90 -32.35 -20.94
CA MET I 51 -41.00 -33.04 -20.27
C MET I 51 -41.49 -32.22 -19.09
N ASN I 52 -42.81 -32.03 -19.01
CA ASN I 52 -43.45 -31.43 -17.84
C ASN I 52 -43.70 -32.51 -16.79
N PRO I 53 -43.01 -32.47 -15.64
CA PRO I 53 -43.24 -33.50 -14.62
C PRO I 53 -44.55 -33.34 -13.85
N ASN I 54 -45.26 -32.22 -14.02
CA ASN I 54 -46.57 -32.09 -13.37
C ASN I 54 -47.68 -32.73 -14.18
N SER I 55 -47.58 -32.70 -15.51
CA SER I 55 -48.63 -33.22 -16.37
C SER I 55 -48.24 -34.48 -17.13
N GLY I 56 -46.95 -34.70 -17.37
CA GLY I 56 -46.52 -35.74 -18.29
C GLY I 56 -46.55 -35.34 -19.75
N GLY I 57 -46.98 -34.12 -20.06
CA GLY I 57 -46.97 -33.67 -21.44
C GLY I 57 -45.57 -33.36 -21.92
N THR I 58 -45.33 -33.62 -23.20
CA THR I 58 -44.00 -33.49 -23.78
C THR I 58 -44.08 -32.74 -25.11
N LYS I 59 -42.93 -32.27 -25.56
CA LYS I 59 -42.73 -31.83 -26.94
C LYS I 59 -41.38 -32.36 -27.41
N TYR I 60 -41.41 -33.29 -28.35
CA TYR I 60 -40.21 -33.86 -28.92
C TYR I 60 -39.80 -33.08 -30.17
N ALA I 61 -38.51 -33.14 -30.50
CA ALA I 61 -38.05 -32.66 -31.78
C ALA I 61 -38.65 -33.50 -32.90
N GLN I 62 -38.86 -32.87 -34.06
CA GLN I 62 -39.51 -33.53 -35.18
C GLN I 62 -38.69 -34.70 -35.72
N ARG I 63 -37.37 -34.68 -35.53
CA ARG I 63 -36.56 -35.82 -35.93
C ARG I 63 -36.74 -37.04 -35.03
N PHE I 64 -37.24 -36.86 -33.80
CA PHE I 64 -37.21 -37.94 -32.81
C PHE I 64 -38.58 -38.43 -32.36
N GLN I 65 -39.68 -37.82 -32.82
CA GLN I 65 -40.97 -38.01 -32.15
C GLN I 65 -41.55 -39.40 -32.37
N GLY I 66 -41.26 -40.02 -33.52
CA GLY I 66 -41.68 -41.39 -33.72
C GLY I 66 -40.91 -42.39 -32.89
N ARG I 67 -39.75 -41.99 -32.34
CA ARG I 67 -38.81 -42.91 -31.71
C ARG I 67 -38.64 -42.70 -30.22
N VAL I 68 -38.91 -41.51 -29.69
CA VAL I 68 -38.55 -41.19 -28.31
C VAL I 68 -39.80 -41.08 -27.46
N THR I 69 -39.65 -41.44 -26.18
CA THR I 69 -40.70 -41.31 -25.17
C THR I 69 -40.04 -40.90 -23.87
N MET I 70 -40.50 -39.79 -23.30
CA MET I 70 -39.96 -39.26 -22.06
C MET I 70 -41.04 -39.35 -20.99
N THR I 71 -40.79 -40.15 -19.96
CA THR I 71 -41.76 -40.38 -18.91
C THR I 71 -41.16 -40.01 -17.56
N ARG I 72 -42.05 -39.78 -16.60
CA ARG I 72 -41.67 -39.37 -15.26
C ARG I 72 -42.05 -40.44 -14.25
N ASP I 73 -41.39 -40.38 -13.09
CA ASP I 73 -41.80 -41.15 -11.93
C ASP I 73 -41.63 -40.20 -10.75
N THR I 74 -42.73 -39.52 -10.38
CA THR I 74 -42.66 -38.37 -9.49
C THR I 74 -42.31 -38.76 -8.07
N SER I 75 -42.66 -39.98 -7.66
CA SER I 75 -42.46 -40.38 -6.26
C SER I 75 -41.00 -40.61 -5.95
N ILE I 76 -40.22 -41.09 -6.93
CA ILE I 76 -38.77 -41.19 -6.79
C ILE I 76 -38.06 -40.02 -7.44
N SER I 77 -38.80 -39.07 -8.03
CA SER I 77 -38.28 -37.84 -8.66
C SER I 77 -37.29 -38.14 -9.77
N THR I 78 -37.67 -39.06 -10.66
CA THR I 78 -36.81 -39.55 -11.73
C THR I 78 -37.45 -39.34 -13.09
N ALA I 79 -36.68 -38.74 -14.00
CA ALA I 79 -37.08 -38.58 -15.39
C ALA I 79 -36.45 -39.68 -16.23
N HIS I 80 -37.25 -40.28 -17.10
CA HIS I 80 -36.77 -41.29 -18.03
C HIS I 80 -36.87 -40.78 -19.46
N MET I 81 -36.04 -41.38 -20.31
CA MET I 81 -36.11 -41.18 -21.75
C MET I 81 -35.83 -42.50 -22.47
N GLU I 82 -36.72 -42.89 -23.37
CA GLU I 82 -36.62 -44.16 -24.08
C GLU I 82 -36.57 -43.91 -25.58
N LEU I 83 -35.41 -44.12 -26.18
CA LEU I 83 -35.22 -43.98 -27.62
C LEU I 83 -35.20 -45.36 -28.26
N ARG I 84 -36.13 -45.61 -29.17
CA ARG I 84 -36.25 -46.89 -29.85
C ARG I 84 -35.70 -46.80 -31.27
N GLY I 85 -35.51 -47.96 -31.89
CA GLY I 85 -35.02 -48.06 -33.25
C GLY I 85 -33.61 -47.51 -33.41
N LEU I 86 -32.71 -47.95 -32.53
CA LEU I 86 -31.37 -47.38 -32.46
C LEU I 86 -30.55 -47.68 -33.71
N ARG I 87 -29.95 -46.64 -34.26
CA ARG I 87 -29.04 -46.70 -35.39
C ARG I 87 -27.64 -46.39 -34.90
N SER I 88 -26.65 -46.58 -35.78
CA SER I 88 -25.27 -46.23 -35.45
C SER I 88 -25.08 -44.72 -35.33
N ASP I 89 -26.00 -43.92 -35.90
CA ASP I 89 -26.01 -42.48 -35.69
C ASP I 89 -26.30 -42.11 -34.24
N ASP I 90 -27.02 -42.96 -33.51
CA ASP I 90 -27.49 -42.64 -32.17
C ASP I 90 -26.44 -42.83 -31.09
N THR I 91 -25.22 -43.22 -31.45
CA THR I 91 -24.12 -43.29 -30.48
C THR I 91 -23.79 -41.87 -30.02
N ALA I 92 -24.08 -41.57 -28.75
CA ALA I 92 -23.91 -40.23 -28.24
C ALA I 92 -23.86 -40.28 -26.71
N VAL I 93 -23.44 -39.16 -26.12
CA VAL I 93 -23.57 -38.94 -24.69
C VAL I 93 -24.83 -38.13 -24.45
N TYR I 94 -25.69 -38.63 -23.58
CA TYR I 94 -27.04 -38.09 -23.43
C TYR I 94 -27.13 -37.32 -22.11
N TYR I 95 -27.66 -36.10 -22.17
CA TYR I 95 -27.70 -35.20 -21.02
C TYR I 95 -29.14 -34.84 -20.68
N CYS I 96 -29.46 -34.86 -19.39
CA CYS I 96 -30.68 -34.25 -18.88
C CYS I 96 -30.35 -32.88 -18.31
N ALA I 97 -31.31 -31.97 -18.38
CA ALA I 97 -31.08 -30.61 -17.95
C ALA I 97 -32.40 -30.00 -17.45
N ARG I 98 -32.27 -29.10 -16.49
CA ARG I 98 -33.41 -28.43 -15.88
C ARG I 98 -33.62 -27.07 -16.51
N ASP I 99 -34.84 -26.81 -16.98
CA ASP I 99 -35.22 -25.49 -17.46
C ASP I 99 -35.61 -24.64 -16.26
N TYR I 100 -34.76 -23.66 -15.92
CA TYR I 100 -35.01 -22.82 -14.76
C TYR I 100 -36.18 -21.86 -14.98
N CYS I 101 -36.40 -21.40 -16.22
CA CYS I 101 -37.41 -20.38 -16.44
C CYS I 101 -38.83 -20.93 -16.45
N THR I 102 -38.98 -22.26 -16.44
CA THR I 102 -40.27 -22.87 -16.11
C THR I 102 -40.22 -23.10 -14.60
N GLY I 103 -40.58 -22.05 -13.88
CA GLY I 103 -40.56 -22.07 -12.42
C GLY I 103 -40.00 -20.75 -11.90
N SER I 104 -39.77 -19.82 -12.83
CA SER I 104 -39.35 -18.46 -12.51
C SER I 104 -40.03 -17.54 -13.52
N SER I 105 -39.68 -16.25 -13.47
CA SER I 105 -40.40 -15.22 -14.22
C SER I 105 -39.75 -14.87 -15.55
N CYS I 106 -38.82 -15.68 -16.04
CA CYS I 106 -38.16 -15.41 -17.32
C CYS I 106 -38.78 -16.21 -18.46
N TYR I 107 -38.45 -15.78 -19.68
CA TYR I 107 -39.03 -16.33 -20.90
C TYR I 107 -38.06 -17.18 -21.72
N ARG I 108 -36.80 -17.27 -21.32
CA ARG I 108 -35.83 -18.07 -22.05
C ARG I 108 -35.99 -19.55 -21.68
N THR I 109 -35.05 -20.38 -22.13
CA THR I 109 -34.87 -21.72 -21.57
C THR I 109 -33.41 -21.84 -21.16
N ASP I 110 -33.15 -21.78 -19.86
CA ASP I 110 -31.80 -21.80 -19.33
C ASP I 110 -31.55 -23.12 -18.61
N TYR I 111 -30.47 -23.80 -19.00
CA TYR I 111 -30.06 -25.05 -18.37
C TYR I 111 -28.99 -24.72 -17.33
N ASP I 112 -29.43 -24.36 -16.13
CA ASP I 112 -28.47 -24.04 -15.08
C ASP I 112 -27.82 -25.29 -14.50
N TYR I 113 -28.58 -26.37 -14.37
CA TYR I 113 -28.09 -27.63 -13.83
C TYR I 113 -28.26 -28.73 -14.87
N TRP I 114 -27.22 -29.52 -15.07
CA TRP I 114 -27.19 -30.61 -16.03
C TRP I 114 -26.93 -31.92 -15.32
N GLY I 115 -27.25 -33.03 -16.00
CA GLY I 115 -26.77 -34.32 -15.56
C GLY I 115 -25.34 -34.55 -16.01
N GLN I 116 -24.74 -35.62 -15.48
CA GLN I 116 -23.33 -35.89 -15.78
C GLN I 116 -23.10 -36.48 -17.16
N GLY I 117 -24.14 -36.91 -17.85
CA GLY I 117 -23.98 -37.55 -19.14
C GLY I 117 -24.09 -39.06 -19.03
N THR I 118 -24.64 -39.66 -20.07
CA THR I 118 -24.75 -41.12 -20.17
C THR I 118 -24.28 -41.53 -21.55
N LEU I 119 -23.21 -42.32 -21.60
CA LEU I 119 -22.68 -42.80 -22.87
C LEU I 119 -23.51 -43.99 -23.34
N VAL I 120 -24.08 -43.88 -24.54
CA VAL I 120 -24.85 -44.94 -25.17
C VAL I 120 -24.18 -45.30 -26.47
N THR I 121 -23.67 -46.53 -26.55
CA THR I 121 -22.97 -47.03 -27.72
C THR I 121 -23.88 -47.96 -28.50
N VAL I 122 -24.02 -47.69 -29.80
CA VAL I 122 -24.80 -48.54 -30.68
C VAL I 122 -23.82 -49.26 -31.59
N SER I 123 -23.64 -50.56 -31.36
CA SER I 123 -22.77 -51.38 -32.18
C SER I 123 -23.33 -52.78 -32.25
N SER I 124 -23.00 -53.47 -33.34
CA SER I 124 -23.46 -54.84 -33.53
C SER I 124 -22.60 -55.86 -32.80
N ALA I 125 -21.46 -55.45 -32.27
CA ALA I 125 -20.57 -56.37 -31.57
C ALA I 125 -21.06 -56.65 -30.15
N SER I 126 -20.97 -57.92 -29.77
CA SER I 126 -21.16 -58.35 -28.39
C SER I 126 -19.89 -58.09 -27.60
N THR I 127 -19.95 -58.29 -26.29
CA THR I 127 -18.80 -58.03 -25.44
C THR I 127 -17.70 -59.05 -25.76
N LYS I 128 -16.52 -58.53 -26.12
CA LYS I 128 -15.41 -59.36 -26.54
C LYS I 128 -14.10 -58.86 -25.92
N GLY I 129 -13.29 -59.79 -25.43
CA GLY I 129 -12.03 -59.46 -24.80
C GLY I 129 -10.95 -59.13 -25.82
N PRO I 130 -10.07 -58.20 -25.47
CA PRO I 130 -9.10 -57.68 -26.44
C PRO I 130 -7.94 -58.63 -26.72
N SER I 131 -7.40 -58.49 -27.92
CA SER I 131 -6.15 -59.12 -28.31
C SER I 131 -5.06 -58.05 -28.28
N VAL I 132 -4.02 -58.29 -27.51
CA VAL I 132 -2.97 -57.30 -27.26
C VAL I 132 -1.70 -57.77 -27.97
N PHE I 133 -1.12 -56.87 -28.78
CA PHE I 133 0.02 -57.19 -29.60
C PHE I 133 1.15 -56.20 -29.35
N PRO I 134 2.40 -56.66 -29.33
CA PRO I 134 3.51 -55.76 -29.05
C PRO I 134 3.81 -54.85 -30.23
N LEU I 135 4.33 -53.67 -29.92
CA LEU I 135 4.84 -52.73 -30.90
C LEU I 135 6.31 -52.58 -30.56
N ALA I 136 7.14 -53.41 -31.20
CA ALA I 136 8.52 -53.62 -30.81
C ALA I 136 9.40 -52.42 -31.22
N PRO I 137 10.37 -52.06 -30.40
CA PRO I 137 11.33 -51.02 -30.82
C PRO I 137 12.25 -51.56 -31.90
N SER I 138 12.74 -50.62 -32.70
CA SER I 138 13.55 -50.94 -33.88
C SER I 138 14.55 -49.80 -34.06
N SER I 139 15.05 -49.64 -35.28
CA SER I 139 15.92 -48.51 -35.63
C SER I 139 15.04 -47.26 -35.65
N LYS I 140 14.83 -46.70 -34.44
CA LYS I 140 13.91 -45.61 -34.21
C LYS I 140 14.67 -44.46 -33.56
N SER I 141 15.55 -43.84 -34.33
CA SER I 141 16.35 -42.71 -33.92
C SER I 141 16.58 -41.81 -35.13
N THR I 142 15.86 -40.67 -35.21
CA THR I 142 16.12 -39.74 -36.32
C THR I 142 17.46 -39.04 -36.14
N SER I 143 17.66 -38.35 -35.01
CA SER I 143 18.93 -37.71 -34.70
C SER I 143 19.24 -37.79 -33.20
N GLY I 144 18.69 -38.78 -32.50
CA GLY I 144 18.90 -38.90 -31.08
C GLY I 144 18.60 -40.26 -30.49
N GLY I 145 19.30 -40.63 -29.42
CA GLY I 145 19.19 -42.00 -28.91
C GLY I 145 17.98 -42.27 -28.06
N THR I 146 16.80 -42.20 -28.70
CA THR I 146 15.53 -42.30 -28.00
C THR I 146 14.54 -43.11 -28.82
N ALA I 147 14.38 -44.39 -28.49
CA ALA I 147 13.47 -45.34 -29.14
C ALA I 147 12.07 -45.30 -28.52
N ALA I 148 11.09 -45.72 -29.32
CA ALA I 148 9.70 -45.80 -28.90
C ALA I 148 9.17 -47.22 -29.04
N LEU I 149 8.43 -47.68 -28.03
CA LEU I 149 7.81 -48.98 -28.04
C LEU I 149 6.38 -48.85 -27.53
N GLY I 150 5.56 -49.85 -27.83
CA GLY I 150 4.15 -49.72 -27.54
C GLY I 150 3.44 -51.05 -27.43
N CYS I 151 2.11 -50.96 -27.38
CA CYS I 151 1.24 -52.11 -27.20
C CYS I 151 -0.08 -51.80 -27.90
N LEU I 152 -0.51 -52.68 -28.79
CA LEU I 152 -1.71 -52.46 -29.58
C LEU I 152 -2.84 -53.30 -29.04
N VAL I 153 -3.89 -52.63 -28.56
CA VAL I 153 -5.08 -53.27 -28.03
C VAL I 153 -6.14 -53.16 -29.12
N LYS I 154 -6.37 -54.26 -29.82
CA LYS I 154 -7.23 -54.28 -31.00
C LYS I 154 -8.45 -55.14 -30.73
N ASP I 155 -9.60 -54.71 -31.27
CA ASP I 155 -10.84 -55.48 -31.34
C ASP I 155 -11.37 -55.85 -29.94
N TYR I 156 -11.79 -54.84 -29.21
CA TYR I 156 -12.50 -55.07 -27.95
C TYR I 156 -13.81 -54.30 -27.94
N PHE I 157 -14.73 -54.77 -27.09
CA PHE I 157 -16.01 -54.13 -26.85
C PHE I 157 -16.51 -54.60 -25.50
N PRO I 158 -17.06 -53.71 -24.66
CA PRO I 158 -17.18 -52.27 -24.86
C PRO I 158 -16.04 -51.50 -24.22
N GLU I 159 -16.14 -50.19 -24.23
CA GLU I 159 -15.20 -49.34 -23.53
C GLU I 159 -15.46 -49.43 -22.02
N PRO I 160 -14.43 -49.20 -21.18
CA PRO I 160 -13.02 -48.90 -21.46
C PRO I 160 -12.06 -50.05 -21.19
N VAL I 161 -10.80 -49.88 -21.61
CA VAL I 161 -9.69 -50.68 -21.14
C VAL I 161 -8.69 -49.74 -20.50
N THR I 162 -8.05 -50.21 -19.42
CA THR I 162 -7.00 -49.46 -18.75
C THR I 162 -5.66 -50.09 -19.09
N VAL I 163 -4.70 -49.25 -19.46
CA VAL I 163 -3.36 -49.71 -19.82
C VAL I 163 -2.37 -49.12 -18.83
N SER I 164 -1.43 -49.95 -18.38
CA SER I 164 -0.36 -49.50 -17.51
C SER I 164 0.93 -50.17 -17.92
N TRP I 165 2.05 -49.56 -17.56
CA TRP I 165 3.37 -50.04 -17.96
C TRP I 165 4.19 -50.35 -16.71
N ASN I 166 4.65 -51.60 -16.61
CA ASN I 166 5.47 -52.11 -15.51
C ASN I 166 4.80 -51.89 -14.14
N SER I 167 3.54 -52.32 -14.06
CA SER I 167 2.68 -52.23 -12.86
C SER I 167 2.50 -50.80 -12.36
N GLY I 168 2.57 -49.82 -13.26
CA GLY I 168 2.46 -48.42 -12.89
C GLY I 168 3.74 -47.77 -12.45
N ALA I 169 4.88 -48.47 -12.52
CA ALA I 169 6.17 -47.90 -12.16
C ALA I 169 6.88 -47.27 -13.36
N LEU I 170 6.15 -46.99 -14.43
CA LEU I 170 6.69 -46.30 -15.61
C LEU I 170 5.58 -45.38 -16.12
N THR I 171 5.63 -44.13 -15.69
CA THR I 171 4.66 -43.12 -16.10
C THR I 171 5.26 -42.03 -16.98
N SER I 172 6.58 -42.01 -17.15
CA SER I 172 7.24 -40.90 -17.82
C SER I 172 7.31 -41.17 -19.31
N GLY I 173 6.82 -40.22 -20.10
CA GLY I 173 6.80 -40.36 -21.54
C GLY I 173 5.78 -41.33 -22.06
N VAL I 174 4.72 -41.60 -21.32
CA VAL I 174 3.69 -42.57 -21.71
C VAL I 174 2.52 -41.82 -22.33
N HIS I 175 2.11 -42.26 -23.51
CA HIS I 175 0.93 -41.72 -24.18
C HIS I 175 -0.01 -42.86 -24.50
N THR I 176 -1.17 -42.88 -23.85
CA THR I 176 -2.23 -43.84 -24.16
C THR I 176 -3.28 -43.10 -25.00
N PHE I 177 -3.54 -43.62 -26.17
CA PHE I 177 -4.38 -42.89 -27.11
C PHE I 177 -5.85 -43.20 -26.89
N PRO I 178 -6.72 -42.24 -27.22
CA PRO I 178 -8.17 -42.53 -27.21
C PRO I 178 -8.51 -43.61 -28.22
N ALA I 179 -9.44 -44.49 -27.83
CA ALA I 179 -9.84 -45.58 -28.69
C ALA I 179 -10.64 -45.09 -29.90
N VAL I 180 -10.51 -45.80 -31.01
CA VAL I 180 -11.20 -45.47 -32.25
C VAL I 180 -12.18 -46.59 -32.55
N LEU I 181 -13.45 -46.22 -32.72
CA LEU I 181 -14.46 -47.19 -33.13
C LEU I 181 -14.27 -47.53 -34.61
N GLN I 182 -14.31 -48.82 -34.92
CA GLN I 182 -14.02 -49.28 -36.26
C GLN I 182 -15.31 -49.57 -37.03
N SER I 183 -15.15 -49.94 -38.30
CA SER I 183 -16.27 -50.39 -39.12
C SER I 183 -16.77 -51.75 -38.67
N SER I 184 -15.93 -52.54 -38.00
CA SER I 184 -16.33 -53.83 -37.46
C SER I 184 -17.27 -53.69 -36.27
N GLY I 185 -17.31 -52.52 -35.64
CA GLY I 185 -18.05 -52.33 -34.41
C GLY I 185 -17.23 -52.47 -33.16
N LEU I 186 -15.93 -52.69 -33.29
CA LEU I 186 -15.04 -52.96 -32.17
C LEU I 186 -14.08 -51.79 -32.00
N TYR I 187 -13.64 -51.57 -30.76
CA TYR I 187 -12.71 -50.49 -30.46
C TYR I 187 -11.27 -50.96 -30.58
N SER I 188 -10.38 -49.99 -30.80
CA SER I 188 -8.95 -50.24 -30.79
C SER I 188 -8.23 -48.98 -30.33
N LEU I 189 -7.26 -49.16 -29.44
CA LEU I 189 -6.38 -48.08 -29.02
C LEU I 189 -4.95 -48.59 -28.99
N SER I 190 -4.02 -47.67 -28.80
CA SER I 190 -2.62 -48.00 -28.65
C SER I 190 -2.05 -47.15 -27.52
N SER I 191 -1.11 -47.72 -26.79
CA SER I 191 -0.39 -47.02 -25.72
C SER I 191 1.09 -47.10 -26.03
N VAL I 192 1.75 -45.94 -26.09
CA VAL I 192 3.16 -45.91 -26.43
C VAL I 192 3.92 -45.24 -25.30
N VAL I 193 5.21 -45.57 -25.22
CA VAL I 193 6.12 -44.97 -24.26
C VAL I 193 7.46 -44.81 -24.97
N THR I 194 8.04 -43.63 -24.81
CA THR I 194 9.34 -43.28 -25.36
C THR I 194 10.42 -43.49 -24.29
N VAL I 195 11.48 -44.23 -24.61
CA VAL I 195 12.53 -44.64 -23.66
C VAL I 195 13.93 -44.45 -24.24
N PRO I 196 15.03 -44.39 -23.45
CA PRO I 196 16.37 -44.30 -24.06
C PRO I 196 16.80 -45.55 -24.83
N SER I 197 17.58 -45.30 -25.88
CA SER I 197 18.08 -46.36 -26.75
C SER I 197 19.17 -47.19 -26.07
N SER I 198 19.83 -46.64 -25.05
CA SER I 198 20.81 -47.40 -24.28
C SER I 198 20.14 -48.42 -23.38
N SER I 199 18.88 -48.19 -23.00
CA SER I 199 18.16 -49.05 -22.08
C SER I 199 17.45 -50.20 -22.78
N LEU I 200 17.56 -50.30 -24.11
CA LEU I 200 16.95 -51.41 -24.83
C LEU I 200 17.72 -52.70 -24.57
N GLY I 201 17.05 -53.66 -23.93
CA GLY I 201 17.64 -54.94 -23.61
C GLY I 201 18.11 -55.04 -22.17
N THR I 202 18.53 -53.92 -21.57
CA THR I 202 18.88 -53.91 -20.16
C THR I 202 17.64 -53.83 -19.28
N GLN I 203 16.61 -53.08 -19.70
CA GLN I 203 15.38 -52.92 -18.95
C GLN I 203 14.23 -53.68 -19.61
N THR I 204 13.46 -54.41 -18.80
CA THR I 204 12.30 -55.14 -19.29
C THR I 204 11.04 -54.29 -19.20
N TYR I 205 10.26 -54.26 -20.29
CA TYR I 205 9.05 -53.47 -20.39
C TYR I 205 7.86 -54.40 -20.59
N ILE I 206 6.86 -54.29 -19.71
CA ILE I 206 5.63 -55.07 -19.80
C ILE I 206 4.45 -54.10 -19.71
N CYS I 207 3.52 -54.21 -20.67
CA CYS I 207 2.30 -53.41 -20.63
C CYS I 207 1.17 -54.22 -20.01
N ASN I 208 0.42 -53.60 -19.10
CA ASN I 208 -0.66 -54.24 -18.36
C ASN I 208 -1.99 -53.75 -18.90
N VAL I 209 -2.71 -54.60 -19.62
CA VAL I 209 -4.00 -54.28 -20.21
C VAL I 209 -5.09 -55.00 -19.43
N ASN I 210 -6.15 -54.28 -19.08
CA ASN I 210 -7.25 -54.82 -18.29
C ASN I 210 -8.58 -54.45 -18.94
N HIS I 211 -9.42 -55.45 -19.20
CA HIS I 211 -10.76 -55.24 -19.72
C HIS I 211 -11.76 -55.86 -18.75
N LYS I 212 -12.33 -55.04 -17.88
CA LYS I 212 -13.28 -55.47 -16.86
C LYS I 212 -14.63 -56.00 -17.37
N PRO I 213 -15.29 -55.43 -18.41
CA PRO I 213 -16.55 -56.05 -18.87
C PRO I 213 -16.41 -57.49 -19.40
N SER I 214 -15.26 -57.85 -19.95
CA SER I 214 -15.07 -59.20 -20.47
C SER I 214 -14.26 -60.08 -19.52
N ASN I 215 -13.83 -59.54 -18.38
CA ASN I 215 -12.93 -60.19 -17.43
C ASN I 215 -11.66 -60.67 -18.13
N THR I 216 -10.97 -59.72 -18.75
CA THR I 216 -9.76 -59.99 -19.50
C THR I 216 -8.64 -59.12 -18.97
N LYS I 217 -7.56 -59.76 -18.50
CA LYS I 217 -6.34 -59.07 -18.14
C LYS I 217 -5.16 -59.87 -18.67
N VAL I 218 -4.38 -59.25 -19.56
CA VAL I 218 -3.24 -59.90 -20.18
C VAL I 218 -2.02 -58.99 -20.03
N ASP I 219 -0.87 -59.59 -19.74
CA ASP I 219 0.39 -58.88 -19.59
C ASP I 219 1.38 -59.45 -20.60
N LYS I 220 1.93 -58.59 -21.45
CA LYS I 220 2.86 -59.03 -22.48
C LYS I 220 4.15 -58.22 -22.43
N LYS I 221 5.28 -58.93 -22.56
CA LYS I 221 6.60 -58.32 -22.57
C LYS I 221 6.94 -57.93 -24.00
N VAL I 222 7.43 -56.70 -24.17
CA VAL I 222 7.79 -56.19 -25.49
C VAL I 222 9.31 -56.28 -25.64
N GLU I 223 9.75 -56.97 -26.69
CA GLU I 223 11.17 -57.15 -26.97
C GLU I 223 11.47 -56.73 -28.40
N PRO I 224 12.65 -56.13 -28.66
CA PRO I 224 13.05 -55.70 -30.01
C PRO I 224 13.16 -56.84 -31.02
N GLN J 1 -6.23 23.69 -48.38
CA GLN J 1 -6.96 22.42 -48.30
C GLN J 1 -8.11 22.43 -49.30
N VAL J 2 -8.94 21.41 -49.22
CA VAL J 2 -10.13 21.31 -50.05
C VAL J 2 -11.21 22.19 -49.44
N GLN J 3 -11.85 23.03 -50.25
CA GLN J 3 -12.95 23.84 -49.76
C GLN J 3 -14.00 24.01 -50.86
N LEU J 4 -15.26 23.92 -50.46
CA LEU J 4 -16.39 24.11 -51.35
C LEU J 4 -17.12 25.39 -50.93
N VAL J 5 -17.15 26.38 -51.80
CA VAL J 5 -17.80 27.65 -51.51
C VAL J 5 -19.08 27.70 -52.34
N GLN J 6 -20.20 27.92 -51.66
CA GLN J 6 -21.50 27.90 -52.30
C GLN J 6 -22.02 29.29 -52.64
N SER J 7 -23.14 29.29 -53.37
CA SER J 7 -23.90 30.49 -53.67
C SER J 7 -24.46 31.13 -52.40
N GLY J 8 -24.78 32.41 -52.52
CA GLY J 8 -25.41 33.12 -51.44
C GLY J 8 -26.86 32.75 -51.27
N PRO J 9 -27.46 33.24 -50.20
CA PRO J 9 -28.86 32.90 -49.91
C PRO J 9 -29.83 33.60 -50.84
N GLU J 10 -30.94 32.93 -51.12
CA GLU J 10 -31.93 33.39 -52.09
C GLU J 10 -33.31 33.44 -51.44
N ALA J 11 -34.22 34.15 -52.12
CA ALA J 11 -35.60 34.31 -51.66
C ALA J 11 -36.51 34.21 -52.87
N LYS J 12 -37.29 33.14 -52.95
CA LYS J 12 -38.14 32.92 -54.11
C LYS J 12 -39.61 32.82 -53.70
N LYS J 13 -40.48 33.18 -54.63
CA LYS J 13 -41.91 33.01 -54.49
C LYS J 13 -42.29 31.57 -54.81
N PRO J 14 -43.44 31.08 -54.30
CA PRO J 14 -43.86 29.71 -54.63
C PRO J 14 -44.19 29.57 -56.11
N GLY J 15 -43.61 28.54 -56.73
CA GLY J 15 -43.73 28.30 -58.15
C GLY J 15 -42.49 28.63 -58.95
N ALA J 16 -41.60 29.45 -58.42
CA ALA J 16 -40.40 29.87 -59.13
C ALA J 16 -39.32 28.80 -59.01
N SER J 17 -38.10 29.14 -59.44
CA SER J 17 -36.97 28.24 -59.37
C SER J 17 -35.78 28.93 -58.71
N VAL J 18 -34.83 28.12 -58.25
CA VAL J 18 -33.60 28.60 -57.65
C VAL J 18 -32.43 27.80 -58.24
N LYS J 19 -31.32 28.49 -58.53
CA LYS J 19 -30.10 27.86 -59.01
C LYS J 19 -29.00 28.09 -57.96
N VAL J 20 -28.78 27.09 -57.12
CA VAL J 20 -27.71 27.13 -56.12
C VAL J 20 -26.43 26.59 -56.75
N SER J 21 -25.32 27.28 -56.51
CA SER J 21 -24.03 26.91 -57.05
C SER J 21 -23.09 26.51 -55.93
N CYS J 22 -21.96 25.89 -56.30
CA CYS J 22 -20.98 25.41 -55.35
C CYS J 22 -19.66 25.23 -56.08
N GLN J 23 -18.64 25.98 -55.66
CA GLN J 23 -17.37 26.06 -56.37
C GLN J 23 -16.29 25.32 -55.59
N ALA J 24 -15.60 24.41 -56.27
CA ALA J 24 -14.61 23.53 -55.65
C ALA J 24 -13.21 24.08 -55.81
N SER J 25 -12.40 23.97 -54.76
CA SER J 25 -11.01 24.40 -54.78
C SER J 25 -10.16 23.39 -54.02
N GLY J 26 -8.96 23.14 -54.53
CA GLY J 26 -7.97 22.36 -53.81
C GLY J 26 -7.80 20.92 -54.24
N TYR J 27 -8.48 20.49 -55.31
CA TYR J 27 -8.40 19.10 -55.76
C TYR J 27 -8.87 19.05 -57.21
N PRO J 28 -8.52 18.00 -57.96
CA PRO J 28 -9.05 17.85 -59.34
C PRO J 28 -10.56 17.68 -59.34
N PHE J 29 -11.25 18.66 -59.94
CA PHE J 29 -12.71 18.76 -59.85
C PHE J 29 -13.39 17.58 -60.55
N SER J 30 -12.94 17.26 -61.76
CA SER J 30 -13.35 16.00 -62.39
C SER J 30 -12.73 14.81 -61.63
N GLY J 31 -13.50 13.75 -61.50
CA GLY J 31 -13.05 12.54 -60.83
C GLY J 31 -13.51 12.41 -59.39
N TYR J 32 -14.33 13.32 -58.89
CA TYR J 32 -15.04 13.18 -57.63
C TYR J 32 -16.49 13.56 -57.85
N TYR J 33 -17.41 12.68 -57.47
CA TYR J 33 -18.83 12.94 -57.71
C TYR J 33 -19.31 14.01 -56.74
N MET J 34 -20.20 14.87 -57.23
CA MET J 34 -20.71 15.97 -56.42
C MET J 34 -22.14 15.63 -56.01
N HIS J 35 -22.34 15.42 -54.71
CA HIS J 35 -23.66 15.14 -54.16
C HIS J 35 -24.26 16.43 -53.63
N TRP J 36 -25.57 16.56 -53.79
CA TRP J 36 -26.33 17.70 -53.27
C TRP J 36 -27.32 17.22 -52.24
N LEU J 37 -27.38 17.91 -51.11
CA LEU J 37 -28.25 17.54 -49.99
C LEU J 37 -28.99 18.78 -49.51
N ARG J 38 -30.02 18.56 -48.68
CA ARG J 38 -30.77 19.68 -48.13
C ARG J 38 -31.29 19.30 -46.75
N GLN J 39 -31.56 20.32 -45.94
CA GLN J 39 -32.05 20.14 -44.57
C GLN J 39 -33.20 21.11 -44.32
N ALA J 40 -34.42 20.58 -44.24
CA ALA J 40 -35.56 21.35 -43.78
C ALA J 40 -35.35 21.76 -42.32
N PRO J 41 -35.92 22.89 -41.88
CA PRO J 41 -35.56 23.46 -40.56
C PRO J 41 -35.98 22.56 -39.40
N GLY J 42 -34.97 22.06 -38.67
CA GLY J 42 -35.17 21.13 -37.59
C GLY J 42 -35.80 19.82 -38.00
N GLN J 43 -35.38 19.28 -39.15
CA GLN J 43 -36.02 18.08 -39.70
C GLN J 43 -35.02 17.04 -40.21
N GLY J 44 -33.72 17.33 -40.16
CA GLY J 44 -32.73 16.40 -40.69
C GLY J 44 -32.52 16.52 -42.18
N LEU J 45 -31.55 15.75 -42.67
CA LEU J 45 -31.06 15.89 -44.04
C LEU J 45 -31.82 15.02 -45.02
N GLU J 46 -32.05 15.58 -46.21
CA GLU J 46 -32.55 14.84 -47.37
C GLU J 46 -31.49 14.83 -48.45
N TRP J 47 -31.30 13.69 -49.08
CA TRP J 47 -30.41 13.56 -50.22
C TRP J 47 -31.18 13.85 -51.50
N MET J 48 -30.54 14.55 -52.44
CA MET J 48 -31.20 14.97 -53.67
C MET J 48 -30.64 14.31 -54.92
N GLY J 49 -29.32 14.23 -55.06
CA GLY J 49 -28.74 13.57 -56.22
C GLY J 49 -27.23 13.72 -56.21
N TRP J 50 -26.59 12.97 -57.11
CA TRP J 50 -25.17 13.10 -57.37
C TRP J 50 -24.93 13.39 -58.85
N MET J 51 -23.85 14.11 -59.12
CA MET J 51 -23.47 14.50 -60.48
C MET J 51 -22.03 14.08 -60.75
N ASN J 52 -21.81 13.42 -61.89
CA ASN J 52 -20.47 13.13 -62.39
C ASN J 52 -20.00 14.38 -63.13
N PRO J 53 -19.00 15.08 -62.60
CA PRO J 53 -18.51 16.30 -63.28
C PRO J 53 -17.65 16.00 -64.50
N ASN J 54 -17.25 14.76 -64.73
CA ASN J 54 -16.51 14.44 -65.94
C ASN J 54 -17.42 14.13 -67.12
N SER J 55 -18.59 13.55 -66.87
CA SER J 55 -19.51 13.15 -67.93
C SER J 55 -20.78 13.98 -68.02
N GLY J 56 -21.20 14.61 -66.91
CA GLY J 56 -22.50 15.23 -66.85
C GLY J 56 -23.64 14.31 -66.50
N GLY J 57 -23.39 13.02 -66.32
CA GLY J 57 -24.45 12.11 -65.93
C GLY J 57 -24.83 12.29 -64.47
N THR J 58 -26.12 12.10 -64.19
CA THR J 58 -26.68 12.33 -62.88
C THR J 58 -27.55 11.16 -62.46
N LYS J 59 -27.82 11.10 -61.16
CA LYS J 59 -28.88 10.25 -60.62
C LYS J 59 -29.59 11.07 -59.56
N TYR J 60 -30.82 11.46 -59.84
CA TYR J 60 -31.62 12.21 -58.88
C TYR J 60 -32.47 11.26 -58.06
N ALA J 61 -32.85 11.71 -56.87
CA ALA J 61 -33.86 10.98 -56.12
C ALA J 61 -35.20 11.05 -56.87
N GLN J 62 -35.99 9.98 -56.75
CA GLN J 62 -37.26 9.90 -57.45
C GLN J 62 -38.26 10.94 -56.99
N ARG J 63 -38.11 11.47 -55.78
CA ARG J 63 -38.95 12.56 -55.31
C ARG J 63 -38.65 13.87 -56.05
N PHE J 64 -37.47 14.01 -56.64
CA PHE J 64 -37.03 15.30 -57.16
C PHE J 64 -36.79 15.35 -58.67
N GLN J 65 -36.93 14.23 -59.39
CA GLN J 65 -36.36 14.12 -60.74
C GLN J 65 -37.10 14.98 -61.75
N GLY J 66 -38.41 15.18 -61.57
CA GLY J 66 -39.12 16.10 -62.44
C GLY J 66 -38.78 17.56 -62.17
N ARG J 67 -38.18 17.85 -61.01
CA ARG J 67 -38.02 19.22 -60.55
C ARG J 67 -36.58 19.70 -60.51
N VAL J 68 -35.60 18.80 -60.43
CA VAL J 68 -34.23 19.19 -60.16
C VAL J 68 -33.38 18.98 -61.42
N THR J 69 -32.37 19.83 -61.57
CA THR J 69 -31.37 19.72 -62.62
C THR J 69 -30.04 20.13 -62.01
N MET J 70 -29.07 19.23 -62.09
CA MET J 70 -27.74 19.47 -61.56
C MET J 70 -26.75 19.51 -62.70
N THR J 71 -26.14 20.67 -62.92
CA THR J 71 -25.24 20.90 -64.04
C THR J 71 -23.89 21.36 -63.53
N ARG J 72 -22.88 21.20 -64.37
CA ARG J 72 -21.51 21.54 -64.04
C ARG J 72 -21.01 22.68 -64.91
N ASP J 73 -19.96 23.33 -64.45
CA ASP J 73 -19.20 24.28 -65.27
C ASP J 73 -17.73 24.03 -64.95
N THR J 74 -17.08 23.22 -65.79
CA THR J 74 -15.79 22.63 -65.46
C THR J 74 -14.67 23.66 -65.42
N SER J 75 -14.77 24.73 -66.21
CA SER J 75 -13.68 25.68 -66.34
C SER J 75 -13.52 26.55 -65.08
N ILE J 76 -14.63 26.86 -64.42
CA ILE J 76 -14.60 27.59 -63.16
C ILE J 76 -14.69 26.62 -61.97
N SER J 77 -14.78 25.31 -62.26
CA SER J 77 -14.83 24.23 -61.26
C SER J 77 -16.03 24.42 -60.32
N THR J 78 -17.19 24.67 -60.91
CA THR J 78 -18.40 24.99 -60.17
C THR J 78 -19.49 23.99 -60.49
N ALA J 79 -20.07 23.41 -59.44
CA ALA J 79 -21.24 22.55 -59.56
C ALA J 79 -22.48 23.36 -59.28
N HIS J 80 -23.49 23.21 -60.14
CA HIS J 80 -24.76 23.88 -59.95
C HIS J 80 -25.86 22.86 -59.66
N MET J 81 -26.91 23.34 -59.00
CA MET J 81 -28.14 22.60 -58.79
C MET J 81 -29.31 23.54 -58.97
N GLU J 82 -30.25 23.16 -59.82
CA GLU J 82 -31.38 24.02 -60.16
C GLU J 82 -32.68 23.27 -59.87
N LEU J 83 -33.36 23.68 -58.80
CA LEU J 83 -34.63 23.08 -58.39
C LEU J 83 -35.79 23.98 -58.81
N ARG J 84 -36.69 23.45 -59.64
CA ARG J 84 -37.84 24.18 -60.14
C ARG J 84 -39.10 23.75 -59.41
N GLY J 85 -40.17 24.54 -59.61
CA GLY J 85 -41.46 24.27 -59.01
C GLY J 85 -41.44 24.34 -57.49
N LEU J 86 -40.86 25.43 -56.97
CA LEU J 86 -40.61 25.57 -55.54
C LEU J 86 -41.91 25.68 -54.75
N ARG J 87 -42.01 24.87 -53.70
CA ARG J 87 -43.12 24.88 -52.76
C ARG J 87 -42.64 25.45 -51.44
N SER J 88 -43.58 25.68 -50.52
CA SER J 88 -43.23 26.09 -49.17
C SER J 88 -42.53 24.98 -48.40
N ASP J 89 -42.69 23.72 -48.84
CA ASP J 89 -41.94 22.60 -48.29
C ASP J 89 -40.45 22.73 -48.57
N ASP J 90 -40.07 23.38 -49.66
CA ASP J 90 -38.69 23.43 -50.12
C ASP J 90 -37.83 24.45 -49.40
N THR J 91 -38.37 25.16 -48.41
CA THR J 91 -37.55 26.06 -47.59
C THR J 91 -36.57 25.24 -46.77
N ALA J 92 -35.29 25.34 -47.10
CA ALA J 92 -34.27 24.48 -46.49
C ALA J 92 -32.90 25.12 -46.68
N VAL J 93 -31.92 24.58 -45.96
CA VAL J 93 -30.50 24.89 -46.16
C VAL J 93 -29.93 23.78 -47.04
N TYR J 94 -29.29 24.19 -48.14
CA TYR J 94 -28.88 23.25 -49.18
C TYR J 94 -27.36 23.10 -49.16
N TYR J 95 -26.89 21.86 -49.17
CA TYR J 95 -25.48 21.53 -49.04
C TYR J 95 -24.98 20.78 -50.26
N CYS J 96 -23.80 21.15 -50.74
CA CYS J 96 -23.05 20.34 -51.68
C CYS J 96 -21.98 19.56 -50.94
N ALA J 97 -21.63 18.39 -51.46
CA ALA J 97 -20.69 17.51 -50.77
C ALA J 97 -19.93 16.69 -51.78
N ARG J 98 -18.69 16.34 -51.43
CA ARG J 98 -17.80 15.57 -52.28
C ARG J 98 -17.82 14.10 -51.86
N ASP J 99 -18.10 13.22 -52.81
CA ASP J 99 -17.96 11.79 -52.58
C ASP J 99 -16.50 11.41 -52.80
N TYR J 100 -15.79 11.12 -51.72
CA TYR J 100 -14.37 10.81 -51.78
C TYR J 100 -14.09 9.46 -52.44
N CYS J 101 -14.99 8.49 -52.28
CA CYS J 101 -14.75 7.12 -52.71
C CYS J 101 -14.95 6.91 -54.20
N THR J 102 -15.43 7.90 -54.94
CA THR J 102 -15.43 7.84 -56.39
C THR J 102 -14.14 8.34 -57.00
N GLY J 103 -13.15 8.67 -56.17
CA GLY J 103 -11.86 9.12 -56.62
C GLY J 103 -10.77 8.45 -55.81
N SER J 104 -11.17 7.48 -55.00
CA SER J 104 -10.23 6.70 -54.20
C SER J 104 -10.69 5.24 -54.17
N SER J 105 -10.06 4.44 -53.34
CA SER J 105 -10.18 2.99 -53.38
C SER J 105 -11.23 2.43 -52.41
N CYS J 106 -12.11 3.26 -51.88
CA CYS J 106 -13.17 2.79 -50.99
C CYS J 106 -14.48 2.66 -51.74
N TYR J 107 -15.43 1.95 -51.13
CA TYR J 107 -16.68 1.60 -51.78
C TYR J 107 -17.92 2.27 -51.20
N ARG J 108 -17.80 3.01 -50.09
CA ARG J 108 -18.95 3.72 -49.51
C ARG J 108 -19.19 5.03 -50.25
N THR J 109 -20.05 5.87 -49.68
CA THR J 109 -20.13 7.28 -50.06
C THR J 109 -20.00 8.11 -48.78
N ASP J 110 -18.83 8.66 -48.56
CA ASP J 110 -18.56 9.48 -47.37
C ASP J 110 -18.33 10.92 -47.81
N TYR J 111 -19.04 11.85 -47.16
CA TYR J 111 -18.92 13.27 -47.48
C TYR J 111 -17.90 13.89 -46.52
N ASP J 112 -16.63 13.83 -46.91
CA ASP J 112 -15.58 14.39 -46.07
C ASP J 112 -15.57 15.91 -46.12
N TYR J 113 -15.88 16.49 -47.28
CA TYR J 113 -15.90 17.94 -47.45
C TYR J 113 -17.30 18.38 -47.85
N TRP J 114 -17.81 19.41 -47.17
CA TRP J 114 -19.12 19.97 -47.43
C TRP J 114 -18.98 21.45 -47.79
N GLY J 115 -20.03 22.00 -48.40
CA GLY J 115 -20.13 23.43 -48.53
C GLY J 115 -20.65 24.06 -47.25
N GLN J 116 -20.60 25.39 -47.20
CA GLN J 116 -20.99 26.12 -45.99
C GLN J 116 -22.50 26.18 -45.78
N GLY J 117 -23.30 25.78 -46.76
CA GLY J 117 -24.75 25.86 -46.66
C GLY J 117 -25.31 27.06 -47.38
N THR J 118 -26.49 26.88 -47.99
CA THR J 118 -27.20 27.96 -48.66
C THR J 118 -28.66 27.90 -48.23
N LEU J 119 -29.12 28.94 -47.53
CA LEU J 119 -30.50 29.00 -47.10
C LEU J 119 -31.37 29.54 -48.24
N VAL J 120 -32.38 28.77 -48.61
CA VAL J 120 -33.33 29.16 -49.65
C VAL J 120 -34.71 29.21 -49.01
N THR J 121 -35.29 30.40 -48.94
CA THR J 121 -36.60 30.60 -48.32
C THR J 121 -37.65 30.78 -49.40
N VAL J 122 -38.70 29.96 -49.35
CA VAL J 122 -39.82 30.05 -50.28
C VAL J 122 -41.04 30.55 -49.52
N SER J 123 -41.42 31.80 -49.77
CA SER J 123 -42.61 32.38 -49.16
C SER J 123 -43.18 33.45 -50.09
N SER J 124 -44.47 33.71 -49.93
CA SER J 124 -45.14 34.74 -50.71
C SER J 124 -44.90 36.14 -50.16
N ALA J 125 -44.27 36.26 -49.00
CA ALA J 125 -43.96 37.57 -48.42
C ALA J 125 -42.85 38.20 -49.22
N SER J 126 -42.91 39.52 -49.38
CA SER J 126 -41.90 40.19 -50.18
C SER J 126 -40.57 40.31 -49.44
N THR J 127 -39.52 40.51 -50.23
CA THR J 127 -38.19 40.71 -49.69
C THR J 127 -38.12 42.10 -49.06
N LYS J 128 -37.64 42.19 -47.83
CA LYS J 128 -37.62 43.46 -47.12
C LYS J 128 -36.22 43.70 -46.58
N GLY J 129 -35.73 44.93 -46.79
CA GLY J 129 -34.43 45.31 -46.32
C GLY J 129 -34.42 45.61 -44.84
N PRO J 130 -33.31 45.30 -44.18
CA PRO J 130 -33.27 45.43 -42.72
C PRO J 130 -33.11 46.88 -42.27
N SER J 131 -33.65 47.14 -41.08
CA SER J 131 -33.41 48.40 -40.38
C SER J 131 -32.41 48.12 -39.27
N VAL J 132 -31.29 48.82 -39.29
CA VAL J 132 -30.18 48.58 -38.38
C VAL J 132 -30.07 49.75 -37.42
N PHE J 133 -30.11 49.46 -36.12
CA PHE J 133 -30.11 50.47 -35.08
C PHE J 133 -29.02 50.17 -34.07
N PRO J 134 -28.32 51.20 -33.57
CA PRO J 134 -27.28 50.97 -32.57
C PRO J 134 -27.88 50.65 -31.21
N LEU J 135 -27.14 49.86 -30.44
CA LEU J 135 -27.49 49.54 -29.06
C LEU J 135 -26.40 50.10 -28.16
N ALA J 136 -26.65 51.30 -27.64
CA ALA J 136 -25.61 52.11 -27.02
C ALA J 136 -25.20 51.56 -25.66
N PRO J 137 -23.91 51.65 -25.30
CA PRO J 137 -23.52 51.30 -23.93
C PRO J 137 -23.98 52.36 -22.93
N SER J 138 -24.21 51.91 -21.71
CA SER J 138 -24.78 52.73 -20.64
C SER J 138 -24.22 52.22 -19.32
N SER J 139 -24.95 52.50 -18.24
CA SER J 139 -24.64 51.93 -16.93
C SER J 139 -24.97 50.44 -17.03
N LYS J 140 -23.97 49.64 -17.38
CA LYS J 140 -24.16 48.24 -17.78
C LYS J 140 -23.58 47.23 -16.80
N SER J 141 -22.29 47.31 -16.48
CA SER J 141 -21.66 46.27 -15.69
C SER J 141 -20.95 46.92 -14.51
N THR J 142 -21.63 46.88 -13.36
CA THR J 142 -21.11 47.31 -12.08
C THR J 142 -20.16 46.30 -11.47
N SER J 143 -20.17 45.08 -12.01
CA SER J 143 -19.42 43.95 -11.48
C SER J 143 -18.08 43.74 -12.19
N GLY J 144 -17.60 44.72 -12.93
CA GLY J 144 -16.37 44.60 -13.67
C GLY J 144 -16.33 45.58 -14.82
N GLY J 145 -15.11 45.88 -15.25
CA GLY J 145 -14.92 46.87 -16.31
C GLY J 145 -15.07 46.26 -17.68
N THR J 146 -16.27 45.77 -17.99
CA THR J 146 -16.58 45.08 -19.24
C THR J 146 -17.91 45.65 -19.72
N ALA J 147 -17.86 46.64 -20.60
CA ALA J 147 -19.09 47.23 -21.10
C ALA J 147 -19.59 46.43 -22.29
N ALA J 148 -20.90 46.51 -22.53
CA ALA J 148 -21.52 45.80 -23.63
C ALA J 148 -22.21 46.80 -24.55
N LEU J 149 -22.03 46.59 -25.84
CA LEU J 149 -22.66 47.38 -26.87
C LEU J 149 -23.16 46.42 -27.94
N GLY J 150 -24.05 46.91 -28.79
CA GLY J 150 -24.68 45.99 -29.71
C GLY J 150 -25.21 46.66 -30.95
N CYS J 151 -25.93 45.86 -31.73
CA CYS J 151 -26.40 46.26 -33.05
C CYS J 151 -27.71 45.51 -33.28
N LEU J 152 -28.80 46.25 -33.52
CA LEU J 152 -30.13 45.67 -33.64
C LEU J 152 -30.56 45.69 -35.11
N VAL J 153 -30.75 44.51 -35.68
CA VAL J 153 -31.21 44.35 -37.06
C VAL J 153 -32.67 43.94 -37.00
N LYS J 154 -33.55 44.90 -37.30
CA LYS J 154 -34.99 44.74 -37.11
C LYS J 154 -35.71 44.80 -38.45
N ASP J 155 -36.75 43.97 -38.59
CA ASP J 155 -37.73 44.01 -39.67
C ASP J 155 -37.09 43.79 -41.05
N TYR J 156 -36.58 42.57 -41.23
CA TYR J 156 -36.10 42.13 -42.53
C TYR J 156 -36.77 40.81 -42.90
N PHE J 157 -36.74 40.51 -44.20
CA PHE J 157 -37.24 39.23 -44.68
C PHE J 157 -36.55 38.92 -45.99
N PRO J 158 -36.10 37.68 -46.19
CA PRO J 158 -36.07 36.58 -45.22
C PRO J 158 -34.72 36.49 -44.54
N GLU J 159 -34.52 35.43 -43.77
CA GLU J 159 -33.21 35.13 -43.22
C GLU J 159 -32.29 34.65 -44.33
N PRO J 160 -30.96 34.81 -44.17
CA PRO J 160 -30.21 35.43 -43.09
C PRO J 160 -29.61 36.80 -43.35
N VAL J 161 -29.10 37.40 -42.28
CA VAL J 161 -28.16 38.51 -42.35
C VAL J 161 -26.88 38.06 -41.66
N THR J 162 -25.74 38.46 -42.20
CA THR J 162 -24.45 38.16 -41.59
C THR J 162 -23.92 39.44 -40.96
N VAL J 163 -23.48 39.36 -39.72
CA VAL J 163 -22.97 40.51 -38.99
C VAL J 163 -21.52 40.25 -38.60
N SER J 164 -20.71 41.30 -38.72
CA SER J 164 -19.33 41.31 -38.24
C SER J 164 -19.07 42.69 -37.66
N TRP J 165 -18.03 42.79 -36.85
CA TRP J 165 -17.73 44.02 -36.13
C TRP J 165 -16.37 44.53 -36.58
N ASN J 166 -16.34 45.77 -37.08
CA ASN J 166 -15.14 46.44 -37.60
C ASN J 166 -14.47 45.65 -38.72
N SER J 167 -15.28 45.29 -39.73
CA SER J 167 -14.87 44.55 -40.93
C SER J 167 -14.27 43.18 -40.61
N GLY J 168 -14.71 42.56 -39.53
CA GLY J 168 -14.20 41.25 -39.15
C GLY J 168 -12.94 41.26 -38.30
N ALA J 169 -12.47 42.43 -37.85
CA ALA J 169 -11.30 42.52 -37.00
C ALA J 169 -11.63 42.46 -35.52
N LEU J 170 -12.84 42.00 -35.16
CA LEU J 170 -13.22 41.86 -33.76
C LEU J 170 -14.13 40.64 -33.63
N THR J 171 -13.55 39.51 -33.24
CA THR J 171 -14.30 38.27 -33.07
C THR J 171 -14.44 37.84 -31.61
N SER J 172 -13.76 38.52 -30.68
CA SER J 172 -13.69 38.08 -29.29
C SER J 172 -14.85 38.66 -28.49
N GLY J 173 -15.58 37.79 -27.80
CA GLY J 173 -16.71 38.23 -27.00
C GLY J 173 -17.94 38.59 -27.81
N VAL J 174 -18.09 38.04 -29.02
CA VAL J 174 -19.20 38.37 -29.89
C VAL J 174 -20.27 37.28 -29.74
N HIS J 175 -21.50 37.70 -29.48
CA HIS J 175 -22.66 36.80 -29.48
C HIS J 175 -23.70 37.36 -30.43
N THR J 176 -23.94 36.63 -31.53
CA THR J 176 -25.00 36.97 -32.48
C THR J 176 -26.19 36.07 -32.20
N PHE J 177 -27.32 36.68 -31.98
CA PHE J 177 -28.48 35.90 -31.56
C PHE J 177 -29.24 35.34 -32.76
N PRO J 178 -29.88 34.20 -32.58
CA PRO J 178 -30.81 33.70 -33.61
C PRO J 178 -31.96 34.67 -33.81
N ALA J 179 -32.36 34.83 -35.07
CA ALA J 179 -33.45 35.73 -35.41
C ALA J 179 -34.78 35.21 -34.90
N VAL J 180 -35.69 36.14 -34.60
CA VAL J 180 -37.01 35.82 -34.10
C VAL J 180 -38.04 36.19 -35.15
N LEU J 181 -38.87 35.24 -35.53
CA LEU J 181 -39.99 35.54 -36.42
C LEU J 181 -41.05 36.27 -35.61
N GLN J 182 -41.56 37.37 -36.15
CA GLN J 182 -42.50 38.19 -35.44
C GLN J 182 -43.92 37.90 -35.93
N SER J 183 -44.90 38.55 -35.27
CA SER J 183 -46.28 38.47 -35.71
C SER J 183 -46.49 39.22 -37.03
N SER J 184 -45.60 40.18 -37.34
CA SER J 184 -45.67 40.90 -38.60
C SER J 184 -45.28 40.04 -39.79
N GLY J 185 -44.58 38.92 -39.56
CA GLY J 185 -44.04 38.11 -40.62
C GLY J 185 -42.59 38.39 -40.95
N LEU J 186 -41.96 39.31 -40.23
CA LEU J 186 -40.60 39.74 -40.51
C LEU J 186 -39.67 39.29 -39.38
N TYR J 187 -38.41 39.07 -39.71
CA TYR J 187 -37.43 38.63 -38.73
C TYR J 187 -36.76 39.82 -38.06
N SER J 188 -36.23 39.57 -36.86
CA SER J 188 -35.43 40.55 -36.15
C SER J 188 -34.42 39.82 -35.27
N LEU J 189 -33.17 40.29 -35.29
CA LEU J 189 -32.14 39.76 -34.41
C LEU J 189 -31.33 40.90 -33.83
N SER J 190 -30.46 40.55 -32.87
CA SER J 190 -29.52 41.49 -32.29
C SER J 190 -28.17 40.80 -32.16
N SER J 191 -27.10 41.58 -32.31
CA SER J 191 -25.73 41.11 -32.13
C SER J 191 -25.05 42.00 -31.11
N VAL J 192 -24.50 41.41 -30.06
CA VAL J 192 -23.87 42.15 -28.97
C VAL J 192 -22.43 41.70 -28.81
N VAL J 193 -21.63 42.58 -28.21
CA VAL J 193 -20.23 42.30 -27.93
C VAL J 193 -19.82 42.96 -26.61
N THR J 194 -19.06 42.21 -25.81
CA THR J 194 -18.46 42.74 -24.58
C THR J 194 -17.05 43.23 -24.88
N VAL J 195 -16.76 44.43 -24.41
CA VAL J 195 -15.46 45.07 -24.61
C VAL J 195 -15.09 45.71 -23.27
N PRO J 196 -13.80 45.96 -23.02
CA PRO J 196 -13.48 46.72 -21.79
C PRO J 196 -14.03 48.13 -21.83
N SER J 197 -14.47 48.58 -20.65
CA SER J 197 -15.12 49.87 -20.50
C SER J 197 -14.15 51.04 -20.65
N SER J 198 -12.84 50.80 -20.55
CA SER J 198 -11.86 51.86 -20.74
C SER J 198 -11.80 52.34 -22.18
N SER J 199 -12.09 51.46 -23.15
CA SER J 199 -11.94 51.77 -24.57
C SER J 199 -13.15 52.46 -25.20
N LEU J 200 -14.19 52.75 -24.43
CA LEU J 200 -15.36 53.44 -24.96
C LEU J 200 -15.05 54.90 -25.24
N GLY J 201 -15.18 55.30 -26.50
CA GLY J 201 -14.88 56.65 -26.94
C GLY J 201 -13.49 56.80 -27.53
N THR J 202 -12.54 55.98 -27.09
CA THR J 202 -11.22 55.97 -27.68
C THR J 202 -11.21 55.21 -28.99
N GLN J 203 -11.86 54.04 -29.00
CA GLN J 203 -11.96 53.19 -30.17
C GLN J 203 -13.37 53.23 -30.74
N THR J 204 -13.46 53.35 -32.06
CA THR J 204 -14.72 53.40 -32.77
C THR J 204 -15.20 51.99 -33.13
N TYR J 205 -16.47 51.70 -32.85
CA TYR J 205 -17.05 50.39 -33.06
C TYR J 205 -18.16 50.48 -34.10
N ILE J 206 -18.03 49.71 -35.17
CA ILE J 206 -19.00 49.66 -36.27
C ILE J 206 -19.42 48.22 -36.51
N CYS J 207 -20.73 47.99 -36.58
CA CYS J 207 -21.30 46.70 -36.94
C CYS J 207 -21.58 46.67 -38.44
N ASN J 208 -21.17 45.59 -39.09
CA ASN J 208 -21.29 45.45 -40.54
C ASN J 208 -22.40 44.44 -40.84
N VAL J 209 -23.53 44.92 -41.34
CA VAL J 209 -24.68 44.09 -41.66
C VAL J 209 -24.78 43.96 -43.18
N ASN J 210 -24.98 42.73 -43.65
CA ASN J 210 -25.10 42.43 -45.06
C ASN J 210 -26.32 41.53 -45.24
N HIS J 211 -27.22 41.95 -46.11
CA HIS J 211 -28.43 41.18 -46.42
C HIS J 211 -28.40 40.84 -47.91
N LYS J 212 -27.97 39.62 -48.21
CA LYS J 212 -27.93 39.12 -49.59
C LYS J 212 -29.30 39.01 -50.27
N PRO J 213 -30.41 38.58 -49.62
CA PRO J 213 -31.70 38.61 -50.35
C PRO J 213 -32.19 39.97 -50.82
N SER J 214 -31.90 41.05 -50.10
CA SER J 214 -32.32 42.38 -50.54
C SER J 214 -31.18 43.19 -51.17
N ASN J 215 -29.98 42.60 -51.21
CA ASN J 215 -28.73 43.22 -51.69
C ASN J 215 -28.45 44.56 -51.01
N THR J 216 -28.41 44.52 -49.68
CA THR J 216 -28.19 45.70 -48.85
C THR J 216 -27.05 45.43 -47.87
N LYS J 217 -26.08 46.34 -47.84
CA LYS J 217 -25.00 46.32 -46.86
C LYS J 217 -24.90 47.69 -46.21
N VAL J 218 -25.07 47.72 -44.89
CA VAL J 218 -25.06 48.98 -44.13
C VAL J 218 -24.10 48.84 -42.96
N ASP J 219 -23.34 49.92 -42.71
CA ASP J 219 -22.40 49.99 -41.59
C ASP J 219 -22.79 51.17 -40.71
N LYS J 220 -23.04 50.89 -39.43
CA LYS J 220 -23.42 51.92 -38.48
C LYS J 220 -22.51 51.88 -37.27
N LYS J 221 -22.09 53.08 -36.84
CA LYS J 221 -21.24 53.24 -35.68
C LYS J 221 -22.08 53.33 -34.41
N VAL J 222 -21.68 52.58 -33.40
CA VAL J 222 -22.39 52.55 -32.13
C VAL J 222 -21.66 53.49 -31.17
N GLU J 223 -22.41 54.47 -30.65
CA GLU J 223 -21.87 55.49 -29.80
C GLU J 223 -22.66 55.50 -28.49
N PRO J 224 -22.00 55.75 -27.34
CA PRO J 224 -22.66 55.75 -26.03
C PRO J 224 -23.75 56.81 -25.89
N ASP K 1 -16.67 30.57 31.92
CA ASP K 1 -16.77 31.44 30.75
C ASP K 1 -15.59 32.43 30.68
N ILE K 2 -14.65 32.23 31.59
CA ILE K 2 -13.45 33.07 31.73
C ILE K 2 -12.28 32.22 31.27
N GLN K 3 -12.37 31.73 30.02
CA GLN K 3 -11.36 30.86 29.43
C GLN K 3 -9.97 31.47 29.49
N MET K 4 -8.99 30.63 29.83
CA MET K 4 -7.61 31.05 30.02
C MET K 4 -6.74 30.31 29.03
N THR K 5 -6.04 31.05 28.18
CA THR K 5 -5.17 30.46 27.16
C THR K 5 -3.74 30.86 27.49
N GLN K 6 -2.86 29.87 27.54
CA GLN K 6 -1.45 30.10 27.84
C GLN K 6 -0.65 30.02 26.56
N SER K 7 0.40 30.82 26.49
CA SER K 7 1.23 30.78 25.30
C SER K 7 2.69 30.65 25.71
N PRO K 8 3.46 29.77 25.07
CA PRO K 8 3.05 28.83 24.02
C PRO K 8 2.54 27.52 24.61
N SER K 9 2.22 26.58 23.71
CA SER K 9 1.88 25.23 24.14
C SER K 9 3.11 24.52 24.74
N SER K 10 4.28 24.72 24.13
CA SER K 10 5.51 24.10 24.61
C SER K 10 6.69 24.94 24.14
N LEU K 11 7.74 25.01 24.96
CA LEU K 11 8.95 25.73 24.60
C LEU K 11 10.13 24.99 25.23
N SER K 12 11.30 25.17 24.63
CA SER K 12 12.52 24.55 25.15
C SER K 12 13.58 25.59 25.47
N ALA K 13 14.21 25.43 26.64
CA ALA K 13 15.35 26.26 27.03
C ALA K 13 16.23 25.48 27.99
N SER K 14 17.49 25.90 28.12
CA SER K 14 18.48 25.19 28.91
C SER K 14 18.61 25.77 30.33
N VAL K 15 19.56 25.22 31.07
CA VAL K 15 19.78 25.59 32.47
C VAL K 15 20.53 26.91 32.53
N GLY K 16 19.96 27.87 33.26
CA GLY K 16 20.49 29.21 33.36
C GLY K 16 19.81 30.23 32.48
N ASP K 17 18.97 29.80 31.54
CA ASP K 17 18.29 30.72 30.65
C ASP K 17 17.11 31.38 31.35
N ARG K 18 16.81 32.60 30.94
CA ARG K 18 15.59 33.30 31.37
C ARG K 18 14.49 33.08 30.34
N VAL K 19 13.32 32.64 30.80
CA VAL K 19 12.18 32.39 29.94
C VAL K 19 10.93 33.00 30.55
N THR K 20 10.06 33.54 29.70
CA THR K 20 8.77 34.06 30.10
C THR K 20 7.66 33.32 29.34
N ILE K 21 6.58 33.00 30.04
CA ILE K 21 5.39 32.44 29.41
C ILE K 21 4.22 33.35 29.77
N THR K 22 3.30 33.52 28.82
CA THR K 22 2.18 34.42 28.99
C THR K 22 0.90 33.65 29.28
N CYS K 23 -0.08 34.34 29.86
CA CYS K 23 -1.36 33.74 30.22
C CYS K 23 -2.44 34.78 29.91
N ARG K 24 -3.34 34.42 29.00
CA ARG K 24 -4.36 35.35 28.51
C ARG K 24 -5.68 35.06 29.20
N ALA K 25 -6.29 36.11 29.74
CA ALA K 25 -7.59 36.01 30.40
C ALA K 25 -8.69 36.43 29.43
N SER K 26 -9.84 35.76 29.54
CA SER K 26 -10.97 36.07 28.66
C SER K 26 -11.56 37.44 28.98
N GLN K 27 -11.54 37.84 30.24
CA GLN K 27 -12.01 39.15 30.68
C GLN K 27 -11.14 39.60 31.83
N ILE K 28 -11.48 40.76 32.41
CA ILE K 28 -10.65 41.34 33.46
C ILE K 28 -10.82 40.53 34.75
N ILE K 29 -9.70 40.17 35.36
CA ILE K 29 -9.75 39.50 36.67
C ILE K 29 -9.04 40.28 37.76
N SER K 30 -8.16 41.23 37.41
CA SER K 30 -7.44 42.11 38.34
C SER K 30 -6.68 41.36 39.44
N THR K 31 -5.64 40.65 39.00
CA THR K 31 -4.67 39.92 39.84
C THR K 31 -5.28 38.78 40.65
N TYR K 32 -6.47 38.29 40.29
CA TYR K 32 -7.00 37.09 40.95
C TYR K 32 -6.53 35.84 40.20
N LEU K 33 -5.22 35.74 40.03
CA LEU K 33 -4.58 34.70 39.24
C LEU K 33 -3.47 34.04 40.03
N ASN K 34 -3.41 32.71 39.95
CA ASN K 34 -2.37 31.94 40.61
C ASN K 34 -1.62 31.08 39.58
N TRP K 35 -0.33 30.88 39.84
CA TRP K 35 0.53 30.09 38.97
C TRP K 35 0.90 28.77 39.65
N TYR K 36 0.74 27.66 38.94
CA TYR K 36 1.00 26.33 39.47
C TYR K 36 2.01 25.58 38.62
N GLN K 37 2.88 24.82 39.29
CA GLN K 37 3.77 23.86 38.64
C GLN K 37 3.21 22.46 38.83
N HIS K 38 3.22 21.66 37.76
CA HIS K 38 2.61 20.33 37.78
C HIS K 38 3.54 19.34 37.08
N LYS K 39 4.28 18.57 37.87
CA LYS K 39 5.01 17.45 37.30
C LYS K 39 4.07 16.24 37.18
N PRO K 40 4.26 15.41 36.15
CA PRO K 40 3.30 14.32 35.91
C PRO K 40 3.38 13.21 36.95
N GLY K 41 2.22 12.72 37.36
CA GLY K 41 2.10 11.72 38.39
C GLY K 41 2.08 12.27 39.81
N LYS K 42 2.46 13.52 39.98
CA LYS K 42 2.60 14.19 41.26
C LYS K 42 1.50 15.22 41.44
N ALA K 43 1.42 15.80 42.63
CA ALA K 43 0.44 16.85 42.86
C ALA K 43 0.90 18.16 42.23
N PRO K 44 -0.03 19.04 41.85
CA PRO K 44 0.36 20.40 41.49
C PRO K 44 0.87 21.17 42.69
N LYS K 45 1.80 22.08 42.44
CA LYS K 45 2.44 22.89 43.47
C LYS K 45 2.14 24.37 43.22
N LEU K 46 1.71 25.08 44.26
CA LEU K 46 1.41 26.51 44.16
C LEU K 46 2.68 27.35 44.20
N LEU K 47 2.85 28.25 43.23
CA LEU K 47 4.05 29.09 43.14
C LEU K 47 3.81 30.56 43.46
N ILE K 48 2.81 31.16 42.84
CA ILE K 48 2.57 32.59 42.95
C ILE K 48 1.10 32.81 43.23
N LYS K 49 0.80 33.56 44.28
CA LYS K 49 -0.55 34.00 44.58
C LYS K 49 -0.66 35.49 44.33
N SER K 50 -1.89 35.94 44.04
CA SER K 50 -2.23 37.33 43.72
C SER K 50 -1.45 37.89 42.54
N ALA K 51 -0.99 37.01 41.65
CA ALA K 51 -0.34 37.28 40.36
C ALA K 51 1.03 37.95 40.45
N SER K 52 1.44 38.36 41.65
CA SER K 52 2.76 38.94 41.84
C SER K 52 3.46 38.55 43.14
N THR K 53 2.79 37.87 44.06
CA THR K 53 3.35 37.55 45.37
C THR K 53 3.78 36.09 45.41
N LEU K 54 5.00 35.84 45.89
CA LEU K 54 5.58 34.51 45.88
C LEU K 54 5.12 33.67 47.06
N GLN K 55 4.91 32.37 46.82
CA GLN K 55 4.55 31.43 47.86
C GLN K 55 5.77 31.02 48.67
N SER K 56 5.52 30.67 49.93
CA SER K 56 6.58 30.21 50.83
C SER K 56 7.14 28.88 50.36
N GLY K 57 8.46 28.78 50.32
CA GLY K 57 9.14 27.60 49.84
C GLY K 57 9.52 27.62 48.37
N VAL K 58 8.93 28.51 47.59
CA VAL K 58 9.29 28.64 46.18
C VAL K 58 10.55 29.49 46.08
N PRO K 59 11.55 29.08 45.31
CA PRO K 59 12.79 29.86 45.21
C PRO K 59 12.57 31.19 44.49
N SER K 60 13.53 32.09 44.70
CA SER K 60 13.42 33.49 44.29
C SER K 60 13.48 33.69 42.77
N ARG K 61 13.83 32.68 41.99
CA ARG K 61 13.94 32.86 40.55
C ARG K 61 12.59 32.94 39.86
N PHE K 62 11.52 32.48 40.51
CA PHE K 62 10.18 32.60 39.94
C PHE K 62 9.62 33.99 40.21
N SER K 63 8.98 34.57 39.20
CA SER K 63 8.39 35.89 39.32
C SER K 63 7.19 36.00 38.40
N GLY K 64 6.22 36.79 38.82
CA GLY K 64 5.02 36.99 38.04
C GLY K 64 4.62 38.45 38.04
N SER K 65 4.01 38.87 36.94
CA SER K 65 3.57 40.26 36.79
C SER K 65 2.33 40.28 35.91
N GLY K 66 1.65 41.42 35.92
CA GLY K 66 0.49 41.61 35.07
C GLY K 66 -0.78 41.84 35.86
N SER K 67 -1.71 42.60 35.29
CA SER K 67 -3.03 42.76 35.86
C SER K 67 -4.02 42.91 34.71
N GLY K 68 -5.30 42.78 35.04
CA GLY K 68 -6.34 42.88 34.03
C GLY K 68 -6.51 41.59 33.25
N THR K 69 -6.00 41.55 32.02
CA THR K 69 -6.15 40.38 31.17
C THR K 69 -4.84 39.67 30.84
N ASP K 70 -3.72 40.37 30.83
CA ASP K 70 -2.44 39.81 30.39
C ASP K 70 -1.51 39.61 31.59
N PHE K 71 -0.98 38.39 31.71
CA PHE K 71 -0.12 38.01 32.83
C PHE K 71 1.09 37.24 32.31
N THR K 72 2.20 37.36 33.03
CA THR K 72 3.45 36.69 32.67
C THR K 72 4.00 35.93 33.86
N LEU K 73 4.70 34.83 33.57
CA LEU K 73 5.48 34.09 34.55
C LEU K 73 6.92 34.00 34.05
N THR K 74 7.87 34.38 34.91
CA THR K 74 9.27 34.48 34.53
C THR K 74 10.12 33.65 35.48
N ILE K 75 10.99 32.81 34.90
CA ILE K 75 12.03 32.11 35.65
C ILE K 75 13.36 32.68 35.17
N THR K 76 14.19 33.14 36.11
CA THR K 76 15.36 33.94 35.73
C THR K 76 16.59 33.08 35.48
N SER K 77 16.98 32.27 36.46
CA SER K 77 18.11 31.36 36.32
C SER K 77 17.58 29.94 36.44
N LEU K 78 17.33 29.30 35.28
CA LEU K 78 16.66 28.01 35.24
C LEU K 78 17.49 26.91 35.87
N GLN K 79 16.81 25.96 36.53
CA GLN K 79 17.38 24.83 37.21
C GLN K 79 16.71 23.56 36.65
N PRO K 80 17.41 22.41 36.63
CA PRO K 80 16.85 21.22 35.94
C PRO K 80 15.61 20.62 36.58
N GLU K 81 15.32 20.89 37.85
CA GLU K 81 14.13 20.38 38.51
C GLU K 81 12.95 21.36 38.53
N ASP K 82 12.94 22.33 37.61
CA ASP K 82 11.83 23.26 37.50
C ASP K 82 11.02 23.03 36.24
N PHE K 83 11.42 22.06 35.44
CA PHE K 83 10.82 21.80 34.13
C PHE K 83 9.59 20.91 34.31
N ALA K 84 8.42 21.46 34.03
CA ALA K 84 7.15 20.77 34.23
C ALA K 84 6.11 21.41 33.32
N THR K 85 4.85 21.07 33.56
CA THR K 85 3.74 21.75 32.90
C THR K 85 3.19 22.79 33.87
N PHE K 86 3.11 24.04 33.40
CA PHE K 86 2.74 25.17 34.23
C PHE K 86 1.32 25.61 33.90
N TYR K 87 0.54 25.88 34.94
CA TYR K 87 -0.84 26.31 34.78
C TYR K 87 -1.03 27.68 35.43
N CYS K 88 -1.87 28.49 34.80
CA CYS K 88 -2.40 29.70 35.42
C CYS K 88 -3.88 29.48 35.70
N GLN K 89 -4.36 30.06 36.79
CA GLN K 89 -5.71 29.79 37.27
C GLN K 89 -6.33 31.08 37.76
N GLN K 90 -7.48 31.44 37.19
CA GLN K 90 -8.23 32.58 37.68
C GLN K 90 -9.08 32.16 38.87
N SER K 91 -9.32 33.12 39.77
CA SER K 91 -10.17 32.91 40.93
C SER K 91 -11.14 34.07 41.09
N TYR K 92 -11.46 34.75 39.99
CA TYR K 92 -12.34 35.92 40.06
C TYR K 92 -13.81 35.52 40.17
N ARG K 93 -14.29 34.73 39.22
CA ARG K 93 -15.69 34.32 39.19
C ARG K 93 -15.81 32.81 39.00
N ASP K 94 -16.83 32.25 39.63
CA ASP K 94 -17.14 30.85 39.43
C ASP K 94 -17.71 30.65 38.02
N PRO K 95 -17.36 29.56 37.33
CA PRO K 95 -16.50 28.43 37.74
C PRO K 95 -15.01 28.77 37.67
N ILE K 96 -14.22 28.15 38.55
CA ILE K 96 -12.77 28.31 38.53
C ILE K 96 -12.22 27.62 37.29
N THR K 97 -11.39 28.33 36.53
CA THR K 97 -10.86 27.78 35.29
C THR K 97 -9.35 27.92 35.26
N PHE K 98 -8.73 27.02 34.52
CA PHE K 98 -7.27 26.92 34.40
C PHE K 98 -6.87 27.12 32.95
N GLY K 99 -5.57 27.30 32.75
CA GLY K 99 -5.02 27.28 31.41
C GLY K 99 -4.79 25.86 30.93
N GLN K 100 -4.50 25.73 29.64
CA GLN K 100 -4.29 24.41 29.05
C GLN K 100 -2.97 23.79 29.51
N GLY K 101 -2.00 24.61 29.91
CA GLY K 101 -0.70 24.14 30.32
C GLY K 101 0.40 24.67 29.39
N THR K 102 1.63 24.52 29.86
CA THR K 102 2.80 24.90 29.07
C THR K 102 3.92 23.93 29.43
N ARG K 103 4.22 23.00 28.53
CA ARG K 103 5.29 22.04 28.74
C ARG K 103 6.64 22.75 28.63
N LEU K 104 7.48 22.58 29.65
CA LEU K 104 8.79 23.20 29.69
C LEU K 104 9.87 22.14 29.48
N GLU K 105 10.70 22.33 28.46
CA GLU K 105 11.68 21.34 28.02
C GLU K 105 13.10 21.90 28.14
N ILE K 106 14.07 21.01 28.34
CA ILE K 106 15.47 21.38 28.52
C ILE K 106 16.19 21.27 27.18
N LYS K 107 16.81 22.38 26.72
CA LYS K 107 17.67 22.31 25.54
C LYS K 107 19.02 21.73 25.90
N ARG K 108 19.50 20.82 25.05
CA ARG K 108 20.76 20.14 25.27
C ARG K 108 21.37 19.84 23.90
N THR K 109 22.58 19.26 23.92
CA THR K 109 23.22 18.83 22.69
C THR K 109 22.41 17.71 22.03
N VAL K 110 22.43 17.71 20.69
CA VAL K 110 21.59 16.79 19.93
C VAL K 110 22.18 15.38 20.02
N ALA K 111 21.32 14.40 20.29
CA ALA K 111 21.76 13.02 20.50
C ALA K 111 21.04 12.10 19.53
N ALA K 112 21.80 11.19 18.94
CA ALA K 112 21.26 10.20 18.02
C ALA K 112 20.56 9.10 18.81
N PRO K 113 19.47 8.54 18.30
CA PRO K 113 18.80 7.45 19.04
C PRO K 113 19.55 6.15 18.87
N SER K 114 19.74 5.45 19.99
CA SER K 114 20.23 4.08 19.95
C SER K 114 19.06 3.17 19.63
N VAL K 115 19.10 2.51 18.48
CA VAL K 115 17.96 1.80 17.94
C VAL K 115 18.17 0.31 18.12
N PHE K 116 17.25 -0.34 18.83
CA PHE K 116 17.24 -1.78 18.96
C PHE K 116 15.89 -2.29 18.50
N ILE K 117 15.89 -3.47 17.91
CA ILE K 117 14.67 -4.12 17.46
C ILE K 117 14.62 -5.49 18.12
N PHE K 118 13.41 -5.90 18.52
CA PHE K 118 13.22 -7.12 19.30
C PHE K 118 12.18 -7.98 18.58
N PRO K 119 12.53 -9.21 18.19
CA PRO K 119 11.54 -10.13 17.63
C PRO K 119 10.52 -10.53 18.68
N PRO K 120 9.32 -10.96 18.28
CA PRO K 120 8.31 -11.34 19.27
C PRO K 120 8.70 -12.61 20.01
N SER K 121 8.40 -12.63 21.31
CA SER K 121 8.73 -13.76 22.16
C SER K 121 8.03 -15.04 21.72
N ASP K 122 8.74 -16.17 21.86
CA ASP K 122 8.18 -17.48 21.55
C ASP K 122 7.00 -17.82 22.46
N GLU K 123 7.01 -17.29 23.68
CA GLU K 123 5.88 -17.47 24.59
C GLU K 123 4.63 -16.76 24.06
N GLN K 124 4.79 -15.64 23.35
CA GLN K 124 3.64 -14.97 22.77
C GLN K 124 3.11 -15.71 21.54
N LEU K 125 4.00 -16.36 20.77
CA LEU K 125 3.57 -17.10 19.58
C LEU K 125 2.69 -18.29 19.94
N LYS K 126 2.90 -18.89 21.12
CA LYS K 126 2.01 -19.94 21.59
C LYS K 126 0.65 -19.41 22.02
N SER K 127 0.54 -18.13 22.36
CA SER K 127 -0.75 -17.52 22.70
C SER K 127 -1.54 -17.04 21.49
N GLY K 128 -1.01 -17.18 20.28
CA GLY K 128 -1.75 -16.87 19.08
C GLY K 128 -1.66 -15.44 18.58
N THR K 129 -0.82 -14.60 19.20
CA THR K 129 -0.60 -13.23 18.76
C THR K 129 0.90 -13.00 18.66
N ALA K 130 1.27 -11.91 17.97
CA ALA K 130 2.67 -11.58 17.72
C ALA K 130 2.85 -10.07 17.82
N SER K 131 3.82 -9.63 18.60
CA SER K 131 4.10 -8.22 18.84
C SER K 131 5.55 -7.89 18.54
N VAL K 132 5.80 -7.07 17.54
CA VAL K 132 7.14 -6.60 17.22
C VAL K 132 7.35 -5.22 17.83
N VAL K 133 8.46 -5.04 18.52
CA VAL K 133 8.73 -3.81 19.25
C VAL K 133 10.09 -3.24 18.83
N CYS K 134 10.09 -1.95 18.51
CA CYS K 134 11.30 -1.19 18.22
C CYS K 134 11.57 -0.23 19.37
N LEU K 135 12.80 -0.23 19.87
CA LEU K 135 13.17 0.62 20.99
C LEU K 135 14.19 1.65 20.51
N LEU K 136 13.90 2.92 20.78
CA LEU K 136 14.80 4.04 20.51
C LEU K 136 15.23 4.62 21.84
N ASN K 137 16.53 4.70 22.08
CA ASN K 137 17.03 5.05 23.41
C ASN K 137 18.01 6.22 23.33
N ASN K 138 17.84 7.16 24.27
CA ASN K 138 18.80 8.23 24.56
C ASN K 138 19.02 9.16 23.36
N PHE K 139 17.94 9.84 22.98
CA PHE K 139 17.98 10.81 21.89
C PHE K 139 17.41 12.15 22.35
N TYR K 140 17.71 13.18 21.56
CA TYR K 140 17.20 14.51 21.78
C TYR K 140 17.12 15.21 20.43
N PRO K 141 16.01 15.90 20.10
CA PRO K 141 14.82 16.14 20.93
C PRO K 141 13.78 15.03 20.82
N ARG K 142 12.58 15.25 21.38
CA ARG K 142 11.59 14.18 21.50
C ARG K 142 11.02 13.75 20.16
N GLU K 143 10.96 14.65 19.18
CA GLU K 143 10.31 14.32 17.93
C GLU K 143 11.18 13.38 17.11
N ALA K 144 10.68 12.17 16.89
CA ALA K 144 11.29 11.20 15.99
C ALA K 144 10.14 10.37 15.44
N LYS K 145 10.23 10.04 14.15
CA LYS K 145 9.15 9.33 13.48
C LYS K 145 9.61 7.93 13.10
N VAL K 146 8.82 6.95 13.51
CA VAL K 146 9.08 5.53 13.28
C VAL K 146 8.00 4.96 12.37
N GLN K 147 8.41 4.14 11.41
CA GLN K 147 7.51 3.54 10.45
C GLN K 147 7.85 2.07 10.30
N TRP K 148 6.82 1.22 10.30
CA TRP K 148 7.02 -0.22 10.16
C TRP K 148 6.92 -0.64 8.70
N LYS K 149 7.81 -1.55 8.31
CA LYS K 149 7.83 -2.11 6.96
C LYS K 149 7.85 -3.63 6.98
N VAL K 150 6.99 -4.24 6.19
CA VAL K 150 7.03 -5.69 5.96
C VAL K 150 7.22 -5.87 4.44
N ASP K 151 8.31 -6.56 4.07
CA ASP K 151 8.83 -6.70 2.68
C ASP K 151 8.88 -5.36 1.94
N ASN K 152 9.23 -4.31 2.69
CA ASN K 152 9.20 -2.91 2.26
C ASN K 152 7.82 -2.51 1.72
N ALA K 153 6.78 -3.04 2.32
CA ALA K 153 5.42 -2.55 2.10
C ALA K 153 5.05 -2.03 3.48
N LEU K 154 5.05 -0.70 3.58
CA LEU K 154 4.92 -0.05 4.88
C LEU K 154 3.53 -0.22 5.48
N GLN K 155 3.50 -0.42 6.78
CA GLN K 155 2.27 -0.64 7.52
C GLN K 155 1.72 0.66 8.08
N SER K 156 0.43 0.62 8.42
CA SER K 156 -0.30 1.77 8.90
C SER K 156 -1.51 1.25 9.66
N GLY K 157 -1.73 1.77 10.86
CA GLY K 157 -2.88 1.37 11.64
C GLY K 157 -2.72 0.07 12.39
N ASN K 158 -1.49 -0.38 12.61
CA ASN K 158 -1.25 -1.57 13.41
C ASN K 158 -0.09 -1.38 14.39
N SER K 159 0.34 -0.15 14.63
CA SER K 159 1.45 0.17 15.52
C SER K 159 1.06 1.27 16.49
N GLN K 160 1.47 1.12 17.75
CA GLN K 160 1.19 2.08 18.80
C GLN K 160 2.52 2.51 19.43
N GLU K 161 2.64 3.79 19.76
CA GLU K 161 3.89 4.33 20.28
C GLU K 161 3.71 5.01 21.64
N SER K 162 4.77 4.90 22.44
CA SER K 162 4.86 5.52 23.76
C SER K 162 6.24 6.13 23.93
N VAL K 163 6.29 7.24 24.66
CA VAL K 163 7.53 7.97 24.90
C VAL K 163 7.74 8.14 26.40
N THR K 164 8.98 7.93 26.84
CA THR K 164 9.33 8.16 28.24
C THR K 164 9.33 9.67 28.51
N GLU K 165 9.21 10.05 29.79
CA GLU K 165 9.48 11.42 30.18
C GLU K 165 10.96 11.75 30.02
N GLN K 166 11.25 13.05 29.97
CA GLN K 166 12.63 13.50 29.88
C GLN K 166 13.41 13.09 31.12
N ASP K 167 14.56 12.45 30.90
CA ASP K 167 15.41 11.99 31.97
C ASP K 167 15.98 13.18 32.75
N SER K 168 16.34 12.91 34.00
CA SER K 168 16.91 13.93 34.86
C SER K 168 18.44 13.86 34.88
N LYS K 169 18.99 12.75 34.38
CA LYS K 169 20.43 12.52 34.31
C LYS K 169 21.06 13.11 33.05
N ASP K 170 20.65 12.62 31.88
CA ASP K 170 21.18 13.09 30.60
C ASP K 170 20.19 13.90 29.79
N SER K 171 18.97 14.14 30.32
CA SER K 171 17.90 14.92 29.68
C SER K 171 17.51 14.34 28.33
N THR K 172 17.46 13.01 28.25
CA THR K 172 17.15 12.31 27.02
C THR K 172 15.74 11.73 27.06
N TYR K 173 15.31 11.26 25.89
CA TYR K 173 14.01 10.62 25.71
C TYR K 173 14.21 9.18 25.25
N SER K 174 13.15 8.39 25.37
CA SER K 174 13.11 7.05 24.84
C SER K 174 11.73 6.78 24.26
N LEU K 175 11.70 6.12 23.10
CA LEU K 175 10.45 5.87 22.37
C LEU K 175 10.35 4.40 22.04
N SER K 176 9.14 3.85 22.15
CA SER K 176 8.88 2.46 21.82
C SER K 176 7.68 2.37 20.88
N SER K 177 7.91 1.92 19.66
CA SER K 177 6.84 1.66 18.70
C SER K 177 6.61 0.15 18.65
N THR K 178 5.35 -0.26 18.77
CA THR K 178 5.00 -1.66 18.96
C THR K 178 4.03 -2.08 17.86
N LEU K 179 4.50 -2.92 16.94
CA LEU K 179 3.67 -3.43 15.86
C LEU K 179 3.06 -4.78 16.27
N THR K 180 1.73 -4.88 16.19
CA THR K 180 1.01 -6.04 16.69
C THR K 180 0.24 -6.71 15.56
N LEU K 181 0.48 -8.01 15.37
CA LEU K 181 -0.20 -8.83 14.37
C LEU K 181 -0.68 -10.13 15.01
N SER K 182 -1.40 -10.92 14.22
CA SER K 182 -1.72 -12.30 14.55
C SER K 182 -0.57 -13.21 14.11
N LYS K 183 -0.68 -14.50 14.46
CA LYS K 183 0.42 -15.44 14.23
C LYS K 183 0.67 -15.73 12.75
N ALA K 184 -0.40 -15.92 11.95
CA ALA K 184 -0.19 -16.16 10.52
C ALA K 184 0.27 -14.90 9.79
N ASP K 185 -0.14 -13.72 10.28
CA ASP K 185 0.37 -12.48 9.72
C ASP K 185 1.88 -12.36 9.94
N TYR K 186 2.37 -12.86 11.08
CA TYR K 186 3.79 -12.83 11.33
C TYR K 186 4.52 -13.90 10.52
N GLU K 187 3.93 -15.10 10.43
CA GLU K 187 4.54 -16.24 9.76
C GLU K 187 4.36 -16.24 8.24
N LYS K 188 3.77 -15.19 7.66
CA LYS K 188 3.69 -15.12 6.21
C LYS K 188 4.88 -14.37 5.60
N HIS K 189 5.58 -13.57 6.40
CA HIS K 189 6.66 -12.75 5.90
C HIS K 189 7.97 -13.13 6.58
N LYS K 190 9.07 -12.67 5.99
CA LYS K 190 10.40 -12.91 6.53
C LYS K 190 10.99 -11.65 7.14
N VAL K 191 11.08 -10.56 6.38
CA VAL K 191 11.82 -9.38 6.81
C VAL K 191 10.87 -8.43 7.54
N TYR K 192 11.30 -7.98 8.72
CA TYR K 192 10.55 -7.05 9.55
C TYR K 192 11.48 -5.93 9.96
N ALA K 193 11.22 -4.72 9.48
CA ALA K 193 12.17 -3.63 9.58
C ALA K 193 11.56 -2.43 10.29
N CYS K 194 12.41 -1.67 10.97
CA CYS K 194 12.03 -0.49 11.74
C CYS K 194 12.92 0.67 11.30
N GLU K 195 12.33 1.64 10.60
CA GLU K 195 13.05 2.79 10.09
C GLU K 195 12.80 4.01 10.98
N VAL K 196 13.87 4.74 11.29
CA VAL K 196 13.80 5.88 12.18
C VAL K 196 14.42 7.09 11.46
N THR K 197 13.73 8.22 11.51
CA THR K 197 14.30 9.47 11.02
C THR K 197 14.36 10.46 12.19
N HIS K 198 15.56 10.93 12.49
CA HIS K 198 15.81 11.89 13.56
C HIS K 198 16.66 13.02 12.99
N GLN K 199 16.53 14.21 13.61
CA GLN K 199 17.26 15.38 13.13
C GLN K 199 18.76 15.26 13.37
N GLY K 200 19.18 14.52 14.40
CA GLY K 200 20.58 14.27 14.61
C GLY K 200 21.03 12.98 13.95
N LEU K 201 20.49 12.72 12.77
CA LEU K 201 20.73 11.49 12.04
C LEU K 201 20.65 11.82 10.55
N SER K 202 21.79 11.78 9.86
CA SER K 202 21.83 12.13 8.44
C SER K 202 21.09 11.08 7.61
N SER K 203 21.56 9.83 7.66
CA SER K 203 20.81 8.83 6.93
C SER K 203 19.90 8.07 7.88
N PRO K 204 18.68 7.78 7.43
CA PRO K 204 17.72 7.06 8.28
C PRO K 204 18.19 5.65 8.62
N VAL K 205 18.27 5.37 9.93
CA VAL K 205 18.73 4.07 10.40
C VAL K 205 17.60 3.07 10.24
N THR K 206 17.91 1.93 9.62
CA THR K 206 16.96 0.85 9.42
C THR K 206 17.47 -0.36 10.17
N LYS K 207 16.75 -0.76 11.21
CA LYS K 207 17.08 -1.96 11.96
C LYS K 207 16.06 -3.04 11.61
N SER K 208 16.53 -4.25 11.35
CA SER K 208 15.65 -5.29 10.84
C SER K 208 16.12 -6.66 11.29
N PHE K 209 15.25 -7.65 11.09
CA PHE K 209 15.56 -9.05 11.32
C PHE K 209 14.71 -9.87 10.35
N ASN K 210 15.12 -11.12 10.14
CA ASN K 210 14.49 -11.94 9.10
C ASN K 210 14.14 -13.33 9.61
N ARG K 211 13.59 -13.44 10.81
CA ARG K 211 13.07 -14.71 11.30
C ARG K 211 11.72 -14.54 11.98
N GLN L 1 3.46 19.99 57.61
CA GLN L 1 2.17 20.03 58.30
C GLN L 1 0.98 19.42 57.50
N VAL L 2 0.37 20.16 56.58
CA VAL L 2 -0.83 19.70 55.88
C VAL L 2 -0.47 18.69 54.80
N GLN L 3 -1.21 17.58 54.79
CA GLN L 3 -1.13 16.58 53.74
C GLN L 3 -2.53 16.01 53.52
N LEU L 4 -2.90 15.84 52.24
CA LEU L 4 -4.18 15.28 51.84
C LEU L 4 -3.95 13.94 51.17
N VAL L 5 -4.51 12.88 51.76
CA VAL L 5 -4.38 11.53 51.24
C VAL L 5 -5.72 11.12 50.66
N GLN L 6 -5.74 10.75 49.39
CA GLN L 6 -6.96 10.37 48.71
C GLN L 6 -7.13 8.86 48.68
N SER L 7 -8.31 8.45 48.20
CA SER L 7 -8.60 7.05 47.92
C SER L 7 -7.71 6.53 46.80
N GLY L 8 -7.60 5.20 46.74
CA GLY L 8 -6.84 4.55 45.69
C GLY L 8 -7.58 4.56 44.37
N PRO L 9 -6.92 4.13 43.30
CA PRO L 9 -7.54 4.18 41.97
C PRO L 9 -8.61 3.09 41.81
N GLU L 10 -9.66 3.44 41.08
CA GLU L 10 -10.81 2.56 40.88
C GLU L 10 -11.11 2.47 39.39
N ALA L 11 -11.93 1.48 39.03
CA ALA L 11 -12.34 1.27 37.65
C ALA L 11 -13.80 0.83 37.63
N LYS L 12 -14.67 1.66 37.05
CA LYS L 12 -16.10 1.41 36.98
C LYS L 12 -16.56 1.27 35.53
N LYS L 13 -17.66 0.55 35.37
CA LYS L 13 -18.31 0.37 34.09
C LYS L 13 -19.12 1.62 33.73
N PRO L 14 -19.39 1.83 32.44
CA PRO L 14 -20.21 3.00 32.04
C PRO L 14 -21.64 2.88 32.54
N GLY L 15 -22.11 3.96 33.18
CA GLY L 15 -23.42 4.01 33.80
C GLY L 15 -23.40 3.94 35.31
N ALA L 16 -22.32 3.41 35.90
CA ALA L 16 -22.22 3.27 37.34
C ALA L 16 -21.76 4.58 37.98
N SER L 17 -21.43 4.55 39.27
CA SER L 17 -20.94 5.70 40.00
C SER L 17 -19.65 5.34 40.72
N VAL L 18 -18.91 6.37 41.12
CA VAL L 18 -17.66 6.21 41.85
C VAL L 18 -17.69 7.18 43.04
N LYS L 19 -17.20 6.73 44.19
CA LYS L 19 -17.10 7.56 45.39
C LYS L 19 -15.61 7.73 45.70
N VAL L 20 -15.06 8.86 45.31
CA VAL L 20 -13.68 9.20 45.59
C VAL L 20 -13.61 9.91 46.95
N SER L 21 -12.66 9.52 47.77
CA SER L 21 -12.48 10.09 49.10
C SER L 21 -11.15 10.83 49.17
N CYS L 22 -11.01 11.63 50.21
CA CYS L 22 -9.83 12.45 50.43
C CYS L 22 -9.79 12.83 51.91
N GLN L 23 -8.76 12.39 52.62
CA GLN L 23 -8.69 12.53 54.06
C GLN L 23 -7.67 13.62 54.40
N ALA L 24 -8.11 14.61 55.17
CA ALA L 24 -7.28 15.75 55.51
C ALA L 24 -6.67 15.54 56.88
N SER L 25 -5.37 15.86 57.00
CA SER L 25 -4.66 15.75 58.27
C SER L 25 -3.69 16.91 58.39
N GLY L 26 -3.51 17.39 59.63
CA GLY L 26 -2.52 18.40 59.93
C GLY L 26 -3.05 19.80 60.11
N TYR L 27 -4.36 19.98 60.11
CA TYR L 27 -5.00 21.28 60.23
C TYR L 27 -6.45 21.07 60.65
N PRO L 28 -7.10 22.09 61.22
CA PRO L 28 -8.54 21.95 61.53
C PRO L 28 -9.37 21.75 60.27
N PHE L 29 -10.01 20.58 60.18
CA PHE L 29 -10.70 20.15 58.98
C PHE L 29 -11.86 21.07 58.65
N SER L 30 -12.68 21.37 59.65
CA SER L 30 -13.65 22.46 59.51
C SER L 30 -12.93 23.80 59.44
N GLY L 31 -13.45 24.69 58.60
CA GLY L 31 -12.89 26.02 58.45
C GLY L 31 -11.97 26.22 57.27
N TYR L 32 -11.79 25.21 56.43
CA TYR L 32 -11.14 25.36 55.14
C TYR L 32 -11.97 24.62 54.11
N TYR L 33 -12.32 25.31 53.03
CA TYR L 33 -13.18 24.70 52.02
C TYR L 33 -12.40 23.66 51.24
N MET L 34 -13.06 22.56 50.91
CA MET L 34 -12.43 21.47 50.18
C MET L 34 -12.95 21.51 48.76
N HIS L 35 -12.08 21.82 47.81
CA HIS L 35 -12.42 21.87 46.40
C HIS L 35 -12.04 20.55 45.74
N TRP L 36 -12.86 20.11 44.80
CA TRP L 36 -12.58 18.92 43.99
C TRP L 36 -12.36 19.32 42.54
N LEU L 37 -11.28 18.83 41.95
CA LEU L 37 -10.91 19.13 40.58
C LEU L 37 -10.56 17.83 39.87
N ARG L 38 -10.50 17.89 38.54
CA ARG L 38 -10.17 16.69 37.76
C ARG L 38 -9.43 17.10 36.50
N GLN L 39 -8.68 16.14 35.95
CA GLN L 39 -7.89 16.36 34.74
C GLN L 39 -8.11 15.20 33.78
N ALA L 40 -8.86 15.45 32.71
CA ALA L 40 -8.97 14.50 31.62
C ALA L 40 -7.61 14.30 30.95
N PRO L 41 -7.35 13.13 30.36
CA PRO L 41 -5.98 12.81 29.89
C PRO L 41 -5.52 13.73 28.76
N GLY L 42 -4.48 14.50 29.05
CA GLY L 42 -3.96 15.50 28.12
C GLY L 42 -4.93 16.61 27.78
N GLN L 43 -5.67 17.11 28.77
CA GLN L 43 -6.70 18.12 28.53
C GLN L 43 -6.71 19.28 29.51
N GLY L 44 -5.86 19.27 30.53
CA GLY L 44 -5.91 20.31 31.54
C GLY L 44 -6.97 20.07 32.58
N LEU L 45 -7.01 20.97 33.56
CA LEU L 45 -7.81 20.79 34.76
C LEU L 45 -9.23 21.32 34.59
N GLU L 46 -10.19 20.58 35.14
CA GLU L 46 -11.58 21.03 35.28
C GLU L 46 -11.92 21.16 36.75
N TRP L 47 -12.59 22.24 37.12
CA TRP L 47 -13.12 22.41 38.46
C TRP L 47 -14.52 21.84 38.54
N MET L 48 -14.84 21.20 39.65
CA MET L 48 -16.13 20.53 39.85
C MET L 48 -16.97 21.14 40.96
N GLY L 49 -16.39 21.45 42.11
CA GLY L 49 -17.14 22.06 43.18
C GLY L 49 -16.30 22.21 44.42
N TRP L 50 -16.84 22.96 45.37
CA TRP L 50 -16.26 23.11 46.70
C TRP L 50 -17.28 22.72 47.75
N MET L 51 -16.79 22.23 48.89
CA MET L 51 -17.64 21.82 49.99
C MET L 51 -17.20 22.53 51.26
N ASN L 52 -18.15 23.12 51.97
CA ASN L 52 -17.92 23.65 53.30
C ASN L 52 -18.02 22.49 54.29
N PRO L 53 -16.90 22.09 54.91
CA PRO L 53 -16.96 20.99 55.88
C PRO L 53 -17.57 21.37 57.21
N ASN L 54 -17.78 22.67 57.45
CA ASN L 54 -18.44 23.12 58.67
C ASN L 54 -19.95 23.02 58.59
N SER L 55 -20.51 23.23 57.40
CA SER L 55 -21.96 23.21 57.21
C SER L 55 -22.46 22.05 56.38
N GLY L 56 -21.62 21.48 55.51
CA GLY L 56 -22.10 20.56 54.50
C GLY L 56 -22.65 21.23 53.26
N GLY L 57 -22.66 22.56 53.23
CA GLY L 57 -23.13 23.25 52.05
C GLY L 57 -22.11 23.18 50.93
N THR L 58 -22.62 23.15 49.71
CA THR L 58 -21.80 22.96 48.52
C THR L 58 -22.19 23.96 47.44
N LYS L 59 -21.29 24.11 46.47
CA LYS L 59 -21.62 24.73 45.20
C LYS L 59 -20.96 23.90 44.11
N TYR L 60 -21.78 23.21 43.32
CA TYR L 60 -21.26 22.44 42.21
C TYR L 60 -21.26 23.31 40.95
N ALA L 61 -20.40 22.95 40.01
CA ALA L 61 -20.45 23.56 38.69
C ALA L 61 -21.75 23.18 38.00
N GLN L 62 -22.20 24.07 37.10
CA GLN L 62 -23.44 23.87 36.36
C GLN L 62 -23.41 22.63 35.48
N ARG L 63 -22.21 22.18 35.10
CA ARG L 63 -22.04 20.97 34.32
C ARG L 63 -22.30 19.70 35.15
N PHE L 64 -22.14 19.76 36.47
CA PHE L 64 -22.10 18.55 37.29
C PHE L 64 -23.18 18.43 38.35
N GLN L 65 -24.10 19.40 38.48
CA GLN L 65 -24.95 19.46 39.67
C GLN L 65 -25.97 18.34 39.72
N GLY L 66 -26.43 17.86 38.56
CA GLY L 66 -27.29 16.69 38.55
C GLY L 66 -26.59 15.38 38.86
N ARG L 67 -25.25 15.36 38.77
CA ARG L 67 -24.51 14.10 38.85
C ARG L 67 -23.61 13.95 40.07
N VAL L 68 -23.17 15.05 40.68
CA VAL L 68 -22.13 14.96 41.71
C VAL L 68 -22.74 15.31 43.06
N THR L 69 -22.20 14.69 44.11
CA THR L 69 -22.57 14.96 45.49
C THR L 69 -21.29 14.88 46.33
N MET L 70 -21.00 15.95 47.07
CA MET L 70 -19.81 16.04 47.88
C MET L 70 -20.21 16.06 49.36
N THR L 71 -19.75 15.05 50.11
CA THR L 71 -20.14 14.83 51.48
C THR L 71 -18.92 14.84 52.40
N ARG L 72 -19.16 15.09 53.69
CA ARG L 72 -18.11 15.19 54.69
C ARG L 72 -18.23 14.08 55.73
N ASP L 73 -17.11 13.80 56.39
CA ASP L 73 -17.07 12.94 57.59
C ASP L 73 -16.06 13.61 58.54
N THR L 74 -16.58 14.42 59.46
CA THR L 74 -15.76 15.35 60.21
C THR L 74 -14.85 14.65 61.23
N SER L 75 -15.30 13.52 61.80
CA SER L 75 -14.54 12.89 62.87
C SER L 75 -13.31 12.16 62.35
N ILE L 76 -13.37 11.62 61.14
CA ILE L 76 -12.21 11.02 60.49
C ILE L 76 -11.56 12.01 59.53
N SER L 77 -12.11 13.23 59.42
CA SER L 77 -11.57 14.34 58.63
C SER L 77 -11.38 13.99 57.15
N THR L 78 -12.43 13.41 56.57
CA THR L 78 -12.41 12.94 55.19
C THR L 78 -13.52 13.59 54.38
N ALA L 79 -13.14 14.15 53.24
CA ALA L 79 -14.08 14.69 52.28
C ALA L 79 -14.34 13.65 51.20
N HIS L 80 -15.61 13.46 50.86
CA HIS L 80 -15.98 12.54 49.80
C HIS L 80 -16.54 13.30 48.61
N MET L 81 -16.43 12.65 47.46
CA MET L 81 -17.06 13.12 46.23
C MET L 81 -17.60 11.92 45.47
N GLU L 82 -18.87 11.97 45.10
CA GLU L 82 -19.55 10.86 44.45
C GLU L 82 -20.12 11.34 43.12
N LEU L 83 -19.51 10.89 42.02
CA LEU L 83 -19.93 11.25 40.67
C LEU L 83 -20.73 10.08 40.09
N ARG L 84 -21.98 10.36 39.71
CA ARG L 84 -22.88 9.35 39.17
C ARG L 84 -22.99 9.49 37.65
N GLY L 85 -23.56 8.45 37.03
CA GLY L 85 -23.78 8.41 35.60
C GLY L 85 -22.49 8.44 34.79
N LEU L 86 -21.53 7.58 35.14
CA LEU L 86 -20.21 7.64 34.54
C LEU L 86 -20.23 7.29 33.07
N ARG L 87 -19.63 8.16 32.26
CA ARG L 87 -19.41 8.00 30.84
C ARG L 87 -17.92 7.84 30.58
N SER L 88 -17.58 7.54 29.32
CA SER L 88 -16.17 7.46 28.93
C SER L 88 -15.50 8.84 28.97
N ASP L 89 -16.28 9.92 28.96
CA ASP L 89 -15.75 11.27 29.17
C ASP L 89 -15.18 11.44 30.58
N ASP L 90 -15.71 10.71 31.56
CA ASP L 90 -15.35 10.92 32.96
C ASP L 90 -14.05 10.24 33.38
N THR L 91 -13.35 9.56 32.47
CA THR L 91 -12.04 8.98 32.78
C THR L 91 -11.04 10.11 33.00
N ALA L 92 -10.58 10.27 34.24
CA ALA L 92 -9.73 11.40 34.60
C ALA L 92 -9.00 11.07 35.90
N VAL L 93 -8.02 11.92 36.22
CA VAL L 93 -7.36 11.91 37.53
C VAL L 93 -8.02 12.98 38.39
N TYR L 94 -8.48 12.58 39.57
CA TYR L 94 -9.32 13.44 40.41
C TYR L 94 -8.54 13.92 41.63
N TYR L 95 -8.60 15.23 41.88
CA TYR L 95 -7.83 15.88 42.94
C TYR L 95 -8.75 16.59 43.94
N CYS L 96 -8.43 16.45 45.22
CA CYS L 96 -8.96 17.33 46.25
C CYS L 96 -7.92 18.39 46.59
N ALA L 97 -8.39 19.55 47.01
CA ALA L 97 -7.49 20.67 47.28
C ALA L 97 -8.09 21.53 48.38
N ARG L 98 -7.21 22.18 49.15
CA ARG L 98 -7.61 23.03 50.26
C ARG L 98 -7.65 24.48 49.81
N ASP L 99 -8.79 25.14 50.02
CA ASP L 99 -8.92 26.57 49.79
C ASP L 99 -8.39 27.28 51.03
N TYR L 100 -7.22 27.90 50.92
CA TYR L 100 -6.59 28.55 52.05
C TYR L 100 -7.31 29.82 52.47
N CYS L 101 -7.92 30.54 51.51
CA CYS L 101 -8.50 31.85 51.79
C CYS L 101 -9.86 31.79 52.47
N THR L 102 -10.43 30.60 52.67
CA THR L 102 -11.60 30.45 53.52
C THR L 102 -11.23 30.20 54.98
N GLY L 103 -9.98 30.46 55.36
CA GLY L 103 -9.52 30.30 56.72
C GLY L 103 -8.51 31.38 57.03
N SER L 104 -8.37 32.32 56.10
CA SER L 104 -7.49 33.47 56.27
C SER L 104 -8.19 34.68 55.67
N SER L 105 -7.46 35.80 55.60
CA SER L 105 -8.04 37.09 55.25
C SER L 105 -7.91 37.44 53.77
N CYS L 106 -7.62 36.46 52.92
CA CYS L 106 -7.52 36.74 51.50
C CYS L 106 -8.83 36.43 50.79
N TYR L 107 -8.96 36.96 49.58
CA TYR L 107 -10.20 36.97 48.81
C TYR L 107 -10.13 36.09 47.58
N ARG L 108 -8.98 35.50 47.29
CA ARG L 108 -8.80 34.60 46.16
C ARG L 108 -9.31 33.21 46.53
N THR L 109 -9.03 32.23 45.69
CA THR L 109 -9.12 30.81 46.06
C THR L 109 -7.77 30.18 45.71
N ASP L 110 -6.96 29.91 46.73
CA ASP L 110 -5.62 29.37 46.53
C ASP L 110 -5.55 27.93 47.00
N TYR L 111 -5.08 27.04 46.11
CA TYR L 111 -4.89 25.63 46.43
C TYR L 111 -3.42 25.43 46.78
N ASP L 112 -3.09 25.66 48.05
CA ASP L 112 -1.71 25.50 48.49
C ASP L 112 -1.35 24.02 48.65
N TYR L 113 -2.29 23.21 49.12
CA TYR L 113 -2.08 21.78 49.33
C TYR L 113 -3.07 20.99 48.49
N TRP L 114 -2.56 19.97 47.81
CA TRP L 114 -3.37 19.11 46.96
C TRP L 114 -3.35 17.68 47.47
N GLY L 115 -4.32 16.91 47.02
CA GLY L 115 -4.29 15.47 47.22
C GLY L 115 -3.39 14.75 46.23
N GLN L 116 -3.24 13.46 46.45
CA GLN L 116 -2.32 12.65 45.67
C GLN L 116 -2.82 12.34 44.27
N GLY L 117 -4.11 12.56 43.98
CA GLY L 117 -4.66 12.23 42.69
C GLY L 117 -5.33 10.87 42.76
N THR L 118 -6.44 10.69 42.05
CA THR L 118 -7.12 9.40 42.01
C THR L 118 -7.48 9.06 40.57
N LEU L 119 -6.94 7.96 40.08
CA LEU L 119 -7.24 7.52 38.72
C LEU L 119 -8.60 6.84 38.72
N VAL L 120 -9.52 7.35 37.91
CA VAL L 120 -10.84 6.77 37.74
C VAL L 120 -10.95 6.40 36.27
N THR L 121 -11.01 5.11 35.99
CA THR L 121 -11.09 4.60 34.64
C THR L 121 -12.51 4.13 34.35
N VAL L 122 -13.11 4.67 33.30
CA VAL L 122 -14.45 4.26 32.87
C VAL L 122 -14.29 3.54 31.54
N SER L 123 -14.48 2.23 31.55
CA SER L 123 -14.40 1.42 30.35
C SER L 123 -15.34 0.24 30.51
N SER L 124 -15.77 -0.31 29.36
CA SER L 124 -16.68 -1.44 29.37
C SER L 124 -15.96 -2.78 29.57
N ALA L 125 -14.63 -2.79 29.54
CA ALA L 125 -13.87 -4.01 29.73
C ALA L 125 -13.81 -4.41 31.20
N SER L 126 -13.93 -5.71 31.46
CA SER L 126 -13.77 -6.24 32.80
C SER L 126 -12.28 -6.32 33.13
N THR L 127 -11.96 -6.48 34.41
CA THR L 127 -10.57 -6.55 34.83
C THR L 127 -9.94 -7.88 34.39
N LYS L 128 -8.77 -7.77 33.76
CA LYS L 128 -8.05 -8.93 33.24
C LYS L 128 -6.58 -8.81 33.61
N GLY L 129 -5.99 -9.93 34.06
CA GLY L 129 -4.61 -9.97 34.48
C GLY L 129 -3.61 -9.96 33.34
N PRO L 130 -2.44 -9.36 33.58
CA PRO L 130 -1.48 -9.16 32.48
C PRO L 130 -0.77 -10.44 32.09
N SER L 131 -0.35 -10.50 30.83
CA SER L 131 0.50 -11.56 30.31
C SER L 131 1.92 -11.05 30.20
N VAL L 132 2.86 -11.74 30.85
CA VAL L 132 4.24 -11.25 30.97
C VAL L 132 5.11 -12.11 30.07
N PHE L 133 5.78 -11.49 29.11
CA PHE L 133 6.61 -12.22 28.17
C PHE L 133 7.98 -11.57 28.06
N PRO L 134 9.05 -12.36 27.95
CA PRO L 134 10.40 -11.77 27.88
C PRO L 134 10.69 -11.13 26.53
N LEU L 135 11.55 -10.12 26.56
CA LEU L 135 12.06 -9.45 25.36
C LEU L 135 13.57 -9.66 25.34
N ALA L 136 14.01 -10.69 24.61
CA ALA L 136 15.38 -11.21 24.74
C ALA L 136 16.39 -10.28 24.08
N PRO L 137 17.56 -10.11 24.69
CA PRO L 137 18.65 -9.36 24.05
C PRO L 137 19.29 -10.15 22.92
N SER L 138 19.96 -9.41 22.04
CA SER L 138 20.63 -10.01 20.88
C SER L 138 21.92 -9.24 20.66
N SER L 139 22.53 -9.44 19.49
CA SER L 139 23.73 -8.66 19.15
C SER L 139 23.38 -7.28 18.61
N LYS L 140 22.65 -6.49 19.40
CA LYS L 140 22.22 -5.15 18.98
C LYS L 140 22.62 -4.20 20.08
N SER L 141 23.75 -3.52 19.87
CA SER L 141 24.31 -2.62 20.88
C SER L 141 25.04 -1.50 20.14
N THR L 142 24.45 -0.30 20.14
CA THR L 142 25.10 0.85 19.52
C THR L 142 26.31 1.33 20.32
N SER L 143 26.38 1.02 21.61
CA SER L 143 27.51 1.44 22.43
C SER L 143 28.58 0.36 22.58
N GLY L 144 28.56 -0.68 21.77
CA GLY L 144 29.57 -1.72 21.88
C GLY L 144 29.11 -2.88 22.76
N GLY L 145 29.68 -2.97 23.97
CA GLY L 145 29.29 -4.03 24.87
C GLY L 145 28.18 -3.64 25.83
N THR L 146 26.99 -3.28 25.32
CA THR L 146 25.86 -2.82 26.15
C THR L 146 24.56 -3.43 25.62
N ALA L 147 24.12 -4.53 26.21
CA ALA L 147 22.89 -5.15 25.75
C ALA L 147 21.66 -4.56 26.44
N ALA L 148 20.51 -4.69 25.77
CA ALA L 148 19.22 -4.26 26.28
C ALA L 148 18.30 -5.47 26.32
N LEU L 149 17.58 -5.65 27.43
CA LEU L 149 16.66 -6.76 27.61
C LEU L 149 15.38 -6.24 28.23
N GLY L 150 14.32 -7.04 28.16
CA GLY L 150 13.08 -6.49 28.63
C GLY L 150 12.00 -7.47 29.03
N CYS L 151 10.82 -6.91 29.34
CA CYS L 151 9.64 -7.62 29.80
C CYS L 151 8.42 -6.83 29.33
N LEU L 152 7.57 -7.47 28.53
CA LEU L 152 6.41 -6.82 27.93
C LEU L 152 5.16 -7.36 28.58
N VAL L 153 4.39 -6.48 29.23
CA VAL L 153 3.14 -6.87 29.88
C VAL L 153 1.99 -6.40 28.98
N LYS L 154 1.31 -7.35 28.35
CA LYS L 154 0.34 -7.06 27.31
C LYS L 154 -1.07 -7.38 27.80
N ASP L 155 -2.02 -6.52 27.42
CA ASP L 155 -3.45 -6.74 27.58
C ASP L 155 -3.83 -6.91 29.06
N TYR L 156 -3.72 -5.80 29.80
CA TYR L 156 -4.21 -5.80 31.17
C TYR L 156 -5.20 -4.67 31.37
N PHE L 157 -6.03 -4.84 32.42
CA PHE L 157 -7.01 -3.85 32.82
C PHE L 157 -7.32 -4.06 34.28
N PRO L 158 -7.40 -3.01 35.10
CA PRO L 158 -7.13 -1.61 34.74
C PRO L 158 -5.70 -1.19 34.99
N GLU L 159 -5.40 0.07 34.74
CA GLU L 159 -4.11 0.68 35.01
C GLU L 159 -3.95 0.98 36.50
N PRO L 160 -2.71 0.98 37.01
CA PRO L 160 -1.45 0.60 36.37
C PRO L 160 -0.93 -0.74 36.89
N VAL L 161 0.15 -1.24 36.31
CA VAL L 161 0.93 -2.31 36.90
C VAL L 161 2.30 -1.74 37.24
N THR L 162 2.86 -2.17 38.36
CA THR L 162 4.18 -1.73 38.78
C THR L 162 5.20 -2.83 38.52
N VAL L 163 6.34 -2.42 37.97
CA VAL L 163 7.39 -3.34 37.58
C VAL L 163 8.66 -3.02 38.36
N SER L 164 9.37 -4.07 38.76
CA SER L 164 10.69 -3.93 39.35
C SER L 164 11.57 -5.06 38.83
N TRP L 165 12.87 -4.84 38.89
CA TRP L 165 13.86 -5.76 38.32
C TRP L 165 14.77 -6.26 39.42
N ASN L 166 14.90 -7.60 39.49
CA ASN L 166 15.70 -8.33 40.48
C ASN L 166 15.24 -8.00 41.91
N SER L 167 13.92 -8.06 42.12
CA SER L 167 13.26 -7.74 43.41
C SER L 167 13.59 -6.31 43.85
N GLY L 168 13.81 -5.43 42.87
CA GLY L 168 14.22 -4.06 43.09
C GLY L 168 15.71 -3.85 43.20
N ALA L 169 16.53 -4.89 43.02
CA ALA L 169 17.98 -4.75 43.06
C ALA L 169 18.57 -4.45 41.68
N LEU L 170 17.74 -4.02 40.74
CA LEU L 170 18.19 -3.57 39.42
C LEU L 170 17.31 -2.37 39.07
N THR L 171 17.79 -1.19 39.45
CA THR L 171 17.14 0.07 39.16
C THR L 171 17.97 0.95 38.23
N SER L 172 19.21 0.56 37.95
CA SER L 172 20.13 1.39 37.19
C SER L 172 19.98 1.09 35.71
N GLY L 173 19.75 2.13 34.92
CA GLY L 173 19.54 1.96 33.49
C GLY L 173 18.21 1.36 33.12
N VAL L 174 17.20 1.49 33.97
CA VAL L 174 15.87 0.92 33.72
C VAL L 174 14.95 2.02 33.24
N HIS L 175 14.25 1.77 32.13
CA HIS L 175 13.22 2.68 31.61
C HIS L 175 11.91 1.92 31.46
N THR L 176 10.90 2.33 32.23
CA THR L 176 9.55 1.78 32.10
C THR L 176 8.69 2.76 31.31
N PHE L 177 8.09 2.26 30.19
CA PHE L 177 7.36 3.12 29.26
C PHE L 177 5.90 3.27 29.68
N PRO L 178 5.28 4.41 29.38
CA PRO L 178 3.83 4.56 29.62
C PRO L 178 2.99 3.61 28.80
N ALA L 179 1.93 3.09 29.42
CA ALA L 179 1.02 2.20 28.73
C ALA L 179 0.16 2.96 27.73
N VAL L 180 -0.17 2.29 26.63
CA VAL L 180 -0.98 2.86 25.56
C VAL L 180 -2.28 2.04 25.44
N LEU L 181 -3.41 2.73 25.39
CA LEU L 181 -4.69 2.04 25.21
C LEU L 181 -4.82 1.48 23.80
N GLN L 182 -5.27 0.23 23.71
CA GLN L 182 -5.34 -0.49 22.45
C GLN L 182 -6.77 -0.51 21.91
N SER L 183 -6.92 -1.10 20.73
CA SER L 183 -8.25 -1.30 20.14
C SER L 183 -9.07 -2.33 20.90
N SER L 184 -8.42 -3.25 21.62
CA SER L 184 -9.13 -4.23 22.43
C SER L 184 -9.75 -3.60 23.68
N GLY L 185 -9.29 -2.41 24.08
CA GLY L 185 -9.70 -1.80 25.32
C GLY L 185 -8.77 -2.06 26.48
N LEU L 186 -7.67 -2.77 26.25
CA LEU L 186 -6.75 -3.19 27.30
C LEU L 186 -5.42 -2.47 27.11
N TYR L 187 -4.70 -2.28 28.22
CA TYR L 187 -3.45 -1.54 28.23
C TYR L 187 -2.26 -2.47 27.98
N SER L 188 -1.16 -1.88 27.50
CA SER L 188 0.10 -2.61 27.36
C SER L 188 1.27 -1.65 27.52
N LEU L 189 2.25 -2.06 28.30
CA LEU L 189 3.51 -1.34 28.44
C LEU L 189 4.64 -2.35 28.43
N SER L 190 5.87 -1.84 28.41
CA SER L 190 7.07 -2.66 28.45
C SER L 190 8.07 -2.06 29.43
N SER L 191 8.88 -2.94 30.02
CA SER L 191 9.96 -2.57 30.92
C SER L 191 11.26 -3.02 30.30
N VAL L 192 12.21 -2.10 30.13
CA VAL L 192 13.49 -2.41 29.52
C VAL L 192 14.61 -1.97 30.46
N VAL L 193 15.78 -2.62 30.32
CA VAL L 193 16.98 -2.32 31.11
C VAL L 193 18.19 -2.39 30.18
N THR L 194 19.10 -1.42 30.28
CA THR L 194 20.39 -1.48 29.59
C THR L 194 21.41 -2.06 30.57
N VAL L 195 22.13 -3.10 30.14
CA VAL L 195 23.08 -3.81 31.00
C VAL L 195 24.36 -4.12 30.21
N PRO L 196 25.50 -4.47 30.85
CA PRO L 196 26.68 -4.88 30.07
C PRO L 196 26.49 -6.17 29.28
N SER L 197 27.12 -6.22 28.09
CA SER L 197 27.08 -7.43 27.27
C SER L 197 27.98 -8.52 27.82
N SER L 198 28.99 -8.18 28.62
CA SER L 198 29.79 -9.20 29.29
C SER L 198 29.01 -9.90 30.39
N SER L 199 27.99 -9.22 30.94
CA SER L 199 27.18 -9.77 32.03
C SER L 199 26.05 -10.64 31.53
N LEU L 200 25.92 -10.81 30.21
CA LEU L 200 24.88 -11.65 29.63
C LEU L 200 25.16 -13.12 29.86
N GLY L 201 24.29 -13.79 30.61
CA GLY L 201 24.45 -15.19 30.93
C GLY L 201 25.07 -15.41 32.29
N THR L 202 25.95 -14.49 32.71
CA THR L 202 26.51 -14.58 34.05
C THR L 202 25.56 -14.05 35.12
N GLN L 203 24.80 -13.00 34.83
CA GLN L 203 23.86 -12.43 35.77
C GLN L 203 22.43 -12.80 35.39
N THR L 204 21.65 -13.24 36.38
CA THR L 204 20.26 -13.62 36.18
C THR L 204 19.35 -12.40 36.33
N TYR L 205 18.39 -12.28 35.41
CA TYR L 205 17.47 -11.15 35.36
C TYR L 205 16.05 -11.63 35.57
N ILE L 206 15.37 -11.08 36.57
CA ILE L 206 13.98 -11.39 36.86
C ILE L 206 13.22 -10.08 36.95
N CYS L 207 12.13 -9.96 36.20
CA CYS L 207 11.25 -8.80 36.28
C CYS L 207 10.06 -9.15 37.17
N ASN L 208 9.73 -8.25 38.09
CA ASN L 208 8.66 -8.47 39.07
C ASN L 208 7.47 -7.61 38.70
N VAL L 209 6.41 -8.23 38.22
CA VAL L 209 5.18 -7.54 37.83
C VAL L 209 4.10 -7.87 38.85
N ASN L 210 3.38 -6.84 39.29
CA ASN L 210 2.33 -7.00 40.28
C ASN L 210 1.10 -6.25 39.80
N HIS L 211 -0.03 -6.94 39.71
CA HIS L 211 -1.30 -6.33 39.32
C HIS L 211 -2.29 -6.56 40.47
N LYS L 212 -2.45 -5.53 41.30
CA LYS L 212 -3.28 -5.56 42.51
C LYS L 212 -4.79 -5.74 42.25
N PRO L 213 -5.43 -5.10 41.24
CA PRO L 213 -6.86 -5.39 41.02
C PRO L 213 -7.18 -6.83 40.63
N SER L 214 -6.28 -7.53 39.95
CA SER L 214 -6.54 -8.89 39.50
C SER L 214 -5.91 -9.95 40.39
N ASN L 215 -5.22 -9.55 41.47
CA ASN L 215 -4.46 -10.43 42.35
C ASN L 215 -3.44 -11.26 41.56
N THR L 216 -2.51 -10.54 40.92
CA THR L 216 -1.53 -11.17 40.04
C THR L 216 -0.13 -10.84 40.54
N LYS L 217 0.64 -11.88 40.82
CA LYS L 217 2.07 -11.76 41.11
C LYS L 217 2.77 -12.85 40.31
N VAL L 218 3.55 -12.44 39.30
CA VAL L 218 4.28 -13.39 38.45
C VAL L 218 5.68 -12.84 38.28
N ASP L 219 6.68 -13.71 38.43
CA ASP L 219 8.09 -13.38 38.21
C ASP L 219 8.62 -14.30 37.13
N LYS L 220 9.13 -13.72 36.04
CA LYS L 220 9.61 -14.48 34.90
C LYS L 220 11.03 -14.03 34.53
N LYS L 221 11.83 -15.02 34.15
CA LYS L 221 13.26 -14.87 33.92
C LYS L 221 13.54 -14.53 32.45
N VAL L 222 14.39 -13.52 32.22
CA VAL L 222 14.72 -13.09 30.87
C VAL L 222 16.06 -13.66 30.48
N GLU L 223 16.07 -14.47 29.40
CA GLU L 223 17.25 -15.10 28.85
C GLU L 223 17.30 -14.89 27.35
N PRO L 224 18.51 -14.74 26.77
CA PRO L 224 18.66 -14.59 25.31
C PRO L 224 18.23 -15.83 24.53
#